data_1BR4
#
_entry.id   1BR4
#
_cell.length_a   95.320
_cell.length_b   144.660
_cell.length_c   147.290
_cell.angle_alpha   111.21
_cell.angle_beta   106.10
_cell.angle_gamma   92.58
#
_symmetry.space_group_name_H-M   'P 1'
#
loop_
_entity.id
_entity.type
_entity.pdbx_description
1 polymer MYOSIN
2 polymer MYOSIN
3 non-polymer 'MAGNESIUM ION'
4 non-polymer "ADENOSINE-5'-DIPHOSPHATE"
5 non-polymer 'BERYLLIUM TRIFLUORIDE ION'
6 water water
#
loop_
_entity_poly.entity_id
_entity_poly.type
_entity_poly.pdbx_seq_one_letter_code
_entity_poly.pdbx_strand_id
1 'polypeptide(L)'
;AQKPLSDDEKFLFVDKNFVNNPLAQADWSAKKLVWVPSEKHGFEAASIKEEKGDEVTVELQENGKKVTLSKDDIQKMNPP
KFSKVEDMAELTCLNEASVLHNLRERYFSGLIYTYSGLFCVVINPYKQLPIYSEKIIDMYKGKKRHEMPPHIYAIADTAY
RSMLQDREDQSILCTGESGAGKTENTKKVIQYLAVVASSHKGKKDTSITQGPSFSYGELEKQLLQANPILEAFGNAKTVK
NDNSSRFGKFIRINFDVTGYIVGANIETYLLEKSRAIRQAKDERTFHIFYYLIAGASEQMRNDLLLEGFNNYTFLSNGHV
PIPAQQDDEMFQETLEAMTIMGFTEEEQTSILRVVSSVLQLGNIVFKKERNTDQASMPDNTAAQKVCHLMGINVTDFTRS
ILTPRIKVGRDVVQKAQTKEQADFAIEALAKAKFERLFRWILTRVNKALDKTKRQGASFLGILDIAGFEIFEINSFEQLC
INYTNEKLQQLFNHTMFILEQEEYQREGIEWNFIDFGLDLQPCIELIERPTNPPGVLALLDEECWFPKATDTSFVEKLIQ
EQGNHAKFQKSKQLKDKTEFCILHYAGKVTYNASAWLTKNMDPLNDNVTSLLNQSSDKFVADLWKDVDRIVGLDQMAKMT
ESSLPSASKTKKGMFRTVGQLYKEQLTKLMTTLRNTNPNFVRCIIPNHEKRAGKLDAHLVLEQLRCNGVLEGIRICRQGF
PNRIVFQEFRQRYEILAANAIPKGFMDGKQACILMIKALELDPNLYRIGQSKIFFRTGVLAHLEEERDLKITDVIIAFQA
QCRGYLARKAFAKRQQQLGS
;
A,C,E,G
2 'polypeptide(L)'
;CDFSEEQTAEFKEAFQLFDRTGDGKILYSQCGDVMRALGQNPTNAEVMKVLGNPKSDEMNLKTLKFEQFLPMMQTIAKNK
DQGCFEDYVEGLRVFDKEGNGTVMGAEIRHVLVTLGEKMTEEEVEQLVAGHEDSNGCINYEELVRMVLSG
;
B,D,F,H
#
# COMPACT_ATOMS: atom_id res chain seq x y z
N ALA A 1 -24.31 -18.56 1.51
CA ALA A 1 -25.70 -18.03 1.40
C ALA A 1 -26.60 -19.04 0.71
N GLN A 2 -26.08 -20.25 0.49
CA GLN A 2 -26.82 -21.30 -0.20
C GLN A 2 -27.20 -22.52 0.64
N LYS A 3 -27.95 -23.41 0.00
CA LYS A 3 -28.43 -24.66 0.59
C LYS A 3 -27.39 -25.40 1.44
N PRO A 4 -27.84 -26.39 2.23
CA PRO A 4 -27.01 -27.22 3.10
C PRO A 4 -26.81 -28.57 2.44
N LEU A 5 -25.60 -29.13 2.49
CA LEU A 5 -25.38 -30.43 1.85
C LEU A 5 -24.79 -31.50 2.75
N SER A 6 -25.52 -32.60 2.85
CA SER A 6 -25.14 -33.75 3.66
C SER A 6 -23.69 -34.17 3.50
N ASP A 7 -23.28 -35.09 4.37
CA ASP A 7 -21.93 -35.62 4.37
C ASP A 7 -21.55 -36.18 2.98
N ASP A 8 -22.57 -36.65 2.27
CA ASP A 8 -22.39 -37.23 0.94
C ASP A 8 -22.23 -36.16 -0.11
N GLU A 9 -23.02 -35.10 -0.04
CA GLU A 9 -22.90 -34.02 -1.02
C GLU A 9 -21.63 -33.28 -0.72
N LYS A 10 -21.03 -33.59 0.42
CA LYS A 10 -19.79 -32.94 0.80
C LYS A 10 -18.65 -33.64 0.05
N PHE A 11 -19.01 -34.33 -1.02
CA PHE A 11 -18.06 -35.07 -1.87
C PHE A 11 -18.20 -34.64 -3.32
N LEU A 12 -19.30 -33.97 -3.62
CA LEU A 12 -19.54 -33.49 -4.96
C LEU A 12 -19.34 -31.98 -4.90
N PHE A 13 -20.11 -31.30 -4.05
CA PHE A 13 -20.02 -29.85 -3.88
C PHE A 13 -19.00 -29.48 -2.82
N VAL A 14 -18.88 -28.18 -2.56
CA VAL A 14 -17.95 -27.69 -1.56
C VAL A 14 -18.66 -27.00 -0.40
N ASP A 15 -17.91 -26.61 0.63
CA ASP A 15 -18.49 -25.93 1.78
C ASP A 15 -18.15 -24.46 1.72
N LYS A 16 -19.09 -23.70 1.17
CA LYS A 16 -18.94 -22.26 1.00
C LYS A 16 -19.70 -21.48 2.06
N ASN A 17 -20.87 -21.97 2.47
CA ASN A 17 -21.69 -21.30 3.48
C ASN A 17 -20.94 -21.17 4.80
N PHE A 18 -20.07 -20.17 4.89
CA PHE A 18 -19.26 -19.90 6.09
C PHE A 18 -19.26 -18.42 6.44
N VAL A 19 -18.59 -18.11 7.55
CA VAL A 19 -18.46 -16.75 8.04
C VAL A 19 -17.54 -15.94 7.14
N ASN A 20 -17.91 -14.69 6.89
CA ASN A 20 -17.12 -13.80 6.05
C ASN A 20 -15.87 -13.40 6.83
N ASN A 21 -15.25 -14.41 7.45
CA ASN A 21 -14.06 -14.25 8.26
C ASN A 21 -13.08 -13.24 7.67
N PRO A 22 -12.69 -12.25 8.49
CA PRO A 22 -11.75 -11.20 8.08
C PRO A 22 -10.33 -11.61 8.42
N LEU A 23 -10.20 -12.83 8.95
CA LEU A 23 -8.89 -13.38 9.31
C LEU A 23 -8.05 -13.64 8.07
N ALA A 24 -8.52 -14.55 7.23
CA ALA A 24 -7.85 -14.93 5.99
C ALA A 24 -7.74 -13.73 5.06
N GLN A 25 -8.75 -12.85 5.15
CA GLN A 25 -8.81 -11.65 4.32
C GLN A 25 -7.92 -10.53 4.87
N ALA A 26 -7.78 -10.47 6.19
CA ALA A 26 -6.94 -9.44 6.81
C ALA A 26 -5.50 -9.65 6.36
N ASP A 27 -4.99 -10.86 6.61
CA ASP A 27 -3.63 -11.22 6.25
C ASP A 27 -3.32 -10.82 4.81
N TRP A 28 -4.35 -10.56 4.01
CA TRP A 28 -4.17 -10.19 2.61
C TRP A 28 -3.10 -9.10 2.45
N SER A 29 -2.92 -8.32 3.50
CA SER A 29 -1.94 -7.25 3.50
C SER A 29 -0.54 -7.80 3.19
N ALA A 30 -0.19 -8.89 3.87
CA ALA A 30 1.11 -9.52 3.65
C ALA A 30 1.09 -10.26 2.32
N LYS A 31 0.58 -9.61 1.28
CA LYS A 31 0.50 -10.20 -0.05
C LYS A 31 1.86 -10.76 -0.45
N LYS A 32 2.87 -10.45 0.36
CA LYS A 32 4.23 -10.91 0.13
C LYS A 32 4.34 -12.40 0.45
N LEU A 33 3.19 -13.01 0.70
CA LEU A 33 3.13 -14.43 0.99
C LEU A 33 3.14 -15.11 -0.37
N VAL A 34 4.17 -15.91 -0.61
CA VAL A 34 4.31 -16.61 -1.87
C VAL A 34 4.56 -18.08 -1.65
N TRP A 35 5.03 -18.76 -2.69
CA TRP A 35 5.30 -20.18 -2.63
C TRP A 35 6.81 -20.41 -2.68
N VAL A 36 7.22 -21.63 -2.33
CA VAL A 36 8.63 -21.98 -2.35
C VAL A 36 8.87 -23.48 -2.20
N PRO A 37 10.07 -23.93 -2.57
CA PRO A 37 10.54 -25.32 -2.53
C PRO A 37 10.17 -26.12 -1.27
N SER A 38 10.55 -27.40 -1.29
CA SER A 38 10.31 -28.34 -0.19
C SER A 38 10.78 -29.76 -0.56
N GLU A 39 11.21 -30.53 0.44
CA GLU A 39 11.67 -31.89 0.19
C GLU A 39 10.57 -32.90 0.51
N LYS A 40 9.69 -32.53 1.45
CA LYS A 40 8.58 -33.37 1.87
C LYS A 40 7.21 -32.87 1.41
N HIS A 41 7.12 -31.56 1.18
CA HIS A 41 5.88 -30.93 0.74
C HIS A 41 5.92 -30.49 -0.72
N GLY A 42 7.13 -30.34 -1.24
CA GLY A 42 7.28 -29.91 -2.62
C GLY A 42 7.14 -28.41 -2.66
N PHE A 43 6.05 -27.92 -2.07
CA PHE A 43 5.78 -26.50 -2.05
C PHE A 43 5.28 -26.07 -0.68
N GLU A 44 5.21 -24.76 -0.48
CA GLU A 44 4.76 -24.19 0.77
C GLU A 44 4.75 -22.67 0.69
N ALA A 45 3.88 -22.05 1.46
CA ALA A 45 3.76 -20.59 1.49
C ALA A 45 4.88 -20.00 2.33
N ALA A 46 5.24 -18.76 2.02
CA ALA A 46 6.30 -18.08 2.74
C ALA A 46 6.27 -16.62 2.33
N SER A 47 6.64 -15.72 3.24
CA SER A 47 6.62 -14.31 2.91
C SER A 47 7.99 -13.64 2.80
N ILE A 48 8.10 -12.80 1.78
CA ILE A 48 9.31 -12.05 1.47
C ILE A 48 9.63 -11.05 2.58
N LYS A 49 10.78 -11.24 3.22
CA LYS A 49 11.20 -10.35 4.29
C LYS A 49 12.15 -9.29 3.73
N GLU A 50 12.84 -9.63 2.65
CA GLU A 50 13.77 -8.72 1.99
C GLU A 50 14.17 -9.20 0.59
N GLU A 51 13.81 -8.40 -0.41
CA GLU A 51 14.14 -8.73 -1.79
C GLU A 51 15.54 -8.19 -2.04
N LYS A 52 16.53 -9.08 -2.00
CA LYS A 52 17.92 -8.69 -2.23
C LYS A 52 18.28 -8.67 -3.71
N GLY A 53 17.29 -8.37 -4.55
CA GLY A 53 17.53 -8.34 -5.98
C GLY A 53 17.20 -9.68 -6.60
N ASP A 54 18.16 -10.27 -7.32
CA ASP A 54 17.96 -11.57 -7.97
C ASP A 54 17.73 -12.68 -6.95
N GLU A 55 17.95 -12.35 -5.68
CA GLU A 55 17.77 -13.29 -4.59
C GLU A 55 16.97 -12.58 -3.50
N VAL A 56 15.93 -13.23 -3.00
CA VAL A 56 15.10 -12.62 -1.96
C VAL A 56 15.10 -13.47 -0.69
N THR A 57 15.17 -12.80 0.46
CA THR A 57 15.17 -13.48 1.75
C THR A 57 13.74 -13.76 2.15
N VAL A 58 13.46 -15.01 2.51
CA VAL A 58 12.11 -15.39 2.89
C VAL A 58 12.07 -16.33 4.08
N GLU A 59 10.88 -16.44 4.69
CA GLU A 59 10.69 -17.31 5.85
C GLU A 59 9.34 -18.02 5.75
N LEU A 60 9.36 -19.34 5.60
CA LEU A 60 8.11 -20.09 5.49
C LEU A 60 7.18 -19.87 6.67
N GLN A 61 5.92 -19.57 6.38
CA GLN A 61 4.92 -19.33 7.41
C GLN A 61 4.46 -20.64 8.08
N GLU A 62 5.38 -21.59 8.20
CA GLU A 62 5.08 -22.87 8.80
C GLU A 62 5.95 -23.12 10.03
N ASN A 63 7.25 -23.25 9.80
CA ASN A 63 8.21 -23.48 10.87
C ASN A 63 8.94 -22.19 11.22
N GLY A 64 8.38 -21.06 10.77
CA GLY A 64 8.98 -19.77 11.03
C GLY A 64 10.41 -19.81 10.55
N LYS A 65 10.74 -20.88 9.85
CA LYS A 65 12.08 -21.09 9.32
C LYS A 65 12.41 -20.04 8.26
N LYS A 66 13.59 -19.44 8.38
CA LYS A 66 14.02 -18.42 7.43
C LYS A 66 14.84 -19.01 6.28
N VAL A 67 14.15 -19.58 5.30
CA VAL A 67 14.78 -20.17 4.14
C VAL A 67 14.74 -19.16 3.00
N THR A 68 15.89 -18.58 2.69
CA THR A 68 15.99 -17.59 1.62
C THR A 68 16.34 -18.28 0.31
N LEU A 69 15.95 -17.67 -0.80
CA LEU A 69 16.25 -18.21 -2.12
C LEU A 69 16.28 -17.12 -3.20
N SER A 70 16.60 -17.52 -4.42
CA SER A 70 16.67 -16.60 -5.55
C SER A 70 15.32 -15.94 -5.80
N LYS A 71 15.35 -14.84 -6.55
CA LYS A 71 14.13 -14.10 -6.88
C LYS A 71 13.44 -14.86 -8.02
N ASP A 72 13.82 -16.13 -8.18
CA ASP A 72 13.26 -16.98 -9.22
C ASP A 72 13.05 -18.41 -8.72
N ASP A 73 12.88 -18.55 -7.42
CA ASP A 73 12.66 -19.86 -6.81
C ASP A 73 11.32 -19.81 -6.08
N ILE A 74 10.79 -18.59 -5.98
CA ILE A 74 9.51 -18.35 -5.33
C ILE A 74 8.36 -18.64 -6.31
N GLN A 75 7.13 -18.32 -5.91
CA GLN A 75 5.97 -18.56 -6.76
C GLN A 75 4.73 -17.82 -6.28
N LYS A 76 4.12 -17.09 -7.21
CA LYS A 76 2.92 -16.30 -6.97
C LYS A 76 1.75 -17.10 -6.35
N MET A 77 1.33 -16.68 -5.16
CA MET A 77 0.22 -17.35 -4.48
C MET A 77 -1.12 -16.76 -4.92
N ASN A 78 -2.15 -17.59 -4.99
CA ASN A 78 -3.47 -17.14 -5.42
C ASN A 78 -4.32 -16.78 -4.21
N PRO A 79 -5.17 -15.73 -4.32
CA PRO A 79 -6.04 -15.28 -3.23
C PRO A 79 -6.78 -16.44 -2.59
N PRO A 80 -7.05 -16.35 -1.28
CA PRO A 80 -7.76 -17.43 -0.58
C PRO A 80 -9.21 -17.51 -1.08
N LYS A 81 -9.52 -16.64 -2.04
CA LYS A 81 -10.83 -16.55 -2.65
C LYS A 81 -11.02 -17.70 -3.64
N PHE A 82 -9.96 -18.48 -3.82
CA PHE A 82 -9.96 -19.60 -4.76
C PHE A 82 -9.78 -20.98 -4.14
N SER A 83 -9.51 -21.02 -2.84
CA SER A 83 -9.30 -22.29 -2.17
C SER A 83 -10.30 -23.36 -2.67
N LYS A 84 -9.74 -24.35 -3.34
CA LYS A 84 -10.48 -25.52 -3.87
C LYS A 84 -11.52 -25.08 -4.92
N VAL A 85 -11.04 -24.48 -6.00
CA VAL A 85 -11.90 -24.00 -7.10
C VAL A 85 -12.24 -25.17 -8.04
N GLU A 86 -13.44 -25.08 -8.62
CA GLU A 86 -13.96 -26.13 -9.53
C GLU A 86 -13.12 -26.24 -10.82
N ASP A 87 -13.07 -25.14 -11.57
CA ASP A 87 -12.32 -25.07 -12.84
C ASP A 87 -11.03 -24.28 -12.66
N MET A 88 -9.92 -25.00 -12.49
CA MET A 88 -8.62 -24.38 -12.29
C MET A 88 -8.21 -23.34 -13.31
N ALA A 89 -8.99 -23.21 -14.38
CA ALA A 89 -8.65 -22.23 -15.40
C ALA A 89 -9.00 -20.85 -14.82
N GLU A 90 -9.81 -20.87 -13.77
CA GLU A 90 -10.25 -19.66 -13.10
C GLU A 90 -9.18 -19.05 -12.19
N LEU A 91 -8.25 -19.88 -11.69
CA LEU A 91 -7.19 -19.38 -10.82
C LEU A 91 -6.54 -18.19 -11.50
N THR A 92 -6.44 -17.07 -10.77
CA THR A 92 -5.84 -15.86 -11.35
C THR A 92 -4.34 -15.98 -11.46
N CYS A 93 -3.76 -16.85 -10.64
CA CYS A 93 -2.33 -17.06 -10.67
C CYS A 93 -2.10 -18.54 -10.99
N LEU A 94 -1.58 -18.83 -12.18
CA LEU A 94 -1.32 -20.21 -12.59
C LEU A 94 0.11 -20.62 -12.35
N ASN A 95 0.29 -21.60 -11.47
CA ASN A 95 1.62 -22.09 -11.14
C ASN A 95 1.70 -23.60 -11.06
N GLU A 96 2.93 -24.10 -11.05
CA GLU A 96 3.18 -25.52 -10.96
C GLU A 96 2.77 -25.89 -9.53
N ALA A 97 2.83 -24.89 -8.65
CA ALA A 97 2.47 -25.06 -7.25
C ALA A 97 0.99 -24.80 -7.02
N SER A 98 0.51 -23.68 -7.56
CA SER A 98 -0.90 -23.32 -7.41
C SER A 98 -1.79 -24.55 -7.66
N VAL A 99 -1.76 -25.06 -8.89
CA VAL A 99 -2.55 -26.22 -9.29
C VAL A 99 -2.31 -27.42 -8.38
N LEU A 100 -1.08 -27.61 -7.93
CA LEU A 100 -0.77 -28.73 -7.04
C LEU A 100 -1.61 -28.59 -5.78
N HIS A 101 -1.66 -27.36 -5.28
CA HIS A 101 -2.43 -27.07 -4.09
C HIS A 101 -3.87 -27.52 -4.30
N ASN A 102 -4.58 -26.79 -5.15
CA ASN A 102 -5.98 -27.08 -5.46
C ASN A 102 -6.27 -28.58 -5.41
N LEU A 103 -5.48 -29.32 -6.19
CA LEU A 103 -5.61 -30.77 -6.26
C LEU A 103 -5.39 -31.36 -4.88
N ARG A 104 -4.46 -30.77 -4.12
CA ARG A 104 -4.17 -31.23 -2.78
C ARG A 104 -5.47 -31.20 -1.97
N GLU A 105 -6.06 -30.02 -1.91
CA GLU A 105 -7.31 -29.76 -1.19
C GLU A 105 -8.43 -30.71 -1.58
N ARG A 106 -9.11 -30.40 -2.67
CA ARG A 106 -10.23 -31.21 -3.15
C ARG A 106 -9.98 -32.72 -3.05
N TYR A 107 -8.75 -33.17 -3.28
CA TYR A 107 -8.50 -34.61 -3.17
C TYR A 107 -8.77 -35.03 -1.73
N PHE A 108 -7.95 -34.46 -0.84
CA PHE A 108 -8.02 -34.73 0.59
C PHE A 108 -9.35 -34.34 1.20
N SER A 109 -10.22 -33.74 0.39
CA SER A 109 -11.51 -33.33 0.87
C SER A 109 -12.62 -34.17 0.27
N GLY A 110 -12.24 -35.23 -0.45
CA GLY A 110 -13.24 -36.09 -1.05
C GLY A 110 -13.59 -35.83 -2.50
N LEU A 111 -13.14 -34.69 -3.03
CA LEU A 111 -13.41 -34.36 -4.41
C LEU A 111 -12.16 -34.66 -5.25
N ILE A 112 -12.31 -35.46 -6.30
CA ILE A 112 -11.17 -35.79 -7.14
C ILE A 112 -11.35 -35.11 -8.49
N TYR A 113 -12.43 -35.45 -9.18
CA TYR A 113 -12.69 -34.86 -10.49
C TYR A 113 -12.65 -33.33 -10.45
N THR A 114 -11.56 -32.75 -10.92
CA THR A 114 -11.42 -31.30 -10.98
C THR A 114 -11.53 -30.92 -12.45
N TYR A 115 -11.37 -29.65 -12.76
CA TYR A 115 -11.45 -29.23 -14.16
C TYR A 115 -10.19 -28.42 -14.47
N SER A 116 -9.60 -28.70 -15.61
CA SER A 116 -8.39 -28.00 -16.05
C SER A 116 -8.61 -27.65 -17.50
N GLY A 117 -8.95 -26.39 -17.76
CA GLY A 117 -9.19 -25.95 -19.11
C GLY A 117 -10.26 -26.75 -19.81
N LEU A 118 -9.94 -27.29 -20.99
CA LEU A 118 -10.90 -28.08 -21.74
C LEU A 118 -10.96 -29.52 -21.23
N PHE A 119 -9.80 -30.03 -20.79
CA PHE A 119 -9.68 -31.39 -20.25
C PHE A 119 -10.02 -31.34 -18.76
N CYS A 120 -9.92 -32.48 -18.07
CA CYS A 120 -10.21 -32.50 -16.63
C CYS A 120 -9.27 -33.44 -15.83
N VAL A 121 -8.74 -32.96 -14.69
CA VAL A 121 -7.83 -33.74 -13.81
C VAL A 121 -8.71 -34.72 -13.01
N VAL A 122 -8.16 -35.84 -12.54
CA VAL A 122 -8.95 -36.83 -11.78
C VAL A 122 -8.12 -37.76 -10.84
N ILE A 123 -7.35 -37.17 -9.92
CA ILE A 123 -6.54 -37.93 -8.96
C ILE A 123 -7.27 -39.18 -8.48
N ASN A 124 -6.52 -40.26 -8.20
CA ASN A 124 -7.15 -41.49 -7.73
C ASN A 124 -7.46 -41.38 -6.24
N PRO A 125 -8.69 -41.73 -5.85
CA PRO A 125 -9.11 -41.68 -4.44
C PRO A 125 -8.65 -42.95 -3.73
N TYR A 126 -8.80 -44.07 -4.41
CA TYR A 126 -8.43 -45.39 -3.90
C TYR A 126 -9.40 -45.76 -2.79
N LYS A 127 -10.47 -44.98 -2.69
CA LYS A 127 -11.50 -45.19 -1.67
C LYS A 127 -12.83 -45.39 -2.36
N GLN A 128 -13.85 -45.77 -1.60
CA GLN A 128 -15.17 -46.00 -2.16
C GLN A 128 -16.13 -44.85 -1.89
N LEU A 129 -15.93 -43.75 -2.60
CA LEU A 129 -16.76 -42.57 -2.45
C LEU A 129 -18.17 -42.80 -2.99
N PRO A 130 -19.18 -42.32 -2.26
CA PRO A 130 -20.59 -42.44 -2.64
C PRO A 130 -20.99 -41.31 -3.58
N ILE A 131 -20.42 -41.29 -4.77
CA ILE A 131 -20.71 -40.25 -5.74
C ILE A 131 -21.14 -40.86 -7.07
N TYR A 132 -21.46 -42.14 -7.07
CA TYR A 132 -21.89 -42.81 -8.28
C TYR A 132 -23.15 -43.58 -7.90
N SER A 133 -24.27 -43.24 -8.53
CA SER A 133 -25.52 -43.93 -8.24
C SER A 133 -26.62 -43.49 -9.19
N GLU A 134 -27.74 -44.20 -9.16
CA GLU A 134 -28.86 -43.86 -10.02
C GLU A 134 -29.26 -42.39 -9.80
N LYS A 135 -29.05 -41.91 -8.57
CA LYS A 135 -29.36 -40.54 -8.16
C LYS A 135 -28.47 -39.53 -8.88
N ILE A 136 -27.17 -39.61 -8.65
CA ILE A 136 -26.20 -38.70 -9.26
C ILE A 136 -26.34 -38.71 -10.78
N ILE A 137 -26.71 -39.86 -11.32
CA ILE A 137 -26.90 -39.99 -12.75
C ILE A 137 -28.00 -39.00 -13.12
N ASP A 138 -29.06 -38.98 -12.33
CA ASP A 138 -30.19 -38.08 -12.55
C ASP A 138 -29.76 -36.62 -12.44
N MET A 139 -29.19 -36.30 -11.29
CA MET A 139 -28.72 -34.96 -10.98
C MET A 139 -27.92 -34.28 -12.09
N TYR A 140 -27.29 -35.06 -12.96
CA TYR A 140 -26.50 -34.47 -14.04
C TYR A 140 -27.15 -34.46 -15.41
N LYS A 141 -28.15 -35.32 -15.58
CA LYS A 141 -28.87 -35.44 -16.85
C LYS A 141 -29.37 -34.08 -17.34
N GLY A 142 -28.87 -33.64 -18.49
CA GLY A 142 -29.28 -32.35 -19.04
C GLY A 142 -28.58 -31.19 -18.37
N LYS A 143 -28.00 -31.45 -17.20
CA LYS A 143 -27.30 -30.40 -16.49
C LYS A 143 -26.05 -29.91 -17.24
N LYS A 144 -26.03 -28.62 -17.55
CA LYS A 144 -24.92 -28.00 -18.26
C LYS A 144 -23.60 -28.25 -17.53
N ARG A 145 -22.56 -27.57 -18.00
CA ARG A 145 -21.23 -27.67 -17.42
C ARG A 145 -21.12 -27.04 -16.03
N HIS A 146 -21.50 -25.76 -15.93
CA HIS A 146 -21.47 -25.01 -14.68
C HIS A 146 -22.70 -25.29 -13.81
N GLU A 147 -23.78 -25.73 -14.42
CA GLU A 147 -24.99 -26.02 -13.67
C GLU A 147 -24.82 -27.20 -12.76
N MET A 148 -23.58 -27.55 -12.45
CA MET A 148 -23.28 -28.69 -11.59
C MET A 148 -21.77 -28.87 -11.43
N PRO A 149 -21.33 -29.67 -10.44
CA PRO A 149 -19.90 -29.89 -10.23
C PRO A 149 -19.22 -30.94 -11.11
N PRO A 150 -17.90 -30.80 -11.26
CA PRO A 150 -17.08 -31.69 -12.08
C PRO A 150 -17.26 -33.12 -11.60
N HIS A 151 -17.60 -33.99 -12.55
CA HIS A 151 -17.82 -35.41 -12.32
C HIS A 151 -17.75 -36.16 -13.65
N ILE A 152 -17.36 -37.43 -13.56
CA ILE A 152 -17.24 -38.31 -14.73
C ILE A 152 -18.54 -38.35 -15.52
N TYR A 153 -19.65 -38.39 -14.79
CA TYR A 153 -20.98 -38.42 -15.40
C TYR A 153 -21.20 -37.13 -16.16
N ALA A 154 -20.50 -36.10 -15.68
CA ALA A 154 -20.55 -34.75 -16.24
C ALA A 154 -19.97 -34.72 -17.64
N ILE A 155 -18.79 -35.30 -17.79
CA ILE A 155 -18.08 -35.35 -19.06
C ILE A 155 -18.85 -36.19 -20.08
N ALA A 156 -19.47 -37.26 -19.57
CA ALA A 156 -20.25 -38.18 -20.37
C ALA A 156 -21.40 -37.47 -21.06
N ASP A 157 -22.11 -36.66 -20.29
CA ASP A 157 -23.26 -35.90 -20.80
C ASP A 157 -22.85 -34.77 -21.71
N THR A 158 -21.77 -34.11 -21.34
CA THR A 158 -21.23 -32.98 -22.12
C THR A 158 -20.83 -33.44 -23.51
N ALA A 159 -20.17 -34.61 -23.55
CA ALA A 159 -19.70 -35.22 -24.78
C ALA A 159 -20.85 -35.69 -25.66
N TYR A 160 -21.80 -36.35 -25.00
CA TYR A 160 -22.99 -36.92 -25.62
C TYR A 160 -23.87 -35.86 -26.30
N ARG A 161 -24.13 -34.75 -25.60
CA ARG A 161 -24.97 -33.69 -26.19
C ARG A 161 -24.22 -32.91 -27.26
N SER A 162 -22.90 -32.83 -27.10
CA SER A 162 -22.05 -32.14 -28.05
C SER A 162 -22.18 -32.82 -29.40
N MET A 163 -22.18 -34.16 -29.35
CA MET A 163 -22.29 -35.02 -30.52
C MET A 163 -23.63 -34.82 -31.22
N LEU A 164 -24.68 -34.87 -30.41
CA LEU A 164 -26.06 -34.72 -30.86
C LEU A 164 -26.33 -33.34 -31.43
N GLN A 165 -25.61 -32.36 -30.90
CA GLN A 165 -25.75 -30.97 -31.28
C GLN A 165 -25.07 -30.58 -32.61
N ASP A 166 -23.75 -30.64 -32.62
CA ASP A 166 -22.98 -30.29 -33.83
C ASP A 166 -22.79 -31.48 -34.78
N ARG A 167 -23.56 -32.54 -34.55
CA ARG A 167 -23.45 -33.74 -35.37
C ARG A 167 -21.97 -33.95 -35.68
N GLU A 168 -21.27 -34.59 -34.76
CA GLU A 168 -19.85 -34.85 -34.92
C GLU A 168 -19.45 -35.91 -33.90
N ASP A 169 -19.29 -37.15 -34.36
CA ASP A 169 -18.92 -38.25 -33.47
C ASP A 169 -17.85 -37.85 -32.45
N GLN A 170 -17.92 -38.46 -31.26
CA GLN A 170 -16.95 -38.13 -30.21
C GLN A 170 -16.13 -39.23 -29.59
N SER A 171 -15.15 -38.79 -28.80
CA SER A 171 -14.24 -39.70 -28.12
C SER A 171 -13.75 -39.15 -26.78
N ILE A 172 -13.81 -40.01 -25.76
CA ILE A 172 -13.37 -39.67 -24.41
C ILE A 172 -12.19 -40.61 -24.18
N LEU A 173 -11.00 -40.05 -23.99
CA LEU A 173 -9.79 -40.84 -23.77
C LEU A 173 -9.15 -40.55 -22.41
N CYS A 174 -9.08 -41.56 -21.55
CA CYS A 174 -8.49 -41.42 -20.22
C CYS A 174 -6.99 -41.69 -20.30
N THR A 175 -6.18 -40.67 -20.01
CA THR A 175 -4.72 -40.78 -20.03
C THR A 175 -4.19 -41.35 -18.72
N GLY A 176 -2.98 -40.96 -18.35
CA GLY A 176 -2.42 -41.44 -17.10
C GLY A 176 -1.74 -42.79 -17.18
N GLU A 177 -0.82 -43.01 -16.23
CA GLU A 177 -0.04 -44.24 -16.12
C GLU A 177 -0.77 -45.40 -15.45
N SER A 178 -0.18 -46.59 -15.56
CA SER A 178 -0.76 -47.77 -14.96
C SER A 178 -1.01 -47.61 -13.46
N GLY A 179 -2.29 -47.79 -13.12
CA GLY A 179 -2.79 -47.78 -11.72
C GLY A 179 -3.66 -46.55 -11.40
N ALA A 180 -3.64 -45.56 -12.26
CA ALA A 180 -4.31 -44.24 -12.02
C ALA A 180 -5.87 -44.23 -12.13
N GLY A 181 -6.51 -45.22 -12.77
CA GLY A 181 -8.01 -45.22 -12.79
C GLY A 181 -8.63 -45.43 -14.20
N LYS A 182 -7.90 -45.04 -15.22
CA LYS A 182 -8.33 -45.16 -16.63
C LYS A 182 -9.66 -45.91 -16.81
N THR A 183 -9.66 -47.17 -16.39
CA THR A 183 -10.83 -48.07 -16.50
C THR A 183 -12.11 -47.55 -15.87
N GLU A 184 -12.12 -47.55 -14.53
CA GLU A 184 -13.26 -47.11 -13.72
C GLU A 184 -14.01 -45.94 -14.33
N ASN A 185 -13.23 -44.94 -14.77
CA ASN A 185 -13.77 -43.74 -15.37
C ASN A 185 -14.55 -44.05 -16.65
N THR A 186 -14.05 -45.05 -17.38
CA THR A 186 -14.66 -45.51 -18.62
C THR A 186 -15.98 -46.20 -18.33
N LYS A 187 -15.96 -47.02 -17.27
CA LYS A 187 -17.11 -47.79 -16.82
C LYS A 187 -18.23 -46.86 -16.40
N LYS A 188 -17.85 -45.77 -15.73
CA LYS A 188 -18.78 -44.76 -15.25
C LYS A 188 -19.46 -44.06 -16.41
N VAL A 189 -18.66 -43.79 -17.44
CA VAL A 189 -19.09 -43.13 -18.65
C VAL A 189 -20.12 -43.99 -19.39
N ILE A 190 -19.87 -45.30 -19.38
CA ILE A 190 -20.74 -46.28 -20.04
C ILE A 190 -22.02 -46.52 -19.24
N GLN A 191 -21.84 -46.62 -17.92
CA GLN A 191 -22.92 -46.84 -16.97
C GLN A 191 -23.96 -45.73 -17.08
N TYR A 192 -23.43 -44.52 -17.23
CA TYR A 192 -24.20 -43.29 -17.34
C TYR A 192 -24.97 -43.20 -18.65
N LEU A 193 -24.28 -43.51 -19.74
CA LEU A 193 -24.86 -43.47 -21.08
C LEU A 193 -25.89 -44.57 -21.28
N ALA A 194 -25.67 -45.68 -20.59
CA ALA A 194 -26.53 -46.85 -20.63
C ALA A 194 -27.95 -46.53 -20.17
N VAL A 195 -28.05 -45.52 -19.31
CA VAL A 195 -29.33 -45.10 -18.75
C VAL A 195 -29.78 -43.72 -19.22
N VAL A 196 -28.81 -42.89 -19.53
CA VAL A 196 -29.04 -41.51 -19.97
C VAL A 196 -29.37 -41.42 -21.46
N ALA A 197 -29.32 -42.55 -22.16
CA ALA A 197 -29.59 -42.61 -23.59
C ALA A 197 -30.34 -43.87 -23.98
N SER A 198 -30.81 -44.59 -22.96
CA SER A 198 -31.56 -45.82 -23.16
C SER A 198 -32.97 -45.51 -23.66
N SER A 199 -33.66 -46.56 -24.07
CA SER A 199 -35.02 -46.47 -24.59
C SER A 199 -35.83 -47.70 -24.19
N PRO A 212 -28.49 -47.21 -8.74
CA PRO A 212 -28.16 -48.64 -8.60
C PRO A 212 -29.09 -49.58 -9.38
N SER A 213 -30.12 -50.11 -8.71
CA SER A 213 -31.05 -51.00 -9.39
C SER A 213 -31.99 -50.19 -10.29
N PHE A 214 -32.08 -50.62 -11.55
CA PHE A 214 -32.90 -49.96 -12.56
C PHE A 214 -33.15 -50.89 -13.75
N SER A 215 -34.30 -50.67 -14.41
CA SER A 215 -34.77 -51.43 -15.57
C SER A 215 -34.35 -50.87 -16.93
N TYR A 216 -33.14 -51.15 -17.38
CA TYR A 216 -32.63 -50.66 -18.68
C TYR A 216 -33.20 -51.45 -19.84
N GLY A 217 -32.71 -51.16 -21.04
CA GLY A 217 -33.18 -51.85 -22.22
C GLY A 217 -32.64 -53.26 -22.16
N GLU A 218 -32.68 -53.96 -23.29
CA GLU A 218 -32.20 -55.33 -23.33
C GLU A 218 -30.72 -55.41 -23.67
N LEU A 219 -30.27 -54.59 -24.62
CA LEU A 219 -28.86 -54.59 -25.02
C LEU A 219 -28.03 -53.85 -23.97
N GLU A 220 -28.65 -52.85 -23.35
CA GLU A 220 -27.97 -52.07 -22.32
C GLU A 220 -27.71 -53.00 -21.15
N LYS A 221 -28.56 -54.01 -21.01
CA LYS A 221 -28.44 -54.99 -19.93
C LYS A 221 -27.17 -55.82 -20.16
N GLN A 222 -26.88 -56.10 -21.42
CA GLN A 222 -25.70 -56.87 -21.81
C GLN A 222 -24.53 -55.92 -21.99
N LEU A 223 -24.77 -54.79 -22.66
CA LEU A 223 -23.74 -53.78 -22.89
C LEU A 223 -23.06 -53.49 -21.56
N LEU A 224 -23.73 -53.92 -20.49
CA LEU A 224 -23.28 -53.76 -19.12
C LEU A 224 -22.41 -54.93 -18.70
N GLN A 225 -22.66 -56.09 -19.29
CA GLN A 225 -21.89 -57.29 -18.99
C GLN A 225 -20.77 -57.51 -20.01
N ALA A 226 -20.40 -56.45 -20.72
CA ALA A 226 -19.34 -56.54 -21.72
C ALA A 226 -17.97 -56.58 -21.05
N ASN A 227 -17.67 -55.53 -20.28
CA ASN A 227 -16.39 -55.45 -19.59
C ASN A 227 -16.18 -56.40 -18.41
N PRO A 228 -17.27 -56.90 -17.79
CA PRO A 228 -17.04 -57.81 -16.66
C PRO A 228 -16.56 -59.18 -17.14
N ILE A 229 -16.54 -59.33 -18.47
CA ILE A 229 -16.10 -60.56 -19.11
C ILE A 229 -14.65 -60.42 -19.59
N LEU A 230 -14.38 -59.38 -20.39
CA LEU A 230 -13.03 -59.13 -20.92
C LEU A 230 -12.04 -58.86 -19.81
N GLU A 231 -12.56 -58.54 -18.62
CA GLU A 231 -11.71 -58.28 -17.47
C GLU A 231 -11.27 -59.61 -16.88
N ALA A 232 -12.17 -60.60 -16.96
CA ALA A 232 -11.89 -61.93 -16.45
C ALA A 232 -10.59 -62.38 -17.11
N PHE A 233 -10.70 -63.06 -18.26
CA PHE A 233 -9.49 -63.48 -18.92
C PHE A 233 -9.02 -62.38 -19.85
N GLY A 234 -8.24 -61.47 -19.29
CA GLY A 234 -7.71 -60.35 -20.03
C GLY A 234 -7.11 -59.43 -19.00
N ASN A 235 -7.75 -59.33 -17.84
CA ASN A 235 -7.29 -58.50 -16.73
C ASN A 235 -6.63 -59.37 -15.67
N ALA A 236 -5.57 -58.90 -15.06
CA ALA A 236 -4.89 -59.66 -14.02
C ALA A 236 -4.02 -58.82 -13.09
N LYS A 237 -3.85 -59.33 -11.87
CA LYS A 237 -3.05 -58.69 -10.82
C LYS A 237 -1.55 -58.53 -11.06
N THR A 238 -1.08 -57.30 -11.04
CA THR A 238 0.34 -57.03 -11.23
C THR A 238 0.80 -56.32 -9.96
N VAL A 239 2.06 -55.91 -9.92
CA VAL A 239 2.58 -55.23 -8.73
C VAL A 239 2.30 -53.72 -8.73
N LYS A 240 1.22 -53.35 -9.41
CA LYS A 240 0.79 -51.95 -9.50
C LYS A 240 -0.66 -51.92 -9.95
N ASN A 241 -1.39 -53.01 -9.69
CA ASN A 241 -2.79 -53.11 -10.07
C ASN A 241 -3.34 -54.49 -9.69
N ASP A 242 -4.11 -54.55 -8.62
CA ASP A 242 -4.70 -55.81 -8.17
C ASP A 242 -5.48 -56.42 -9.33
N ASN A 243 -6.04 -55.54 -10.16
CA ASN A 243 -6.82 -55.95 -11.31
C ASN A 243 -6.49 -55.00 -12.43
N SER A 244 -5.38 -55.30 -13.09
CA SER A 244 -4.87 -54.50 -14.18
C SER A 244 -5.38 -54.92 -15.54
N SER A 245 -5.81 -53.92 -16.32
CA SER A 245 -6.30 -54.12 -17.68
C SER A 245 -5.07 -54.53 -18.48
N ARG A 246 -4.94 -55.83 -18.72
CA ARG A 246 -3.80 -56.36 -19.45
C ARG A 246 -3.92 -56.34 -20.97
N PHE A 247 -4.50 -55.27 -21.49
CA PHE A 247 -4.65 -55.09 -22.93
C PHE A 247 -5.34 -53.76 -23.24
N GLY A 248 -5.35 -53.40 -24.52
CA GLY A 248 -5.96 -52.17 -25.01
C GLY A 248 -7.45 -52.40 -25.24
N LYS A 249 -8.25 -51.34 -25.10
CA LYS A 249 -9.70 -51.41 -25.27
C LYS A 249 -10.30 -50.13 -25.85
N PHE A 250 -11.17 -50.29 -26.85
CA PHE A 250 -11.86 -49.18 -27.54
C PHE A 250 -13.37 -49.48 -27.79
N ILE A 251 -14.23 -49.08 -26.85
CA ILE A 251 -15.69 -49.30 -26.94
C ILE A 251 -16.29 -48.19 -27.78
N ARG A 252 -17.11 -48.57 -28.74
CA ARG A 252 -17.74 -47.60 -29.61
C ARG A 252 -19.24 -47.80 -29.56
N ILE A 253 -19.95 -46.81 -29.03
CA ILE A 253 -21.40 -46.90 -28.93
C ILE A 253 -22.02 -46.15 -30.09
N ASN A 254 -23.00 -46.80 -30.72
CA ASN A 254 -23.66 -46.22 -31.87
C ASN A 254 -25.08 -45.72 -31.58
N PHE A 255 -25.27 -44.40 -31.67
CA PHE A 255 -26.56 -43.76 -31.43
C PHE A 255 -27.33 -43.60 -32.74
N ASP A 256 -28.65 -43.45 -32.64
CA ASP A 256 -29.48 -43.27 -33.83
C ASP A 256 -29.71 -41.78 -34.05
N VAL A 257 -30.65 -41.43 -34.92
CA VAL A 257 -30.95 -40.03 -35.19
C VAL A 257 -31.68 -39.40 -34.01
N THR A 258 -31.97 -40.22 -33.00
CA THR A 258 -32.66 -39.74 -31.80
C THR A 258 -31.79 -39.98 -30.58
N GLY A 259 -30.47 -39.87 -30.76
CA GLY A 259 -29.56 -40.08 -29.65
C GLY A 259 -29.75 -41.30 -28.78
N TYR A 260 -30.29 -42.39 -29.33
CA TYR A 260 -30.49 -43.59 -28.53
C TYR A 260 -29.47 -44.67 -28.92
N ILE A 261 -29.05 -45.47 -27.95
CA ILE A 261 -28.08 -46.54 -28.18
C ILE A 261 -28.74 -47.66 -28.95
N VAL A 262 -27.98 -48.30 -29.83
CA VAL A 262 -28.50 -49.39 -30.64
C VAL A 262 -27.45 -50.47 -30.87
N GLY A 263 -26.18 -50.07 -30.80
CA GLY A 263 -25.08 -50.98 -31.00
C GLY A 263 -23.83 -50.51 -30.28
N ALA A 264 -22.91 -51.43 -30.02
CA ALA A 264 -21.67 -51.11 -29.31
C ALA A 264 -20.60 -52.11 -29.73
N ASN A 265 -19.39 -51.61 -29.94
CA ASN A 265 -18.28 -52.45 -30.36
C ASN A 265 -16.98 -52.15 -29.62
N ILE A 266 -16.21 -53.21 -29.41
CA ILE A 266 -14.93 -53.15 -28.71
C ILE A 266 -13.81 -53.75 -29.58
N GLU A 267 -12.71 -53.01 -29.68
CA GLU A 267 -11.52 -53.40 -30.43
C GLU A 267 -10.38 -53.62 -29.44
N THR A 268 -10.18 -54.89 -29.11
CA THR A 268 -9.16 -55.36 -28.19
C THR A 268 -7.74 -55.25 -28.76
N TYR A 269 -6.79 -54.78 -27.95
CA TYR A 269 -5.38 -54.62 -28.35
C TYR A 269 -4.39 -55.16 -27.33
N LEU A 270 -3.31 -55.74 -27.87
CA LEU A 270 -2.20 -56.34 -27.13
C LEU A 270 -2.57 -57.15 -25.91
N LEU A 271 -3.13 -58.33 -26.15
CA LEU A 271 -3.49 -59.23 -25.08
C LEU A 271 -2.18 -59.87 -24.63
N GLU A 272 -1.61 -59.31 -23.55
CA GLU A 272 -0.35 -59.77 -22.99
C GLU A 272 -0.46 -61.14 -22.38
N LYS A 273 -0.62 -62.13 -23.26
CA LYS A 273 -0.76 -63.54 -22.88
C LYS A 273 0.59 -64.08 -22.43
N SER A 274 1.64 -63.42 -22.91
CA SER A 274 3.03 -63.76 -22.61
C SER A 274 3.26 -64.03 -21.13
N ARG A 275 2.24 -63.73 -20.33
CA ARG A 275 2.30 -63.92 -18.88
C ARG A 275 1.54 -65.18 -18.45
N ALA A 276 0.85 -65.75 -19.42
CA ALA A 276 0.04 -66.96 -19.21
C ALA A 276 0.94 -68.15 -18.87
N ILE A 277 2.16 -68.10 -19.36
CA ILE A 277 3.13 -69.20 -19.16
C ILE A 277 3.87 -69.05 -17.82
N ARG A 278 4.35 -67.84 -17.56
CA ARG A 278 5.10 -67.57 -16.32
C ARG A 278 4.95 -66.11 -15.89
N GLN A 279 4.08 -65.93 -14.91
CA GLN A 279 3.79 -64.60 -14.32
C GLN A 279 4.88 -64.24 -13.32
N ALA A 280 5.25 -62.96 -13.34
CA ALA A 280 6.28 -62.38 -12.49
C ALA A 280 6.06 -62.55 -11.01
N LYS A 281 7.01 -61.99 -10.26
CA LYS A 281 7.05 -61.99 -8.81
C LYS A 281 5.91 -61.18 -8.22
N ASP A 282 5.14 -61.85 -7.37
CA ASP A 282 3.99 -61.28 -6.68
C ASP A 282 2.90 -60.87 -7.65
N GLU A 283 2.65 -61.74 -8.63
CA GLU A 283 1.63 -61.51 -9.65
C GLU A 283 0.91 -62.81 -10.00
N ARG A 284 -0.17 -62.67 -10.77
CA ARG A 284 -0.99 -63.79 -11.21
C ARG A 284 -1.30 -63.70 -12.68
N THR A 285 -1.87 -64.78 -13.21
CA THR A 285 -2.23 -64.83 -14.61
C THR A 285 -3.62 -64.23 -14.72
N PHE A 286 -4.25 -64.42 -15.88
CA PHE A 286 -5.59 -63.91 -16.14
C PHE A 286 -6.64 -64.48 -15.20
N HIS A 287 -6.97 -63.66 -14.20
CA HIS A 287 -7.94 -63.97 -13.16
C HIS A 287 -8.78 -65.23 -13.37
N ILE A 288 -9.44 -65.33 -14.52
CA ILE A 288 -10.29 -66.48 -14.84
C ILE A 288 -9.71 -67.84 -14.45
N PHE A 289 -8.39 -67.97 -14.51
CA PHE A 289 -7.72 -69.23 -14.15
C PHE A 289 -8.10 -69.61 -12.73
N TYR A 290 -7.89 -68.68 -11.80
CA TYR A 290 -8.21 -68.92 -10.41
C TYR A 290 -9.73 -68.98 -10.14
N TYR A 291 -10.52 -68.15 -10.84
CA TYR A 291 -11.97 -68.14 -10.66
C TYR A 291 -12.53 -69.54 -10.94
N LEU A 292 -11.89 -70.25 -11.87
CA LEU A 292 -12.32 -71.60 -12.22
C LEU A 292 -11.78 -72.60 -11.21
N ILE A 293 -10.47 -72.57 -10.98
CA ILE A 293 -9.85 -73.48 -10.03
C ILE A 293 -10.54 -73.46 -8.67
N ALA A 294 -11.23 -72.37 -8.37
CA ALA A 294 -11.94 -72.25 -7.09
C ALA A 294 -13.45 -72.16 -7.26
N GLY A 295 -13.90 -71.62 -8.39
CA GLY A 295 -15.32 -71.49 -8.64
C GLY A 295 -15.96 -72.72 -9.24
N ALA A 296 -15.12 -73.63 -9.73
CA ALA A 296 -15.60 -74.87 -10.34
C ALA A 296 -16.19 -75.76 -9.27
N SER A 297 -16.96 -76.75 -9.70
CA SER A 297 -17.58 -77.69 -8.79
C SER A 297 -16.87 -79.04 -8.82
N GLU A 298 -16.96 -79.79 -7.73
CA GLU A 298 -16.33 -81.11 -7.62
C GLU A 298 -16.64 -81.92 -8.89
N GLN A 299 -17.87 -81.82 -9.37
CA GLN A 299 -18.28 -82.54 -10.57
C GLN A 299 -17.61 -81.88 -11.76
N MET A 300 -18.03 -80.65 -12.08
CA MET A 300 -17.46 -79.92 -13.20
C MET A 300 -15.94 -79.98 -13.15
N ARG A 301 -15.38 -79.83 -11.94
CA ARG A 301 -13.93 -79.86 -11.79
C ARG A 301 -13.39 -81.18 -12.32
N ASN A 302 -14.16 -82.24 -12.10
CA ASN A 302 -13.77 -83.57 -12.53
C ASN A 302 -14.10 -83.74 -14.02
N ASP A 303 -14.87 -82.81 -14.57
CA ASP A 303 -15.25 -82.88 -15.97
C ASP A 303 -14.30 -82.16 -16.92
N LEU A 304 -13.27 -81.51 -16.39
CA LEU A 304 -12.30 -80.79 -17.22
C LEU A 304 -10.87 -80.99 -16.77
N LEU A 305 -10.67 -81.86 -15.77
CA LEU A 305 -9.33 -82.14 -15.26
C LEU A 305 -8.58 -80.93 -14.68
N LEU A 306 -9.12 -80.41 -13.59
CA LEU A 306 -8.53 -79.27 -12.92
C LEU A 306 -8.17 -79.71 -11.50
N GLU A 307 -6.90 -79.56 -11.15
CA GLU A 307 -6.41 -79.92 -9.82
C GLU A 307 -6.27 -78.69 -8.89
N GLY A 308 -5.34 -78.80 -7.93
CA GLY A 308 -5.03 -77.76 -6.94
C GLY A 308 -4.34 -76.52 -7.50
N PHE A 309 -4.05 -75.53 -6.64
CA PHE A 309 -3.42 -74.25 -7.00
C PHE A 309 -1.90 -74.24 -7.07
N ASN A 310 -1.26 -75.04 -6.24
CA ASN A 310 0.20 -75.11 -6.21
C ASN A 310 0.66 -76.35 -6.95
N ASN A 311 -0.29 -76.94 -7.68
CA ASN A 311 -0.07 -78.15 -8.46
C ASN A 311 0.38 -77.85 -9.88
N TYR A 312 -0.11 -76.74 -10.42
CA TYR A 312 0.22 -76.30 -11.77
C TYR A 312 1.47 -75.43 -11.74
N THR A 313 2.41 -75.73 -12.64
CA THR A 313 3.67 -75.00 -12.76
C THR A 313 3.42 -73.78 -13.63
N PHE A 314 2.19 -73.66 -14.09
CA PHE A 314 1.77 -72.56 -14.93
C PHE A 314 1.38 -71.38 -14.04
N LEU A 315 1.18 -71.65 -12.75
CA LEU A 315 0.81 -70.64 -11.77
C LEU A 315 2.02 -70.34 -10.88
N SER A 316 2.82 -69.37 -11.31
CA SER A 316 4.01 -68.97 -10.56
C SER A 316 3.57 -68.26 -9.29
N ASN A 317 4.46 -68.20 -8.30
CA ASN A 317 4.09 -67.55 -7.05
C ASN A 317 2.94 -68.37 -6.45
N GLY A 318 2.83 -69.62 -6.91
CA GLY A 318 1.78 -70.51 -6.45
C GLY A 318 0.40 -69.93 -6.62
N HIS A 319 -0.18 -69.47 -5.51
CA HIS A 319 -1.51 -68.86 -5.52
C HIS A 319 -1.47 -67.52 -4.80
N VAL A 320 -1.92 -66.49 -5.50
CA VAL A 320 -1.93 -65.16 -4.92
C VAL A 320 -3.36 -64.70 -4.64
N PRO A 321 -3.58 -64.14 -3.44
CA PRO A 321 -4.90 -63.66 -3.05
C PRO A 321 -5.07 -62.17 -3.35
N ILE A 322 -6.21 -61.83 -3.94
CA ILE A 322 -6.52 -60.46 -4.28
C ILE A 322 -7.48 -59.88 -3.24
N PRO A 323 -7.06 -58.78 -2.59
CA PRO A 323 -7.86 -58.11 -1.55
C PRO A 323 -9.29 -57.74 -1.93
N ALA A 324 -10.20 -57.91 -0.97
CA ALA A 324 -11.61 -57.61 -1.14
C ALA A 324 -12.21 -58.32 -2.36
N GLN A 325 -11.64 -59.46 -2.71
CA GLN A 325 -12.12 -60.22 -3.84
C GLN A 325 -12.06 -61.72 -3.55
N GLN A 326 -13.16 -62.41 -3.84
CA GLN A 326 -13.25 -63.84 -3.61
C GLN A 326 -13.59 -64.53 -4.93
N ASP A 327 -12.52 -64.95 -5.61
CA ASP A 327 -12.60 -65.63 -6.90
C ASP A 327 -13.64 -66.75 -6.86
N ASP A 328 -13.97 -67.17 -5.64
CA ASP A 328 -14.95 -68.23 -5.41
C ASP A 328 -16.32 -67.76 -5.88
N GLU A 329 -16.67 -66.56 -5.43
CA GLU A 329 -17.94 -65.91 -5.77
C GLU A 329 -17.73 -65.13 -7.06
N MET A 330 -16.48 -64.70 -7.27
CA MET A 330 -16.08 -63.95 -8.43
C MET A 330 -16.40 -64.75 -9.68
N PHE A 331 -16.18 -66.06 -9.59
CA PHE A 331 -16.44 -67.01 -10.67
C PHE A 331 -17.92 -66.96 -11.05
N GLN A 332 -18.76 -67.12 -10.03
CA GLN A 332 -20.20 -67.11 -10.16
C GLN A 332 -20.66 -65.83 -10.86
N GLU A 333 -20.03 -64.74 -10.45
CA GLU A 333 -20.32 -63.42 -10.97
C GLU A 333 -20.04 -63.33 -12.46
N THR A 334 -18.83 -63.77 -12.82
CA THR A 334 -18.37 -63.76 -14.19
C THR A 334 -19.22 -64.72 -15.04
N LEU A 335 -19.67 -65.80 -14.41
CA LEU A 335 -20.51 -66.81 -15.05
C LEU A 335 -21.86 -66.20 -15.41
N GLU A 336 -22.38 -65.44 -14.44
CA GLU A 336 -23.66 -64.76 -14.56
C GLU A 336 -23.63 -63.75 -15.71
N ALA A 337 -22.48 -63.10 -15.86
CA ALA A 337 -22.26 -62.11 -16.91
C ALA A 337 -22.42 -62.70 -18.31
N MET A 338 -21.78 -63.85 -18.52
CA MET A 338 -21.83 -64.56 -19.80
C MET A 338 -23.25 -64.84 -20.24
N THR A 339 -24.01 -65.38 -19.29
CA THR A 339 -25.39 -65.74 -19.48
C THR A 339 -26.23 -64.54 -19.95
N ILE A 340 -26.12 -63.43 -19.22
CA ILE A 340 -26.85 -62.21 -19.56
C ILE A 340 -26.72 -61.98 -21.06
N MET A 341 -25.48 -62.19 -21.54
CA MET A 341 -25.13 -62.05 -22.93
C MET A 341 -25.87 -63.10 -23.75
N GLY A 342 -25.15 -64.14 -24.15
CA GLY A 342 -25.74 -65.20 -24.94
C GLY A 342 -24.98 -66.51 -24.86
N PHE A 343 -23.94 -66.55 -24.02
CA PHE A 343 -23.12 -67.74 -23.83
C PHE A 343 -23.94 -68.86 -23.19
N THR A 344 -24.51 -69.71 -24.05
CA THR A 344 -25.32 -70.84 -23.62
C THR A 344 -24.63 -71.61 -22.50
N GLU A 345 -25.40 -72.46 -21.86
CA GLU A 345 -24.92 -73.29 -20.76
C GLU A 345 -23.64 -74.01 -21.20
N GLU A 346 -23.76 -74.70 -22.32
CA GLU A 346 -22.65 -75.45 -22.91
C GLU A 346 -21.59 -74.49 -23.44
N GLU A 347 -22.06 -73.50 -24.18
CA GLU A 347 -21.22 -72.47 -24.79
C GLU A 347 -20.20 -71.91 -23.80
N GLN A 348 -20.51 -72.03 -22.51
CA GLN A 348 -19.64 -71.56 -21.43
C GLN A 348 -18.68 -72.64 -20.99
N THR A 349 -19.25 -73.80 -20.66
CA THR A 349 -18.51 -74.96 -20.19
C THR A 349 -17.41 -75.33 -21.17
N SER A 350 -17.72 -75.16 -22.45
CA SER A 350 -16.80 -75.47 -23.55
C SER A 350 -15.52 -74.66 -23.45
N ILE A 351 -15.69 -73.41 -23.04
CA ILE A 351 -14.58 -72.48 -22.88
C ILE A 351 -13.78 -72.82 -21.62
N LEU A 352 -14.52 -73.23 -20.58
CA LEU A 352 -13.96 -73.61 -19.29
C LEU A 352 -12.93 -74.71 -19.37
N ARG A 353 -13.34 -75.82 -20.00
CA ARG A 353 -12.47 -76.99 -20.16
C ARG A 353 -11.15 -76.60 -20.80
N VAL A 354 -11.24 -75.69 -21.78
CA VAL A 354 -10.08 -75.20 -22.51
C VAL A 354 -9.04 -74.63 -21.54
N VAL A 355 -9.54 -73.87 -20.56
CA VAL A 355 -8.71 -73.23 -19.54
C VAL A 355 -7.91 -74.24 -18.73
N SER A 356 -8.60 -75.28 -18.27
CA SER A 356 -7.97 -76.32 -17.47
C SER A 356 -6.96 -77.11 -18.31
N SER A 357 -7.28 -77.26 -19.59
CA SER A 357 -6.41 -77.97 -20.52
C SER A 357 -5.11 -77.20 -20.74
N VAL A 358 -5.26 -75.88 -20.85
CA VAL A 358 -4.13 -74.97 -21.07
C VAL A 358 -3.22 -74.98 -19.84
N LEU A 359 -3.83 -75.05 -18.67
CA LEU A 359 -3.10 -75.09 -17.39
C LEU A 359 -2.28 -76.37 -17.31
N GLN A 360 -2.89 -77.44 -17.83
CA GLN A 360 -2.31 -78.77 -17.85
C GLN A 360 -1.05 -78.83 -18.71
N LEU A 361 -1.15 -78.33 -19.94
CA LEU A 361 -0.02 -78.30 -20.88
C LEU A 361 1.24 -77.84 -20.16
N GLY A 362 1.01 -77.18 -19.03
CA GLY A 362 2.08 -76.64 -18.21
C GLY A 362 2.87 -77.67 -17.45
N ASN A 363 2.23 -78.81 -17.21
CA ASN A 363 2.85 -79.92 -16.48
C ASN A 363 3.66 -80.83 -17.40
N ILE A 364 3.46 -80.65 -18.70
CA ILE A 364 4.16 -81.43 -19.72
C ILE A 364 5.61 -80.97 -19.81
N VAL A 365 6.48 -81.68 -19.10
CA VAL A 365 7.91 -81.38 -19.08
C VAL A 365 8.68 -82.53 -19.74
N PHE A 366 9.73 -82.20 -20.46
CA PHE A 366 10.53 -83.20 -21.14
C PHE A 366 11.87 -83.46 -20.51
N LYS A 367 12.28 -84.72 -20.66
CA LYS A 367 13.53 -85.27 -20.16
C LYS A 367 14.51 -85.43 -21.32
N LYS A 368 15.21 -84.35 -21.60
CA LYS A 368 16.20 -84.32 -22.65
C LYS A 368 17.09 -85.54 -22.58
N GLU A 369 16.84 -86.48 -23.47
CA GLU A 369 17.59 -87.71 -23.58
C GLU A 369 19.07 -87.40 -23.68
N ARG A 370 19.88 -88.03 -22.85
CA ARG A 370 21.33 -87.80 -22.89
C ARG A 370 21.89 -88.47 -24.14
N ASN A 371 21.29 -89.61 -24.45
CA ASN A 371 21.64 -90.46 -25.57
C ASN A 371 21.47 -89.84 -26.96
N THR A 372 20.26 -89.35 -27.23
CA THR A 372 19.94 -88.77 -28.54
C THR A 372 19.64 -87.27 -28.50
N ASP A 373 19.51 -86.73 -27.29
CA ASP A 373 19.26 -85.31 -27.08
C ASP A 373 17.82 -84.92 -27.37
N GLN A 374 17.02 -85.93 -27.71
CA GLN A 374 15.61 -85.76 -28.02
C GLN A 374 14.78 -85.92 -26.76
N ALA A 375 13.93 -84.92 -26.50
CA ALA A 375 13.05 -84.92 -25.34
C ALA A 375 12.40 -86.28 -25.20
N SER A 376 11.88 -86.53 -24.01
CA SER A 376 11.22 -87.79 -23.68
C SER A 376 9.99 -87.57 -22.82
N MET A 377 8.99 -88.42 -23.05
CA MET A 377 7.73 -88.38 -22.32
C MET A 377 7.64 -89.62 -21.43
N PRO A 378 8.37 -89.64 -20.32
CA PRO A 378 8.34 -90.80 -19.42
C PRO A 378 6.92 -91.09 -18.97
N ASP A 379 6.39 -90.23 -18.10
CA ASP A 379 5.03 -90.35 -17.58
C ASP A 379 4.12 -89.49 -18.46
N ASN A 380 3.39 -90.17 -19.35
CA ASN A 380 2.46 -89.54 -20.30
C ASN A 380 1.20 -89.02 -19.64
N THR A 381 1.02 -89.36 -18.38
CA THR A 381 -0.15 -88.93 -17.61
C THR A 381 -0.60 -87.53 -18.01
N ALA A 382 0.37 -86.62 -18.01
CA ALA A 382 0.17 -85.21 -18.35
C ALA A 382 -0.54 -85.02 -19.68
N ALA A 383 0.17 -85.38 -20.75
CA ALA A 383 -0.30 -85.28 -22.13
C ALA A 383 -1.66 -85.92 -22.35
N GLN A 384 -1.80 -87.11 -21.78
CA GLN A 384 -3.04 -87.91 -21.88
C GLN A 384 -4.26 -87.13 -21.43
N LYS A 385 -4.06 -86.38 -20.35
CA LYS A 385 -5.10 -85.56 -19.71
C LYS A 385 -5.40 -84.26 -20.43
N VAL A 386 -4.51 -83.87 -21.33
CA VAL A 386 -4.65 -82.61 -22.08
C VAL A 386 -5.31 -82.83 -23.42
N CYS A 387 -5.06 -83.99 -24.01
CA CYS A 387 -5.63 -84.35 -25.30
C CYS A 387 -7.13 -84.53 -25.21
N HIS A 388 -7.56 -85.18 -24.13
CA HIS A 388 -8.97 -85.44 -23.86
C HIS A 388 -9.76 -84.15 -23.67
N LEU A 389 -9.01 -83.05 -23.62
CA LEU A 389 -9.59 -81.71 -23.44
C LEU A 389 -9.56 -80.95 -24.75
N MET A 390 -8.74 -81.46 -25.67
CA MET A 390 -8.56 -80.87 -27.00
C MET A 390 -9.43 -81.55 -28.04
N GLY A 391 -9.61 -82.86 -27.85
CA GLY A 391 -10.41 -83.66 -28.75
C GLY A 391 -9.55 -84.26 -29.85
N ILE A 392 -8.24 -84.06 -29.69
CA ILE A 392 -7.26 -84.56 -30.64
C ILE A 392 -6.77 -85.94 -30.17
N ASN A 393 -6.00 -86.60 -31.04
CA ASN A 393 -5.45 -87.91 -30.77
C ASN A 393 -4.19 -87.84 -29.92
N VAL A 394 -4.15 -88.71 -28.92
CA VAL A 394 -3.04 -88.82 -27.99
C VAL A 394 -1.73 -89.03 -28.74
N THR A 395 -1.52 -90.29 -29.14
CA THR A 395 -0.35 -90.73 -29.86
C THR A 395 0.09 -89.72 -30.91
N ASP A 396 -0.89 -89.23 -31.66
CA ASP A 396 -0.69 -88.26 -32.73
C ASP A 396 -0.04 -86.97 -32.23
N PHE A 397 -0.71 -86.34 -31.26
CA PHE A 397 -0.22 -85.10 -30.68
C PHE A 397 1.14 -85.26 -30.01
N THR A 398 1.31 -86.42 -29.38
CA THR A 398 2.53 -86.77 -28.67
C THR A 398 3.73 -86.77 -29.61
N ARG A 399 3.56 -87.43 -30.75
CA ARG A 399 4.60 -87.55 -31.76
C ARG A 399 4.84 -86.24 -32.51
N SER A 400 3.75 -85.54 -32.78
CA SER A 400 3.76 -84.26 -33.50
C SER A 400 4.53 -83.19 -32.74
N ILE A 401 4.25 -83.06 -31.45
CA ILE A 401 4.90 -82.08 -30.60
C ILE A 401 6.32 -82.52 -30.32
N LEU A 402 6.50 -83.84 -30.34
CA LEU A 402 7.77 -84.50 -30.10
C LEU A 402 8.61 -84.54 -31.37
N THR A 403 8.18 -85.40 -32.29
CA THR A 403 8.84 -85.59 -33.58
C THR A 403 8.08 -84.87 -34.69
N PRO A 404 8.40 -83.59 -34.93
CA PRO A 404 7.74 -82.81 -35.97
C PRO A 404 7.90 -83.41 -37.35
N ARG A 405 6.77 -83.83 -37.93
CA ARG A 405 6.70 -84.41 -39.27
C ARG A 405 6.66 -83.23 -40.25
N ILE A 406 7.58 -82.29 -40.03
CA ILE A 406 7.72 -81.09 -40.83
C ILE A 406 7.47 -81.28 -42.32
N LYS A 407 7.17 -80.17 -42.99
CA LYS A 407 6.90 -80.18 -44.42
C LYS A 407 7.46 -78.89 -45.00
N VAL A 408 8.73 -78.89 -45.36
CA VAL A 408 9.34 -77.70 -45.93
C VAL A 408 8.84 -77.47 -47.35
N GLY A 409 7.80 -78.21 -47.72
CA GLY A 409 7.20 -78.10 -49.05
C GLY A 409 8.07 -78.70 -50.14
N ARG A 410 9.26 -78.13 -50.31
CA ARG A 410 10.21 -78.60 -51.31
C ARG A 410 10.72 -79.98 -50.88
N ASP A 411 10.22 -80.43 -49.74
CA ASP A 411 10.60 -81.73 -49.18
C ASP A 411 9.66 -82.10 -48.02
N VAL A 412 10.05 -83.12 -47.26
CA VAL A 412 9.25 -83.58 -46.13
C VAL A 412 10.20 -83.97 -45.00
N VAL A 413 11.10 -83.05 -44.68
CA VAL A 413 12.09 -83.25 -43.63
C VAL A 413 11.47 -83.46 -42.25
N GLN A 414 11.44 -84.72 -41.80
CA GLN A 414 10.91 -85.02 -40.48
C GLN A 414 12.08 -84.83 -39.53
N LYS A 415 11.89 -84.00 -38.51
CA LYS A 415 12.95 -83.75 -37.54
C LYS A 415 12.44 -83.98 -36.14
N ALA A 416 13.32 -83.70 -35.18
CA ALA A 416 13.02 -83.85 -33.76
C ALA A 416 13.75 -82.72 -33.05
N GLN A 417 13.10 -82.14 -32.05
CA GLN A 417 13.71 -81.05 -31.30
C GLN A 417 14.10 -81.53 -29.91
N THR A 418 15.03 -80.82 -29.29
CA THR A 418 15.50 -81.16 -27.95
C THR A 418 14.31 -81.18 -27.01
N LYS A 419 14.56 -81.16 -25.71
CA LYS A 419 13.47 -81.15 -24.76
C LYS A 419 13.06 -79.69 -24.72
N GLU A 420 14.09 -78.83 -24.84
CA GLU A 420 13.93 -77.39 -24.84
C GLU A 420 12.96 -76.93 -25.90
N GLN A 421 13.43 -76.93 -27.14
CA GLN A 421 12.60 -76.52 -28.27
C GLN A 421 11.29 -77.30 -28.24
N ALA A 422 11.32 -78.43 -27.53
CA ALA A 422 10.14 -79.27 -27.40
C ALA A 422 9.23 -78.54 -26.45
N ASP A 423 9.84 -77.98 -25.41
CA ASP A 423 9.11 -77.23 -24.40
C ASP A 423 8.70 -75.87 -24.99
N PHE A 424 9.66 -75.14 -25.54
CA PHE A 424 9.41 -73.83 -26.14
C PHE A 424 8.26 -73.87 -27.14
N ALA A 425 7.95 -75.06 -27.65
CA ALA A 425 6.87 -75.19 -28.61
C ALA A 425 5.50 -75.45 -28.01
N ILE A 426 5.48 -76.19 -26.90
CA ILE A 426 4.23 -76.51 -26.21
C ILE A 426 3.82 -75.29 -25.40
N GLU A 427 4.80 -74.46 -25.10
CA GLU A 427 4.63 -73.23 -24.33
C GLU A 427 3.98 -72.20 -25.23
N ALA A 428 4.52 -72.06 -26.44
CA ALA A 428 3.98 -71.10 -27.38
C ALA A 428 2.74 -71.68 -28.03
N LEU A 429 2.28 -72.81 -27.52
CA LEU A 429 1.08 -73.47 -28.04
C LEU A 429 -0.04 -73.13 -27.07
N ALA A 430 0.19 -73.44 -25.80
CA ALA A 430 -0.80 -73.16 -24.78
C ALA A 430 -1.03 -71.65 -24.78
N LYS A 431 0.06 -70.91 -24.61
CA LYS A 431 0.02 -69.45 -24.58
C LYS A 431 -0.73 -68.80 -25.77
N ALA A 432 -0.80 -69.47 -26.90
CA ALA A 432 -1.50 -68.89 -28.05
C ALA A 432 -2.85 -69.56 -28.25
N LYS A 433 -3.07 -70.69 -27.58
CA LYS A 433 -4.33 -71.40 -27.70
C LYS A 433 -5.33 -70.67 -26.81
N PHE A 434 -4.79 -69.81 -25.95
CA PHE A 434 -5.60 -69.01 -25.05
C PHE A 434 -6.03 -67.74 -25.75
N GLU A 435 -5.06 -67.08 -26.37
CA GLU A 435 -5.33 -65.85 -27.10
C GLU A 435 -6.23 -66.22 -28.26
N ARG A 436 -6.14 -67.46 -28.69
CA ARG A 436 -6.95 -67.98 -29.79
C ARG A 436 -8.37 -67.86 -29.27
N LEU A 437 -8.49 -67.98 -27.95
CA LEU A 437 -9.76 -67.90 -27.25
C LEU A 437 -10.20 -66.48 -26.88
N PHE A 438 -9.27 -65.69 -26.35
CA PHE A 438 -9.62 -64.33 -25.95
C PHE A 438 -10.38 -63.65 -27.07
N ARG A 439 -9.78 -63.62 -28.25
CA ARG A 439 -10.45 -63.00 -29.39
C ARG A 439 -11.73 -63.73 -29.81
N TRP A 440 -11.91 -64.98 -29.38
CA TRP A 440 -13.11 -65.77 -29.71
C TRP A 440 -14.27 -65.07 -29.01
N ILE A 441 -14.10 -64.91 -27.70
CA ILE A 441 -15.09 -64.27 -26.85
C ILE A 441 -15.37 -62.85 -27.33
N LEU A 442 -14.35 -62.00 -27.31
CA LEU A 442 -14.52 -60.63 -27.76
C LEU A 442 -15.38 -60.47 -29.01
N THR A 443 -15.33 -61.44 -29.92
CA THR A 443 -16.13 -61.34 -31.13
C THR A 443 -17.44 -62.11 -30.96
N ARG A 444 -17.57 -62.75 -29.81
CA ARG A 444 -18.77 -63.52 -29.49
C ARG A 444 -19.67 -62.48 -28.82
N VAL A 445 -19.02 -61.66 -28.00
CA VAL A 445 -19.68 -60.59 -27.28
C VAL A 445 -20.03 -59.52 -28.30
N ASN A 446 -19.02 -58.90 -28.92
CA ASN A 446 -19.25 -57.85 -29.90
C ASN A 446 -20.36 -58.14 -30.91
N LYS A 447 -20.80 -59.39 -30.98
CA LYS A 447 -21.88 -59.77 -31.89
C LYS A 447 -23.24 -59.38 -31.30
N ALA A 448 -23.35 -59.48 -29.97
CA ALA A 448 -24.58 -59.14 -29.29
C ALA A 448 -24.72 -57.66 -28.99
N LEU A 449 -23.66 -57.05 -28.47
CA LEU A 449 -23.71 -55.62 -28.17
C LEU A 449 -23.78 -54.79 -29.47
N ASP A 450 -24.10 -55.45 -30.59
CA ASP A 450 -24.21 -54.85 -31.94
C ASP A 450 -25.16 -55.85 -32.57
N ALA A 457 -26.07 -43.61 -37.54
CA ALA A 457 -25.31 -42.37 -37.89
C ALA A 457 -24.22 -41.96 -36.90
N SER A 458 -24.56 -41.87 -35.63
CA SER A 458 -23.61 -41.44 -34.59
C SER A 458 -22.98 -42.57 -33.79
N PHE A 459 -21.88 -42.24 -33.10
CA PHE A 459 -21.12 -43.15 -32.26
C PHE A 459 -20.13 -42.40 -31.36
N LEU A 460 -20.10 -42.84 -30.09
CA LEU A 460 -19.24 -42.30 -29.04
C LEU A 460 -18.10 -43.31 -28.79
N GLY A 461 -16.88 -42.80 -28.67
CA GLY A 461 -15.73 -43.66 -28.48
C GLY A 461 -15.08 -43.57 -27.12
N ILE A 462 -14.90 -44.73 -26.50
CA ILE A 462 -14.29 -44.84 -25.17
C ILE A 462 -12.98 -45.62 -25.21
N LEU A 463 -11.84 -44.94 -25.20
CA LEU A 463 -10.52 -45.59 -25.25
C LEU A 463 -9.83 -45.98 -23.96
N ASP A 464 -9.89 -47.28 -23.63
CA ASP A 464 -9.26 -47.80 -22.43
C ASP A 464 -7.97 -48.51 -22.87
N ILE A 465 -6.93 -47.74 -23.15
CA ILE A 465 -5.65 -48.31 -23.57
C ILE A 465 -4.92 -48.75 -22.31
N ALA A 466 -3.63 -49.06 -22.42
CA ALA A 466 -2.92 -49.47 -21.22
C ALA A 466 -1.94 -48.39 -20.82
N GLY A 467 -1.66 -48.33 -19.52
CA GLY A 467 -0.76 -47.35 -18.95
C GLY A 467 0.70 -47.65 -18.82
N PHE A 468 1.47 -46.58 -18.95
CA PHE A 468 2.91 -46.56 -18.88
C PHE A 468 3.51 -47.33 -17.71
N GLU A 469 3.77 -48.62 -17.93
CA GLU A 469 4.36 -49.45 -16.88
C GLU A 469 5.86 -49.60 -17.14
N ILE A 470 6.64 -49.69 -16.05
CA ILE A 470 8.09 -49.83 -16.13
C ILE A 470 8.60 -50.58 -14.88
N PHE A 471 9.09 -51.80 -15.07
CA PHE A 471 9.59 -52.63 -13.97
C PHE A 471 11.12 -52.77 -13.87
N GLU A 472 11.57 -54.01 -13.60
CA GLU A 472 12.99 -54.34 -13.48
C GLU A 472 13.43 -55.10 -14.72
N ILE A 473 12.46 -55.70 -15.39
CA ILE A 473 12.66 -56.47 -16.61
C ILE A 473 11.64 -55.94 -17.62
N ASN A 474 12.10 -55.13 -18.57
CA ASN A 474 11.19 -54.57 -19.54
C ASN A 474 11.09 -55.31 -20.87
N SER A 475 10.32 -56.41 -20.85
CA SER A 475 10.10 -57.26 -22.01
C SER A 475 9.58 -56.45 -23.20
N PHE A 476 9.44 -57.13 -24.34
CA PHE A 476 8.96 -56.50 -25.58
C PHE A 476 7.57 -55.91 -25.41
N GLU A 477 6.67 -56.72 -24.89
CA GLU A 477 5.28 -56.33 -24.64
C GLU A 477 5.22 -54.94 -24.01
N GLN A 478 5.92 -54.79 -22.90
CA GLN A 478 5.99 -53.54 -22.13
C GLN A 478 6.47 -52.36 -22.97
N LEU A 479 7.07 -52.68 -24.12
CA LEU A 479 7.60 -51.67 -25.03
C LEU A 479 6.51 -51.01 -25.87
N CYS A 480 5.69 -51.85 -26.50
CA CYS A 480 4.59 -51.38 -27.34
C CYS A 480 3.50 -50.78 -26.46
N ILE A 481 3.52 -51.21 -25.21
CA ILE A 481 2.56 -50.76 -24.21
C ILE A 481 2.83 -49.28 -23.96
N ASN A 482 4.03 -48.98 -23.46
CA ASN A 482 4.45 -47.61 -23.19
C ASN A 482 4.49 -46.84 -24.49
N TYR A 483 4.75 -47.57 -25.58
CA TYR A 483 4.82 -47.03 -26.93
C TYR A 483 3.51 -46.36 -27.31
N THR A 484 2.42 -47.06 -26.99
CA THR A 484 1.06 -46.59 -27.26
C THR A 484 0.77 -45.34 -26.44
N ASN A 485 1.27 -45.34 -25.20
CA ASN A 485 1.08 -44.24 -24.27
C ASN A 485 1.64 -42.96 -24.88
N GLU A 486 2.89 -43.04 -25.32
CA GLU A 486 3.59 -41.91 -25.93
C GLU A 486 2.81 -41.39 -27.13
N LYS A 487 2.19 -42.32 -27.84
CA LYS A 487 1.40 -42.00 -29.03
C LYS A 487 0.19 -41.16 -28.65
N LEU A 488 -0.53 -41.60 -27.62
CA LEU A 488 -1.71 -40.88 -27.15
C LEU A 488 -1.32 -39.53 -26.56
N GLN A 489 -0.16 -39.53 -25.91
CA GLN A 489 0.38 -38.32 -25.30
C GLN A 489 0.63 -37.26 -26.36
N GLN A 490 1.21 -37.70 -27.48
CA GLN A 490 1.52 -36.81 -28.60
C GLN A 490 0.24 -36.22 -29.15
N LEU A 491 -0.76 -37.08 -29.28
CA LEU A 491 -2.09 -36.75 -29.78
C LEU A 491 -2.66 -35.55 -29.02
N PHE A 492 -2.54 -35.63 -27.69
CA PHE A 492 -3.03 -34.59 -26.79
C PHE A 492 -2.41 -33.24 -27.06
N ASN A 493 -1.08 -33.24 -27.04
CA ASN A 493 -0.27 -32.06 -27.26
C ASN A 493 -0.65 -31.43 -28.60
N HIS A 494 -0.78 -32.30 -29.59
CA HIS A 494 -1.12 -31.92 -30.96
C HIS A 494 -2.46 -31.21 -31.07
N THR A 495 -3.51 -31.93 -30.71
CA THR A 495 -4.87 -31.41 -30.78
C THR A 495 -5.05 -30.19 -29.87
N MET A 496 -4.22 -30.13 -28.83
CA MET A 496 -4.27 -29.03 -27.87
C MET A 496 -3.58 -27.77 -28.40
N PHE A 497 -2.27 -27.70 -28.20
CA PHE A 497 -1.46 -26.56 -28.62
C PHE A 497 -1.27 -26.45 -30.13
N ILE A 498 -0.70 -27.50 -30.72
CA ILE A 498 -0.44 -27.55 -32.16
C ILE A 498 -1.67 -27.17 -33.00
N LEU A 499 -2.40 -28.21 -33.40
CA LEU A 499 -3.63 -28.11 -34.21
C LEU A 499 -4.42 -26.82 -34.06
N GLU A 500 -4.97 -26.64 -32.85
CA GLU A 500 -5.79 -25.47 -32.54
C GLU A 500 -5.21 -24.17 -33.09
N GLN A 501 -3.96 -23.91 -32.76
CA GLN A 501 -3.29 -22.70 -33.22
C GLN A 501 -3.46 -22.54 -34.73
N GLU A 502 -3.38 -23.68 -35.43
CA GLU A 502 -3.54 -23.72 -36.88
C GLU A 502 -4.83 -23.02 -37.31
N GLU A 503 -5.95 -23.35 -36.66
CA GLU A 503 -7.22 -22.72 -37.04
C GLU A 503 -7.18 -21.21 -36.81
N TYR A 504 -6.30 -20.78 -35.92
CA TYR A 504 -6.18 -19.35 -35.66
C TYR A 504 -5.52 -18.69 -36.87
N GLN A 505 -4.45 -19.33 -37.34
CA GLN A 505 -3.68 -18.88 -38.50
C GLN A 505 -4.53 -18.90 -39.78
N ARG A 506 -5.21 -20.03 -39.97
CA ARG A 506 -6.06 -20.28 -41.12
C ARG A 506 -7.15 -19.23 -41.31
N GLU A 507 -7.87 -18.95 -40.23
CA GLU A 507 -8.96 -17.97 -40.26
C GLU A 507 -8.42 -16.55 -40.33
N GLY A 508 -7.21 -16.38 -39.79
CA GLY A 508 -6.55 -15.10 -39.81
C GLY A 508 -6.68 -14.29 -38.54
N ILE A 509 -7.59 -14.70 -37.66
CA ILE A 509 -7.79 -13.97 -36.41
C ILE A 509 -6.46 -13.42 -35.88
N GLU A 510 -6.50 -12.25 -35.25
CA GLU A 510 -5.30 -11.62 -34.70
C GLU A 510 -4.70 -12.50 -33.63
N TRP A 511 -3.96 -13.52 -34.06
CA TRP A 511 -3.34 -14.46 -33.15
C TRP A 511 -1.83 -14.39 -33.31
N ASN A 512 -1.13 -15.27 -32.60
CA ASN A 512 0.33 -15.37 -32.62
C ASN A 512 0.67 -16.74 -32.07
N PHE A 513 1.65 -17.41 -32.64
CA PHE A 513 2.02 -18.74 -32.15
C PHE A 513 2.77 -18.72 -30.83
N ILE A 514 2.58 -19.79 -30.06
CA ILE A 514 3.23 -19.95 -28.76
C ILE A 514 3.64 -21.42 -28.63
N ASP A 515 4.94 -21.67 -28.52
CA ASP A 515 5.42 -23.05 -28.40
C ASP A 515 5.42 -23.57 -26.97
N PHE A 516 4.53 -24.53 -26.73
CA PHE A 516 4.37 -25.14 -25.42
C PHE A 516 5.40 -26.21 -25.08
N GLY A 517 6.41 -26.37 -25.93
CA GLY A 517 7.42 -27.36 -25.65
C GLY A 517 6.85 -28.74 -25.35
N LEU A 518 6.05 -29.25 -26.27
CA LEU A 518 5.46 -30.56 -26.05
C LEU A 518 5.32 -31.32 -27.35
N ASP A 519 6.28 -32.21 -27.58
CA ASP A 519 6.31 -33.04 -28.78
C ASP A 519 7.18 -34.27 -28.52
N LEU A 520 6.64 -35.44 -28.83
CA LEU A 520 7.32 -36.70 -28.64
C LEU A 520 7.53 -37.40 -29.97
N GLN A 521 7.25 -36.70 -31.06
CA GLN A 521 7.41 -37.27 -32.38
C GLN A 521 8.74 -38.03 -32.41
N PRO A 522 9.84 -37.39 -31.99
CA PRO A 522 11.15 -38.04 -31.98
C PRO A 522 11.15 -39.39 -31.28
N CYS A 523 10.87 -39.37 -29.98
CA CYS A 523 10.85 -40.60 -29.21
C CYS A 523 9.91 -41.64 -29.82
N ILE A 524 9.13 -41.22 -30.83
CA ILE A 524 8.23 -42.16 -31.50
C ILE A 524 9.00 -42.74 -32.69
N GLU A 525 9.48 -41.87 -33.57
CA GLU A 525 10.24 -42.33 -34.73
C GLU A 525 11.34 -43.29 -34.28
N LEU A 526 11.98 -42.98 -33.16
CA LEU A 526 13.06 -43.81 -32.61
C LEU A 526 12.57 -45.25 -32.46
N ILE A 527 11.26 -45.40 -32.59
CA ILE A 527 10.64 -46.71 -32.48
C ILE A 527 9.53 -46.85 -33.53
N GLU A 528 9.38 -45.81 -34.37
CA GLU A 528 8.34 -45.85 -35.41
C GLU A 528 8.81 -45.95 -36.86
N ARG A 529 9.27 -44.84 -37.41
CA ARG A 529 9.73 -44.80 -38.80
C ARG A 529 10.58 -45.98 -39.23
N PRO A 530 10.14 -46.67 -40.29
CA PRO A 530 10.80 -47.84 -40.89
C PRO A 530 11.81 -47.38 -41.94
N THR A 531 11.28 -46.69 -42.96
CA THR A 531 12.11 -46.17 -44.03
C THR A 531 12.93 -45.06 -43.38
N ASN A 532 13.98 -44.61 -44.06
CA ASN A 532 14.82 -43.57 -43.52
C ASN A 532 15.33 -44.17 -42.22
N PRO A 533 15.97 -43.36 -41.34
CA PRO A 533 16.44 -44.00 -40.11
C PRO A 533 15.40 -44.99 -39.58
N PRO A 534 15.80 -46.27 -39.40
CA PRO A 534 14.86 -47.28 -38.89
C PRO A 534 14.62 -47.17 -37.39
N GLY A 535 13.51 -47.71 -36.91
CA GLY A 535 13.21 -47.62 -35.50
C GLY A 535 13.42 -48.93 -34.76
N VAL A 536 13.67 -48.82 -33.45
CA VAL A 536 13.90 -49.98 -32.60
C VAL A 536 13.11 -51.24 -33.00
N LEU A 537 11.88 -51.06 -33.47
CA LEU A 537 11.07 -52.20 -33.88
C LEU A 537 11.36 -52.58 -35.32
N ALA A 538 11.48 -51.57 -36.18
CA ALA A 538 11.78 -51.77 -37.60
C ALA A 538 12.99 -52.71 -37.72
N LEU A 539 14.04 -52.33 -37.02
CA LEU A 539 15.27 -53.11 -37.02
C LEU A 539 15.00 -54.55 -36.59
N LEU A 540 14.49 -54.73 -35.38
CA LEU A 540 14.19 -56.08 -34.89
C LEU A 540 13.46 -56.89 -35.96
N ASP A 541 12.44 -56.27 -36.55
CA ASP A 541 11.63 -56.88 -37.59
C ASP A 541 12.35 -57.85 -38.51
N GLU A 542 13.06 -57.31 -39.50
CA GLU A 542 13.79 -58.14 -40.46
C GLU A 542 14.98 -58.86 -39.85
N GLU A 543 15.74 -58.14 -39.04
CA GLU A 543 16.92 -58.71 -38.40
C GLU A 543 16.57 -60.07 -37.78
N CYS A 544 15.29 -60.28 -37.52
CA CYS A 544 14.83 -61.52 -36.92
C CYS A 544 14.59 -62.59 -37.97
N TRP A 545 14.39 -62.17 -39.21
CA TRP A 545 14.17 -63.13 -40.29
C TRP A 545 15.47 -63.87 -40.60
N PHE A 546 16.58 -63.30 -40.14
CA PHE A 546 17.93 -63.85 -40.33
C PHE A 546 18.30 -65.11 -39.54
N PRO A 547 19.09 -66.02 -40.15
CA PRO A 547 19.52 -67.26 -39.52
C PRO A 547 20.42 -67.04 -38.30
N LYS A 548 21.51 -66.29 -38.48
CA LYS A 548 22.44 -66.00 -37.40
C LYS A 548 21.97 -64.74 -36.69
N ALA A 549 20.67 -64.68 -36.43
CA ALA A 549 20.06 -63.54 -35.76
C ALA A 549 19.81 -63.90 -34.30
N THR A 550 20.12 -62.97 -33.41
CA THR A 550 19.93 -63.21 -32.00
C THR A 550 19.49 -61.96 -31.25
N ASP A 551 18.95 -62.19 -30.06
CA ASP A 551 18.48 -61.12 -29.20
C ASP A 551 19.61 -60.09 -29.26
N THR A 552 20.82 -60.57 -28.96
CA THR A 552 22.02 -59.75 -28.97
C THR A 552 22.15 -58.96 -30.26
N SER A 553 22.75 -59.63 -31.25
CA SER A 553 22.98 -59.07 -32.57
C SER A 553 22.08 -57.86 -32.84
N PHE A 554 20.81 -58.02 -32.55
CA PHE A 554 19.80 -56.98 -32.73
C PHE A 554 20.24 -55.67 -32.07
N VAL A 555 20.37 -55.72 -30.75
CA VAL A 555 20.76 -54.56 -29.96
C VAL A 555 21.84 -53.70 -30.58
N GLU A 556 22.90 -54.36 -31.03
CA GLU A 556 24.05 -53.70 -31.65
C GLU A 556 23.65 -52.98 -32.93
N LYS A 557 22.74 -53.59 -33.68
CA LYS A 557 22.25 -53.01 -34.93
C LYS A 557 21.63 -51.67 -34.58
N LEU A 558 20.83 -51.70 -33.52
CA LEU A 558 20.10 -50.53 -33.01
C LEU A 558 20.99 -49.32 -32.80
N ILE A 559 22.16 -49.56 -32.22
CA ILE A 559 23.13 -48.50 -31.95
C ILE A 559 23.85 -48.18 -33.25
N GLN A 560 23.99 -49.20 -34.08
CA GLN A 560 24.66 -49.06 -35.36
C GLN A 560 24.06 -47.95 -36.20
N GLU A 561 22.92 -47.41 -35.78
CA GLU A 561 22.26 -46.33 -36.53
C GLU A 561 21.59 -45.27 -35.65
N GLN A 562 21.02 -45.69 -34.54
CA GLN A 562 20.33 -44.76 -33.64
C GLN A 562 21.18 -44.27 -32.49
N GLY A 563 22.39 -44.82 -32.38
CA GLY A 563 23.30 -44.44 -31.31
C GLY A 563 23.44 -42.93 -31.13
N ASN A 564 22.88 -42.16 -32.05
CA ASN A 564 22.96 -40.70 -31.96
C ASN A 564 21.61 -40.03 -31.76
N HIS A 565 20.74 -40.67 -30.97
CA HIS A 565 19.42 -40.11 -30.70
C HIS A 565 19.26 -39.75 -29.23
N ALA A 566 18.84 -38.50 -28.99
CA ALA A 566 18.65 -38.01 -27.63
C ALA A 566 17.78 -38.98 -26.86
N LYS A 567 16.55 -39.19 -27.33
CA LYS A 567 15.61 -40.09 -26.66
C LYS A 567 16.15 -41.51 -26.57
N PHE A 568 17.35 -41.73 -27.10
CA PHE A 568 18.00 -43.03 -27.08
C PHE A 568 19.20 -42.97 -26.15
N GLN A 569 19.50 -44.09 -25.48
CA GLN A 569 20.63 -44.13 -24.56
C GLN A 569 21.22 -45.52 -24.37
N LYS A 570 22.56 -45.58 -24.40
CA LYS A 570 23.30 -46.83 -24.24
C LYS A 570 23.21 -47.40 -22.83
N SER A 571 22.72 -48.64 -22.74
CA SER A 571 22.56 -49.32 -21.46
C SER A 571 23.76 -49.03 -20.57
N LYS A 572 23.49 -48.79 -19.30
CA LYS A 572 24.54 -48.49 -18.33
C LYS A 572 25.18 -49.80 -17.87
N GLN A 573 24.33 -50.78 -17.56
CA GLN A 573 24.80 -52.07 -17.09
C GLN A 573 24.56 -53.21 -18.06
N LEU A 574 25.63 -53.92 -18.39
CA LEU A 574 25.53 -55.05 -19.29
C LEU A 574 25.92 -56.25 -18.44
N LYS A 575 25.44 -56.20 -17.20
CA LYS A 575 25.68 -57.23 -16.19
C LYS A 575 26.22 -58.50 -16.80
N ASP A 576 25.39 -59.13 -17.62
CA ASP A 576 25.75 -60.37 -18.31
C ASP A 576 25.09 -60.35 -19.69
N LYS A 577 23.86 -59.84 -19.73
CA LYS A 577 23.09 -59.76 -20.96
C LYS A 577 23.16 -58.38 -21.62
N THR A 578 22.23 -58.15 -22.54
CA THR A 578 22.15 -56.89 -23.27
C THR A 578 20.78 -56.23 -23.14
N GLU A 579 20.81 -54.92 -22.90
CA GLU A 579 19.59 -54.13 -22.74
C GLU A 579 19.83 -52.71 -23.23
N PHE A 580 18.78 -51.90 -23.20
CA PHE A 580 18.85 -50.52 -23.64
C PHE A 580 17.68 -49.75 -23.03
N CYS A 581 17.85 -48.44 -22.85
CA CYS A 581 16.80 -47.61 -22.27
C CYS A 581 16.42 -46.46 -23.18
N ILE A 582 15.15 -46.06 -23.13
CA ILE A 582 14.64 -44.96 -23.95
C ILE A 582 14.19 -43.81 -23.05
N LEU A 583 14.34 -42.59 -23.55
CA LEU A 583 13.98 -41.36 -22.85
C LEU A 583 12.56 -40.92 -23.17
N HIS A 584 11.61 -41.74 -22.75
CA HIS A 584 10.17 -41.51 -22.95
C HIS A 584 9.74 -40.19 -22.35
N TYR A 585 8.47 -39.88 -22.57
CA TYR A 585 7.80 -38.69 -22.08
C TYR A 585 7.45 -38.92 -20.60
N ALA A 586 7.26 -40.21 -20.29
CA ALA A 586 6.89 -40.68 -18.95
C ALA A 586 8.10 -41.10 -18.11
N GLY A 587 9.26 -41.14 -18.76
CA GLY A 587 10.50 -41.51 -18.10
C GLY A 587 11.41 -42.29 -19.02
N LYS A 588 12.34 -43.04 -18.40
CA LYS A 588 13.31 -43.88 -19.09
C LYS A 588 13.14 -45.32 -18.63
N VAL A 589 13.25 -46.26 -19.57
CA VAL A 589 13.08 -47.67 -19.26
C VAL A 589 14.13 -48.56 -19.91
N THR A 590 14.84 -49.33 -19.10
CA THR A 590 15.88 -50.23 -19.60
C THR A 590 15.34 -51.60 -20.04
N TYR A 591 14.87 -51.68 -21.28
CA TYR A 591 14.33 -52.93 -21.81
C TYR A 591 15.43 -53.95 -22.04
N ASN A 592 15.08 -55.22 -21.94
CA ASN A 592 16.02 -56.30 -22.13
C ASN A 592 15.61 -57.01 -23.43
N ALA A 593 16.30 -56.67 -24.51
CA ALA A 593 16.04 -57.22 -25.83
C ALA A 593 16.04 -58.75 -25.94
N SER A 594 16.40 -59.43 -24.85
CA SER A 594 16.44 -60.89 -24.84
C SER A 594 15.15 -61.57 -25.26
N ALA A 595 15.27 -62.44 -26.26
CA ALA A 595 14.14 -63.19 -26.81
C ALA A 595 13.13 -62.28 -27.49
N TRP A 596 13.58 -61.13 -27.95
CA TRP A 596 12.66 -60.22 -28.61
C TRP A 596 12.25 -60.74 -29.98
N LEU A 597 13.24 -60.90 -30.85
CA LEU A 597 13.02 -61.41 -32.19
C LEU A 597 12.44 -62.82 -32.05
N THR A 598 12.59 -63.37 -30.86
CA THR A 598 12.10 -64.70 -30.57
C THR A 598 10.58 -64.77 -30.56
N LYS A 599 9.92 -63.62 -30.38
CA LYS A 599 8.47 -63.58 -30.36
C LYS A 599 7.89 -62.71 -31.47
N ASN A 600 8.70 -61.78 -31.97
CA ASN A 600 8.27 -60.87 -33.03
C ASN A 600 7.79 -61.65 -34.26
N MET A 601 8.17 -62.91 -34.33
CA MET A 601 7.80 -63.78 -35.48
C MET A 601 6.70 -64.78 -35.10
N ASP A 602 6.55 -64.99 -33.82
CA ASP A 602 5.54 -65.91 -33.26
C ASP A 602 5.79 -67.35 -33.72
N PRO A 603 6.96 -67.91 -33.39
CA PRO A 603 7.30 -69.27 -33.79
C PRO A 603 6.34 -70.27 -33.12
N LEU A 604 6.09 -71.41 -33.76
CA LEU A 604 5.19 -72.40 -33.16
C LEU A 604 4.97 -73.72 -33.91
N ASN A 605 4.97 -74.81 -33.16
CA ASN A 605 4.79 -76.17 -33.69
C ASN A 605 3.45 -76.35 -34.41
N ASP A 606 3.44 -76.04 -35.71
CA ASP A 606 2.24 -76.18 -36.50
C ASP A 606 1.87 -77.64 -36.72
N ASN A 607 2.75 -78.54 -36.29
CA ASN A 607 2.52 -79.98 -36.43
C ASN A 607 1.21 -80.33 -35.71
N VAL A 608 1.15 -79.98 -34.44
CA VAL A 608 -0.03 -80.24 -33.62
C VAL A 608 -1.13 -79.28 -34.04
N THR A 609 -0.73 -78.08 -34.43
CA THR A 609 -1.66 -77.04 -34.88
C THR A 609 -2.75 -77.55 -35.82
N SER A 610 -2.37 -78.16 -36.94
CA SER A 610 -3.35 -78.68 -37.91
C SER A 610 -3.95 -79.98 -37.40
N LEU A 611 -3.35 -80.52 -36.35
CA LEU A 611 -3.81 -81.77 -35.75
C LEU A 611 -5.02 -81.34 -34.91
N LEU A 612 -5.01 -80.06 -34.55
CA LEU A 612 -6.08 -79.45 -33.77
C LEU A 612 -7.15 -79.00 -34.76
N ASN A 613 -6.69 -78.35 -35.82
CA ASN A 613 -7.58 -77.85 -36.87
C ASN A 613 -8.61 -78.91 -37.23
N GLN A 614 -8.24 -80.17 -37.05
CA GLN A 614 -9.13 -81.29 -37.34
C GLN A 614 -9.29 -82.13 -36.08
N SER A 615 -9.59 -81.45 -34.98
CA SER A 615 -9.79 -82.13 -33.71
C SER A 615 -11.28 -82.39 -33.54
N SER A 616 -11.63 -83.30 -32.64
CA SER A 616 -13.03 -83.63 -32.40
C SER A 616 -13.71 -82.47 -31.65
N ASP A 617 -12.97 -81.78 -30.79
CA ASP A 617 -13.51 -80.66 -30.01
C ASP A 617 -13.88 -79.51 -30.93
N LYS A 618 -15.07 -79.59 -31.51
CA LYS A 618 -15.53 -78.55 -32.42
C LYS A 618 -15.14 -77.18 -31.93
N PHE A 619 -15.46 -76.91 -30.67
CA PHE A 619 -15.14 -75.63 -30.07
C PHE A 619 -13.67 -75.27 -30.33
N VAL A 620 -12.78 -76.22 -30.05
CA VAL A 620 -11.34 -76.03 -30.23
C VAL A 620 -11.00 -76.14 -31.71
N ALA A 621 -11.91 -76.78 -32.45
CA ALA A 621 -11.78 -76.99 -33.88
C ALA A 621 -12.09 -75.66 -34.56
N ASP A 622 -13.14 -75.02 -34.05
CA ASP A 622 -13.63 -73.73 -34.52
C ASP A 622 -12.66 -72.63 -34.08
N LEU A 623 -11.92 -72.94 -33.02
CA LEU A 623 -10.93 -72.03 -32.44
C LEU A 623 -9.77 -71.82 -33.43
N TRP A 624 -9.24 -72.94 -33.92
CA TRP A 624 -8.11 -72.98 -34.88
C TRP A 624 -8.56 -73.34 -36.29
N LYS A 625 -9.87 -73.27 -36.52
CA LYS A 625 -10.48 -73.62 -37.81
C LYS A 625 -9.78 -72.99 -39.02
N ASP A 626 -9.38 -71.73 -38.86
CA ASP A 626 -8.69 -70.98 -39.91
C ASP A 626 -7.22 -70.85 -39.50
N VAL A 627 -6.42 -71.85 -39.86
CA VAL A 627 -5.01 -71.89 -39.49
C VAL A 627 -4.06 -71.85 -40.68
N ASP A 628 -4.26 -70.88 -41.54
CA ASP A 628 -3.42 -70.77 -42.72
C ASP A 628 -2.34 -69.69 -42.56
N ARG A 629 -2.07 -69.29 -41.31
CA ARG A 629 -1.03 -68.28 -41.05
C ARG A 629 0.06 -68.77 -40.07
N ILE A 630 -0.14 -69.96 -39.52
CA ILE A 630 0.80 -70.58 -38.56
C ILE A 630 2.21 -70.71 -39.14
N VAL A 631 3.21 -70.85 -38.26
CA VAL A 631 4.61 -70.99 -38.65
C VAL A 631 5.03 -72.45 -38.67
N GLY A 632 5.58 -72.88 -39.81
CA GLY A 632 6.04 -74.24 -39.99
C GLY A 632 7.48 -74.23 -40.48
N LEU A 633 7.90 -73.06 -40.95
CA LEU A 633 9.23 -72.84 -41.48
C LEU A 633 10.29 -72.74 -40.37
N PHE A 655 4.58 -64.40 -42.59
CA PHE A 655 3.85 -63.32 -43.31
C PHE A 655 4.20 -61.95 -42.75
N ARG A 656 3.49 -61.52 -41.71
CA ARG A 656 3.74 -60.22 -41.11
C ARG A 656 4.31 -60.32 -39.69
N THR A 657 5.13 -59.32 -39.40
CA THR A 657 5.80 -59.16 -38.10
C THR A 657 4.82 -58.54 -37.09
N VAL A 658 4.86 -59.09 -35.90
CA VAL A 658 4.00 -58.61 -34.81
C VAL A 658 3.99 -57.07 -34.80
N GLY A 659 5.21 -56.54 -34.75
CA GLY A 659 5.50 -55.09 -34.70
C GLY A 659 4.63 -54.29 -35.66
N GLN A 660 4.78 -54.59 -36.95
CA GLN A 660 4.03 -53.88 -38.01
C GLN A 660 2.58 -54.30 -38.00
N LEU A 661 2.31 -55.55 -37.64
CA LEU A 661 0.94 -56.02 -37.58
C LEU A 661 0.20 -55.08 -36.60
N TYR A 662 0.90 -54.69 -35.54
CA TYR A 662 0.38 -53.81 -34.51
C TYR A 662 0.25 -52.38 -35.04
N LYS A 663 1.39 -51.74 -35.26
CA LYS A 663 1.42 -50.38 -35.77
C LYS A 663 0.56 -50.24 -37.02
N GLU A 664 0.06 -51.37 -37.54
CA GLU A 664 -0.77 -51.39 -38.73
C GLU A 664 -2.23 -51.27 -38.31
N GLN A 665 -2.48 -51.57 -37.04
CA GLN A 665 -3.84 -51.50 -36.49
C GLN A 665 -3.89 -50.33 -35.51
N LEU A 666 -2.75 -50.06 -34.86
CA LEU A 666 -2.64 -48.97 -33.91
C LEU A 666 -2.49 -47.68 -34.74
N THR A 667 -2.65 -47.84 -36.06
CA THR A 667 -2.57 -46.73 -37.00
C THR A 667 -4.01 -46.52 -37.41
N LYS A 668 -4.77 -47.60 -37.37
CA LYS A 668 -6.18 -47.55 -37.72
C LYS A 668 -6.75 -46.64 -36.65
N LEU A 669 -6.51 -46.99 -35.40
CA LEU A 669 -6.98 -46.23 -34.25
C LEU A 669 -6.86 -44.71 -34.49
N MET A 670 -5.64 -44.20 -34.37
CA MET A 670 -5.34 -42.78 -34.55
C MET A 670 -5.87 -42.15 -35.83
N THR A 671 -6.45 -42.96 -36.71
CA THR A 671 -6.99 -42.46 -37.96
C THR A 671 -8.43 -42.04 -37.72
N THR A 672 -9.15 -42.85 -36.95
CA THR A 672 -10.55 -42.55 -36.63
C THR A 672 -10.60 -41.51 -35.52
N LEU A 673 -9.70 -41.61 -34.55
CA LEU A 673 -9.66 -40.65 -33.45
C LEU A 673 -9.58 -39.23 -33.98
N ARG A 674 -8.57 -38.98 -34.82
CA ARG A 674 -8.39 -37.66 -35.41
C ARG A 674 -9.62 -37.27 -36.22
N ASN A 675 -10.51 -38.24 -36.44
CA ASN A 675 -11.74 -38.03 -37.20
C ASN A 675 -12.96 -37.85 -36.29
N THR A 676 -12.72 -37.85 -34.97
CA THR A 676 -13.76 -37.68 -33.97
C THR A 676 -13.36 -36.51 -33.10
N ASN A 677 -14.09 -36.28 -32.01
CA ASN A 677 -13.77 -35.18 -31.12
C ASN A 677 -13.20 -35.70 -29.81
N PRO A 678 -11.93 -35.40 -29.54
CA PRO A 678 -11.32 -35.87 -28.30
C PRO A 678 -11.90 -35.24 -27.04
N ASN A 679 -11.94 -36.03 -25.98
CA ASN A 679 -12.46 -35.61 -24.66
C ASN A 679 -11.60 -36.34 -23.63
N PHE A 680 -10.57 -35.64 -23.17
CA PHE A 680 -9.64 -36.19 -22.21
C PHE A 680 -10.06 -36.19 -20.78
N VAL A 681 -9.81 -37.34 -20.15
CA VAL A 681 -10.07 -37.62 -18.75
C VAL A 681 -8.70 -38.06 -18.20
N ARG A 682 -7.93 -37.04 -17.83
CA ARG A 682 -6.57 -37.19 -17.31
C ARG A 682 -6.53 -37.73 -15.89
N CYS A 683 -6.62 -39.06 -15.80
CA CYS A 683 -6.57 -39.77 -14.52
C CYS A 683 -5.13 -39.73 -14.03
N ILE A 684 -4.99 -39.33 -12.76
CA ILE A 684 -3.70 -39.20 -12.12
C ILE A 684 -3.58 -40.07 -10.88
N ILE A 685 -2.55 -40.92 -10.87
CA ILE A 685 -2.25 -41.80 -9.74
C ILE A 685 -1.82 -40.90 -8.57
N PRO A 686 -2.24 -41.24 -7.34
CA PRO A 686 -1.93 -40.50 -6.11
C PRO A 686 -0.64 -40.89 -5.41
N ASN A 687 -0.40 -42.18 -5.28
CA ASN A 687 0.79 -42.69 -4.62
C ASN A 687 1.09 -44.13 -5.02
N HIS A 688 2.33 -44.55 -4.79
CA HIS A 688 2.76 -45.89 -5.12
C HIS A 688 2.64 -46.86 -3.96
N GLU A 689 1.99 -46.43 -2.90
CA GLU A 689 1.82 -47.28 -1.73
C GLU A 689 0.54 -48.10 -1.85
N LYS A 690 -0.25 -47.81 -2.88
CA LYS A 690 -1.51 -48.50 -3.10
C LYS A 690 -2.40 -48.22 -1.89
N ARG A 691 -2.04 -47.18 -1.15
CA ARG A 691 -2.77 -46.76 0.04
C ARG A 691 -3.54 -45.47 -0.25
N ALA A 692 -4.79 -45.44 0.18
CA ALA A 692 -5.64 -44.27 -0.04
C ALA A 692 -5.34 -43.22 1.04
N GLY A 693 -5.91 -42.03 0.87
CA GLY A 693 -5.68 -40.98 1.85
C GLY A 693 -4.28 -40.38 1.74
N LYS A 694 -3.41 -41.05 1.00
CA LYS A 694 -2.05 -40.58 0.81
C LYS A 694 -1.95 -39.97 -0.57
N LEU A 695 -1.29 -38.83 -0.67
CA LEU A 695 -1.11 -38.14 -1.93
C LEU A 695 0.33 -37.69 -2.10
N ASP A 696 1.06 -38.43 -2.91
CA ASP A 696 2.46 -38.15 -3.20
C ASP A 696 2.56 -36.76 -3.83
N ALA A 697 3.44 -35.96 -3.24
CA ALA A 697 3.70 -34.59 -3.68
C ALA A 697 4.16 -34.52 -5.12
N HIS A 698 5.48 -34.54 -5.27
CA HIS A 698 6.16 -34.46 -6.55
C HIS A 698 5.57 -35.40 -7.59
N LEU A 699 5.48 -36.68 -7.24
CA LEU A 699 4.94 -37.69 -8.14
C LEU A 699 3.71 -37.15 -8.87
N VAL A 700 2.77 -36.67 -8.06
CA VAL A 700 1.51 -36.10 -8.54
C VAL A 700 1.78 -34.84 -9.34
N LEU A 701 2.79 -34.11 -8.88
CA LEU A 701 3.26 -32.86 -9.44
C LEU A 701 3.88 -33.04 -10.82
N GLU A 702 4.73 -34.06 -10.95
CA GLU A 702 5.42 -34.36 -12.20
C GLU A 702 4.48 -34.94 -13.24
N GLN A 703 3.57 -35.79 -12.79
CA GLN A 703 2.59 -36.42 -13.67
C GLN A 703 1.85 -35.31 -14.41
N LEU A 704 1.59 -34.24 -13.67
CA LEU A 704 0.89 -33.06 -14.15
C LEU A 704 1.71 -32.37 -15.25
N ARG A 705 3.03 -32.42 -15.06
CA ARG A 705 3.98 -31.82 -15.99
C ARG A 705 4.18 -32.66 -17.25
N CYS A 706 4.30 -33.96 -17.03
CA CYS A 706 4.49 -34.93 -18.11
C CYS A 706 3.16 -35.35 -18.73
N ASN A 707 2.15 -34.50 -18.51
CA ASN A 707 0.80 -34.72 -19.03
C ASN A 707 0.34 -33.42 -19.68
N GLY A 708 1.26 -32.46 -19.70
CA GLY A 708 1.04 -31.14 -20.27
C GLY A 708 -0.23 -30.49 -19.79
N VAL A 709 -0.39 -30.47 -18.48
CA VAL A 709 -1.57 -29.90 -17.83
C VAL A 709 -1.54 -28.37 -17.90
N LEU A 710 -0.60 -27.81 -17.15
CA LEU A 710 -0.40 -26.36 -17.06
C LEU A 710 -0.49 -25.67 -18.42
N GLU A 711 0.19 -26.26 -19.40
CA GLU A 711 0.21 -25.73 -20.77
C GLU A 711 -1.18 -25.77 -21.39
N GLY A 712 -1.91 -26.83 -21.04
CA GLY A 712 -3.25 -27.04 -21.52
C GLY A 712 -4.19 -25.93 -21.08
N ILE A 713 -4.04 -25.56 -19.81
CA ILE A 713 -4.83 -24.50 -19.19
C ILE A 713 -4.44 -23.15 -19.79
N ARG A 714 -3.18 -23.06 -20.19
CA ARG A 714 -2.61 -21.85 -20.79
C ARG A 714 -3.33 -21.50 -22.08
N ILE A 715 -3.43 -22.49 -22.96
CA ILE A 715 -4.10 -22.32 -24.26
C ILE A 715 -5.57 -21.99 -24.08
N CYS A 716 -6.17 -22.66 -23.11
CA CYS A 716 -7.58 -22.49 -22.78
C CYS A 716 -7.91 -21.05 -22.42
N ARG A 717 -7.06 -20.46 -21.59
CA ARG A 717 -7.27 -19.08 -21.13
C ARG A 717 -6.48 -18.07 -21.96
N GLN A 718 -5.47 -18.57 -22.69
CA GLN A 718 -4.61 -17.72 -23.53
C GLN A 718 -5.30 -17.35 -24.85
N GLY A 719 -5.80 -18.38 -25.54
CA GLY A 719 -6.47 -18.21 -26.81
C GLY A 719 -7.98 -18.15 -26.68
N PHE A 720 -8.67 -18.38 -27.82
CA PHE A 720 -10.12 -18.36 -27.91
C PHE A 720 -10.59 -19.80 -28.20
N PRO A 721 -10.55 -20.65 -27.17
CA PRO A 721 -10.94 -22.05 -27.29
C PRO A 721 -12.36 -22.30 -27.79
N ASN A 722 -12.97 -21.28 -28.40
CA ASN A 722 -14.32 -21.43 -28.93
C ASN A 722 -14.48 -20.71 -30.27
N ARG A 723 -15.28 -21.32 -31.15
CA ARG A 723 -15.50 -20.76 -32.48
C ARG A 723 -16.88 -21.11 -32.97
N ILE A 724 -17.37 -20.33 -33.92
CA ILE A 724 -18.69 -20.53 -34.50
C ILE A 724 -18.84 -19.78 -35.80
N VAL A 725 -19.25 -20.52 -36.83
CA VAL A 725 -19.49 -19.97 -38.15
C VAL A 725 -20.60 -18.94 -38.01
N PHE A 726 -20.44 -17.84 -38.74
CA PHE A 726 -21.39 -16.74 -38.75
C PHE A 726 -22.83 -17.23 -38.70
N GLN A 727 -23.30 -17.64 -39.87
CA GLN A 727 -24.66 -18.14 -40.06
C GLN A 727 -25.37 -18.62 -38.79
N GLU A 728 -24.78 -19.63 -38.17
CA GLU A 728 -25.31 -20.23 -36.94
C GLU A 728 -25.34 -19.29 -35.74
N PHE A 729 -24.27 -18.52 -35.59
CA PHE A 729 -24.17 -17.57 -34.48
C PHE A 729 -25.31 -16.57 -34.51
N ARG A 730 -25.54 -16.03 -35.71
CA ARG A 730 -26.58 -15.04 -35.96
C ARG A 730 -27.95 -15.71 -35.96
N GLN A 731 -27.94 -17.00 -36.28
CA GLN A 731 -29.14 -17.82 -36.34
C GLN A 731 -29.75 -18.03 -34.96
N ARG A 732 -28.87 -18.15 -33.97
CA ARG A 732 -29.26 -18.37 -32.60
C ARG A 732 -29.44 -17.09 -31.80
N TYR A 733 -28.32 -16.40 -31.59
CA TYR A 733 -28.29 -15.15 -30.85
C TYR A 733 -28.66 -13.93 -31.66
N GLU A 734 -29.96 -13.81 -31.92
CA GLU A 734 -30.53 -12.70 -32.68
C GLU A 734 -31.71 -12.17 -31.89
N ILE A 735 -32.39 -13.11 -31.23
CA ILE A 735 -33.55 -12.86 -30.39
C ILE A 735 -33.09 -11.99 -29.23
N LEU A 736 -31.76 -11.98 -29.06
CA LEU A 736 -31.07 -11.22 -28.02
C LEU A 736 -30.60 -9.90 -28.60
N ALA A 737 -30.73 -9.80 -29.93
CA ALA A 737 -30.35 -8.62 -30.71
C ALA A 737 -31.27 -8.52 -31.92
N ALA A 738 -32.51 -8.12 -31.66
CA ALA A 738 -33.56 -7.96 -32.66
C ALA A 738 -33.32 -6.76 -33.56
N ASN A 739 -33.14 -5.61 -32.92
CA ASN A 739 -32.91 -4.34 -33.59
C ASN A 739 -31.43 -4.10 -33.84
N ALA A 740 -30.88 -4.85 -34.80
CA ALA A 740 -29.48 -4.77 -35.17
C ALA A 740 -29.30 -4.82 -36.67
N ILE A 741 -29.64 -5.98 -37.23
CA ILE A 741 -29.55 -6.26 -38.66
C ILE A 741 -30.73 -5.68 -39.44
N PRO A 742 -30.45 -4.94 -40.52
CA PRO A 742 -31.55 -4.38 -41.31
C PRO A 742 -32.42 -5.54 -41.77
N LYS A 743 -33.29 -5.27 -42.74
CA LYS A 743 -34.21 -6.26 -43.29
C LYS A 743 -33.62 -7.08 -44.43
N GLY A 744 -32.60 -6.51 -45.06
CA GLY A 744 -31.95 -7.15 -46.19
C GLY A 744 -31.03 -8.30 -45.82
N PHE A 745 -30.82 -9.17 -46.81
CA PHE A 745 -29.96 -10.37 -46.71
C PHE A 745 -28.53 -9.93 -47.02
N MET A 746 -27.75 -9.68 -45.96
CA MET A 746 -26.38 -9.23 -46.09
C MET A 746 -25.37 -10.24 -45.57
N ASP A 747 -24.10 -9.87 -45.78
CA ASP A 747 -22.93 -10.64 -45.38
C ASP A 747 -23.03 -11.13 -43.95
N GLY A 748 -22.88 -12.44 -43.80
CA GLY A 748 -22.96 -13.09 -42.51
C GLY A 748 -21.94 -12.53 -41.54
N LYS A 749 -20.89 -11.92 -42.10
CA LYS A 749 -19.82 -11.32 -41.32
C LYS A 749 -20.25 -9.99 -40.70
N GLN A 750 -20.74 -9.10 -41.56
CA GLN A 750 -21.18 -7.77 -41.14
C GLN A 750 -22.46 -7.82 -40.32
N ALA A 751 -23.26 -8.85 -40.57
CA ALA A 751 -24.53 -9.03 -39.87
C ALA A 751 -24.25 -9.44 -38.43
N CYS A 752 -23.30 -10.37 -38.31
CA CYS A 752 -22.85 -10.92 -37.04
C CYS A 752 -22.13 -9.85 -36.23
N ILE A 753 -21.43 -8.98 -36.95
CA ILE A 753 -20.66 -7.88 -36.37
C ILE A 753 -21.60 -6.92 -35.66
N LEU A 754 -22.72 -6.64 -36.34
CA LEU A 754 -23.75 -5.74 -35.85
C LEU A 754 -24.41 -6.27 -34.59
N MET A 755 -24.54 -7.60 -34.55
CA MET A 755 -25.14 -8.29 -33.40
C MET A 755 -24.26 -8.15 -32.17
N ILE A 756 -22.99 -8.52 -32.36
CA ILE A 756 -21.97 -8.48 -31.31
C ILE A 756 -21.79 -7.07 -30.76
N LYS A 757 -21.87 -6.09 -31.67
CA LYS A 757 -21.72 -4.68 -31.34
C LYS A 757 -22.87 -4.17 -30.48
N ALA A 758 -24.06 -4.72 -30.74
CA ALA A 758 -25.29 -4.37 -30.02
C ALA A 758 -25.20 -4.77 -28.55
N LEU A 759 -24.68 -5.97 -28.31
CA LEU A 759 -24.53 -6.49 -26.94
C LEU A 759 -23.23 -5.98 -26.35
N GLU A 760 -22.65 -4.99 -27.02
CA GLU A 760 -21.41 -4.34 -26.61
C GLU A 760 -20.40 -5.34 -26.08
N LEU A 761 -20.18 -6.41 -26.85
CA LEU A 761 -19.21 -7.45 -26.49
C LEU A 761 -17.82 -6.82 -26.47
N ASP A 762 -17.05 -7.09 -25.41
CA ASP A 762 -15.71 -6.54 -25.29
C ASP A 762 -14.79 -7.15 -26.32
N PRO A 763 -14.25 -6.31 -27.20
CA PRO A 763 -13.33 -6.71 -28.26
C PRO A 763 -12.15 -7.56 -27.78
N ASN A 764 -12.29 -8.23 -26.63
CA ASN A 764 -11.17 -9.02 -26.17
C ASN A 764 -11.55 -10.38 -25.70
N LEU A 765 -12.84 -10.61 -25.67
CA LEU A 765 -13.29 -11.96 -25.34
C LEU A 765 -13.38 -12.85 -26.58
N TYR A 766 -13.75 -12.11 -27.68
CA TYR A 766 -13.91 -12.75 -28.98
C TYR A 766 -12.90 -12.21 -29.98
N ARG A 767 -12.66 -13.02 -31.04
CA ARG A 767 -11.72 -12.68 -32.12
C ARG A 767 -12.42 -12.97 -33.46
N ILE A 768 -12.59 -11.97 -34.31
CA ILE A 768 -13.26 -12.16 -35.61
C ILE A 768 -12.40 -12.75 -36.74
N GLY A 769 -13.02 -13.61 -37.55
CA GLY A 769 -12.31 -14.25 -38.66
C GLY A 769 -13.02 -14.19 -40.01
N GLN A 770 -12.59 -15.06 -40.93
CA GLN A 770 -13.14 -15.14 -42.28
C GLN A 770 -14.61 -15.48 -42.29
N SER A 771 -14.95 -16.64 -41.75
CA SER A 771 -16.32 -17.10 -41.68
C SER A 771 -16.41 -17.95 -40.41
N LYS A 772 -16.41 -17.27 -39.28
CA LYS A 772 -16.46 -17.96 -38.00
C LYS A 772 -15.99 -16.98 -36.91
N ILE A 773 -16.49 -17.14 -35.68
CA ILE A 773 -16.07 -16.26 -34.57
C ILE A 773 -15.35 -17.06 -33.50
N PHE A 774 -14.32 -16.45 -32.92
CA PHE A 774 -13.55 -17.12 -31.89
C PHE A 774 -13.75 -16.45 -30.55
N PHE A 775 -14.84 -16.83 -29.88
CA PHE A 775 -15.18 -16.30 -28.58
C PHE A 775 -14.31 -16.88 -27.47
N ARG A 776 -14.21 -16.16 -26.35
CA ARG A 776 -13.42 -16.62 -25.22
C ARG A 776 -14.29 -17.63 -24.48
N THR A 777 -13.74 -18.25 -23.44
CA THR A 777 -14.47 -19.24 -22.67
C THR A 777 -15.68 -18.63 -21.97
N GLY A 778 -16.77 -19.42 -21.93
CA GLY A 778 -18.01 -19.03 -21.30
C GLY A 778 -18.64 -17.78 -21.88
N VAL A 779 -17.91 -17.13 -22.77
CA VAL A 779 -18.41 -15.90 -23.41
C VAL A 779 -19.61 -16.27 -24.28
N LEU A 780 -19.76 -17.58 -24.50
CA LEU A 780 -20.84 -18.15 -25.29
C LEU A 780 -21.96 -18.68 -24.40
N ALA A 781 -21.56 -19.14 -23.22
CA ALA A 781 -22.50 -19.67 -22.24
C ALA A 781 -23.46 -18.57 -21.81
N HIS A 782 -22.91 -17.36 -21.70
CA HIS A 782 -23.68 -16.19 -21.30
C HIS A 782 -24.77 -15.90 -22.33
N LEU A 783 -24.36 -15.89 -23.60
CA LEU A 783 -25.25 -15.65 -24.73
C LEU A 783 -26.35 -16.70 -24.78
N GLU A 784 -25.92 -17.92 -24.48
CA GLU A 784 -26.77 -19.11 -24.46
C GLU A 784 -27.87 -19.03 -23.40
N GLU A 785 -27.45 -18.60 -22.21
CA GLU A 785 -28.34 -18.47 -21.06
C GLU A 785 -29.32 -17.33 -21.22
N GLU A 786 -28.81 -16.22 -21.76
CA GLU A 786 -29.62 -15.02 -21.99
C GLU A 786 -30.73 -15.33 -22.99
N ARG A 787 -30.35 -16.07 -24.02
CA ARG A 787 -31.26 -16.47 -25.10
C ARG A 787 -32.33 -17.41 -24.58
N ASP A 788 -31.93 -18.32 -23.70
CA ASP A 788 -32.82 -19.32 -23.10
C ASP A 788 -33.87 -18.63 -22.23
N LEU A 789 -33.41 -17.60 -21.52
CA LEU A 789 -34.22 -16.79 -20.62
C LEU A 789 -35.33 -16.06 -21.37
N LYS A 790 -34.95 -15.54 -22.54
CA LYS A 790 -35.83 -14.78 -23.42
C LYS A 790 -36.83 -15.64 -24.19
N ILE A 791 -37.10 -16.84 -23.69
CA ILE A 791 -38.04 -17.74 -24.36
C ILE A 791 -38.74 -18.70 -23.39
N THR A 792 -38.21 -18.78 -22.18
CA THR A 792 -38.76 -19.67 -21.15
C THR A 792 -40.29 -19.60 -21.14
N ASP A 793 -40.81 -18.42 -20.82
CA ASP A 793 -42.25 -18.17 -20.75
C ASP A 793 -42.96 -18.87 -21.90
N VAL A 794 -42.60 -18.47 -23.11
CA VAL A 794 -43.16 -19.02 -24.33
C VAL A 794 -43.09 -20.55 -24.28
N ILE A 795 -41.98 -21.05 -23.75
CA ILE A 795 -41.73 -22.48 -23.60
C ILE A 795 -42.67 -23.05 -22.54
N ILE A 796 -42.97 -22.23 -21.53
CA ILE A 796 -43.86 -22.60 -20.43
C ILE A 796 -45.30 -22.59 -20.92
N ALA A 797 -45.61 -21.57 -21.73
CA ALA A 797 -46.93 -21.37 -22.31
C ALA A 797 -47.29 -22.55 -23.20
N PHE A 798 -46.38 -22.84 -24.12
CA PHE A 798 -46.54 -23.94 -25.08
C PHE A 798 -46.47 -25.29 -24.37
N GLN A 799 -45.65 -25.33 -23.33
CA GLN A 799 -45.47 -26.53 -22.52
C GLN A 799 -46.80 -26.94 -21.93
N ALA A 800 -47.54 -25.93 -21.49
CA ALA A 800 -48.87 -26.08 -20.89
C ALA A 800 -49.87 -26.56 -21.94
N GLN A 801 -49.71 -26.03 -23.15
CA GLN A 801 -50.57 -26.36 -24.27
C GLN A 801 -50.37 -27.82 -24.67
N CYS A 802 -49.11 -28.24 -24.63
CA CYS A 802 -48.70 -29.60 -24.96
C CYS A 802 -49.25 -30.57 -23.92
N ARG A 803 -49.24 -30.13 -22.67
CA ARG A 803 -49.74 -30.90 -21.53
C ARG A 803 -51.22 -31.17 -21.70
N GLY A 804 -51.93 -30.11 -22.07
CA GLY A 804 -53.36 -30.14 -22.29
C GLY A 804 -53.71 -31.18 -23.33
N TYR A 805 -52.95 -31.16 -24.43
CA TYR A 805 -53.12 -32.08 -25.53
C TYR A 805 -52.91 -33.51 -25.06
N LEU A 806 -51.84 -33.68 -24.28
CA LEU A 806 -51.44 -34.96 -23.71
C LEU A 806 -52.49 -35.50 -22.76
N ALA A 807 -52.93 -34.62 -21.87
CA ALA A 807 -53.94 -34.93 -20.85
C ALA A 807 -55.26 -35.39 -21.44
N ARG A 808 -55.77 -34.60 -22.38
CA ARG A 808 -57.03 -34.87 -23.05
C ARG A 808 -56.96 -36.04 -24.00
N LYS A 809 -55.75 -36.34 -24.46
CA LYS A 809 -55.52 -37.43 -25.41
C LYS A 809 -55.47 -38.82 -24.76
N ALA A 810 -54.76 -38.91 -23.64
CA ALA A 810 -54.62 -40.19 -22.93
C ALA A 810 -55.93 -40.64 -22.31
N PHE A 811 -56.61 -39.65 -21.75
CA PHE A 811 -57.89 -39.83 -21.08
C PHE A 811 -58.98 -40.30 -22.02
N ALA A 812 -58.80 -40.02 -23.31
CA ALA A 812 -59.75 -40.39 -24.35
C ALA A 812 -59.63 -41.87 -24.70
N LYS A 813 -58.42 -42.39 -24.53
CA LYS A 813 -58.09 -43.78 -24.83
C LYS A 813 -58.56 -44.73 -23.72
N ARG A 814 -58.41 -44.28 -22.47
CA ARG A 814 -58.83 -45.09 -21.32
C ARG A 814 -60.35 -45.21 -21.30
N GLN A 815 -61.00 -44.13 -21.71
CA GLN A 815 -62.45 -44.04 -21.77
C GLN A 815 -63.01 -45.09 -22.72
N GLN A 816 -62.21 -45.38 -23.75
CA GLN A 816 -62.55 -46.34 -24.79
C GLN A 816 -62.50 -47.80 -24.30
N GLN A 817 -61.54 -48.07 -23.41
CA GLN A 817 -61.37 -49.42 -22.86
C GLN A 817 -62.58 -49.85 -22.07
N LEU A 818 -63.04 -48.95 -21.21
CA LEU A 818 -64.20 -49.17 -20.35
C LEU A 818 -65.42 -49.58 -21.16
N GLY A 819 -65.64 -48.83 -22.24
CA GLY A 819 -66.78 -49.06 -23.11
C GLY A 819 -66.74 -50.38 -23.84
N SER A 820 -65.52 -50.85 -24.10
CA SER A 820 -65.24 -52.10 -24.81
C SER A 820 -65.72 -53.37 -24.12
N PHE B 3 -70.65 -21.03 -16.61
CA PHE B 3 -70.88 -22.23 -17.47
C PHE B 3 -72.37 -22.54 -17.57
N SER B 4 -72.79 -23.01 -18.74
CA SER B 4 -74.19 -23.34 -18.97
C SER B 4 -74.59 -24.61 -18.22
N GLU B 5 -75.90 -24.73 -17.99
CA GLU B 5 -76.51 -25.85 -17.27
C GLU B 5 -76.40 -27.17 -18.00
N GLU B 6 -76.53 -27.10 -19.32
CA GLU B 6 -76.45 -28.26 -20.19
C GLU B 6 -75.02 -28.80 -20.24
N GLN B 7 -74.09 -27.86 -20.37
CA GLN B 7 -72.66 -28.14 -20.45
C GLN B 7 -72.09 -28.42 -19.07
N THR B 8 -72.68 -27.77 -18.07
CA THR B 8 -72.29 -27.89 -16.67
C THR B 8 -72.62 -29.27 -16.13
N ALA B 9 -73.68 -29.84 -16.70
CA ALA B 9 -74.15 -31.17 -16.33
C ALA B 9 -73.17 -32.21 -16.85
N GLU B 10 -72.73 -31.99 -18.09
CA GLU B 10 -71.77 -32.84 -18.77
C GLU B 10 -70.43 -32.71 -18.06
N PHE B 11 -70.22 -31.52 -17.49
CA PHE B 11 -69.01 -31.17 -16.75
C PHE B 11 -68.86 -32.14 -15.59
N LYS B 12 -69.98 -32.36 -14.90
CA LYS B 12 -70.06 -33.25 -13.74
C LYS B 12 -69.70 -34.66 -14.14
N GLU B 13 -70.25 -35.11 -15.26
CA GLU B 13 -70.01 -36.45 -15.79
C GLU B 13 -68.52 -36.69 -15.94
N ALA B 14 -67.92 -35.80 -16.72
CA ALA B 14 -66.49 -35.81 -17.02
C ALA B 14 -65.65 -35.81 -15.76
N PHE B 15 -66.18 -35.16 -14.74
CA PHE B 15 -65.50 -35.04 -13.45
C PHE B 15 -65.51 -36.34 -12.66
N GLN B 16 -66.69 -36.95 -12.56
CA GLN B 16 -66.89 -38.20 -11.83
C GLN B 16 -66.31 -39.38 -12.59
N LEU B 17 -65.97 -39.13 -13.85
CA LEU B 17 -65.40 -40.13 -14.72
C LEU B 17 -63.92 -40.24 -14.36
N PHE B 18 -63.51 -39.28 -13.52
CA PHE B 18 -62.16 -39.13 -13.00
C PHE B 18 -62.12 -39.51 -11.53
N ASP B 19 -62.12 -40.82 -11.27
CA ASP B 19 -62.09 -41.35 -9.90
C ASP B 19 -62.21 -42.87 -9.92
N ARG B 20 -61.26 -43.56 -9.31
CA ARG B 20 -61.29 -45.03 -9.27
C ARG B 20 -62.50 -45.57 -8.51
N THR B 21 -62.44 -45.49 -7.19
CA THR B 21 -63.53 -45.99 -6.32
C THR B 21 -64.80 -45.18 -6.61
N GLY B 22 -65.16 -44.22 -5.74
CA GLY B 22 -66.38 -43.44 -6.02
C GLY B 22 -66.77 -42.32 -5.02
N ASP B 23 -65.86 -41.90 -4.14
CA ASP B 23 -66.19 -40.81 -3.19
C ASP B 23 -66.67 -39.58 -3.95
N GLY B 24 -66.53 -39.61 -5.27
CA GLY B 24 -66.95 -38.48 -6.07
C GLY B 24 -66.01 -37.33 -5.80
N LYS B 25 -64.79 -37.67 -5.41
CA LYS B 25 -63.76 -36.68 -5.10
C LYS B 25 -62.57 -36.78 -6.06
N ILE B 26 -62.19 -35.64 -6.60
CA ILE B 26 -61.07 -35.57 -7.52
C ILE B 26 -59.81 -35.34 -6.66
N LEU B 27 -58.90 -36.30 -6.71
CA LEU B 27 -57.64 -36.19 -5.96
C LEU B 27 -57.08 -34.79 -6.19
N TYR B 28 -56.34 -34.30 -5.24
CA TYR B 28 -55.77 -32.95 -5.36
C TYR B 28 -54.83 -32.87 -6.56
N SER B 29 -54.06 -33.92 -6.76
CA SER B 29 -53.13 -33.98 -7.89
C SER B 29 -53.92 -34.26 -9.17
N GLN B 30 -54.91 -35.13 -9.01
CA GLN B 30 -55.79 -35.57 -10.10
C GLN B 30 -56.85 -34.49 -10.40
N CYS B 31 -56.37 -33.28 -10.63
CA CYS B 31 -57.25 -32.14 -10.92
C CYS B 31 -56.91 -31.51 -12.27
N GLY B 32 -55.62 -31.40 -12.50
CA GLY B 32 -55.06 -30.81 -13.72
C GLY B 32 -55.68 -31.42 -14.98
N ASP B 33 -55.55 -32.73 -15.08
CA ASP B 33 -56.03 -33.51 -16.23
C ASP B 33 -57.56 -33.39 -16.39
N VAL B 34 -58.22 -33.30 -15.25
CA VAL B 34 -59.69 -33.17 -15.22
C VAL B 34 -60.14 -31.88 -15.90
N MET B 35 -59.42 -30.83 -15.57
CA MET B 35 -59.68 -29.48 -16.11
C MET B 35 -59.37 -29.43 -17.60
N ARG B 36 -58.22 -29.98 -17.95
CA ARG B 36 -57.73 -30.04 -19.33
C ARG B 36 -58.72 -30.83 -20.20
N ALA B 37 -59.13 -31.95 -19.65
CA ALA B 37 -60.08 -32.87 -20.31
C ALA B 37 -61.34 -32.10 -20.72
N LEU B 38 -61.67 -31.12 -19.90
CA LEU B 38 -62.84 -30.27 -20.12
C LEU B 38 -62.50 -29.21 -21.17
N GLY B 39 -61.38 -29.46 -21.83
CA GLY B 39 -60.86 -28.62 -22.92
C GLY B 39 -60.17 -27.37 -22.40
N GLN B 40 -59.51 -27.49 -21.27
CA GLN B 40 -58.78 -26.36 -20.68
C GLN B 40 -57.27 -26.63 -20.69
N ASN B 41 -56.53 -25.56 -20.95
CA ASN B 41 -55.07 -25.61 -21.04
C ASN B 41 -54.43 -24.79 -19.91
N PRO B 42 -54.90 -24.93 -18.67
CA PRO B 42 -54.31 -24.19 -17.55
C PRO B 42 -52.86 -24.59 -17.39
N THR B 43 -52.03 -23.58 -17.12
CA THR B 43 -50.58 -23.80 -16.90
C THR B 43 -50.40 -24.58 -15.60
N ASN B 44 -49.21 -25.13 -15.43
CA ASN B 44 -48.87 -25.92 -14.24
C ASN B 44 -48.61 -24.99 -13.04
N ALA B 45 -49.10 -23.78 -13.18
CA ALA B 45 -48.96 -22.75 -12.14
C ALA B 45 -50.33 -22.34 -11.58
N GLU B 46 -51.17 -21.89 -12.49
CA GLU B 46 -52.53 -21.43 -12.18
C GLU B 46 -53.23 -22.45 -11.25
N VAL B 47 -53.20 -23.69 -11.68
CA VAL B 47 -53.81 -24.80 -10.94
C VAL B 47 -53.34 -24.81 -9.49
N MET B 48 -52.03 -24.70 -9.35
CA MET B 48 -51.37 -24.68 -8.03
C MET B 48 -51.82 -23.48 -7.21
N LYS B 49 -51.92 -22.36 -7.91
CA LYS B 49 -52.31 -21.07 -7.31
C LYS B 49 -53.70 -21.16 -6.70
N VAL B 50 -54.58 -21.85 -7.43
CA VAL B 50 -55.98 -22.05 -7.04
C VAL B 50 -56.11 -23.16 -5.99
N LEU B 51 -55.03 -23.89 -5.83
CA LEU B 51 -54.97 -25.04 -4.91
C LEU B 51 -54.39 -24.64 -3.55
N GLY B 52 -54.24 -23.35 -3.36
CA GLY B 52 -53.67 -22.80 -2.13
C GLY B 52 -52.19 -23.16 -2.06
N ASN B 53 -51.79 -23.92 -3.06
CA ASN B 53 -50.41 -24.38 -3.24
C ASN B 53 -50.12 -25.55 -2.31
N PRO B 54 -50.94 -26.62 -2.32
CA PRO B 54 -50.70 -27.77 -1.46
C PRO B 54 -49.35 -28.37 -1.77
N LYS B 55 -48.96 -29.32 -0.93
CA LYS B 55 -47.67 -30.03 -1.07
C LYS B 55 -47.90 -31.41 -1.70
N SER B 56 -46.90 -31.84 -2.45
CA SER B 56 -46.90 -33.13 -3.17
C SER B 56 -47.47 -34.25 -2.28
N ASP B 57 -47.08 -34.21 -1.03
CA ASP B 57 -47.50 -35.22 -0.04
C ASP B 57 -49.01 -35.18 0.18
N GLU B 58 -49.51 -33.98 0.44
CA GLU B 58 -50.93 -33.74 0.69
C GLU B 58 -51.74 -33.81 -0.60
N MET B 59 -51.04 -33.62 -1.69
CA MET B 59 -51.64 -33.62 -3.04
C MET B 59 -52.17 -34.99 -3.41
N ASN B 60 -51.46 -36.01 -2.92
CA ASN B 60 -51.78 -37.42 -3.18
C ASN B 60 -52.83 -37.95 -2.21
N LEU B 61 -53.15 -37.16 -1.18
CA LEU B 61 -54.12 -37.55 -0.16
C LEU B 61 -55.15 -36.48 0.14
N LYS B 62 -55.41 -35.62 -0.85
CA LYS B 62 -56.39 -34.56 -0.73
C LYS B 62 -57.60 -34.89 -1.60
N THR B 63 -58.74 -34.32 -1.27
CA THR B 63 -59.97 -34.56 -2.00
C THR B 63 -60.54 -33.32 -2.64
N LEU B 64 -61.51 -33.52 -3.53
CA LEU B 64 -62.18 -32.45 -4.25
C LEU B 64 -63.46 -32.95 -4.91
N LYS B 65 -64.59 -32.46 -4.38
CA LYS B 65 -65.92 -32.81 -4.87
C LYS B 65 -66.22 -31.99 -6.13
N PHE B 66 -66.95 -32.60 -7.06
CA PHE B 66 -67.32 -31.93 -8.30
C PHE B 66 -67.84 -30.54 -8.00
N GLU B 67 -68.67 -30.48 -6.96
CA GLU B 67 -69.29 -29.24 -6.50
C GLU B 67 -68.22 -28.26 -6.03
N GLN B 68 -67.18 -28.81 -5.42
CA GLN B 68 -66.04 -28.06 -4.89
C GLN B 68 -65.12 -27.58 -6.01
N PHE B 69 -65.11 -28.39 -7.08
CA PHE B 69 -64.31 -28.20 -8.28
C PHE B 69 -64.84 -27.10 -9.18
N LEU B 70 -66.17 -26.97 -9.20
CA LEU B 70 -66.88 -25.99 -10.02
C LEU B 70 -66.32 -24.56 -9.98
N PRO B 71 -66.16 -23.99 -8.78
CA PRO B 71 -65.64 -22.62 -8.69
C PRO B 71 -64.30 -22.42 -9.35
N MET B 72 -63.46 -23.45 -9.18
CA MET B 72 -62.10 -23.47 -9.73
C MET B 72 -62.07 -23.52 -11.25
N MET B 73 -62.98 -24.32 -11.79
CA MET B 73 -63.11 -24.51 -13.24
C MET B 73 -63.32 -23.21 -14.00
N GLN B 74 -64.34 -22.47 -13.59
CA GLN B 74 -64.71 -21.20 -14.20
C GLN B 74 -63.62 -20.16 -14.04
N THR B 75 -63.17 -19.99 -12.79
CA THR B 75 -62.13 -19.04 -12.45
C THR B 75 -60.93 -19.22 -13.38
N ILE B 76 -60.52 -20.47 -13.52
CA ILE B 76 -59.40 -20.88 -14.36
C ILE B 76 -59.75 -20.64 -15.83
N ALA B 77 -61.01 -20.96 -16.15
CA ALA B 77 -61.57 -20.82 -17.49
C ALA B 77 -61.49 -19.38 -17.95
N LYS B 78 -61.44 -18.48 -16.96
CA LYS B 78 -61.38 -17.05 -17.17
C LYS B 78 -60.05 -16.48 -16.71
N ASN B 79 -59.24 -16.09 -17.70
CA ASN B 79 -57.92 -15.51 -17.48
C ASN B 79 -57.70 -14.36 -18.46
N LYS B 80 -56.44 -14.07 -18.79
CA LYS B 80 -56.15 -12.98 -19.72
C LYS B 80 -55.42 -13.33 -21.02
N ASP B 81 -54.30 -14.05 -20.93
CA ASP B 81 -53.55 -14.40 -22.12
C ASP B 81 -53.41 -15.89 -22.43
N GLN B 82 -53.08 -16.19 -23.68
CA GLN B 82 -52.91 -17.56 -24.17
C GLN B 82 -52.01 -17.55 -25.42
N GLY B 83 -50.87 -18.22 -25.33
CA GLY B 83 -49.91 -18.30 -26.43
C GLY B 83 -50.54 -18.74 -27.73
N CYS B 84 -49.82 -18.52 -28.84
CA CYS B 84 -50.29 -18.89 -30.17
C CYS B 84 -49.11 -18.92 -31.16
N PHE B 85 -49.38 -19.54 -32.30
CA PHE B 85 -48.41 -19.71 -33.40
C PHE B 85 -47.40 -18.55 -33.39
N GLU B 86 -47.93 -17.40 -33.72
CA GLU B 86 -47.19 -16.13 -33.82
C GLU B 86 -45.92 -16.11 -32.95
N ASP B 87 -46.10 -16.44 -31.68
CA ASP B 87 -45.00 -16.40 -30.70
C ASP B 87 -44.54 -17.81 -30.29
N TYR B 88 -45.50 -18.70 -30.11
CA TYR B 88 -45.23 -20.08 -29.71
C TYR B 88 -44.04 -20.63 -30.48
N VAL B 89 -44.27 -20.82 -31.78
CA VAL B 89 -43.26 -21.32 -32.71
C VAL B 89 -42.03 -20.42 -32.70
N GLU B 90 -42.31 -19.12 -32.78
CA GLU B 90 -41.29 -18.09 -32.79
C GLU B 90 -40.05 -18.56 -32.03
N GLY B 91 -40.31 -19.05 -30.82
CA GLY B 91 -39.26 -19.55 -29.94
C GLY B 91 -38.71 -20.87 -30.43
N LEU B 92 -39.59 -21.64 -31.06
CA LEU B 92 -39.27 -22.95 -31.62
C LEU B 92 -38.34 -22.82 -32.82
N ARG B 93 -38.47 -21.68 -33.49
CA ARG B 93 -37.68 -21.34 -34.67
C ARG B 93 -36.23 -21.10 -34.32
N VAL B 94 -36.03 -20.45 -33.18
CA VAL B 94 -34.74 -20.08 -32.63
C VAL B 94 -33.77 -21.26 -32.53
N PHE B 95 -34.32 -22.47 -32.52
CA PHE B 95 -33.53 -23.69 -32.40
C PHE B 95 -33.19 -24.31 -33.75
N ASP B 96 -33.73 -23.67 -34.79
CA ASP B 96 -33.52 -24.09 -36.17
C ASP B 96 -32.04 -24.23 -36.48
N LYS B 97 -31.63 -25.47 -36.74
CA LYS B 97 -30.25 -25.79 -37.06
C LYS B 97 -29.61 -24.65 -37.85
N GLU B 98 -30.13 -24.43 -39.05
CA GLU B 98 -29.66 -23.39 -39.96
C GLU B 98 -30.82 -22.79 -40.78
N GLY B 99 -32.00 -22.77 -40.16
CA GLY B 99 -33.21 -22.24 -40.78
C GLY B 99 -33.92 -23.27 -41.63
N ASN B 100 -33.82 -24.52 -41.20
CA ASN B 100 -34.41 -25.68 -41.87
C ASN B 100 -35.92 -25.65 -41.77
N GLY B 101 -36.43 -24.65 -41.07
CA GLY B 101 -37.87 -24.48 -40.86
C GLY B 101 -38.41 -25.71 -40.15
N THR B 102 -37.46 -26.49 -39.63
CA THR B 102 -37.74 -27.72 -38.91
C THR B 102 -36.58 -28.00 -37.93
N VAL B 103 -36.91 -28.36 -36.70
CA VAL B 103 -35.90 -28.65 -35.70
C VAL B 103 -35.80 -30.16 -35.59
N MET B 104 -34.92 -30.61 -34.70
CA MET B 104 -34.72 -32.04 -34.51
C MET B 104 -35.57 -32.57 -33.36
N GLY B 105 -35.42 -33.87 -33.11
CA GLY B 105 -36.14 -34.58 -32.07
C GLY B 105 -35.51 -34.44 -30.70
N ALA B 106 -34.22 -34.10 -30.69
CA ALA B 106 -33.46 -33.92 -29.44
C ALA B 106 -33.51 -32.46 -29.02
N GLU B 107 -33.25 -31.58 -29.97
CA GLU B 107 -33.27 -30.15 -29.74
C GLU B 107 -34.57 -29.78 -29.05
N ILE B 108 -35.65 -30.37 -29.57
CA ILE B 108 -37.01 -30.17 -29.10
C ILE B 108 -37.23 -30.83 -27.74
N ARG B 109 -36.94 -32.13 -27.69
CA ARG B 109 -37.10 -32.92 -26.47
C ARG B 109 -36.36 -32.30 -25.30
N HIS B 110 -35.08 -31.98 -25.54
CA HIS B 110 -34.21 -31.38 -24.53
C HIS B 110 -34.80 -30.10 -23.96
N VAL B 111 -35.17 -29.21 -24.88
CA VAL B 111 -35.74 -27.91 -24.55
C VAL B 111 -36.98 -28.04 -23.67
N LEU B 112 -37.97 -28.75 -24.22
CA LEU B 112 -39.26 -28.99 -23.56
C LEU B 112 -39.12 -29.71 -22.22
N VAL B 113 -37.88 -30.00 -21.84
CA VAL B 113 -37.62 -30.73 -20.59
C VAL B 113 -36.38 -30.21 -19.85
N THR B 114 -36.15 -28.91 -19.96
CA THR B 114 -35.00 -28.27 -19.32
C THR B 114 -35.27 -26.78 -19.17
N LEU B 115 -36.41 -26.37 -19.72
CA LEU B 115 -36.86 -24.99 -19.69
C LEU B 115 -38.26 -24.89 -19.11
N GLY B 116 -38.36 -24.09 -18.06
CA GLY B 116 -39.61 -23.86 -17.36
C GLY B 116 -40.24 -25.13 -16.86
N GLU B 117 -41.55 -25.20 -17.06
CA GLU B 117 -42.39 -26.33 -16.67
C GLU B 117 -42.02 -27.56 -17.48
N LYS B 118 -40.91 -28.17 -17.05
CA LYS B 118 -40.35 -29.36 -17.67
C LYS B 118 -41.28 -30.54 -17.71
N MET B 119 -41.53 -31.01 -18.93
CA MET B 119 -42.38 -32.16 -19.22
C MET B 119 -41.46 -33.39 -19.15
N THR B 120 -41.94 -34.44 -18.50
CA THR B 120 -41.19 -35.69 -18.35
C THR B 120 -40.80 -36.30 -19.68
N GLU B 121 -39.67 -37.00 -19.66
CA GLU B 121 -39.11 -37.69 -20.83
C GLU B 121 -40.23 -38.22 -21.71
N GLU B 122 -41.22 -38.82 -21.05
CA GLU B 122 -42.39 -39.38 -21.72
C GLU B 122 -43.09 -38.30 -22.54
N GLU B 123 -43.71 -37.39 -21.80
CA GLU B 123 -44.44 -36.26 -22.34
C GLU B 123 -43.87 -35.77 -23.67
N VAL B 124 -42.57 -35.53 -23.66
CA VAL B 124 -41.84 -35.03 -24.82
C VAL B 124 -41.74 -36.07 -25.94
N GLU B 125 -41.36 -37.28 -25.55
CA GLU B 125 -41.19 -38.40 -26.48
C GLU B 125 -42.48 -38.76 -27.20
N GLN B 126 -43.50 -39.10 -26.41
CA GLN B 126 -44.80 -39.50 -26.94
C GLN B 126 -45.56 -38.32 -27.55
N LEU B 127 -45.14 -37.11 -27.21
CA LEU B 127 -45.78 -35.90 -27.72
C LEU B 127 -45.48 -35.65 -29.19
N VAL B 128 -44.21 -35.80 -29.54
CA VAL B 128 -43.74 -35.60 -30.91
C VAL B 128 -43.58 -36.92 -31.64
N ALA B 129 -43.62 -37.99 -30.86
CA ALA B 129 -43.48 -39.35 -31.35
C ALA B 129 -44.30 -39.59 -32.61
N GLY B 130 -43.64 -39.43 -33.76
CA GLY B 130 -44.28 -39.63 -35.06
C GLY B 130 -44.06 -38.46 -36.01
N HIS B 131 -43.53 -37.36 -35.48
CA HIS B 131 -43.28 -36.17 -36.27
C HIS B 131 -41.86 -36.15 -36.79
N GLU B 132 -40.99 -36.88 -36.09
CA GLU B 132 -39.59 -36.97 -36.49
C GLU B 132 -39.51 -37.95 -37.65
N ASP B 133 -38.91 -37.51 -38.76
CA ASP B 133 -38.80 -38.37 -39.94
C ASP B 133 -37.58 -39.29 -39.94
N SER B 134 -37.09 -39.57 -41.15
CA SER B 134 -35.94 -40.44 -41.34
C SER B 134 -34.73 -39.82 -40.68
N ASN B 135 -34.46 -38.57 -41.02
CA ASN B 135 -33.34 -37.84 -40.46
C ASN B 135 -33.73 -37.45 -39.04
N GLY B 136 -34.97 -37.76 -38.69
CA GLY B 136 -35.49 -37.46 -37.37
C GLY B 136 -35.71 -35.98 -37.11
N CYS B 137 -36.45 -35.33 -38.01
CA CYS B 137 -36.73 -33.91 -37.89
C CYS B 137 -38.21 -33.71 -37.65
N ILE B 138 -38.56 -32.73 -36.82
CA ILE B 138 -39.96 -32.44 -36.51
C ILE B 138 -40.25 -30.98 -36.88
N ASN B 139 -41.03 -30.77 -37.94
CA ASN B 139 -41.37 -29.41 -38.33
C ASN B 139 -42.24 -28.78 -37.25
N TYR B 140 -41.73 -27.70 -36.65
CA TYR B 140 -42.44 -27.00 -35.58
C TYR B 140 -43.66 -26.27 -36.12
N GLU B 141 -43.48 -25.59 -37.26
CA GLU B 141 -44.55 -24.85 -37.91
C GLU B 141 -45.70 -25.79 -38.27
N GLU B 142 -45.73 -26.94 -37.61
CA GLU B 142 -46.74 -27.97 -37.83
C GLU B 142 -46.95 -28.83 -36.59
N LEU B 143 -45.95 -28.85 -35.72
CA LEU B 143 -46.01 -29.63 -34.48
C LEU B 143 -46.90 -28.94 -33.48
N VAL B 144 -46.64 -27.66 -33.30
CA VAL B 144 -47.38 -26.79 -32.38
C VAL B 144 -48.87 -26.81 -32.72
N ARG B 145 -49.14 -26.76 -34.02
CA ARG B 145 -50.49 -26.77 -34.57
C ARG B 145 -51.23 -28.04 -34.21
N MET B 146 -50.50 -29.15 -34.21
CA MET B 146 -51.04 -30.47 -33.90
C MET B 146 -51.52 -30.56 -32.45
N VAL B 147 -50.95 -29.71 -31.61
CA VAL B 147 -51.26 -29.67 -30.19
C VAL B 147 -52.30 -28.57 -29.89
N LEU B 148 -52.18 -27.48 -30.63
CA LEU B 148 -53.05 -26.31 -30.51
C LEU B 148 -54.41 -26.58 -31.14
N SER B 149 -54.42 -26.59 -32.47
CA SER B 149 -55.62 -26.82 -33.27
C SER B 149 -56.19 -28.21 -32.95
N GLY B 150 -55.28 -29.09 -32.53
CA GLY B 150 -55.63 -30.45 -32.17
C GLY B 150 -56.39 -30.43 -30.85
N ALA C 1 66.44 13.66 -10.86
CA ALA C 1 67.08 12.35 -10.56
C ALA C 1 66.27 11.60 -9.49
N GLN C 2 65.10 12.12 -9.16
CA GLN C 2 64.25 11.52 -8.14
C GLN C 2 62.93 10.92 -8.61
N LYS C 3 62.23 10.32 -7.65
CA LYS C 3 60.94 9.68 -7.86
C LYS C 3 59.97 10.47 -8.75
N PRO C 4 58.89 9.82 -9.21
CA PRO C 4 57.85 10.40 -10.07
C PRO C 4 56.63 10.70 -9.21
N LEU C 5 55.99 11.85 -9.41
CA LEU C 5 54.82 12.18 -8.59
C LEU C 5 53.56 12.51 -9.37
N SER C 6 52.51 11.74 -9.07
CA SER C 6 51.21 11.89 -9.70
C SER C 6 50.72 13.31 -9.79
N ASP C 7 49.63 13.49 -10.53
CA ASP C 7 49.01 14.80 -10.72
C ASP C 7 48.69 15.46 -9.37
N ASP C 8 48.43 14.63 -8.37
CA ASP C 8 48.10 15.08 -7.03
C ASP C 8 49.34 15.53 -6.27
N GLU C 9 50.43 14.78 -6.38
CA GLU C 9 51.66 15.13 -5.69
C GLU C 9 52.23 16.34 -6.40
N LYS C 10 51.66 16.64 -7.56
CA LYS C 10 52.13 17.78 -8.33
C LYS C 10 51.51 19.04 -7.73
N PHE C 11 51.05 18.92 -6.48
CA PHE C 11 50.42 20.02 -5.75
C PHE C 11 51.11 20.23 -4.40
N LEU C 12 51.92 19.26 -4.01
CA LEU C 12 52.66 19.33 -2.77
C LEU C 12 54.11 19.57 -3.18
N PHE C 13 54.67 18.64 -3.95
CA PHE C 13 56.06 18.75 -4.42
C PHE C 13 56.15 19.49 -5.74
N VAL C 14 57.36 19.59 -6.26
CA VAL C 14 57.58 20.28 -7.53
C VAL C 14 58.10 19.33 -8.62
N ASP C 15 58.23 19.84 -9.84
CA ASP C 15 58.72 19.03 -10.95
C ASP C 15 60.15 19.41 -11.26
N LYS C 16 61.07 18.65 -10.68
CA LYS C 16 62.49 18.88 -10.84
C LYS C 16 63.12 17.91 -11.83
N ASN C 17 62.65 16.67 -11.86
CA ASN C 17 63.18 15.67 -12.78
C ASN C 17 63.00 16.09 -14.24
N PHE C 18 63.91 16.95 -14.72
CA PHE C 18 63.88 17.45 -16.09
C PHE C 18 65.26 17.42 -16.72
N VAL C 19 65.31 17.83 -17.98
CA VAL C 19 66.54 17.87 -18.76
C VAL C 19 67.43 19.00 -18.27
N ASN C 20 68.74 18.74 -18.19
CA ASN C 20 69.70 19.74 -17.74
C ASN C 20 69.84 20.78 -18.85
N ASN C 21 68.70 21.20 -19.37
CA ASN C 21 68.62 22.18 -20.44
C ASN C 21 69.64 23.30 -20.30
N PRO C 22 70.44 23.52 -21.36
CA PRO C 22 71.47 24.56 -21.39
C PRO C 22 70.88 25.85 -21.95
N LEU C 23 69.59 25.83 -22.23
CA LEU C 23 68.89 26.98 -22.76
C LEU C 23 68.80 28.09 -21.72
N ALA C 24 68.10 27.80 -20.63
CA ALA C 24 67.91 28.73 -19.52
C ALA C 24 69.25 29.08 -18.89
N GLN C 25 70.17 28.12 -18.93
CA GLN C 25 71.51 28.28 -18.36
C GLN C 25 72.43 29.05 -19.31
N ALA C 26 72.24 28.89 -20.61
CA ALA C 26 73.06 29.59 -21.60
C ALA C 26 72.83 31.08 -21.44
N ASP C 27 71.57 31.48 -21.56
CA ASP C 27 71.18 32.88 -21.44
C ASP C 27 71.82 33.54 -20.21
N TRP C 28 72.28 32.73 -19.27
CA TRP C 28 72.92 33.23 -18.05
C TRP C 28 73.92 34.34 -18.35
N SER C 29 74.48 34.30 -19.55
CA SER C 29 75.46 35.28 -19.98
C SER C 29 74.87 36.69 -19.89
N ALA C 30 73.64 36.85 -20.39
CA ALA C 30 72.97 38.15 -20.34
C ALA C 30 72.49 38.42 -18.93
N LYS C 31 73.37 38.18 -17.96
CA LYS C 31 73.05 38.39 -16.54
C LYS C 31 72.47 39.79 -16.35
N LYS C 32 72.54 40.58 -17.41
CA LYS C 32 72.03 41.95 -17.40
C LYS C 32 70.51 41.94 -17.43
N LEU C 33 69.95 40.74 -17.29
CA LEU C 33 68.50 40.57 -17.28
C LEU C 33 68.10 40.89 -15.84
N VAL C 34 67.28 41.91 -15.69
CA VAL C 34 66.82 42.33 -14.38
C VAL C 34 65.31 42.46 -14.35
N TRP C 35 64.82 43.14 -13.32
CA TRP C 35 63.39 43.36 -13.17
C TRP C 35 63.06 44.82 -13.40
N VAL C 36 61.78 45.11 -13.57
CA VAL C 36 61.32 46.48 -13.80
C VAL C 36 59.80 46.62 -13.70
N PRO C 37 59.35 47.86 -13.52
CA PRO C 37 57.94 48.26 -13.39
C PRO C 37 56.95 47.59 -14.35
N SER C 38 55.68 47.93 -14.16
CA SER C 38 54.57 47.42 -14.96
C SER C 38 53.21 47.91 -14.44
N GLU C 39 52.23 48.07 -15.33
CA GLU C 39 50.91 48.54 -14.92
C GLU C 39 49.94 47.36 -14.79
N LYS C 40 50.21 46.31 -15.57
CA LYS C 40 49.38 45.10 -15.56
C LYS C 40 50.07 43.89 -14.91
N HIS C 41 51.39 43.89 -14.93
CA HIS C 41 52.18 42.80 -14.36
C HIS C 41 52.88 43.19 -13.07
N GLY C 42 53.04 44.49 -12.87
CA GLY C 42 53.70 44.98 -11.67
C GLY C 42 55.20 44.90 -11.89
N PHE C 43 55.64 43.72 -12.32
CA PHE C 43 57.05 43.49 -12.56
C PHE C 43 57.25 42.70 -13.84
N GLU C 44 58.50 42.64 -14.27
CA GLU C 44 58.86 41.92 -15.48
C GLU C 44 60.37 41.98 -15.70
N ALA C 45 60.90 40.97 -16.38
CA ALA C 45 62.33 40.89 -16.67
C ALA C 45 62.67 41.79 -17.83
N ALA C 46 63.92 42.26 -17.87
CA ALA C 46 64.37 43.14 -18.93
C ALA C 46 65.88 43.26 -18.82
N SER C 47 66.56 43.43 -19.94
CA SER C 47 68.01 43.54 -19.90
C SER C 47 68.58 44.90 -20.24
N ILE C 48 69.58 45.28 -19.46
CA ILE C 48 70.29 46.54 -19.58
C ILE C 48 71.03 46.63 -20.91
N LYS C 49 70.64 47.59 -21.73
CA LYS C 49 71.27 47.78 -23.04
C LYS C 49 72.35 48.87 -22.92
N GLU C 50 72.17 49.79 -21.97
CA GLU C 50 73.11 50.86 -21.73
C GLU C 50 72.88 51.55 -20.38
N GLU C 51 73.87 51.48 -19.51
CA GLU C 51 73.79 52.10 -18.20
C GLU C 51 74.26 53.54 -18.37
N LYS C 52 73.30 54.46 -18.45
CA LYS C 52 73.62 55.87 -18.63
C LYS C 52 73.89 56.57 -17.30
N GLY C 53 74.41 55.82 -16.33
CA GLY C 53 74.69 56.39 -15.03
C GLY C 53 73.52 56.15 -14.10
N ASP C 54 73.00 57.24 -13.51
CA ASP C 54 71.88 57.16 -12.59
C ASP C 54 70.61 56.66 -13.28
N GLU C 55 70.68 56.59 -14.61
CA GLU C 55 69.56 56.14 -15.43
C GLU C 55 70.13 55.14 -16.43
N VAL C 56 69.48 53.98 -16.54
CA VAL C 56 69.92 52.95 -17.48
C VAL C 56 68.86 52.63 -18.52
N THR C 57 69.30 52.45 -19.77
CA THR C 57 68.39 52.13 -20.87
C THR C 57 68.15 50.64 -20.88
N VAL C 58 66.88 50.25 -20.90
CA VAL C 58 66.54 48.84 -20.89
C VAL C 58 65.40 48.49 -21.83
N GLU C 59 65.27 47.19 -22.13
CA GLU C 59 64.21 46.71 -23.02
C GLU C 59 63.64 45.40 -22.49
N LEU C 60 62.37 45.41 -22.08
CA LEU C 60 61.74 44.21 -21.54
C LEU C 60 61.81 43.03 -22.53
N GLN C 61 62.25 41.88 -22.02
CA GLN C 61 62.37 40.67 -22.84
C GLN C 61 61.00 40.04 -23.11
N GLU C 62 59.98 40.87 -23.23
CA GLU C 62 58.62 40.40 -23.48
C GLU C 62 58.10 40.96 -24.79
N ASN C 63 57.91 42.27 -24.84
CA ASN C 63 57.41 42.95 -26.04
C ASN C 63 58.56 43.61 -26.79
N GLY C 64 59.78 43.20 -26.46
CA GLY C 64 60.96 43.76 -27.10
C GLY C 64 60.91 45.27 -26.95
N LYS C 65 59.96 45.73 -26.14
CA LYS C 65 59.75 47.14 -25.88
C LYS C 65 60.96 47.75 -25.16
N LYS C 66 61.43 48.87 -25.66
CA LYS C 66 62.58 49.54 -25.05
C LYS C 66 62.16 50.60 -24.03
N VAL C 67 61.84 50.14 -22.82
CA VAL C 67 61.42 51.01 -21.72
C VAL C 67 62.63 51.25 -20.83
N THR C 68 63.16 52.46 -20.90
CA THR C 68 64.32 52.83 -20.10
C THR C 68 63.87 53.47 -18.78
N LEU C 69 64.71 53.36 -17.77
CA LEU C 69 64.40 53.94 -16.46
C LEU C 69 65.67 54.26 -15.67
N SER C 70 65.48 54.82 -14.49
CA SER C 70 66.59 55.20 -13.61
C SER C 70 67.38 53.96 -13.20
N LYS C 71 68.60 54.19 -12.71
CA LYS C 71 69.47 53.12 -12.27
C LYS C 71 69.00 52.69 -10.88
N ASP C 72 67.75 53.04 -10.56
CA ASP C 72 67.16 52.73 -9.27
C ASP C 72 65.68 52.36 -9.41
N ASP C 73 65.34 51.73 -10.53
CA ASP C 73 63.94 51.49 -10.87
C ASP C 73 63.95 50.01 -11.28
N ILE C 74 65.16 49.51 -11.50
CA ILE C 74 65.37 48.13 -11.88
C ILE C 74 65.35 47.23 -10.64
N GLN C 75 65.69 45.95 -10.81
CA GLN C 75 65.70 45.01 -9.68
C GLN C 75 66.42 43.71 -10.02
N LYS C 76 67.35 43.36 -9.14
CA LYS C 76 68.17 42.17 -9.26
C LYS C 76 67.38 40.87 -9.43
N MET C 77 67.59 40.19 -10.55
CA MET C 77 66.90 38.92 -10.83
C MET C 77 67.66 37.75 -10.22
N ASN C 78 66.92 36.74 -9.77
CA ASN C 78 67.54 35.56 -9.16
C ASN C 78 67.74 34.46 -10.19
N PRO C 79 68.86 33.71 -10.11
CA PRO C 79 69.15 32.62 -11.05
C PRO C 79 67.95 31.72 -11.27
N PRO C 80 67.81 31.15 -12.47
CA PRO C 80 66.68 30.26 -12.77
C PRO C 80 66.81 28.96 -11.96
N LYS C 81 67.86 28.92 -11.15
CA LYS C 81 68.16 27.79 -10.29
C LYS C 81 67.24 27.79 -9.07
N PHE C 82 66.42 28.84 -8.97
CA PHE C 82 65.50 29.03 -7.85
C PHE C 82 64.03 29.02 -8.23
N SER C 83 63.72 28.98 -9.51
CA SER C 83 62.33 29.00 -9.94
C SER C 83 61.46 28.10 -9.04
N LYS C 84 60.56 28.78 -8.34
CA LYS C 84 59.59 28.14 -7.42
C LYS C 84 60.30 27.44 -6.27
N VAL C 85 61.09 28.22 -5.55
CA VAL C 85 61.84 27.72 -4.38
C VAL C 85 60.88 27.57 -3.19
N GLU C 86 61.18 26.58 -2.36
CA GLU C 86 60.34 26.25 -1.19
C GLU C 86 60.37 27.38 -0.15
N ASP C 87 61.56 27.67 0.36
CA ASP C 87 61.76 28.73 1.38
C ASP C 87 62.38 29.96 0.75
N MET C 88 61.54 30.95 0.46
CA MET C 88 61.99 32.20 -0.15
C MET C 88 63.14 32.90 0.55
N ALA C 89 63.51 32.42 1.73
CA ALA C 89 64.61 33.04 2.44
C ALA C 89 65.91 32.65 1.72
N GLU C 90 65.79 31.60 0.91
CA GLU C 90 66.91 31.07 0.16
C GLU C 90 67.26 31.91 -1.07
N LEU C 91 66.28 32.64 -1.61
CA LEU C 91 66.54 33.48 -2.79
C LEU C 91 67.76 34.34 -2.52
N THR C 92 68.73 34.31 -3.43
CA THR C 92 69.94 35.10 -3.25
C THR C 92 69.69 36.57 -3.48
N CYS C 93 68.65 36.88 -4.22
CA CYS C 93 68.32 38.26 -4.50
C CYS C 93 66.89 38.49 -3.99
N LEU C 94 66.75 39.27 -2.92
CA LEU C 94 65.45 39.55 -2.34
C LEU C 94 64.86 40.85 -2.83
N ASN C 95 63.74 40.76 -3.54
CA ASN C 95 63.08 41.94 -4.08
C ASN C 95 61.57 41.91 -3.90
N GLU C 96 60.97 43.07 -4.12
CA GLU C 96 59.53 43.21 -4.01
C GLU C 96 58.98 42.43 -5.20
N ALA C 97 59.80 42.33 -6.23
CA ALA C 97 59.45 41.64 -7.46
C ALA C 97 59.81 40.15 -7.38
N SER C 98 61.04 39.87 -6.95
CA SER C 98 61.50 38.50 -6.82
C SER C 98 60.43 37.64 -6.15
N VAL C 99 60.12 37.95 -4.89
CA VAL C 99 59.12 37.21 -4.11
C VAL C 99 57.77 37.15 -4.82
N LEU C 100 57.41 38.22 -5.52
CA LEU C 100 56.12 38.25 -6.23
C LEU C 100 56.14 37.13 -7.26
N HIS C 101 57.26 37.01 -7.95
CA HIS C 101 57.43 35.99 -8.95
C HIS C 101 57.16 34.64 -8.33
N ASN C 102 58.09 34.19 -7.48
CA ASN C 102 57.98 32.90 -6.80
C ASN C 102 56.54 32.54 -6.51
N LEU C 103 55.85 33.44 -5.83
CA LEU C 103 54.46 33.25 -5.46
C LEU C 103 53.62 33.10 -6.73
N ARG C 104 54.00 33.83 -7.77
CA ARG C 104 53.29 33.77 -9.05
C ARG C 104 53.32 32.31 -9.51
N GLU C 105 54.54 31.78 -9.65
CA GLU C 105 54.78 30.41 -10.09
C GLU C 105 54.02 29.37 -9.28
N ARG C 106 54.57 28.99 -8.12
CA ARG C 106 53.96 28.00 -7.26
C ARG C 106 52.43 28.13 -7.14
N TYR C 107 51.91 29.35 -7.12
CA TYR C 107 50.45 29.49 -7.03
C TYR C 107 49.84 28.86 -8.27
N PHE C 108 50.17 29.46 -9.41
CA PHE C 108 49.70 29.02 -10.71
C PHE C 108 50.10 27.59 -11.06
N SER C 109 50.89 26.98 -10.18
CA SER C 109 51.35 25.63 -10.41
C SER C 109 50.72 24.68 -9.41
N GLY C 110 49.77 25.16 -8.63
CA GLY C 110 49.10 24.31 -7.66
C GLY C 110 49.64 24.34 -6.24
N LEU C 111 50.80 24.97 -6.05
CA LEU C 111 51.37 25.07 -4.73
C LEU C 111 51.09 26.46 -4.17
N ILE C 112 50.49 26.53 -2.99
CA ILE C 112 50.19 27.84 -2.40
C ILE C 112 51.10 28.04 -1.19
N TYR C 113 50.98 27.15 -0.21
CA TYR C 113 51.80 27.25 0.99
C TYR C 113 53.30 27.37 0.67
N THR C 114 53.82 28.57 0.76
CA THR C 114 55.25 28.80 0.51
C THR C 114 55.87 29.08 1.87
N TYR C 115 57.16 29.38 1.91
CA TYR C 115 57.81 29.66 3.19
C TYR C 115 58.52 31.00 3.03
N SER C 116 58.39 31.86 4.04
CA SER C 116 59.02 33.16 4.04
C SER C 116 59.62 33.33 5.42
N GLY C 117 60.93 33.13 5.51
CA GLY C 117 61.61 33.27 6.78
C GLY C 117 61.04 32.36 7.86
N LEU C 118 60.67 32.93 8.99
CA LEU C 118 60.11 32.16 10.09
C LEU C 118 58.61 31.90 9.86
N PHE C 119 57.93 32.88 9.28
CA PHE C 119 56.51 32.79 8.97
C PHE C 119 56.33 32.10 7.62
N CYS C 120 55.09 31.95 7.14
CA CYS C 120 54.87 31.31 5.84
C CYS C 120 53.73 31.97 5.02
N VAL C 121 53.97 32.23 3.73
CA VAL C 121 52.98 32.84 2.81
C VAL C 121 51.96 31.74 2.43
N VAL C 122 50.74 32.10 2.05
CA VAL C 122 49.71 31.10 1.69
C VAL C 122 48.57 31.60 0.77
N ILE C 123 48.92 32.15 -0.39
CA ILE C 123 47.94 32.66 -1.37
C ILE C 123 46.70 31.78 -1.44
N ASN C 124 45.54 32.36 -1.68
CA ASN C 124 44.32 31.57 -1.77
C ASN C 124 44.20 30.90 -3.12
N PRO C 125 43.91 29.60 -3.14
CA PRO C 125 43.78 28.85 -4.40
C PRO C 125 42.37 29.05 -4.97
N TYR C 126 41.39 29.00 -4.07
CA TYR C 126 39.99 29.17 -4.41
C TYR C 126 39.54 27.93 -5.17
N LYS C 127 40.38 26.91 -5.16
CA LYS C 127 40.10 25.65 -5.84
C LYS C 127 40.16 24.53 -4.82
N GLN C 128 39.75 23.35 -5.25
CA GLN C 128 39.75 22.19 -4.36
C GLN C 128 40.92 21.25 -4.60
N LEU C 129 42.09 21.68 -4.16
CA LEU C 129 43.31 20.90 -4.33
C LEU C 129 43.31 19.66 -3.44
N PRO C 130 43.77 18.53 -3.99
CA PRO C 130 43.84 17.26 -3.26
C PRO C 130 45.15 17.16 -2.48
N ILE C 131 45.29 18.01 -1.47
CA ILE C 131 46.50 18.02 -0.66
C ILE C 131 46.16 17.92 0.81
N TYR C 132 44.93 17.54 1.12
CA TYR C 132 44.50 17.39 2.50
C TYR C 132 43.81 16.03 2.57
N SER C 133 44.36 15.13 3.37
CA SER C 133 43.75 13.81 3.51
C SER C 133 44.44 13.01 4.61
N GLU C 134 43.85 11.88 4.98
CA GLU C 134 44.43 11.02 5.99
C GLU C 134 45.88 10.67 5.62
N LYS C 135 46.12 10.59 4.31
CA LYS C 135 47.43 10.26 3.74
C LYS C 135 48.46 11.34 4.04
N ILE C 136 48.22 12.55 3.52
CA ILE C 136 49.12 13.69 3.71
C ILE C 136 49.37 13.93 5.20
N ILE C 137 48.35 13.64 6.01
CA ILE C 137 48.48 13.81 7.44
C ILE C 137 49.62 12.89 7.88
N ASP C 138 49.61 11.67 7.37
CA ASP C 138 50.64 10.68 7.69
C ASP C 138 52.01 11.14 7.21
N MET C 139 52.09 11.43 5.91
CA MET C 139 53.32 11.87 5.28
C MET C 139 54.08 12.95 6.02
N TYR C 140 53.39 13.75 6.84
CA TYR C 140 54.08 14.81 7.57
C TYR C 140 54.36 14.53 9.04
N LYS C 141 53.65 13.56 9.59
CA LYS C 141 53.81 13.18 11.00
C LYS C 141 55.26 12.88 11.34
N GLY C 142 55.84 13.68 12.24
CA GLY C 142 57.23 13.47 12.63
C GLY C 142 58.20 14.06 11.61
N LYS C 143 57.70 14.31 10.41
CA LYS C 143 58.55 14.87 9.37
C LYS C 143 59.03 16.29 9.71
N LYS C 144 60.35 16.45 9.77
CA LYS C 144 60.96 17.73 10.07
C LYS C 144 60.48 18.81 9.10
N ARG C 145 61.12 19.98 9.18
CA ARG C 145 60.81 21.12 8.34
C ARG C 145 61.19 20.90 6.87
N HIS C 146 62.45 20.58 6.64
CA HIS C 146 62.98 20.33 5.30
C HIS C 146 62.69 18.92 4.80
N GLU C 147 62.46 18.00 5.72
CA GLU C 147 62.17 16.63 5.34
C GLU C 147 60.84 16.51 4.65
N MET C 148 60.33 17.62 4.12
CA MET C 148 59.05 17.62 3.43
C MET C 148 58.71 19.03 2.95
N PRO C 149 57.71 19.17 2.06
CA PRO C 149 57.32 20.47 1.55
C PRO C 149 56.38 21.31 2.43
N PRO C 150 56.42 22.63 2.24
CA PRO C 150 55.58 23.58 2.97
C PRO C 150 54.12 23.21 2.81
N HIS C 151 53.46 23.07 3.96
CA HIS C 151 52.04 22.74 4.05
C HIS C 151 51.51 23.09 5.44
N ILE C 152 50.21 23.37 5.50
CA ILE C 152 49.54 23.74 6.75
C ILE C 152 49.75 22.67 7.81
N TYR C 153 49.68 21.42 7.38
CA TYR C 153 49.89 20.28 8.28
C TYR C 153 51.31 20.32 8.82
N ALA C 154 52.16 20.93 8.02
CA ALA C 154 53.58 21.10 8.32
C ALA C 154 53.79 22.01 9.52
N ILE C 155 53.12 23.15 9.48
CA ILE C 155 53.22 24.17 10.54
C ILE C 155 52.63 23.62 11.84
N ALA C 156 51.56 22.85 11.70
CA ALA C 156 50.86 22.25 12.82
C ALA C 156 51.77 21.33 13.62
N ASP C 157 52.52 20.50 12.90
CA ASP C 157 53.45 19.56 13.52
C ASP C 157 54.68 20.24 14.10
N THR C 158 55.16 21.24 13.37
CA THR C 158 56.34 22.00 13.77
C THR C 158 56.07 22.72 15.09
N ALA C 159 54.88 23.29 15.19
CA ALA C 159 54.43 24.04 16.37
C ALA C 159 54.21 23.12 17.56
N TYR C 160 53.56 21.99 17.27
CA TYR C 160 53.20 20.97 18.25
C TYR C 160 54.44 20.35 18.91
N ARG C 161 55.45 19.98 18.11
CA ARG C 161 56.66 19.37 18.68
C ARG C 161 57.53 20.40 19.38
N SER C 162 57.45 21.64 18.89
CA SER C 162 58.21 22.74 19.48
C SER C 162 57.77 22.92 20.93
N MET C 163 56.45 22.84 21.11
CA MET C 163 55.81 22.97 22.41
C MET C 163 56.23 21.86 23.37
N LEU C 164 56.16 20.64 22.85
CA LEU C 164 56.51 19.43 23.58
C LEU C 164 57.99 19.38 23.93
N GLN C 165 58.79 20.00 23.08
CA GLN C 165 60.25 20.04 23.23
C GLN C 165 60.75 21.03 24.27
N ASP C 166 60.58 22.32 23.98
CA ASP C 166 61.04 23.38 24.89
C ASP C 166 60.02 23.73 25.95
N ARG C 167 59.01 22.88 26.12
CA ARG C 167 57.95 23.13 27.10
C ARG C 167 57.66 24.63 27.07
N GLU C 168 56.81 25.04 26.15
CA GLU C 168 56.45 26.45 26.00
C GLU C 168 55.22 26.51 25.13
N ASP C 169 54.05 26.73 25.75
CA ASP C 169 52.79 26.79 25.01
C ASP C 169 52.91 27.59 23.72
N GLN C 170 52.12 27.21 22.71
CA GLN C 170 52.20 27.89 21.42
C GLN C 170 50.92 28.47 20.82
N SER C 171 51.13 29.24 19.76
CA SER C 171 50.06 29.91 19.06
C SER C 171 50.32 30.07 17.56
N ILE C 172 49.33 29.72 16.76
CA ILE C 172 49.39 29.82 15.31
C ILE C 172 48.31 30.86 14.98
N LEU C 173 48.73 32.00 14.42
CA LEU C 173 47.79 33.07 14.06
C LEU C 173 47.80 33.36 12.57
N CYS C 174 46.66 33.15 11.90
CA CYS C 174 46.53 33.40 10.47
C CYS C 174 46.14 34.86 10.24
N THR C 175 47.02 35.62 9.58
CA THR C 175 46.77 37.04 9.29
C THR C 175 45.95 37.18 8.00
N GLY C 176 46.15 38.28 7.30
CA GLY C 176 45.43 38.49 6.06
C GLY C 176 44.04 39.09 6.21
N GLU C 177 43.59 39.73 5.13
CA GLU C 177 42.29 40.40 5.07
C GLU C 177 41.11 39.46 4.80
N SER C 178 39.90 40.00 4.99
CA SER C 178 38.69 39.22 4.77
C SER C 178 38.64 38.62 3.36
N GLY C 179 38.53 37.28 3.37
CA GLY C 179 38.36 36.45 2.16
C GLY C 179 39.60 35.59 1.82
N ALA C 180 40.72 35.88 2.47
CA ALA C 180 42.02 35.24 2.16
C ALA C 180 42.20 33.77 2.63
N GLY C 181 41.41 33.25 3.57
CA GLY C 181 41.56 31.81 3.95
C GLY C 181 41.64 31.55 5.47
N LYS C 182 42.11 32.52 6.21
CA LYS C 182 42.26 32.46 7.68
C LYS C 182 41.68 31.18 8.30
N THR C 183 40.37 31.00 8.13
CA THR C 183 39.62 29.86 8.68
C THR C 183 40.15 28.48 8.27
N GLU C 184 39.92 28.15 7.01
CA GLU C 184 40.35 26.86 6.43
C GLU C 184 41.67 26.36 6.97
N ASN C 185 42.64 27.27 7.02
CA ASN C 185 43.97 26.97 7.51
C ASN C 185 43.94 26.52 8.97
N THR C 186 43.04 27.12 9.72
CA THR C 186 42.84 26.82 11.14
C THR C 186 42.23 25.43 11.31
N LYS C 187 41.27 25.16 10.43
CA LYS C 187 40.55 23.88 10.41
C LYS C 187 41.50 22.74 10.11
N LYS C 188 42.43 23.00 9.19
CA LYS C 188 43.42 22.04 8.76
C LYS C 188 44.37 21.71 9.91
N VAL C 189 44.72 22.75 10.65
CA VAL C 189 45.61 22.67 11.80
C VAL C 189 44.99 21.81 12.90
N ILE C 190 43.68 21.97 13.06
CA ILE C 190 42.89 21.26 14.08
C ILE C 190 42.66 19.81 13.66
N GLN C 191 42.33 19.65 12.37
CA GLN C 191 42.05 18.35 11.77
C GLN C 191 43.27 17.43 11.91
N TYR C 192 44.43 18.04 11.71
CA TYR C 192 45.73 17.40 11.78
C TYR C 192 46.10 16.98 13.20
N LEU C 193 45.90 17.90 14.13
CA LEU C 193 46.22 17.69 15.54
C LEU C 193 45.27 16.68 16.17
N ALA C 194 44.05 16.66 15.65
CA ALA C 194 42.99 15.78 16.11
C ALA C 194 43.36 14.31 15.96
N VAL C 195 44.22 14.05 14.98
CA VAL C 195 44.66 12.69 14.66
C VAL C 195 46.14 12.44 14.97
N VAL C 196 46.92 13.51 14.89
CA VAL C 196 48.37 13.46 15.12
C VAL C 196 48.73 13.52 16.61
N ALA C 197 47.72 13.69 17.45
CA ALA C 197 47.93 13.78 18.90
C ALA C 197 46.82 13.09 19.67
N SER C 198 46.00 12.34 18.95
CA SER C 198 44.89 11.60 19.54
C SER C 198 45.40 10.38 20.29
N SER C 199 44.50 9.76 21.04
CA SER C 199 44.81 8.57 21.84
C SER C 199 43.62 7.63 21.87
N PRO C 212 40.90 10.90 5.29
CA PRO C 212 39.43 11.09 5.33
C PRO C 212 38.73 10.34 6.47
N SER C 213 38.20 9.16 6.17
CA SER C 213 37.52 8.37 7.20
C SER C 213 38.56 7.73 8.14
N PHE C 214 38.35 7.94 9.44
CA PHE C 214 39.23 7.44 10.48
C PHE C 214 38.54 7.44 11.85
N SER C 215 38.97 6.51 12.70
CA SER C 215 38.45 6.29 14.06
C SER C 215 39.20 7.08 15.16
N TYR C 216 38.86 8.35 15.35
CA TYR C 216 39.51 9.19 16.38
C TYR C 216 38.98 8.89 17.77
N GLY C 217 39.42 9.67 18.75
CA GLY C 217 38.97 9.49 20.11
C GLY C 217 37.52 9.92 20.18
N GLU C 218 37.02 10.11 21.39
CA GLU C 218 35.64 10.53 21.57
C GLU C 218 35.47 12.03 21.55
N LEU C 219 36.39 12.75 22.20
CA LEU C 219 36.32 14.21 22.25
C LEU C 219 36.79 14.79 20.92
N GLU C 220 37.73 14.09 20.29
CA GLU C 220 38.26 14.52 19.01
C GLU C 220 37.14 14.43 18.00
N LYS C 221 36.21 13.52 18.26
CA LYS C 221 35.05 13.33 17.37
C LYS C 221 34.16 14.57 17.43
N GLN C 222 34.07 15.16 18.62
CA GLN C 222 33.26 16.34 18.86
C GLN C 222 34.11 17.57 18.58
N LEU C 223 35.35 17.57 19.07
CA LEU C 223 36.28 18.67 18.86
C LEU C 223 36.28 19.02 17.38
N LEU C 224 35.75 18.07 16.60
CA LEU C 224 35.65 18.17 15.15
C LEU C 224 34.34 18.86 14.75
N GLN C 225 33.33 18.70 15.59
CA GLN C 225 32.03 19.30 15.33
C GLN C 225 31.88 20.63 16.08
N ALA C 226 33.00 21.22 16.48
CA ALA C 226 32.96 22.49 17.19
C ALA C 226 32.69 23.64 16.23
N ASN C 227 33.56 23.79 15.24
CA ASN C 227 33.40 24.87 14.27
C ASN C 227 32.27 24.72 13.27
N PRO C 228 31.78 23.49 13.03
CA PRO C 228 30.68 23.38 12.06
C PRO C 228 29.36 23.90 12.65
N ILE C 229 29.42 24.24 13.94
CA ILE C 229 28.28 24.75 14.67
C ILE C 229 28.36 26.28 14.76
N LEU C 230 29.48 26.81 15.26
CA LEU C 230 29.68 28.25 15.41
C LEU C 230 29.67 28.95 14.06
N GLU C 231 29.84 28.17 13.00
CA GLU C 231 29.84 28.71 11.65
C GLU C 231 28.39 28.92 11.23
N ALA C 232 27.53 28.01 11.69
CA ALA C 232 26.10 28.09 11.38
C ALA C 232 25.65 29.48 11.79
N PHE C 233 25.18 29.64 13.02
CA PHE C 233 24.75 30.95 13.45
C PHE C 233 25.93 31.68 14.02
N GLY C 234 26.66 32.35 13.14
CA GLY C 234 27.84 33.11 13.51
C GLY C 234 28.52 33.48 12.23
N ASN C 235 28.48 32.57 11.25
CA ASN C 235 29.08 32.79 9.94
C ASN C 235 27.98 33.11 8.93
N ALA C 236 28.25 34.01 8.00
CA ALA C 236 27.26 34.38 6.99
C ALA C 236 27.85 35.03 5.75
N LYS C 237 27.14 34.86 4.63
CA LYS C 237 27.53 35.39 3.32
C LYS C 237 27.57 36.91 3.18
N THR C 238 28.73 37.44 2.81
CA THR C 238 28.91 38.87 2.61
C THR C 238 29.34 39.03 1.16
N VAL C 239 29.62 40.26 0.75
CA VAL C 239 30.05 40.51 -0.63
C VAL C 239 31.56 40.30 -0.84
N LYS C 240 32.14 39.45 0.00
CA LYS C 240 33.56 39.14 -0.06
C LYS C 240 33.81 37.86 0.71
N ASN C 241 32.77 37.03 0.83
CA ASN C 241 32.86 35.76 1.53
C ASN C 241 31.50 35.07 1.55
N ASP C 242 31.34 34.05 0.73
CA ASP C 242 30.08 33.30 0.67
C ASP C 242 29.75 32.80 2.07
N ASN C 243 30.80 32.51 2.83
CA ASN C 243 30.66 32.02 4.18
C ASN C 243 31.74 32.68 5.01
N SER C 244 31.44 33.90 5.42
CA SER C 244 32.36 34.70 6.21
C SER C 244 32.21 34.51 7.70
N SER C 245 33.35 34.36 8.35
CA SER C 245 33.44 34.21 9.81
C SER C 245 33.05 35.58 10.36
N ARG C 246 31.81 35.69 10.82
CA ARG C 246 31.29 36.95 11.32
C ARG C 246 31.56 37.22 12.80
N PHE C 247 32.76 36.85 13.23
CA PHE C 247 33.18 37.07 14.62
C PHE C 247 34.60 36.54 14.83
N GLY C 248 35.16 36.88 15.99
CA GLY C 248 36.51 36.47 16.38
C GLY C 248 36.46 35.09 17.00
N LYS C 249 37.55 34.34 16.86
CA LYS C 249 37.65 32.97 17.39
C LYS C 249 39.07 32.60 17.85
N PHE C 250 39.15 32.00 19.04
CA PHE C 250 40.42 31.56 19.65
C PHE C 250 40.30 30.16 20.30
N ILE C 251 40.62 29.11 19.54
CA ILE C 251 40.57 27.69 20.02
C ILE C 251 41.85 27.38 20.75
N ARG C 252 41.72 26.82 21.94
CA ARG C 252 42.87 26.49 22.74
C ARG C 252 42.80 25.01 23.08
N ILE C 253 43.76 24.24 22.56
CA ILE C 253 43.80 22.81 22.82
C ILE C 253 44.78 22.54 23.95
N ASN C 254 44.34 21.72 24.90
CA ASN C 254 45.15 21.39 26.05
C ASN C 254 45.73 19.97 26.02
N PHE C 255 47.06 19.89 25.91
CA PHE C 255 47.77 18.62 25.88
C PHE C 255 48.22 18.20 27.28
N ASP C 256 48.48 16.91 27.48
CA ASP C 256 48.93 16.41 28.77
C ASP C 256 50.44 16.32 28.76
N VAL C 257 51.02 15.64 29.75
CA VAL C 257 52.47 15.50 29.82
C VAL C 257 52.97 14.53 28.76
N THR C 258 52.04 13.96 28.01
CA THR C 258 52.36 13.02 26.95
C THR C 258 51.85 13.55 25.62
N GLY C 259 51.85 14.87 25.46
CA GLY C 259 51.39 15.46 24.23
C GLY C 259 50.06 14.99 23.66
N TYR C 260 49.13 14.55 24.50
CA TYR C 260 47.83 14.10 24.01
C TYR C 260 46.76 15.12 24.33
N ILE C 261 45.77 15.23 23.44
CA ILE C 261 44.66 16.18 23.63
C ILE C 261 43.75 15.68 24.73
N VAL C 262 43.19 16.60 25.50
CA VAL C 262 42.30 16.24 26.60
C VAL C 262 41.17 17.26 26.76
N GLY C 263 41.45 18.48 26.33
CA GLY C 263 40.47 19.56 26.42
C GLY C 263 40.69 20.60 25.34
N ALA C 264 39.66 21.38 25.04
CA ALA C 264 39.74 22.42 24.02
C ALA C 264 38.74 23.50 24.35
N ASN C 265 39.13 24.76 24.16
CA ASN C 265 38.27 25.89 24.46
C ASN C 265 38.33 26.97 23.40
N ILE C 266 37.18 27.61 23.20
CA ILE C 266 37.00 28.69 22.23
C ILE C 266 36.44 29.95 22.89
N GLU C 267 37.09 31.07 22.59
CA GLU C 267 36.71 32.38 23.10
C GLU C 267 36.22 33.23 21.92
N THR C 268 34.91 33.29 21.79
CA THR C 268 34.19 34.01 20.75
C THR C 268 34.26 35.53 20.94
N TYR C 269 34.49 36.27 19.86
CA TYR C 269 34.58 37.75 19.88
C TYR C 269 33.80 38.42 18.76
N LEU C 270 33.21 39.56 19.14
CA LEU C 270 32.40 40.42 18.28
C LEU C 270 31.44 39.71 17.34
N LEU C 271 30.38 39.17 17.92
CA LEU C 271 29.35 38.50 17.14
C LEU C 271 28.52 39.63 16.51
N GLU C 272 28.85 39.94 15.25
CA GLU C 272 28.18 41.00 14.50
C GLU C 272 26.74 40.67 14.19
N LYS C 273 25.92 40.67 15.25
CA LYS C 273 24.50 40.38 15.17
C LYS C 273 23.76 41.54 14.51
N SER C 274 24.39 42.69 14.60
CA SER C 274 23.86 43.96 14.06
C SER C 274 23.35 43.79 12.63
N ARG C 275 23.61 42.63 12.06
CA ARG C 275 23.19 42.31 10.68
C ARG C 275 21.96 41.41 10.69
N ALA C 276 21.62 40.95 11.87
CA ALA C 276 20.47 40.05 12.08
C ALA C 276 19.15 40.76 11.76
N ILE C 277 19.16 42.08 11.94
CA ILE C 277 17.98 42.90 11.71
C ILE C 277 17.83 43.29 10.24
N ARG C 278 18.92 43.77 9.65
CA ARG C 278 18.92 44.18 8.25
C ARG C 278 20.30 44.00 7.61
N GLN C 279 20.41 42.94 6.84
CA GLN C 279 21.64 42.58 6.12
C GLN C 279 21.72 43.41 4.83
N ALA C 280 22.94 43.83 4.54
CA ALA C 280 23.29 44.65 3.38
C ALA C 280 22.89 44.05 2.05
N LYS C 281 23.24 44.81 1.00
CA LYS C 281 23.00 44.49 -0.39
C LYS C 281 23.81 43.28 -0.83
N ASP C 282 23.07 42.29 -1.33
CA ASP C 282 23.63 41.04 -1.83
C ASP C 282 24.31 40.25 -0.72
N GLU C 283 23.64 40.20 0.43
CA GLU C 283 24.12 39.48 1.60
C GLU C 283 22.97 38.81 2.35
N ARG C 284 23.34 37.98 3.32
CA ARG C 284 22.38 37.22 4.12
C ARG C 284 22.74 37.29 5.59
N THR C 285 21.82 36.82 6.43
CA THR C 285 22.03 36.81 7.86
C THR C 285 22.77 35.53 8.18
N PHE C 286 22.83 35.20 9.47
CA PHE C 286 23.51 34.00 9.95
C PHE C 286 22.90 32.72 9.40
N HIS C 287 23.56 32.19 8.37
CA HIS C 287 23.18 30.98 7.67
C HIS C 287 22.06 30.15 8.30
N ILE C 288 22.22 29.80 9.57
CA ILE C 288 21.22 28.99 10.29
C ILE C 288 19.76 29.38 10.02
N PHE C 289 19.52 30.67 9.79
CA PHE C 289 18.16 31.16 9.52
C PHE C 289 17.59 30.41 8.31
N TYR C 290 18.33 30.44 7.21
CA TYR C 290 17.91 29.76 6.00
C TYR C 290 17.94 28.23 6.12
N TYR C 291 18.95 27.68 6.81
CA TYR C 291 19.07 26.22 6.99
C TYR C 291 17.80 25.70 7.64
N LEU C 292 17.18 26.51 8.51
CA LEU C 292 15.95 26.11 9.18
C LEU C 292 14.76 26.32 8.27
N ILE C 293 14.63 27.53 7.74
CA ILE C 293 13.52 27.85 6.85
C ILE C 293 13.39 26.83 5.72
N ALA C 294 14.48 26.15 5.39
CA ALA C 294 14.46 25.16 4.32
C ALA C 294 14.71 23.74 4.82
N GLY C 295 15.47 23.62 5.91
CA GLY C 295 15.77 22.32 6.47
C GLY C 295 14.72 21.79 7.41
N ALA C 296 13.83 22.67 7.85
CA ALA C 296 12.77 22.30 8.76
C ALA C 296 11.76 21.41 8.04
N SER C 297 10.93 20.72 8.82
CA SER C 297 9.92 19.83 8.26
C SER C 297 8.53 20.46 8.36
N GLU C 298 7.63 20.06 7.47
CA GLU C 298 6.26 20.58 7.47
C GLU C 298 5.70 20.55 8.88
N GLN C 299 5.99 19.49 9.63
CA GLN C 299 5.52 19.36 11.00
C GLN C 299 6.30 20.34 11.85
N MET C 300 7.59 20.07 12.04
CA MET C 300 8.43 20.94 12.85
C MET C 300 8.23 22.40 12.44
N ARG C 301 8.13 22.65 11.14
CA ARG C 301 7.93 24.00 10.65
C ARG C 301 6.67 24.59 11.26
N ASN C 302 5.66 23.73 11.41
CA ASN C 302 4.39 24.15 11.99
C ASN C 302 4.50 24.20 13.52
N ASP C 303 5.57 23.64 14.06
CA ASP C 303 5.77 23.61 15.49
C ASP C 303 6.54 24.81 16.04
N LEU C 304 6.99 25.70 15.17
CA LEU C 304 7.73 26.88 15.62
C LEU C 304 7.33 28.15 14.88
N LEU C 305 6.31 28.04 14.04
CA LEU C 305 5.81 29.19 13.28
C LEU C 305 6.83 29.84 12.34
N LEU C 306 7.23 29.08 11.33
CA LEU C 306 8.17 29.54 10.34
C LEU C 306 7.48 29.51 8.98
N GLU C 307 7.45 30.67 8.32
CA GLU C 307 6.83 30.78 6.99
C GLU C 307 7.87 30.74 5.86
N GLY C 308 7.53 31.40 4.74
CA GLY C 308 8.35 31.50 3.53
C GLY C 308 9.60 32.38 3.67
N PHE C 309 10.40 32.49 2.60
CA PHE C 309 11.67 33.26 2.58
C PHE C 309 11.54 34.75 2.28
N ASN C 310 10.55 35.11 1.48
CA ASN C 310 10.35 36.52 1.11
C ASN C 310 9.20 37.10 1.94
N ASN C 311 8.83 36.32 2.97
CA ASN C 311 7.74 36.66 3.88
C ASN C 311 8.22 37.47 5.07
N TYR C 312 9.45 37.19 5.51
CA TYR C 312 10.07 37.87 6.63
C TYR C 312 10.81 39.13 6.15
N THR C 313 10.56 40.23 6.84
CA THR C 313 11.19 41.51 6.52
C THR C 313 12.54 41.56 7.19
N PHE C 314 12.85 40.49 7.91
CA PHE C 314 14.11 40.36 8.60
C PHE C 314 15.16 39.82 7.63
N LEU C 315 14.70 39.29 6.50
CA LEU C 315 15.58 38.74 5.47
C LEU C 315 15.61 39.70 4.29
N SER C 316 16.55 40.63 4.33
CA SER C 316 16.71 41.62 3.27
C SER C 316 17.24 40.90 2.02
N ASN C 317 17.06 41.52 0.86
CA ASN C 317 17.52 40.90 -0.37
C ASN C 317 16.74 39.58 -0.51
N GLY C 318 15.60 39.53 0.18
CA GLY C 318 14.74 38.35 0.14
C GLY C 318 15.47 37.09 0.52
N HIS C 319 15.80 36.28 -0.47
CA HIS C 319 16.53 35.03 -0.26
C HIS C 319 17.73 34.96 -1.21
N VAL C 320 18.90 34.75 -0.62
CA VAL C 320 20.11 34.67 -1.40
C VAL C 320 20.65 33.24 -1.42
N PRO C 321 21.03 32.75 -2.61
CA PRO C 321 21.56 31.40 -2.75
C PRO C 321 23.09 31.40 -2.70
N ILE C 322 23.63 30.46 -1.92
CA ILE C 322 25.06 30.32 -1.77
C ILE C 322 25.56 29.17 -2.64
N PRO C 323 26.48 29.47 -3.57
CA PRO C 323 27.05 28.47 -4.48
C PRO C 323 27.62 27.20 -3.86
N ALA C 324 27.37 26.07 -4.52
CA ALA C 324 27.84 24.76 -4.07
C ALA C 324 27.40 24.45 -2.65
N GLN C 325 26.28 25.04 -2.25
CA GLN C 325 25.75 24.80 -0.91
C GLN C 325 24.24 24.72 -0.94
N GLN C 326 23.70 23.69 -0.28
CA GLN C 326 22.27 23.46 -0.21
C GLN C 326 21.84 23.43 1.25
N ASP C 327 21.44 24.61 1.73
CA ASP C 327 20.99 24.82 3.09
C ASP C 327 19.98 23.74 3.50
N ASP C 328 19.40 23.10 2.49
CA ASP C 328 18.42 22.04 2.70
C ASP C 328 19.09 20.85 3.39
N GLU C 329 20.23 20.47 2.82
CA GLU C 329 21.04 19.37 3.33
C GLU C 329 21.99 19.93 4.38
N MET C 330 22.32 21.20 4.19
CA MET C 330 23.21 21.93 5.08
C MET C 330 22.66 21.88 6.50
N PHE C 331 21.34 22.01 6.59
CA PHE C 331 20.61 21.98 7.85
C PHE C 331 20.86 20.64 8.56
N GLN C 332 20.61 19.58 7.81
CA GLN C 332 20.79 18.20 8.27
C GLN C 332 22.20 18.00 8.82
N GLU C 333 23.15 18.57 8.09
CA GLU C 333 24.56 18.49 8.42
C GLU C 333 24.86 19.14 9.75
N THR C 334 24.36 20.36 9.89
CA THR C 334 24.56 21.16 11.09
C THR C 334 23.84 20.50 12.27
N LEU C 335 22.71 19.86 11.97
CA LEU C 335 21.90 19.15 12.96
C LEU C 335 22.69 17.96 13.52
N GLU C 336 23.33 17.26 12.58
CA GLU C 336 24.14 16.09 12.87
C GLU C 336 25.32 16.45 13.78
N ALA C 337 25.86 17.64 13.54
CA ALA C 337 27.00 18.17 14.30
C ALA C 337 26.66 18.33 15.78
N MET C 338 25.50 18.93 16.04
CA MET C 338 25.01 19.18 17.40
C MET C 338 24.94 17.90 18.20
N THR C 339 24.34 16.91 17.58
CA THR C 339 24.14 15.58 18.15
C THR C 339 25.48 14.96 18.58
N ILE C 340 26.44 14.95 17.66
CA ILE C 340 27.77 14.40 17.94
C ILE C 340 28.22 14.90 19.30
N MET C 341 27.98 16.19 19.50
CA MET C 341 28.30 16.90 20.72
C MET C 341 27.48 16.33 21.87
N GLY C 342 26.45 17.08 22.26
CA GLY C 342 25.59 16.65 23.36
C GLY C 342 24.21 17.29 23.34
N PHE C 343 23.95 18.08 22.30
CA PHE C 343 22.66 18.77 22.13
C PHE C 343 21.54 17.76 21.92
N THR C 344 20.90 17.38 23.02
CA THR C 344 19.79 16.42 23.01
C THR C 344 18.79 16.78 21.92
N GLU C 345 17.92 15.82 21.64
CA GLU C 345 16.88 15.97 20.63
C GLU C 345 16.13 17.27 20.86
N GLU C 346 15.64 17.41 22.10
CA GLU C 346 14.90 18.58 22.54
C GLU C 346 15.82 19.79 22.61
N GLU C 347 16.97 19.57 23.25
CA GLU C 347 17.99 20.60 23.44
C GLU C 347 18.27 21.37 22.16
N GLN C 348 17.98 20.73 21.03
CA GLN C 348 18.19 21.33 19.71
C GLN C 348 16.97 22.09 19.25
N THR C 349 15.84 21.40 19.29
CA THR C 349 14.55 21.93 18.86
C THR C 349 14.23 23.22 19.62
N SER C 350 14.64 23.26 20.88
CA SER C 350 14.42 24.40 21.76
C SER C 350 15.08 25.65 21.21
N ILE C 351 16.26 25.46 20.64
CA ILE C 351 17.05 26.54 20.05
C ILE C 351 16.42 26.98 18.72
N LEU C 352 15.92 25.99 17.99
CA LEU C 352 15.30 26.18 16.68
C LEU C 352 14.12 27.14 16.72
N ARG C 353 13.17 26.85 17.61
CA ARG C 353 11.97 27.65 17.77
C ARG C 353 12.33 29.12 18.00
N VAL C 354 13.37 29.32 18.79
CA VAL C 354 13.88 30.66 19.13
C VAL C 354 14.18 31.44 17.85
N VAL C 355 14.81 30.75 16.90
CA VAL C 355 15.20 31.34 15.62
C VAL C 355 13.99 31.86 14.84
N SER C 356 12.98 31.02 14.75
CA SER C 356 11.75 31.37 14.02
C SER C 356 11.03 32.51 14.72
N SER C 357 11.12 32.53 16.04
CA SER C 357 10.49 33.55 16.87
C SER C 357 11.15 34.90 16.63
N VAL C 358 12.48 34.86 16.53
CA VAL C 358 13.29 36.05 16.30
C VAL C 358 12.99 36.63 14.91
N LEU C 359 12.81 35.74 13.95
CA LEU C 359 12.49 36.13 12.57
C LEU C 359 11.14 36.82 12.54
N GLN C 360 10.23 36.32 13.36
CA GLN C 360 8.87 36.81 13.49
C GLN C 360 8.83 38.24 14.02
N LEU C 361 9.53 38.47 15.13
CA LEU C 361 9.60 39.80 15.74
C LEU C 361 9.82 40.87 14.69
N GLY C 362 10.31 40.40 13.53
CA GLY C 362 10.62 41.25 12.40
C GLY C 362 9.38 41.78 11.68
N ASN C 363 8.29 41.04 11.80
CA ASN C 363 7.02 41.39 11.16
C ASN C 363 6.20 42.36 12.01
N ILE C 364 6.62 42.50 13.27
CA ILE C 364 5.94 43.38 14.21
C ILE C 364 6.27 44.84 13.88
N VAL C 365 5.38 45.46 13.12
CA VAL C 365 5.53 46.86 12.71
C VAL C 365 4.44 47.71 13.35
N PHE C 366 4.78 48.92 13.74
CA PHE C 366 3.83 49.81 14.39
C PHE C 366 3.34 50.94 13.50
N LYS C 367 2.10 51.30 13.78
CA LYS C 367 1.36 52.37 13.11
C LYS C 367 1.29 53.59 14.01
N LYS C 368 2.33 54.40 13.92
CA LYS C 368 2.43 55.62 14.70
C LYS C 368 1.13 56.40 14.61
N GLU C 369 0.38 56.31 15.70
CA GLU C 369 -0.89 57.01 15.85
C GLU C 369 -0.70 58.49 15.55
N ARG C 370 -1.53 59.03 14.67
CA ARG C 370 -1.44 60.45 14.32
C ARG C 370 -1.95 61.28 15.51
N ASN C 371 -2.95 60.70 16.16
CA ASN C 371 -3.65 61.29 17.29
C ASN C 371 -2.79 61.49 18.54
N THR C 372 -2.16 60.42 19.00
CA THR C 372 -1.35 60.47 20.22
C THR C 372 0.15 60.25 19.99
N ASP C 373 0.49 59.85 18.76
CA ASP C 373 1.89 59.62 18.37
C ASP C 373 2.45 58.32 18.93
N GLN C 374 1.59 57.59 19.62
CA GLN C 374 1.94 56.31 20.21
C GLN C 374 1.66 55.18 19.22
N ALA C 375 2.69 54.36 19.01
CA ALA C 375 2.58 53.22 18.11
C ALA C 375 1.27 52.48 18.37
N SER C 376 0.89 51.66 17.40
CA SER C 376 -0.34 50.87 17.47
C SER C 376 -0.13 49.48 16.90
N MET C 377 -0.84 48.53 17.51
CA MET C 377 -0.80 47.12 17.12
C MET C 377 -2.15 46.75 16.50
N PRO C 378 -2.42 47.19 15.27
CA PRO C 378 -3.71 46.86 14.62
C PRO C 378 -3.93 45.37 14.60
N ASP C 379 -3.17 44.69 13.73
CA ASP C 379 -3.24 43.23 13.59
C ASP C 379 -2.17 42.61 14.48
N ASN C 380 -2.63 42.09 15.62
CA ASN C 380 -1.77 41.47 16.63
C ASN C 380 -1.23 40.11 16.21
N THR C 381 -1.76 39.60 15.11
CA THR C 381 -1.36 38.31 14.57
C THR C 381 0.13 38.05 14.80
N ALA C 382 0.93 39.03 14.42
CA ALA C 382 2.39 38.99 14.53
C ALA C 382 2.86 38.65 15.94
N ALA C 383 2.61 39.58 16.86
CA ALA C 383 2.99 39.49 18.26
C ALA C 383 2.51 38.19 18.91
N GLN C 384 1.26 37.84 18.61
CA GLN C 384 0.62 36.63 19.15
C GLN C 384 1.43 35.38 18.87
N LYS C 385 1.98 35.34 17.66
CA LYS C 385 2.77 34.21 17.14
C LYS C 385 4.20 34.18 17.66
N VAL C 386 4.64 35.29 18.25
CA VAL C 386 6.01 35.40 18.77
C VAL C 386 6.08 35.08 20.25
N CYS C 387 5.00 35.40 20.95
CA CYS C 387 4.91 35.17 22.39
C CYS C 387 4.87 33.69 22.69
N HIS C 388 4.10 32.97 21.88
CA HIS C 388 3.94 31.51 22.01
C HIS C 388 5.25 30.78 21.77
N LEU C 389 6.25 31.54 21.36
CA LEU C 389 7.58 31.01 21.08
C LEU C 389 8.54 31.41 22.19
N MET C 390 8.12 32.40 22.96
CA MET C 390 8.89 32.94 24.07
C MET C 390 8.47 32.32 25.40
N GLY C 391 7.17 32.03 25.49
CA GLY C 391 6.60 31.44 26.69
C GLY C 391 6.12 32.52 27.64
N ILE C 392 6.15 33.76 27.15
CA ILE C 392 5.73 34.92 27.91
C ILE C 392 4.25 35.20 27.60
N ASN C 393 3.68 36.13 28.36
CA ASN C 393 2.28 36.52 28.20
C ASN C 393 2.10 37.53 27.09
N VAL C 394 1.08 37.28 26.28
CA VAL C 394 0.71 38.11 25.15
C VAL C 394 0.50 39.55 25.60
N THR C 395 -0.69 39.78 26.16
CA THR C 395 -1.12 41.07 26.64
C THR C 395 0.00 41.82 27.37
N ASP C 396 0.70 41.08 28.22
CA ASP C 396 1.81 41.60 29.02
C ASP C 396 2.92 42.16 28.16
N PHE C 397 3.45 41.32 27.28
CA PHE C 397 4.54 41.70 26.38
C PHE C 397 4.13 42.84 25.45
N THR C 398 2.89 42.78 25.02
CA THR C 398 2.31 43.77 24.11
C THR C 398 2.34 45.17 24.72
N ARG C 399 1.89 45.25 25.97
CA ARG C 399 1.83 46.51 26.71
C ARG C 399 3.22 46.99 27.13
N SER C 400 4.06 46.04 27.53
CA SER C 400 5.43 46.30 27.97
C SER C 400 6.30 46.92 26.88
N ILE C 401 6.23 46.31 25.70
CA ILE C 401 7.00 46.80 24.54
C ILE C 401 6.38 48.08 24.02
N LEU C 402 5.07 48.17 24.24
CA LEU C 402 4.26 49.31 23.82
C LEU C 402 4.35 50.44 24.85
N THR C 403 3.70 50.22 25.98
CA THR C 403 3.65 51.16 27.09
C THR C 403 4.63 50.75 28.20
N PRO C 404 5.88 51.18 28.12
CA PRO C 404 6.88 50.84 29.13
C PRO C 404 6.50 51.31 30.52
N ARG C 405 6.28 50.33 31.41
CA ARG C 405 5.94 50.57 32.82
C ARG C 405 7.27 50.85 33.55
N ILE C 406 8.06 51.73 32.95
CA ILE C 406 9.37 52.14 33.45
C ILE C 406 9.44 52.24 34.98
N LYS C 407 10.66 52.18 35.49
CA LYS C 407 10.92 52.29 36.92
C LYS C 407 12.21 53.04 37.12
N VAL C 408 12.15 54.36 37.15
CA VAL C 408 13.35 55.15 37.33
C VAL C 408 13.86 55.04 38.77
N GLY C 409 13.29 54.08 39.51
CA GLY C 409 13.68 53.85 40.89
C GLY C 409 13.18 54.92 41.85
N ARG C 410 13.65 56.14 41.62
CA ARG C 410 13.27 57.29 42.43
C ARG C 410 11.80 57.60 42.15
N ASP C 411 11.21 56.82 41.26
CA ASP C 411 9.81 56.97 40.86
C ASP C 411 9.34 55.75 40.05
N VAL C 412 8.18 55.87 39.41
CA VAL C 412 7.63 54.80 38.60
C VAL C 412 6.97 55.40 37.37
N VAL C 413 7.73 56.26 36.69
CA VAL C 413 7.27 56.94 35.49
C VAL C 413 6.90 55.99 34.35
N GLN C 414 5.60 55.78 34.17
CA GLN C 414 5.13 54.91 33.09
C GLN C 414 5.06 55.82 31.86
N LYS C 415 5.73 55.43 30.79
CA LYS C 415 5.72 56.22 29.57
C LYS C 415 5.31 55.37 28.38
N ALA C 416 5.34 55.98 27.21
CA ALA C 416 4.99 55.34 25.96
C ALA C 416 5.92 55.93 24.91
N GLN C 417 6.39 55.08 23.99
CA GLN C 417 7.27 55.55 22.94
C GLN C 417 6.53 55.55 21.61
N THR C 418 7.05 56.33 20.66
CA THR C 418 6.46 56.43 19.34
C THR C 418 6.40 55.03 18.73
N LYS C 419 6.18 54.96 17.42
CA LYS C 419 6.14 53.66 16.77
C LYS C 419 7.62 53.36 16.58
N GLU C 420 8.37 54.40 16.29
CA GLU C 420 9.81 54.32 16.05
C GLU C 420 10.52 53.69 17.23
N GLN C 421 10.69 54.45 18.30
CA GLN C 421 11.34 53.96 19.50
C GLN C 421 10.69 52.64 19.90
N ALA C 422 9.47 52.42 19.43
CA ALA C 422 8.73 51.20 19.74
C ALA C 422 9.38 50.13 18.91
N ASP C 423 9.72 50.49 17.68
CA ASP C 423 10.35 49.56 16.76
C ASP C 423 11.83 49.39 17.17
N PHE C 424 12.54 50.51 17.34
CA PHE C 424 13.95 50.47 17.74
C PHE C 424 14.18 49.61 18.97
N ALA C 425 13.12 49.37 19.73
CA ALA C 425 13.25 48.57 20.94
C ALA C 425 13.03 47.08 20.73
N ILE C 426 12.12 46.74 19.81
CA ILE C 426 11.82 45.34 19.50
C ILE C 426 12.93 44.80 18.61
N GLU C 427 13.60 45.73 17.93
CA GLU C 427 14.70 45.42 17.03
C GLU C 427 15.92 45.09 17.85
N ALA C 428 16.20 45.92 18.85
CA ALA C 428 17.34 45.68 19.70
C ALA C 428 17.01 44.61 20.72
N LEU C 429 15.85 43.98 20.55
CA LEU C 429 15.40 42.91 21.45
C LEU C 429 15.68 41.61 20.73
N ALA C 430 15.15 41.49 19.52
CA ALA C 430 15.35 40.30 18.73
C ALA C 430 16.87 40.16 18.50
N LYS C 431 17.46 41.22 17.96
CA LYS C 431 18.89 41.23 17.68
C LYS C 431 19.79 40.85 18.86
N ALA C 432 19.33 41.03 20.10
CA ALA C 432 20.14 40.67 21.24
C ALA C 432 19.65 39.37 21.87
N LYS C 433 18.45 38.94 21.49
CA LYS C 433 17.91 37.70 22.03
C LYS C 433 18.58 36.57 21.29
N PHE C 434 19.23 36.91 20.19
CA PHE C 434 19.94 35.94 19.37
C PHE C 434 21.33 35.76 19.92
N GLU C 435 22.00 36.90 20.15
CA GLU C 435 23.35 36.88 20.70
C GLU C 435 23.27 36.28 22.09
N ARG C 436 22.09 36.42 22.71
CA ARG C 436 21.85 35.88 24.04
C ARG C 436 22.01 34.38 23.85
N LEU C 437 21.70 33.93 22.64
CA LEU C 437 21.78 32.53 22.27
C LEU C 437 23.15 32.09 21.75
N PHE C 438 23.76 32.90 20.88
CA PHE C 438 25.06 32.54 20.34
C PHE C 438 25.98 32.11 21.46
N ARG C 439 26.15 32.98 22.45
CA ARG C 439 27.01 32.65 23.57
C ARG C 439 26.48 31.48 24.42
N TRP C 440 25.20 31.14 24.28
CA TRP C 440 24.59 30.02 25.02
C TRP C 440 25.28 28.78 24.50
N ILE C 441 25.21 28.61 23.19
CA ILE C 441 25.79 27.48 22.47
C ILE C 441 27.29 27.40 22.75
N LEU C 442 28.01 28.43 22.35
CA LEU C 442 29.45 28.45 22.56
C LEU C 442 29.90 27.92 23.93
N THR C 443 29.10 28.15 24.97
CA THR C 443 29.47 27.69 26.30
C THR C 443 28.81 26.35 26.58
N ARG C 444 27.99 25.89 25.63
CA ARG C 444 27.30 24.61 25.75
C ARG C 444 28.30 23.63 25.13
N VAL C 445 28.92 24.10 24.04
CA VAL C 445 29.91 23.33 23.32
C VAL C 445 31.16 23.31 24.18
N ASN C 446 31.77 24.47 24.43
CA ASN C 446 32.99 24.55 25.23
C ASN C 446 32.98 23.71 26.50
N LYS C 447 31.80 23.23 26.90
CA LYS C 447 31.68 22.41 28.09
C LYS C 447 32.09 20.96 27.78
N ALA C 448 31.79 20.53 26.56
CA ALA C 448 32.13 19.16 26.14
C ALA C 448 33.55 19.05 25.62
N LEU C 449 33.97 19.97 24.76
CA LEU C 449 35.33 19.92 24.23
C LEU C 449 36.34 20.23 25.34
N ASP C 450 35.92 20.16 26.60
CA ASP C 450 36.73 20.42 27.81
C ASP C 450 35.94 19.62 28.80
N ALA C 457 48.87 20.62 31.56
CA ALA C 457 50.06 21.51 31.51
C ALA C 457 50.21 22.34 30.22
N SER C 458 50.12 21.69 29.06
CA SER C 458 50.28 22.38 27.77
C SER C 458 48.98 22.73 27.06
N PHE C 459 49.10 23.64 26.09
CA PHE C 459 47.99 24.12 25.27
C PHE C 459 48.47 24.88 24.04
N LEU C 460 47.84 24.57 22.90
CA LEU C 460 48.11 25.17 21.59
C LEU C 460 46.98 26.14 21.28
N GLY C 461 47.35 27.32 20.77
CA GLY C 461 46.36 28.35 20.47
C GLY C 461 46.16 28.65 19.01
N ILE C 462 44.90 28.61 18.58
CA ILE C 462 44.54 28.86 17.19
C ILE C 462 43.64 30.08 17.05
N LEU C 463 44.21 31.22 16.65
CA LEU C 463 43.44 32.48 16.51
C LEU C 463 42.78 32.79 15.17
N ASP C 464 41.47 32.59 15.11
CA ASP C 464 40.70 32.87 13.90
C ASP C 464 39.95 34.18 14.15
N ILE C 465 40.65 35.31 14.03
CA ILE C 465 40.03 36.62 14.23
C ILE C 465 39.33 36.99 12.94
N ALA C 466 38.93 38.24 12.79
CA ALA C 466 38.25 38.62 11.56
C ALA C 466 39.16 39.52 10.75
N GLY C 467 38.98 39.46 9.43
CA GLY C 467 39.76 40.24 8.50
C GLY C 467 39.30 41.61 8.08
N PHE C 468 40.30 42.44 7.83
CA PHE C 468 40.17 43.82 7.42
C PHE C 468 39.17 44.07 6.29
N GLU C 469 37.92 44.30 6.67
CA GLU C 469 36.88 44.58 5.69
C GLU C 469 36.62 46.08 5.60
N ILE C 470 36.29 46.54 4.41
CA ILE C 470 36.03 47.96 4.15
C ILE C 470 35.04 48.10 2.98
N PHE C 471 33.82 48.57 3.26
CA PHE C 471 32.78 48.72 2.23
C PHE C 471 32.47 50.17 1.81
N GLU C 472 31.18 50.48 1.68
CA GLU C 472 30.70 51.80 1.28
C GLU C 472 30.11 52.49 2.49
N ILE C 473 29.73 51.70 3.48
CA ILE C 473 29.15 52.16 4.73
C ILE C 473 29.92 51.45 5.84
N ASN C 474 30.82 52.16 6.49
CA ASN C 474 31.63 51.57 7.54
C ASN C 474 31.12 51.76 8.96
N SER C 475 30.11 50.96 9.31
CA SER C 475 29.48 50.98 10.64
C SER C 475 30.53 50.82 11.75
N PHE C 476 30.05 50.93 13.00
CA PHE C 476 30.91 50.81 14.18
C PHE C 476 31.61 49.46 14.24
N GLU C 477 30.80 48.41 14.09
CA GLU C 477 31.29 47.04 14.12
C GLU C 477 32.56 46.89 13.29
N GLN C 478 32.46 47.30 12.03
CA GLN C 478 33.55 47.23 11.05
C GLN C 478 34.80 47.97 11.53
N LEU C 479 34.61 48.81 12.54
CA LEU C 479 35.70 49.62 13.10
C LEU C 479 36.59 48.81 14.04
N CYS C 480 35.94 48.14 15.00
CA CYS C 480 36.65 47.30 15.97
C CYS C 480 37.20 46.06 15.28
N ILE C 481 36.57 45.74 14.15
CA ILE C 481 36.95 44.59 13.34
C ILE C 481 38.34 44.87 12.78
N ASN C 482 38.44 45.92 11.97
CA ASN C 482 39.69 46.33 11.35
C ASN C 482 40.66 46.73 12.45
N TYR C 483 40.08 47.22 13.56
CA TYR C 483 40.84 47.65 14.73
C TYR C 483 41.68 46.51 15.28
N THR C 484 41.06 45.34 15.36
CA THR C 484 41.68 44.12 15.86
C THR C 484 42.81 43.71 14.92
N ASN C 485 42.55 43.87 13.63
CA ASN C 485 43.50 43.52 12.58
C ASN C 485 44.81 44.28 12.80
N GLU C 486 44.68 45.59 12.94
CA GLU C 486 45.82 46.48 13.15
C GLU C 486 46.60 46.06 14.38
N LYS C 487 45.86 45.58 15.39
CA LYS C 487 46.43 45.14 16.64
C LYS C 487 47.32 43.91 16.41
N LEU C 488 46.79 42.94 15.68
CA LEU C 488 47.54 41.72 15.38
C LEU C 488 48.73 42.03 14.49
N GLN C 489 48.52 42.98 13.60
CA GLN C 489 49.56 43.41 12.66
C GLN C 489 50.74 43.98 13.43
N GLN C 490 50.42 44.79 14.43
CA GLN C 490 51.45 45.42 15.26
C GLN C 490 52.25 44.35 16.00
N LEU C 491 51.51 43.37 16.50
CA LEU C 491 52.05 42.23 17.24
C LEU C 491 53.16 41.55 16.43
N PHE C 492 52.86 41.33 15.14
CA PHE C 492 53.78 40.69 14.21
C PHE C 492 55.09 41.42 14.08
N ASN C 493 54.96 42.70 13.74
CA ASN C 493 56.08 43.60 13.56
C ASN C 493 56.96 43.60 14.81
N HIS C 494 56.27 43.68 15.95
CA HIS C 494 56.89 43.72 17.27
C HIS C 494 57.74 42.49 17.56
N THR C 495 57.07 41.34 17.60
CA THR C 495 57.72 40.07 17.88
C THR C 495 58.79 39.73 16.84
N MET C 496 58.61 40.29 15.64
CA MET C 496 59.53 40.05 14.54
C MET C 496 60.80 40.90 14.65
N PHE C 497 60.70 42.13 14.14
CA PHE C 497 61.82 43.08 14.15
C PHE C 497 62.15 43.65 15.53
N ILE C 498 61.16 44.29 16.14
CA ILE C 498 61.32 44.91 17.46
C ILE C 498 61.95 43.94 18.48
N LEU C 499 61.05 43.28 19.22
CA LEU C 499 61.40 42.31 20.27
C LEU C 499 62.72 41.57 20.07
N GLU C 500 62.76 40.75 19.03
CA GLU C 500 63.93 39.94 18.71
C GLU C 500 65.24 40.70 18.87
N GLN C 501 65.32 41.84 18.21
CA GLN C 501 66.53 42.67 18.27
C GLN C 501 66.93 42.88 19.73
N GLU C 502 65.93 43.08 20.57
CA GLU C 502 66.13 43.28 22.00
C GLU C 502 67.02 42.19 22.60
N GLU C 503 66.71 40.93 22.30
CA GLU C 503 67.50 39.82 22.85
C GLU C 503 68.94 39.88 22.35
N TYR C 504 69.14 40.53 21.21
CA TYR C 504 70.49 40.67 20.68
C TYR C 504 71.27 41.64 21.56
N GLN C 505 70.61 42.75 21.87
CA GLN C 505 71.18 43.81 22.72
C GLN C 505 71.43 43.31 24.13
N ARG C 506 70.42 42.64 24.67
CA ARG C 506 70.44 42.09 26.03
C ARG C 506 71.61 41.15 26.28
N GLU C 507 71.78 40.19 25.38
CA GLU C 507 72.85 39.19 25.48
C GLU C 507 74.21 39.81 25.15
N GLY C 508 74.17 40.85 24.33
CA GLY C 508 75.37 41.57 23.96
C GLY C 508 75.97 41.16 22.64
N ILE C 509 75.51 40.04 22.08
CA ILE C 509 76.04 39.58 20.80
C ILE C 509 76.37 40.76 19.89
N GLU C 510 77.42 40.63 19.08
CA GLU C 510 77.84 41.68 18.15
C GLU C 510 76.74 41.95 17.15
N TRP C 511 75.74 42.71 17.58
CA TRP C 511 74.61 43.04 16.73
C TRP C 511 74.57 44.54 16.51
N ASN C 512 73.52 45.00 15.83
CA ASN C 512 73.28 46.41 15.52
C ASN C 512 71.81 46.51 15.15
N PHE C 513 71.15 47.58 15.59
CA PHE C 513 69.73 47.74 15.28
C PHE C 513 69.46 48.15 13.83
N ILE C 514 68.31 47.71 13.33
CA ILE C 514 67.88 48.00 11.98
C ILE C 514 66.38 48.29 12.02
N ASP C 515 65.98 49.51 11.65
CA ASP C 515 64.57 49.87 11.67
C ASP C 515 63.82 49.48 10.40
N PHE C 516 62.93 48.51 10.55
CA PHE C 516 62.14 47.99 9.45
C PHE C 516 60.93 48.85 9.07
N GLY C 517 60.82 50.03 9.67
CA GLY C 517 59.69 50.88 9.35
C GLY C 517 58.35 50.18 9.44
N LEU C 518 58.07 49.61 10.61
CA LEU C 518 56.81 48.92 10.77
C LEU C 518 56.28 49.07 12.19
N ASP C 519 55.36 50.01 12.35
CA ASP C 519 54.74 50.30 13.62
C ASP C 519 53.41 51.00 13.39
N LEU C 520 52.36 50.49 14.02
CA LEU C 520 51.02 51.05 13.90
C LEU C 520 50.52 51.53 15.26
N GLN C 521 51.42 51.58 16.24
CA GLN C 521 51.06 52.04 17.57
C GLN C 521 50.19 53.29 17.41
N PRO C 522 50.65 54.27 16.63
CA PRO C 522 49.88 55.51 16.43
C PRO C 522 48.44 55.26 16.00
N CYS C 523 48.27 54.66 14.83
CA CYS C 523 46.94 54.39 14.31
C CYS C 523 46.11 53.58 15.33
N ILE C 524 46.76 53.10 16.39
CA ILE C 524 46.04 52.34 17.41
C ILE C 524 45.58 53.36 18.47
N GLU C 525 46.53 54.09 19.04
CA GLU C 525 46.19 55.09 20.05
C GLU C 525 45.08 55.99 19.54
N LEU C 526 45.14 56.35 18.25
CA LEU C 526 44.13 57.21 17.63
C LEU C 526 42.74 56.61 17.87
N ILE C 527 42.74 55.38 18.32
CA ILE C 527 41.49 54.68 18.59
C ILE C 527 41.64 53.87 19.89
N GLU C 528 42.80 53.98 20.55
CA GLU C 528 43.03 53.23 21.79
C GLU C 528 43.12 54.05 23.08
N ARG C 529 44.26 54.69 23.30
CA ARG C 529 44.49 55.48 24.49
C ARG C 529 43.31 56.35 24.92
N PRO C 530 42.85 56.16 26.17
CA PRO C 530 41.73 56.88 26.79
C PRO C 530 42.25 58.14 27.48
N THR C 531 43.14 57.92 28.44
CA THR C 531 43.76 59.01 29.17
C THR C 531 44.66 59.70 28.16
N ASN C 532 45.11 60.91 28.48
CA ASN C 532 45.97 61.65 27.57
C ASN C 532 45.12 61.79 26.32
N PRO C 533 45.70 62.23 25.19
CA PRO C 533 44.84 62.34 24.02
C PRO C 533 43.88 61.16 23.94
N PRO C 534 42.56 61.42 23.89
CA PRO C 534 41.57 60.33 23.83
C PRO C 534 41.46 59.74 22.42
N GLY C 535 40.95 58.51 22.33
CA GLY C 535 40.83 57.88 21.03
C GLY C 535 39.42 57.82 20.50
N VAL C 536 39.29 57.74 19.19
CA VAL C 536 37.99 57.68 18.53
C VAL C 536 36.90 56.96 19.33
N LEU C 537 37.26 55.89 20.03
CA LEU C 537 36.28 55.15 20.81
C LEU C 537 36.12 55.78 22.20
N ALA C 538 37.24 56.17 22.81
CA ALA C 538 37.24 56.80 24.13
C ALA C 538 36.23 57.94 24.12
N LEU C 539 36.38 58.82 23.14
CA LEU C 539 35.50 59.95 22.98
C LEU C 539 34.05 59.51 22.90
N LEU C 540 33.71 58.70 21.90
CA LEU C 540 32.34 58.21 21.74
C LEU C 540 31.80 57.74 23.09
N ASP C 541 32.59 56.94 23.78
CA ASP C 541 32.24 56.37 25.08
C ASP C 541 31.37 57.26 25.96
N GLU C 542 31.99 58.21 26.64
CA GLU C 542 31.26 59.10 27.53
C GLU C 542 30.34 60.07 26.80
N GLU C 543 30.84 60.64 25.71
CA GLU C 543 30.06 61.59 24.93
C GLU C 543 28.66 61.04 24.66
N CYS C 544 28.54 59.72 24.76
CA CYS C 544 27.27 59.06 24.51
C CYS C 544 26.41 59.05 25.78
N TRP C 545 27.04 59.17 26.93
CA TRP C 545 26.29 59.18 28.18
C TRP C 545 25.48 60.47 28.29
N PHE C 546 25.87 61.46 27.50
CA PHE C 546 25.24 62.79 27.45
C PHE C 546 23.83 62.88 26.84
N PRO C 547 22.96 63.75 27.40
CA PRO C 547 21.60 63.94 26.92
C PRO C 547 21.52 64.53 25.50
N LYS C 548 22.20 65.65 25.29
CA LYS C 548 22.21 66.30 23.98
C LYS C 548 23.38 65.73 23.18
N ALA C 549 23.52 64.42 23.24
CA ALA C 549 24.59 63.72 22.53
C ALA C 549 24.03 63.09 21.27
N THR C 550 24.77 63.22 20.17
CA THR C 550 24.32 62.66 18.91
C THR C 550 25.47 62.13 18.08
N ASP C 551 25.10 61.29 17.12
CA ASP C 551 26.06 60.69 16.21
C ASP C 551 26.98 61.84 15.81
N THR C 552 26.34 62.91 15.33
CA THR C 552 27.03 64.12 14.90
C THR C 552 27.99 64.61 15.96
N SER C 553 27.45 65.40 16.89
CA SER C 553 28.20 65.98 17.99
C SER C 553 29.51 65.25 18.24
N PHE C 554 29.43 63.93 18.30
CA PHE C 554 30.57 63.06 18.53
C PHE C 554 31.70 63.39 17.55
N VAL C 555 31.44 63.17 16.27
CA VAL C 555 32.40 63.42 15.22
C VAL C 555 33.25 64.66 15.39
N GLU C 556 32.57 65.77 15.69
CA GLU C 556 33.21 67.06 15.89
C GLU C 556 34.17 67.05 17.07
N LYS C 557 33.78 66.31 18.12
CA LYS C 557 34.59 66.19 19.32
C LYS C 557 35.91 65.57 18.90
N LEU C 558 35.79 64.52 18.07
CA LEU C 558 36.92 63.76 17.55
C LEU C 558 37.99 64.63 16.93
N ILE C 559 37.55 65.60 16.13
CA ILE C 559 38.45 66.53 15.45
C ILE C 559 38.91 67.56 16.47
N GLN C 560 38.03 67.85 17.42
CA GLN C 560 38.31 68.84 18.45
C GLN C 560 39.60 68.52 19.20
N GLU C 561 40.17 67.34 18.97
CA GLU C 561 41.40 66.96 19.64
C GLU C 561 42.38 66.14 18.78
N GLN C 562 41.85 65.28 17.92
CA GLN C 562 42.67 64.44 17.06
C GLN C 562 42.88 65.01 15.66
N GLY C 563 42.21 66.13 15.38
CA GLY C 563 42.33 66.75 14.07
C GLY C 563 43.75 66.91 13.59
N ASN C 564 44.72 66.65 14.46
CA ASN C 564 46.13 66.78 14.11
C ASN C 564 46.89 65.46 14.10
N HIS C 565 46.22 64.39 13.68
CA HIS C 565 46.84 63.07 13.62
C HIS C 565 46.98 62.57 12.19
N ALA C 566 48.21 62.17 11.84
CA ALA C 566 48.48 61.67 10.50
C ALA C 566 47.48 60.58 10.14
N LYS C 567 47.48 59.51 10.92
CA LYS C 567 46.57 58.39 10.67
C LYS C 567 45.11 58.80 10.72
N PHE C 568 44.87 60.08 10.98
CA PHE C 568 43.52 60.64 11.03
C PHE C 568 43.31 61.57 9.85
N GLN C 569 42.09 61.64 9.34
CA GLN C 569 41.78 62.50 8.20
C GLN C 569 40.34 62.94 8.13
N LYS C 570 40.16 64.24 7.85
CA LYS C 570 38.83 64.86 7.75
C LYS C 570 38.05 64.38 6.53
N SER C 571 36.86 63.83 6.79
CA SER C 571 36.00 63.32 5.72
C SER C 571 36.03 64.27 4.54
N LYS C 572 36.08 63.70 3.34
CA LYS C 572 36.11 64.49 2.12
C LYS C 572 34.70 64.92 1.76
N GLN C 573 33.77 63.97 1.84
CA GLN C 573 32.38 64.25 1.51
C GLN C 573 31.45 64.20 2.71
N LEU C 574 30.70 65.28 2.90
CA LEU C 574 29.74 65.34 3.99
C LEU C 574 28.39 65.45 3.29
N LYS C 575 28.28 64.68 2.21
CA LYS C 575 27.09 64.60 1.37
C LYS C 575 25.88 65.21 2.07
N ASP C 576 25.48 64.58 3.16
CA ASP C 576 24.34 65.02 3.95
C ASP C 576 24.64 64.73 5.42
N LYS C 577 25.27 63.59 5.65
CA LYS C 577 25.62 63.15 7.00
C LYS C 577 27.07 63.45 7.37
N THR C 578 27.54 62.80 8.42
CA THR C 578 28.91 62.97 8.91
C THR C 578 29.66 61.65 8.99
N GLU C 579 30.90 61.68 8.53
CA GLU C 579 31.77 60.51 8.52
C GLU C 579 33.22 60.93 8.67
N PHE C 580 34.12 59.96 8.75
CA PHE C 580 35.54 60.21 8.89
C PHE C 580 36.30 58.96 8.45
N CYS C 581 37.54 59.16 8.00
CA CYS C 581 38.36 58.04 7.55
C CYS C 581 39.68 57.96 8.31
N ILE C 582 40.19 56.74 8.48
CA ILE C 582 41.44 56.52 9.19
C ILE C 582 42.47 55.90 8.23
N LEU C 583 43.73 56.25 8.46
CA LEU C 583 44.87 55.78 7.64
C LEU C 583 45.49 54.51 8.21
N HIS C 584 44.70 53.44 8.19
CA HIS C 584 45.10 52.12 8.68
C HIS C 584 46.34 51.62 7.96
N TYR C 585 46.80 50.46 8.43
CA TYR C 585 47.95 49.76 7.88
C TYR C 585 47.52 49.04 6.61
N ALA C 586 46.23 48.71 6.58
CA ALA C 586 45.58 47.99 5.48
C ALA C 586 44.92 48.92 4.48
N GLY C 587 44.88 50.21 4.83
CA GLY C 587 44.28 51.22 3.96
C GLY C 587 43.58 52.30 4.77
N LYS C 588 42.64 53.00 4.10
CA LYS C 588 41.84 54.07 4.67
C LYS C 588 40.37 53.71 4.52
N VAL C 589 39.60 54.01 5.57
CA VAL C 589 38.17 53.68 5.57
C VAL C 589 37.30 54.82 6.11
N THR C 590 36.34 55.26 5.30
CA THR C 590 35.45 56.34 5.70
C THR C 590 34.22 55.86 6.49
N TYR C 591 34.39 55.71 7.80
CA TYR C 591 33.30 55.25 8.66
C TYR C 591 32.24 56.32 8.80
N ASN C 592 31.00 55.88 9.01
CA ASN C 592 29.87 56.79 9.18
C ASN C 592 29.44 56.68 10.63
N ALA C 593 29.88 57.64 11.44
CA ALA C 593 29.57 57.67 12.87
C ALA C 593 28.10 57.63 13.25
N SER C 594 27.21 57.67 12.25
CA SER C 594 25.77 57.64 12.49
C SER C 594 25.30 56.45 13.32
N ALA C 595 24.60 56.77 14.41
CA ALA C 595 24.06 55.77 15.33
C ALA C 595 25.15 55.02 16.05
N TRP C 596 26.32 55.63 16.18
CA TRP C 596 27.41 54.95 16.86
C TRP C 596 27.15 54.87 18.36
N LEU C 597 27.03 56.03 18.98
CA LEU C 597 26.78 56.13 20.41
C LEU C 597 25.44 55.47 20.67
N THR C 598 24.68 55.28 19.60
CA THR C 598 23.37 54.66 19.67
C THR C 598 23.45 53.18 20.04
N LYS C 599 24.61 52.57 19.82
CA LYS C 599 24.79 51.16 20.14
C LYS C 599 25.87 50.92 21.17
N ASN C 600 26.79 51.88 21.29
CA ASN C 600 27.89 51.78 22.24
C ASN C 600 27.38 51.57 23.66
N MET C 601 26.11 51.90 23.88
CA MET C 601 25.48 51.78 25.19
C MET C 601 24.55 50.56 25.29
N ASP C 602 24.13 50.07 24.13
CA ASP C 602 23.24 48.93 24.04
C ASP C 602 21.87 49.17 24.65
N PRO C 603 21.20 50.24 24.21
CA PRO C 603 19.87 50.59 24.70
C PRO C 603 18.88 49.44 24.48
N LEU C 604 17.87 49.29 25.36
CA LEU C 604 16.88 48.22 25.18
C LEU C 604 15.74 48.12 26.19
N ASN C 605 14.54 47.88 25.66
CA ASN C 605 13.32 47.76 26.45
C ASN C 605 13.39 46.65 27.49
N ASP C 606 13.89 46.98 28.68
CA ASP C 606 14.01 46.00 29.75
C ASP C 606 12.63 45.62 30.30
N ASN C 607 11.59 46.32 29.85
CA ASN C 607 10.23 46.06 30.29
C ASN C 607 9.90 44.60 29.98
N VAL C 608 10.04 44.24 28.72
CA VAL C 608 9.76 42.88 28.26
C VAL C 608 10.88 41.96 28.75
N THR C 609 12.08 42.52 28.82
CA THR C 609 13.27 41.79 29.26
C THR C 609 13.02 40.93 30.52
N SER C 610 12.57 41.55 31.61
CA SER C 610 12.31 40.83 32.86
C SER C 610 11.01 40.05 32.76
N LEU C 611 10.24 40.35 31.71
CA LEU C 611 8.98 39.67 31.47
C LEU C 611 9.37 38.32 30.89
N LEU C 612 10.57 38.30 30.29
CA LEU C 612 11.15 37.10 29.69
C LEU C 612 11.84 36.34 30.81
N ASN C 613 12.62 37.08 31.60
CA ASN C 613 13.36 36.52 32.72
C ASN C 613 12.48 35.55 33.51
N GLN C 614 11.18 35.80 33.48
CA GLN C 614 10.21 34.95 34.17
C GLN C 614 9.19 34.43 33.15
N SER C 615 9.70 33.90 32.05
CA SER C 615 8.85 33.37 31.00
C SER C 615 8.72 31.87 31.24
N SER C 616 7.71 31.26 30.63
CA SER C 616 7.49 29.83 30.79
C SER C 616 8.57 29.04 30.02
N ASP C 617 9.04 29.59 28.90
CA ASP C 617 10.06 28.93 28.08
C ASP C 617 11.37 28.86 28.84
N LYS C 618 11.50 27.85 29.69
CA LYS C 618 12.71 27.67 30.49
C LYS C 618 13.93 28.01 29.68
N PHE C 619 14.03 27.40 28.50
CA PHE C 619 15.16 27.63 27.63
C PHE C 619 15.41 29.14 27.45
N VAL C 620 14.35 29.87 27.15
CA VAL C 620 14.43 31.32 26.95
C VAL C 620 14.53 32.01 28.31
N ALA C 621 14.10 31.29 29.33
CA ALA C 621 14.13 31.76 30.71
C ALA C 621 15.58 31.70 31.19
N ASP C 622 16.21 30.58 30.84
CA ASP C 622 17.61 30.30 31.17
C ASP C 622 18.52 31.19 30.33
N LEU C 623 17.98 31.62 29.20
CA LEU C 623 18.68 32.48 28.24
C LEU C 623 18.93 33.85 28.86
N TRP C 624 17.87 34.44 29.41
CA TRP C 624 17.87 35.76 30.07
C TRP C 624 17.78 35.66 31.59
N LYS C 625 18.02 34.47 32.11
CA LYS C 625 17.94 34.18 33.55
C LYS C 625 18.69 35.18 34.42
N ASP C 626 19.86 35.60 33.94
CA ASP C 626 20.71 36.57 34.65
C ASP C 626 20.63 37.90 33.88
N VAL C 627 19.62 38.69 34.22
CA VAL C 627 19.40 39.97 33.54
C VAL C 627 19.53 41.18 34.44
N ASP C 628 20.63 41.26 35.15
CA ASP C 628 20.86 42.37 36.05
C ASP C 628 21.80 43.43 35.44
N ARG C 629 21.96 43.41 34.11
CA ARG C 629 22.81 44.39 33.44
C ARG C 629 22.06 45.18 32.34
N ILE C 630 20.82 44.78 32.06
CA ILE C 630 19.97 45.42 31.04
C ILE C 630 19.80 46.93 31.28
N VAL C 631 19.43 47.66 30.23
CA VAL C 631 19.22 49.11 30.30
C VAL C 631 17.74 49.45 30.48
N GLY C 632 17.47 50.24 31.51
CA GLY C 632 16.11 50.66 31.82
C GLY C 632 16.06 52.17 31.95
N LEU C 633 17.25 52.75 32.10
CA LEU C 633 17.43 54.20 32.23
C LEU C 633 17.24 54.93 30.90
N PHE C 655 26.34 50.42 32.87
CA PHE C 655 27.58 49.94 33.55
C PHE C 655 28.81 50.22 32.68
N ARG C 656 29.12 49.29 31.77
CA ARG C 656 30.28 49.45 30.91
C ARG C 656 29.96 49.68 29.43
N THR C 657 30.84 50.43 28.78
CA THR C 657 30.69 50.75 27.37
C THR C 657 31.22 49.59 26.52
N VAL C 658 30.47 49.29 25.47
CA VAL C 658 30.83 48.22 24.54
C VAL C 658 32.33 48.28 24.26
N GLY C 659 32.72 49.47 23.82
CA GLY C 659 34.11 49.82 23.44
C GLY C 659 35.15 49.26 24.43
N GLN C 660 35.04 49.71 25.67
CA GLN C 660 35.98 49.30 26.74
C GLN C 660 35.70 47.86 27.15
N LEU C 661 34.44 47.45 27.09
CA LEU C 661 34.11 46.08 27.44
C LEU C 661 34.93 45.17 26.51
N TYR C 662 35.07 45.61 25.27
CA TYR C 662 35.83 44.89 24.25
C TYR C 662 37.33 44.97 24.52
N LYS C 663 37.89 46.17 24.35
CA LYS C 663 39.30 46.40 24.59
C LYS C 663 39.72 45.88 25.96
N GLU C 664 38.74 45.48 26.77
CA GLU C 664 39.00 44.96 28.11
C GLU C 664 39.19 43.45 28.03
N GLN C 665 38.71 42.87 26.94
CA GLN C 665 38.82 41.43 26.71
C GLN C 665 39.82 41.20 25.59
N LEU C 666 39.86 42.15 24.65
CA LEU C 666 40.78 42.08 23.52
C LEU C 666 42.15 42.50 24.05
N THR C 667 42.22 42.66 25.37
CA THR C 667 43.46 43.04 26.04
C THR C 667 43.88 41.76 26.74
N LYS C 668 42.88 40.96 27.08
CA LYS C 668 43.12 39.69 27.73
C LYS C 668 43.90 38.91 26.70
N LEU C 669 43.33 38.82 25.50
CA LEU C 669 43.93 38.12 24.38
C LEU C 669 45.45 38.36 24.29
N MET C 670 45.82 39.54 23.81
CA MET C 670 47.22 39.95 23.65
C MET C 670 48.09 39.79 24.88
N THR C 671 47.49 39.41 26.01
CA THR C 671 48.25 39.23 27.24
C THR C 671 48.75 37.80 27.27
N THR C 672 47.89 36.86 26.85
CA THR C 672 48.28 35.45 26.82
C THR C 672 49.12 35.18 25.59
N LEU C 673 48.78 35.81 24.47
CA LEU C 673 49.54 35.62 23.24
C LEU C 673 51.01 35.91 23.48
N ARG C 674 51.30 37.10 23.99
CA ARG C 674 52.67 37.49 24.27
C ARG C 674 53.31 36.53 25.27
N ASN C 675 52.47 35.67 25.86
CA ASN C 675 52.92 34.68 26.84
C ASN C 675 53.07 33.28 26.22
N THR C 676 52.83 33.20 24.92
CA THR C 676 52.93 31.93 24.17
C THR C 676 53.90 32.17 23.03
N ASN C 677 54.02 31.20 22.13
CA ASN C 677 54.93 31.35 21.00
C ASN C 677 54.15 31.55 19.70
N PRO C 678 54.28 32.73 19.10
CA PRO C 678 53.56 32.98 17.85
C PRO C 678 54.04 32.14 16.67
N ASN C 679 53.08 31.79 15.81
CA ASN C 679 53.34 30.98 14.60
C ASN C 679 52.37 31.51 13.55
N PHE C 680 52.88 32.44 12.73
CA PHE C 680 52.09 33.07 11.70
C PHE C 680 51.91 32.30 10.43
N VAL C 681 50.65 32.32 9.99
CA VAL C 681 50.17 31.71 8.76
C VAL C 681 49.53 32.87 7.98
N ARG C 682 50.39 33.58 7.27
CA ARG C 682 50.03 34.75 6.48
C ARG C 682 49.26 34.40 5.21
N CYS C 683 47.95 34.23 5.38
CA CYS C 683 47.04 33.91 4.28
C CYS C 683 46.86 35.18 3.45
N ILE C 684 47.04 35.03 2.15
CA ILE C 684 46.94 36.13 1.20
C ILE C 684 45.87 35.89 0.14
N ILE C 685 44.94 36.84 0.04
CA ILE C 685 43.86 36.79 -0.94
C ILE C 685 44.51 36.97 -2.33
N PRO C 686 44.03 36.23 -3.34
CA PRO C 686 44.52 36.27 -4.71
C PRO C 686 43.90 37.32 -5.62
N ASN C 687 42.58 37.45 -5.57
CA ASN C 687 41.88 38.42 -6.40
C ASN C 687 40.49 38.72 -5.82
N HIS C 688 39.93 39.84 -6.26
CA HIS C 688 38.61 40.28 -5.81
C HIS C 688 37.49 39.81 -6.70
N GLU C 689 37.80 38.94 -7.65
CA GLU C 689 36.79 38.43 -8.56
C GLU C 689 36.13 37.18 -8.00
N LYS C 690 36.66 36.70 -6.89
CA LYS C 690 36.13 35.49 -6.25
C LYS C 690 36.30 34.34 -7.24
N ARG C 691 37.16 34.56 -8.23
CA ARG C 691 37.46 33.59 -9.27
C ARG C 691 38.84 32.99 -9.03
N ALA C 692 38.93 31.67 -9.14
CA ALA C 692 40.18 30.96 -8.96
C ALA C 692 41.02 31.04 -10.24
N GLY C 693 42.27 30.60 -10.17
CA GLY C 693 43.12 30.63 -11.35
C GLY C 693 43.59 32.04 -11.69
N LYS C 694 42.97 33.03 -11.06
CA LYS C 694 43.34 34.42 -11.29
C LYS C 694 44.14 34.89 -10.09
N LEU C 695 45.22 35.61 -10.38
CA LEU C 695 46.08 36.14 -9.33
C LEU C 695 46.42 37.59 -9.60
N ASP C 696 45.75 38.47 -8.85
CA ASP C 696 45.94 39.91 -8.96
C ASP C 696 47.39 40.23 -8.64
N ALA C 697 48.00 40.99 -9.54
CA ALA C 697 49.39 41.41 -9.44
C ALA C 697 49.66 42.22 -8.19
N HIS C 698 49.53 43.54 -8.36
CA HIS C 698 49.76 44.52 -7.31
C HIS C 698 49.05 44.16 -6.00
N LEU C 699 47.75 43.92 -6.10
CA LEU C 699 46.95 43.56 -4.91
C LEU C 699 47.72 42.59 -4.03
N VAL C 700 48.15 41.50 -4.66
CA VAL C 700 48.90 40.43 -4.00
C VAL C 700 50.26 40.96 -3.52
N LEU C 701 50.79 41.86 -4.35
CA LEU C 701 52.07 42.52 -4.15
C LEU C 701 52.07 43.46 -2.95
N GLU C 702 50.99 44.24 -2.84
CA GLU C 702 50.83 45.22 -1.75
C GLU C 702 50.52 44.54 -0.43
N GLN C 703 49.70 43.50 -0.49
CA GLN C 703 49.32 42.73 0.68
C GLN C 703 50.60 42.27 1.38
N LEU C 704 51.55 41.88 0.54
CA LEU C 704 52.86 41.40 0.95
C LEU C 704 53.64 42.50 1.67
N ARG C 705 53.43 43.72 1.20
CA ARG C 705 54.09 44.91 1.74
C ARG C 705 53.45 45.37 3.04
N CYS C 706 52.12 45.36 3.05
CA CYS C 706 51.32 45.77 4.20
C CYS C 706 51.14 44.62 5.18
N ASN C 707 52.03 43.63 5.07
CA ASN C 707 52.03 42.44 5.92
C ASN C 707 53.46 42.22 6.42
N GLY C 708 54.31 43.17 6.04
CA GLY C 708 55.73 43.18 6.41
C GLY C 708 56.40 41.86 6.14
N VAL C 709 56.23 41.38 4.91
CA VAL C 709 56.80 40.10 4.47
C VAL C 709 58.30 40.23 4.26
N LEU C 710 58.65 40.98 3.21
CA LEU C 710 60.03 41.22 2.82
C LEU C 710 60.94 41.52 4.01
N GLU C 711 60.45 42.39 4.90
CA GLU C 711 61.21 42.78 6.10
C GLU C 711 61.39 41.59 7.02
N GLY C 712 60.37 40.74 7.06
CA GLY C 712 60.35 39.55 7.88
C GLY C 712 61.47 38.60 7.48
N ILE C 713 61.62 38.44 6.17
CA ILE C 713 62.63 37.58 5.56
C ILE C 713 64.02 38.17 5.80
N ARG C 714 64.05 39.50 5.87
CA ARG C 714 65.28 40.26 6.09
C ARG C 714 65.90 39.91 7.43
N ILE C 715 65.09 39.97 8.47
CA ILE C 715 65.52 39.67 9.84
C ILE C 715 65.96 38.22 9.95
N CYS C 716 65.20 37.36 9.29
CA CYS C 716 65.45 35.92 9.28
C CYS C 716 66.84 35.59 8.76
N ARG C 717 67.20 36.23 7.65
CA ARG C 717 68.49 36.00 7.02
C ARG C 717 69.56 37.02 7.44
N GLN C 718 69.08 38.14 7.98
CA GLN C 718 69.97 39.23 8.43
C GLN C 718 70.61 38.92 9.79
N GLY C 719 69.76 38.55 10.75
CA GLY C 719 70.20 38.23 12.10
C GLY C 719 70.39 36.74 12.32
N PHE C 720 70.42 36.35 13.60
CA PHE C 720 70.58 34.95 14.04
C PHE C 720 69.26 34.51 14.68
N PRO C 721 68.25 34.26 13.85
CA PRO C 721 66.93 33.82 14.30
C PRO C 721 66.91 32.57 15.16
N ASN C 722 68.05 32.19 15.71
CA ASN C 722 68.13 30.99 16.56
C ASN C 722 69.06 31.21 17.74
N ARG C 723 68.70 30.64 18.88
CA ARG C 723 69.47 30.77 20.10
C ARG C 723 69.34 29.55 20.97
N ILE C 724 70.32 29.36 21.85
CA ILE C 724 70.33 28.22 22.75
C ILE C 724 71.30 28.43 23.89
N VAL C 725 70.77 28.26 25.10
CA VAL C 725 71.56 28.38 26.32
C VAL C 725 72.65 27.32 26.27
N PHE C 726 73.83 27.73 26.73
CA PHE C 726 75.00 26.86 26.75
C PHE C 726 74.65 25.43 27.14
N GLN C 727 74.47 25.24 28.44
CA GLN C 727 74.15 23.95 29.04
C GLN C 727 73.55 22.93 28.08
N GLU C 728 72.39 23.29 27.53
CA GLU C 728 71.65 22.43 26.60
C GLU C 728 72.39 22.14 25.29
N PHE C 729 73.01 23.19 24.75
CA PHE C 729 73.77 23.07 23.49
C PHE C 729 74.87 22.03 23.61
N ARG C 730 75.60 22.13 24.71
CA ARG C 730 76.71 21.24 25.02
C ARG C 730 76.19 19.88 25.46
N GLN C 731 74.98 19.90 26.00
CA GLN C 731 74.29 18.71 26.50
C GLN C 731 73.91 17.78 25.36
N ARG C 732 73.56 18.37 24.22
CA ARG C 732 73.15 17.63 23.04
C ARG C 732 74.30 17.32 22.09
N TYR C 733 74.84 18.39 21.51
CA TYR C 733 75.94 18.30 20.55
C TYR C 733 77.31 18.21 21.21
N GLU C 734 77.59 17.03 21.75
CA GLU C 734 78.87 16.73 22.40
C GLU C 734 79.37 15.41 21.83
N ILE C 735 78.40 14.54 21.54
CA ILE C 735 78.63 13.23 20.96
C ILE C 735 79.24 13.42 19.59
N LEU C 736 79.10 14.66 19.11
CA LEU C 736 79.60 15.11 17.82
C LEU C 736 80.95 15.79 18.02
N ALA C 737 81.28 15.99 19.30
CA ALA C 737 82.53 16.62 19.74
C ALA C 737 82.91 16.04 21.10
N ALA C 738 83.39 14.80 21.06
CA ALA C 738 83.80 14.04 22.25
C ALA C 738 85.11 14.56 22.83
N ASN C 739 86.11 14.64 21.96
CA ASN C 739 87.45 15.09 22.33
C ASN C 739 87.58 16.60 22.16
N ALA C 740 86.95 17.33 23.09
CA ALA C 740 86.96 18.78 23.09
C ALA C 740 87.13 19.33 24.50
N ILE C 741 86.12 19.07 25.32
CA ILE C 741 86.06 19.51 26.71
C ILE C 741 86.88 18.60 27.63
N PRO C 742 87.74 19.16 28.47
CA PRO C 742 88.53 18.33 29.38
C PRO C 742 87.54 17.55 30.24
N LYS C 743 88.05 16.96 31.31
CA LYS C 743 87.25 16.15 32.24
C LYS C 743 86.58 16.97 33.34
N GLY C 744 87.14 18.15 33.60
CA GLY C 744 86.64 19.02 34.64
C GLY C 744 85.37 19.76 34.27
N PHE C 745 84.64 20.16 35.32
CA PHE C 745 83.37 20.90 35.24
C PHE C 745 83.71 22.39 35.11
N MET C 746 83.71 22.88 33.88
CA MET C 746 84.05 24.27 33.60
C MET C 746 82.88 25.07 33.04
N ASP C 747 83.15 26.36 32.87
CA ASP C 747 82.22 27.36 32.36
C ASP C 747 81.52 26.87 31.10
N GLY C 748 80.19 26.91 31.15
CA GLY C 748 79.34 26.49 30.06
C GLY C 748 79.65 27.25 28.79
N LYS C 749 80.22 28.44 28.97
CA LYS C 749 80.59 29.31 27.86
C LYS C 749 81.84 28.82 27.13
N GLN C 750 82.89 28.60 27.91
CA GLN C 750 84.18 28.15 27.38
C GLN C 750 84.12 26.69 26.91
N ALA C 751 83.23 25.93 27.52
CA ALA C 751 83.05 24.51 27.18
C ALA C 751 82.38 24.41 25.82
N CYS C 752 81.37 25.25 25.64
CA CYS C 752 80.58 25.32 24.42
C CYS C 752 81.43 25.89 23.28
N ILE C 753 82.34 26.79 23.65
CA ILE C 753 83.25 27.43 22.71
C ILE C 753 84.17 26.40 22.09
N LEU C 754 84.66 25.51 22.95
CA LEU C 754 85.57 24.44 22.57
C LEU C 754 84.89 23.46 21.62
N MET C 755 83.61 23.26 21.84
CA MET C 755 82.80 22.36 21.02
C MET C 755 82.65 22.90 19.61
N ILE C 756 82.20 24.15 19.56
CA ILE C 756 81.97 24.89 18.31
C ILE C 756 83.25 24.98 17.48
N LYS C 757 84.36 25.19 18.19
CA LYS C 757 85.68 25.33 17.59
C LYS C 757 86.15 24.03 16.95
N ALA C 758 85.76 22.92 17.57
CA ALA C 758 86.11 21.57 17.13
C ALA C 758 85.48 21.27 15.77
N LEU C 759 84.20 21.64 15.64
CA LEU C 759 83.45 21.43 14.38
C LEU C 759 83.74 22.56 13.41
N GLU C 760 84.77 23.33 13.75
CA GLU C 760 85.21 24.46 12.95
C GLU C 760 84.04 25.26 12.37
N LEU C 761 83.10 25.61 13.25
CA LEU C 761 81.94 26.39 12.86
C LEU C 761 82.42 27.77 12.39
N ASP C 762 81.91 28.23 11.26
CA ASP C 762 82.30 29.53 10.73
C ASP C 762 81.78 30.65 11.60
N PRO C 763 82.70 31.43 12.16
CA PRO C 763 82.37 32.55 13.03
C PRO C 763 81.36 33.54 12.44
N ASN C 764 80.53 33.10 11.50
CA ASN C 764 79.58 34.02 10.94
C ASN C 764 78.19 33.45 10.82
N LEU C 765 78.09 32.19 11.14
CA LEU C 765 76.75 31.59 11.18
C LEU C 765 76.09 31.78 12.55
N TYR C 766 77.02 31.72 13.55
CA TYR C 766 76.63 31.87 14.95
C TYR C 766 77.23 33.13 15.56
N ARG C 767 76.58 33.58 16.66
CA ARG C 767 77.00 34.77 17.41
C ARG C 767 76.99 34.41 18.90
N ILE C 768 78.13 34.51 19.57
CA ILE C 768 78.22 34.18 21.01
C ILE C 768 77.73 35.26 21.99
N GLY C 769 77.08 34.83 23.07
CA GLY C 769 76.58 35.74 24.08
C GLY C 769 76.91 35.41 25.52
N GLN C 770 76.16 36.01 26.45
CA GLN C 770 76.35 35.81 27.88
C GLN C 770 76.17 34.37 28.31
N SER C 771 74.97 33.85 28.08
CA SER C 771 74.62 32.48 28.42
C SER C 771 73.61 32.03 27.39
N LYS C 772 74.10 31.78 26.17
CA LYS C 772 73.21 31.37 25.11
C LYS C 772 73.95 31.61 23.77
N ILE C 773 73.64 30.81 22.75
CA ILE C 773 74.29 30.98 21.42
C ILE C 773 73.25 31.38 20.37
N PHE C 774 73.66 32.26 19.47
CA PHE C 774 72.77 32.72 18.42
C PHE C 774 73.23 32.21 17.07
N PHE C 775 72.85 30.98 16.76
CA PHE C 775 73.20 30.34 15.50
C PHE C 775 72.36 30.89 14.34
N ARG C 776 72.87 30.73 13.13
CA ARG C 776 72.18 31.20 11.93
C ARG C 776 71.14 30.11 11.61
N THR C 777 70.32 30.36 10.60
CA THR C 777 69.28 29.39 10.23
C THR C 777 69.87 28.09 9.72
N GLY C 778 69.21 26.99 10.10
CA GLY C 778 69.60 25.65 9.71
C GLY C 778 70.99 25.25 10.19
N VAL C 779 71.70 26.22 10.75
CA VAL C 779 73.05 25.96 11.26
C VAL C 779 72.95 25.00 12.45
N LEU C 780 71.71 24.83 12.92
CA LEU C 780 71.38 23.95 14.04
C LEU C 780 70.83 22.62 13.55
N ALA C 781 70.14 22.69 12.41
CA ALA C 781 69.55 21.51 11.78
C ALA C 781 70.66 20.54 11.41
N HIS C 782 71.78 21.10 10.96
CA HIS C 782 72.95 20.31 10.54
C HIS C 782 73.50 19.53 11.73
N LEU C 783 73.66 20.25 12.84
CA LEU C 783 74.18 19.69 14.10
C LEU C 783 73.25 18.58 14.59
N GLU C 784 71.96 18.85 14.42
CA GLU C 784 70.87 17.96 14.83
C GLU C 784 70.89 16.65 14.05
N GLU C 785 71.07 16.77 12.75
CA GLU C 785 71.10 15.63 11.83
C GLU C 785 72.35 14.78 12.01
N GLU C 786 73.47 15.47 12.21
CA GLU C 786 74.76 14.82 12.41
C GLU C 786 74.73 13.97 13.67
N ARG C 787 74.13 14.56 14.71
CA ARG C 787 74.00 13.92 16.02
C ARG C 787 73.09 12.70 15.95
N ASP C 788 72.02 12.83 15.17
CA ASP C 788 71.03 11.76 14.99
C ASP C 788 71.67 10.56 14.29
N LEU C 789 72.51 10.89 13.32
CA LEU C 789 73.24 9.92 12.50
C LEU C 789 74.19 9.08 13.35
N LYS C 790 74.84 9.77 14.28
CA LYS C 790 75.82 9.17 15.19
C LYS C 790 75.21 8.36 16.32
N ILE C 791 73.97 7.90 16.13
CA ILE C 791 73.28 7.12 17.15
C ILE C 791 72.25 6.15 16.57
N THR C 792 71.93 6.35 15.29
CA THR C 792 70.94 5.51 14.59
C THR C 792 71.15 4.04 14.94
N ASP C 793 72.31 3.52 14.54
CA ASP C 793 72.68 2.13 14.77
C ASP C 793 72.24 1.68 16.16
N VAL C 794 72.79 2.36 17.17
CA VAL C 794 72.50 2.09 18.57
C VAL C 794 70.98 2.06 18.77
N ILE C 795 70.31 2.98 18.09
CA ILE C 795 68.85 3.11 18.15
C ILE C 795 68.21 1.90 17.47
N ILE C 796 68.88 1.41 16.43
CA ILE C 796 68.42 0.25 15.66
C ILE C 796 68.65 -1.02 16.46
N ALA C 797 69.82 -1.06 17.11
CA ALA C 797 70.23 -2.19 17.95
C ALA C 797 69.26 -2.37 19.11
N PHE C 798 69.02 -1.27 19.82
CA PHE C 798 68.12 -1.25 20.97
C PHE C 798 66.68 -1.43 20.52
N GLN C 799 66.38 -0.90 19.34
CA GLN C 799 65.06 -0.99 18.74
C GLN C 799 64.68 -2.44 18.56
N ALA C 800 65.69 -3.21 18.15
CA ALA C 800 65.57 -4.65 17.90
C ALA C 800 65.36 -5.39 19.23
N GLN C 801 66.06 -4.91 20.25
CA GLN C 801 65.99 -5.48 21.59
C GLN C 801 64.61 -5.27 22.18
N CYS C 802 64.07 -4.08 21.93
CA CYS C 802 62.74 -3.67 22.39
C CYS C 802 61.67 -4.51 21.70
N ARG C 803 61.91 -4.78 20.43
CA ARG C 803 61.01 -5.59 19.60
C ARG C 803 60.92 -7.00 20.16
N GLY C 804 62.10 -7.53 20.49
CA GLY C 804 62.23 -8.87 21.04
C GLY C 804 61.41 -9.00 22.30
N TYR C 805 61.54 -7.99 23.17
CA TYR C 805 60.83 -7.93 24.43
C TYR C 805 59.33 -7.91 24.18
N LEU C 806 58.94 -7.08 23.22
CA LEU C 806 57.55 -6.91 22.81
C LEU C 806 56.96 -8.20 22.25
N ALA C 807 57.72 -8.80 21.34
CA ALA C 807 57.35 -10.04 20.67
C ALA C 807 57.12 -11.20 21.63
N ARG C 808 58.10 -11.40 22.50
CA ARG C 808 58.06 -12.48 23.48
C ARG C 808 57.05 -12.24 24.59
N LYS C 809 56.71 -10.97 24.79
CA LYS C 809 55.79 -10.57 25.84
C LYS C 809 54.31 -10.75 25.46
N ALA C 810 53.96 -10.34 24.25
CA ALA C 810 52.58 -10.46 23.76
C ALA C 810 52.17 -11.90 23.56
N PHE C 811 53.12 -12.65 23.01
CA PHE C 811 52.95 -14.06 22.70
C PHE C 811 52.74 -14.91 23.95
N ALA C 812 53.21 -14.39 25.08
CA ALA C 812 53.11 -15.07 26.37
C ALA C 812 51.70 -14.95 26.94
N LYS C 813 51.05 -13.84 26.58
CA LYS C 813 49.70 -13.52 27.04
C LYS C 813 48.64 -14.31 26.27
N ARG C 814 48.85 -14.45 24.96
CA ARG C 814 47.92 -15.19 24.11
C ARG C 814 47.93 -16.67 24.47
N GLN C 815 49.13 -17.14 24.81
CA GLN C 815 49.36 -18.53 25.20
C GLN C 815 48.53 -18.88 26.43
N GLN C 816 48.34 -17.87 27.28
CA GLN C 816 47.59 -17.98 28.52
C GLN C 816 46.10 -18.13 28.31
N GLN C 817 45.58 -17.45 27.29
CA GLN C 817 44.15 -17.48 26.96
C GLN C 817 43.71 -18.89 26.57
N LEU C 818 44.51 -19.49 25.70
CA LEU C 818 44.27 -20.84 25.19
C LEU C 818 44.11 -21.83 26.32
N GLY C 819 45.04 -21.75 27.28
CA GLY C 819 45.07 -22.64 28.42
C GLY C 819 43.88 -22.48 29.35
N SER C 820 43.35 -21.27 29.38
CA SER C 820 42.20 -20.89 30.23
C SER C 820 40.89 -21.59 29.90
N PHE D 3 72.67 -26.40 17.96
CA PHE D 3 71.69 -26.50 19.07
C PHE D 3 71.61 -27.94 19.58
N SER D 4 71.41 -28.09 20.88
CA SER D 4 71.31 -29.41 21.50
C SER D 4 70.00 -30.09 21.13
N GLU D 5 70.02 -31.42 21.25
CA GLU D 5 68.89 -32.29 20.93
C GLU D 5 67.70 -32.11 21.87
N GLU D 6 68.02 -31.89 23.13
CA GLU D 6 67.01 -31.70 24.18
C GLU D 6 66.32 -30.35 24.00
N GLN D 7 67.13 -29.33 23.71
CA GLN D 7 66.67 -27.97 23.51
C GLN D 7 66.08 -27.80 22.12
N THR D 8 66.63 -28.57 21.18
CA THR D 8 66.22 -28.55 19.78
C THR D 8 64.82 -29.14 19.62
N ALA D 9 64.50 -30.06 20.52
CA ALA D 9 63.19 -30.73 20.55
C ALA D 9 62.14 -29.74 21.01
N GLU D 10 62.52 -28.98 22.04
CA GLU D 10 61.67 -27.95 22.64
C GLU D 10 61.51 -26.83 21.62
N PHE D 11 62.53 -26.68 20.80
CA PHE D 11 62.59 -25.68 19.74
C PHE D 11 61.43 -25.91 18.78
N LYS D 12 61.25 -27.18 18.44
CA LYS D 12 60.19 -27.63 17.53
C LYS D 12 58.83 -27.31 18.11
N GLU D 13 58.66 -27.59 19.40
CA GLU D 13 57.41 -27.34 20.11
C GLU D 13 57.00 -25.89 19.95
N ALA D 14 57.92 -25.02 20.37
CA ALA D 14 57.76 -23.58 20.33
C ALA D 14 57.44 -23.09 18.93
N PHE D 15 57.96 -23.82 17.95
CA PHE D 15 57.78 -23.48 16.55
C PHE D 15 56.38 -23.80 16.04
N GLN D 16 55.93 -25.02 16.36
CA GLN D 16 54.61 -25.51 15.96
C GLN D 16 53.50 -24.86 16.78
N LEU D 17 53.92 -24.19 17.85
CA LEU D 17 53.02 -23.48 18.75
C LEU D 17 52.66 -22.17 18.08
N PHE D 18 53.38 -21.91 16.99
CA PHE D 18 53.26 -20.73 16.14
C PHE D 18 52.63 -21.11 14.80
N ASP D 19 51.31 -21.29 14.82
CA ASP D 19 50.56 -21.65 13.62
C ASP D 19 49.09 -21.89 13.98
N ARG D 20 48.18 -21.20 13.30
CA ARG D 20 46.75 -21.36 13.57
C ARG D 20 46.26 -22.78 13.23
N THR D 21 46.10 -23.05 11.94
CA THR D 21 45.62 -24.36 11.47
C THR D 21 46.62 -25.46 11.90
N GLY D 22 47.47 -25.94 10.97
CA GLY D 22 48.44 -26.98 11.38
C GLY D 22 49.39 -27.51 10.28
N ASP D 23 49.54 -26.81 9.16
CA ASP D 23 50.48 -27.28 8.09
C ASP D 23 51.88 -27.43 8.68
N GLY D 24 52.05 -26.97 9.92
CA GLY D 24 53.35 -27.07 10.55
C GLY D 24 54.30 -26.12 9.84
N LYS D 25 53.73 -25.08 9.25
CA LYS D 25 54.50 -24.09 8.52
C LYS D 25 54.42 -22.71 9.16
N ILE D 26 55.58 -22.09 9.36
CA ILE D 26 55.65 -20.77 9.96
C ILE D 26 55.53 -19.79 8.80
N LEU D 27 54.52 -18.92 8.85
CA LEU D 27 54.32 -17.94 7.79
C LEU D 27 55.64 -17.21 7.59
N TYR D 28 55.87 -16.70 6.39
CA TYR D 28 57.12 -16.00 6.15
C TYR D 28 57.28 -14.79 7.05
N SER D 29 56.18 -14.08 7.26
CA SER D 29 56.21 -12.89 8.12
C SER D 29 56.25 -13.36 9.58
N GLN D 30 55.49 -14.42 9.85
CA GLN D 30 55.39 -15.03 11.17
C GLN D 30 56.63 -15.87 11.50
N CYS D 31 57.80 -15.26 11.34
CA CYS D 31 59.08 -15.93 11.62
C CYS D 31 59.87 -15.21 12.69
N GLY D 32 59.85 -13.88 12.58
CA GLY D 32 60.56 -13.00 13.51
C GLY D 32 60.26 -13.31 14.96
N ASP D 33 58.98 -13.27 15.29
CA ASP D 33 58.49 -13.52 16.65
C ASP D 33 58.83 -14.92 17.14
N VAL D 34 58.82 -15.87 16.21
CA VAL D 34 59.11 -17.27 16.49
C VAL D 34 60.55 -17.41 16.99
N MET D 35 61.45 -16.70 16.29
CA MET D 35 62.88 -16.70 16.58
C MET D 35 63.15 -16.02 17.93
N ARG D 36 62.51 -14.87 18.11
CA ARG D 36 62.63 -14.06 19.31
C ARG D 36 62.14 -14.84 20.52
N ALA D 37 61.00 -15.49 20.33
CA ALA D 37 60.35 -16.31 21.36
C ALA D 37 61.33 -17.34 21.90
N LEU D 38 62.20 -17.80 20.99
CA LEU D 38 63.23 -18.78 21.30
C LEU D 38 64.39 -18.11 22.02
N GLY D 39 64.12 -16.88 22.45
CA GLY D 39 65.06 -16.05 23.17
C GLY D 39 66.07 -15.37 22.26
N GLN D 40 65.66 -15.03 21.04
CA GLN D 40 66.58 -14.38 20.10
C GLN D 40 66.12 -12.97 19.82
N ASN D 41 67.12 -12.09 19.68
CA ASN D 41 66.91 -10.67 19.41
C ASN D 41 67.42 -10.26 18.02
N PRO D 42 67.12 -11.04 17.00
CA PRO D 42 67.57 -10.71 15.64
C PRO D 42 66.97 -9.38 15.23
N THR D 43 67.78 -8.56 14.57
CA THR D 43 67.35 -7.26 14.08
C THR D 43 66.33 -7.48 12.94
N ASN D 44 65.61 -6.42 12.61
CA ASN D 44 64.60 -6.47 11.55
C ASN D 44 65.25 -6.45 10.17
N ALA D 45 66.54 -6.79 10.17
CA ALA D 45 67.34 -6.83 8.95
C ALA D 45 67.82 -8.25 8.65
N GLU D 46 68.53 -8.79 9.63
CA GLU D 46 69.10 -10.14 9.55
C GLU D 46 68.06 -11.14 9.04
N VAL D 47 66.90 -11.10 9.70
CA VAL D 47 65.78 -11.98 9.36
C VAL D 47 65.46 -11.90 7.87
N MET D 48 65.37 -10.67 7.39
CA MET D 48 65.06 -10.37 5.99
C MET D 48 66.16 -10.90 5.08
N LYS D 49 67.40 -10.71 5.54
CA LYS D 49 68.59 -11.14 4.82
C LYS D 49 68.59 -12.64 4.58
N VAL D 50 68.16 -13.36 5.61
CA VAL D 50 68.09 -14.83 5.60
C VAL D 50 66.84 -15.32 4.86
N LEU D 51 65.93 -14.39 4.61
CA LEU D 51 64.66 -14.66 3.93
C LEU D 51 64.74 -14.43 2.42
N GLY D 52 65.96 -14.21 1.95
CA GLY D 52 66.19 -13.94 0.53
C GLY D 52 65.63 -12.57 0.20
N ASN D 53 65.01 -11.98 1.21
CA ASN D 53 64.41 -10.65 1.14
C ASN D 53 63.06 -10.70 0.41
N PRO D 54 62.15 -11.57 0.84
CA PRO D 54 60.83 -11.67 0.19
C PRO D 54 60.13 -10.34 0.30
N LYS D 55 58.99 -10.24 -0.40
CA LYS D 55 58.16 -9.06 -0.42
C LYS D 55 56.95 -9.22 0.49
N SER D 56 56.53 -8.11 1.06
CA SER D 56 55.39 -8.05 1.99
C SER D 56 54.22 -8.91 1.52
N ASP D 57 53.98 -8.86 0.21
CA ASP D 57 52.90 -9.61 -0.42
C ASP D 57 53.09 -11.11 -0.27
N GLU D 58 54.28 -11.56 -0.65
CA GLU D 58 54.67 -12.96 -0.60
C GLU D 58 54.93 -13.43 0.83
N MET D 59 55.23 -12.45 1.68
CA MET D 59 55.52 -12.68 3.09
C MET D 59 54.31 -13.21 3.85
N ASN D 60 53.14 -12.75 3.41
CA ASN D 60 51.86 -13.12 4.02
C ASN D 60 51.31 -14.42 3.44
N LEU D 61 51.95 -14.92 2.39
CA LEU D 61 51.52 -16.14 1.72
C LEU D 61 52.66 -17.12 1.46
N LYS D 62 53.70 -17.04 2.30
CA LYS D 62 54.85 -17.94 2.20
C LYS D 62 54.83 -18.89 3.39
N THR D 63 55.49 -20.04 3.22
CA THR D 63 55.53 -21.06 4.26
C THR D 63 56.95 -21.33 4.74
N LEU D 64 57.03 -22.05 5.86
CA LEU D 64 58.29 -22.41 6.50
C LEU D 64 58.08 -23.53 7.52
N LYS D 65 58.61 -24.70 7.19
CA LYS D 65 58.53 -25.88 8.04
C LYS D 65 59.59 -25.78 9.14
N PHE D 66 59.26 -26.30 10.31
CA PHE D 66 60.17 -26.27 11.46
C PHE D 66 61.56 -26.73 11.02
N GLU D 67 61.54 -27.79 10.20
CA GLU D 67 62.76 -28.40 9.67
C GLU D 67 63.49 -27.40 8.77
N GLN D 68 62.70 -26.60 8.06
CA GLN D 68 63.19 -25.58 7.14
C GLN D 68 63.73 -24.37 7.90
N PHE D 69 63.12 -24.17 9.06
CA PHE D 69 63.40 -23.07 9.97
C PHE D 69 64.71 -23.25 10.75
N LEU D 70 65.01 -24.51 11.04
CA LEU D 70 66.20 -24.89 11.80
C LEU D 70 67.52 -24.24 11.34
N PRO D 71 67.85 -24.35 10.06
CA PRO D 71 69.10 -23.75 9.57
C PRO D 71 69.22 -22.28 9.84
N MET D 72 68.09 -21.60 9.69
CA MET D 72 67.97 -20.16 9.88
C MET D 72 68.19 -19.74 11.33
N MET D 73 67.63 -20.55 12.23
CA MET D 73 67.69 -20.31 13.67
C MET D 73 69.12 -20.21 14.19
N GLN D 74 69.91 -21.24 13.89
CA GLN D 74 71.31 -21.33 14.31
C GLN D 74 72.16 -20.21 13.69
N THR D 75 72.03 -20.09 12.37
CA THR D 75 72.77 -19.09 11.60
C THR D 75 72.59 -17.72 12.24
N ILE D 76 71.34 -17.40 12.54
CA ILE D 76 70.95 -16.13 13.15
C ILE D 76 71.47 -16.09 14.58
N ALA D 77 71.38 -17.23 15.25
CA ALA D 77 71.82 -17.41 16.62
C ALA D 77 73.30 -17.10 16.74
N LYS D 78 73.99 -17.23 15.62
CA LYS D 78 75.43 -16.99 15.53
C LYS D 78 75.72 -15.77 14.66
N ASN D 79 76.16 -14.71 15.32
CA ASN D 79 76.51 -13.45 14.69
C ASN D 79 77.77 -12.88 15.34
N LYS D 80 77.94 -11.56 15.31
CA LYS D 80 79.14 -10.95 15.89
C LYS D 80 78.92 -9.95 17.03
N ASP D 81 78.06 -8.95 16.82
CA ASP D 81 77.81 -7.94 17.86
C ASP D 81 76.39 -7.86 18.40
N GLN D 82 76.26 -7.26 19.58
CA GLN D 82 75.00 -7.08 20.28
C GLN D 82 75.10 -5.90 21.26
N GLY D 83 74.27 -4.88 21.02
CA GLY D 83 74.25 -3.68 21.86
C GLY D 83 74.14 -3.99 23.35
N CYS D 84 74.44 -3.00 24.19
CA CYS D 84 74.38 -3.14 25.65
C CYS D 84 74.35 -1.75 26.32
N PHE D 85 73.96 -1.79 27.58
CA PHE D 85 73.87 -0.58 28.44
C PHE D 85 74.91 0.42 28.01
N GLU D 86 76.12 0.02 28.31
CA GLU D 86 77.32 0.78 28.03
C GLU D 86 77.07 1.77 26.89
N ASP D 87 76.53 1.25 25.80
CA ASP D 87 76.29 2.06 24.59
C ASP D 87 74.80 2.32 24.36
N TYR D 88 74.00 1.29 24.58
CA TYR D 88 72.54 1.38 24.39
C TYR D 88 72.01 2.69 24.94
N VAL D 89 72.06 2.79 26.26
CA VAL D 89 71.61 3.96 27.00
C VAL D 89 72.38 5.20 26.54
N GLU D 90 73.69 5.02 26.45
CA GLU D 90 74.61 6.07 26.03
C GLU D 90 73.91 7.04 25.10
N GLY D 91 73.27 6.46 24.09
CA GLY D 91 72.53 7.24 23.09
C GLY D 91 71.26 7.82 23.68
N LEU D 92 70.68 7.09 24.62
CA LEU D 92 69.46 7.47 25.31
C LEU D 92 69.70 8.68 26.21
N ARG D 93 70.93 8.77 26.68
CA ARG D 93 71.37 9.85 27.57
C ARG D 93 71.43 11.19 26.83
N VAL D 94 71.86 11.11 25.58
CA VAL D 94 72.01 12.26 24.68
C VAL D 94 70.74 13.11 24.58
N PHE D 95 69.60 12.50 24.91
CA PHE D 95 68.31 13.18 24.84
C PHE D 95 67.89 13.80 26.14
N ASP D 96 68.73 13.58 27.15
CA ASP D 96 68.53 14.10 28.50
C ASP D 96 68.30 15.60 28.48
N LYS D 97 67.08 16.00 28.83
CA LYS D 97 66.69 17.40 28.87
C LYS D 97 67.87 18.28 29.27
N GLU D 98 68.33 18.08 30.51
CA GLU D 98 69.46 18.82 31.07
C GLU D 98 70.28 17.94 32.02
N GLY D 99 70.32 16.64 31.70
CA GLY D 99 71.06 15.65 32.49
C GLY D 99 70.25 15.13 33.66
N ASN D 100 68.94 15.05 33.44
CA ASN D 100 67.97 14.59 34.44
C ASN D 100 68.13 13.09 34.70
N GLY D 101 69.06 12.48 33.96
CA GLY D 101 69.31 11.06 34.08
C GLY D 101 68.05 10.29 33.74
N THR D 102 67.10 11.03 33.17
CA THR D 102 65.81 10.52 32.76
C THR D 102 65.27 11.37 31.61
N VAL D 103 64.75 10.73 30.58
CA VAL D 103 64.20 11.44 29.44
C VAL D 103 62.69 11.44 29.58
N MET D 104 62.02 12.04 28.61
CA MET D 104 60.57 12.10 28.63
C MET D 104 59.93 10.97 27.82
N GLY D 105 58.60 11.00 27.79
CA GLY D 105 57.80 10.00 27.10
C GLY D 105 57.66 10.27 25.61
N ALA D 106 57.87 11.53 25.24
CA ALA D 106 57.77 11.96 23.84
C ALA D 106 59.14 11.88 23.17
N GLU D 107 60.13 12.42 23.87
CA GLU D 107 61.51 12.41 23.38
C GLU D 107 61.89 11.00 22.98
N ILE D 108 61.50 10.07 23.84
CA ILE D 108 61.74 8.64 23.67
C ILE D 108 60.90 8.05 22.55
N ARG D 109 59.58 8.26 22.66
CA ARG D 109 58.62 7.75 21.68
C ARG D 109 58.98 8.21 20.27
N HIS D 110 59.20 9.52 20.14
CA HIS D 110 59.55 10.14 18.87
C HIS D 110 60.77 9.50 18.23
N VAL D 111 61.83 9.42 19.04
CA VAL D 111 63.11 8.85 18.62
C VAL D 111 62.95 7.42 18.10
N LEU D 112 62.44 6.56 18.98
CA LEU D 112 62.22 5.15 18.70
C LEU D 112 61.28 4.91 17.52
N VAL D 113 60.81 6.00 16.92
CA VAL D 113 59.87 5.90 15.80
C VAL D 113 60.15 6.94 14.71
N THR D 114 61.42 7.26 14.52
CA THR D 114 61.83 8.24 13.51
C THR D 114 63.30 8.02 13.16
N LEU D 115 63.89 7.08 13.89
CA LEU D 115 65.29 6.71 13.72
C LEU D 115 65.42 5.21 13.47
N GLY D 116 66.06 4.91 12.35
CA GLY D 116 66.29 3.53 11.93
C GLY D 116 65.02 2.73 11.84
N GLU D 117 65.11 1.51 12.36
CA GLU D 117 64.02 0.53 12.39
C GLU D 117 62.90 1.04 13.29
N LYS D 118 62.13 1.96 12.74
CA LYS D 118 61.01 2.61 13.40
C LYS D 118 59.94 1.65 13.88
N MET D 119 59.71 1.68 15.20
CA MET D 119 58.70 0.89 15.87
C MET D 119 57.39 1.69 15.80
N THR D 120 56.30 1.00 15.50
CA THR D 120 54.99 1.62 15.38
C THR D 120 54.55 2.30 16.69
N GLU D 121 53.75 3.35 16.53
CA GLU D 121 53.21 4.14 17.63
C GLU D 121 52.94 3.25 18.83
N GLU D 122 52.34 2.10 18.55
CA GLU D 122 52.01 1.11 19.56
C GLU D 122 53.27 0.71 20.32
N GLU D 123 54.11 -0.04 19.59
CA GLU D 123 55.38 -0.56 20.08
C GLU D 123 56.01 0.35 21.12
N VAL D 124 56.13 1.63 20.77
CA VAL D 124 56.73 2.65 21.60
C VAL D 124 55.89 2.97 22.84
N GLU D 125 54.61 3.17 22.60
CA GLU D 125 53.64 3.52 23.64
C GLU D 125 53.51 2.43 24.70
N GLN D 126 53.16 1.22 24.25
CA GLN D 126 52.97 0.07 25.13
C GLN D 126 54.30 -0.44 25.69
N LEU D 127 55.40 -0.05 25.05
CA LEU D 127 56.73 -0.49 25.47
C LEU D 127 57.18 0.18 26.75
N VAL D 128 56.97 1.49 26.81
CA VAL D 128 57.35 2.30 27.98
C VAL D 128 56.15 2.57 28.88
N ALA D 129 54.98 2.29 28.32
CA ALA D 129 53.70 2.47 29.01
C ALA D 129 53.76 1.97 30.45
N GLY D 130 54.04 2.91 31.36
CA GLY D 130 54.11 2.60 32.79
C GLY D 130 55.39 3.11 33.44
N HIS D 131 56.33 3.55 32.61
CA HIS D 131 57.61 4.05 33.08
C HIS D 131 57.57 5.56 33.24
N GLU D 132 56.67 6.18 32.50
CA GLU D 132 56.51 7.64 32.56
C GLU D 132 55.73 7.96 33.84
N ASP D 133 56.28 8.83 34.67
CA ASP D 133 55.61 9.20 35.92
C ASP D 133 54.59 10.31 35.80
N SER D 134 54.46 11.08 36.89
CA SER D 134 53.53 12.19 36.97
C SER D 134 53.92 13.23 35.92
N ASN D 135 55.18 13.64 35.97
CA ASN D 135 55.69 14.62 35.03
C ASN D 135 55.89 13.91 33.70
N GLY D 136 55.64 12.61 33.70
CA GLY D 136 55.78 11.79 32.52
C GLY D 136 57.21 11.59 32.06
N CYS D 137 58.07 11.14 32.98
CA CYS D 137 59.48 10.91 32.67
C CYS D 137 59.77 9.42 32.76
N ILE D 138 60.62 8.94 31.88
CA ILE D 138 60.99 7.52 31.85
C ILE D 138 62.51 7.40 32.02
N ASN D 139 62.97 6.94 33.17
CA ASN D 139 64.40 6.77 33.38
C ASN D 139 64.93 5.69 32.44
N TYR D 140 65.84 6.10 31.56
CA TYR D 140 66.43 5.18 30.57
C TYR D 140 67.34 4.17 31.24
N GLU D 141 68.18 4.66 32.16
CA GLU D 141 69.11 3.83 32.91
C GLU D 141 68.36 2.76 33.69
N GLU D 142 67.13 2.52 33.28
CA GLU D 142 66.25 1.54 33.92
C GLU D 142 65.21 0.97 32.94
N LEU D 143 64.96 1.72 31.87
CA LEU D 143 64.00 1.32 30.84
C LEU D 143 64.61 0.22 29.96
N VAL D 144 65.82 0.51 29.51
CA VAL D 144 66.59 -0.39 28.65
C VAL D 144 66.76 -1.74 29.33
N ARG D 145 67.04 -1.67 30.62
CA ARG D 145 67.25 -2.84 31.48
C ARG D 145 66.02 -3.71 31.54
N MET D 146 64.87 -3.07 31.56
CA MET D 146 63.56 -3.73 31.63
C MET D 146 63.29 -4.57 30.38
N VAL D 147 63.93 -4.17 29.28
CA VAL D 147 63.77 -4.84 28.00
C VAL D 147 64.90 -5.86 27.76
N LEU D 148 66.08 -5.49 28.24
CA LEU D 148 67.29 -6.32 28.12
C LEU D 148 67.26 -7.49 29.09
N SER D 149 67.47 -7.16 30.37
CA SER D 149 67.48 -8.13 31.45
C SER D 149 66.13 -8.83 31.53
N GLY D 150 65.10 -8.11 31.08
CA GLY D 150 63.74 -8.61 31.06
C GLY D 150 63.63 -9.67 29.97
N ALA E 1 -25.55 7.04 78.32
CA ALA E 1 -26.16 8.37 78.03
C ALA E 1 -27.41 8.21 77.16
N GLN E 2 -27.85 6.96 76.99
CA GLN E 2 -29.02 6.66 76.17
C GLN E 2 -30.24 6.11 76.89
N LYS E 3 -31.30 5.91 76.12
CA LYS E 3 -32.58 5.40 76.59
C LYS E 3 -32.47 4.22 77.56
N PRO E 4 -33.58 3.88 78.24
CA PRO E 4 -33.67 2.78 79.20
C PRO E 4 -34.39 1.61 78.53
N LEU E 5 -33.92 0.39 78.74
CA LEU E 5 -34.57 -0.75 78.11
C LEU E 5 -35.02 -1.86 79.05
N SER E 6 -36.31 -2.14 78.99
CA SER E 6 -36.94 -3.17 79.81
C SER E 6 -36.18 -4.48 79.87
N ASP E 7 -36.64 -5.35 80.75
CA ASP E 7 -36.04 -6.67 80.94
C ASP E 7 -35.98 -7.43 79.62
N ASP E 8 -36.94 -7.15 78.74
CA ASP E 8 -37.04 -7.79 77.44
C ASP E 8 -36.03 -7.22 76.46
N GLU E 9 -35.87 -5.90 76.44
CA GLU E 9 -34.91 -5.28 75.53
C GLU E 9 -33.55 -5.60 76.04
N LYS E 10 -33.48 -6.15 77.25
CA LYS E 10 -32.21 -6.50 77.83
C LYS E 10 -31.78 -7.85 77.25
N PHE E 11 -32.37 -8.18 76.11
CA PHE E 11 -32.10 -9.45 75.39
C PHE E 11 -31.71 -9.16 73.95
N LEU E 12 -31.97 -7.94 73.51
CA LEU E 12 -31.64 -7.53 72.16
C LEU E 12 -30.46 -6.58 72.31
N PHE E 13 -30.65 -5.49 73.05
CA PHE E 13 -29.60 -4.49 73.28
C PHE E 13 -28.76 -4.84 74.50
N VAL E 14 -27.82 -3.97 74.81
CA VAL E 14 -26.95 -4.17 75.96
C VAL E 14 -27.13 -3.09 77.02
N ASP E 15 -26.46 -3.24 78.16
CA ASP E 15 -26.57 -2.26 79.24
C ASP E 15 -25.30 -1.43 79.28
N LYS E 16 -25.36 -0.28 78.61
CA LYS E 16 -24.24 0.65 78.53
C LYS E 16 -24.38 1.81 79.48
N ASN E 17 -25.61 2.29 79.68
CA ASN E 17 -25.86 3.42 80.58
C ASN E 17 -25.41 3.11 82.02
N PHE E 18 -24.11 3.24 82.26
CA PHE E 18 -23.53 2.98 83.58
C PHE E 18 -22.54 4.07 83.98
N VAL E 19 -21.99 3.92 85.18
CA VAL E 19 -21.02 4.87 85.73
C VAL E 19 -19.70 4.74 85.02
N ASN E 20 -19.06 5.88 84.74
CA ASN E 20 -17.76 5.90 84.07
C ASN E 20 -16.71 5.39 85.06
N ASN E 21 -17.05 4.29 85.72
CA ASN E 21 -16.20 3.65 86.71
C ASN E 21 -14.73 3.66 86.31
N PRO E 22 -13.88 4.18 87.21
CA PRO E 22 -12.43 4.25 86.99
C PRO E 22 -11.76 3.00 87.52
N LEU E 23 -12.57 2.08 88.03
CA LEU E 23 -12.08 0.82 88.57
C LEU E 23 -11.49 -0.05 87.46
N ALA E 24 -12.34 -0.45 86.53
CA ALA E 24 -11.95 -1.29 85.39
C ALA E 24 -10.94 -0.58 84.52
N GLN E 25 -11.05 0.75 84.49
CA GLN E 25 -10.15 1.60 83.71
C GLN E 25 -8.82 1.83 84.42
N ALA E 26 -8.85 1.90 85.75
CA ALA E 26 -7.64 2.10 86.53
C ALA E 26 -6.69 0.93 86.30
N ASP E 27 -7.20 -0.27 86.58
CA ASP E 27 -6.43 -1.50 86.41
C ASP E 27 -5.74 -1.55 85.05
N TRP E 28 -6.19 -0.72 84.12
CA TRP E 28 -5.62 -0.67 82.77
C TRP E 28 -4.10 -0.64 82.82
N SER E 29 -3.55 -0.12 83.90
CA SER E 29 -2.12 -0.01 84.09
C SER E 29 -1.47 -1.40 83.98
N ALA E 30 -2.06 -2.38 84.67
CA ALA E 30 -1.55 -3.74 84.63
C ALA E 30 -1.90 -4.38 83.29
N LYS E 31 -1.67 -3.64 82.20
CA LYS E 31 -1.96 -4.11 80.86
C LYS E 31 -1.33 -5.49 80.65
N LYS E 32 -0.50 -5.89 81.62
CA LYS E 32 0.17 -7.17 81.58
C LYS E 32 -0.82 -8.30 81.86
N LEU E 33 -2.10 -7.93 81.91
CA LEU E 33 -3.16 -8.90 82.14
C LEU E 33 -3.43 -9.49 80.77
N VAL E 34 -3.24 -10.80 80.68
CA VAL E 34 -3.45 -11.51 79.42
C VAL E 34 -4.33 -12.73 79.64
N TRP E 35 -4.31 -13.62 78.65
CA TRP E 35 -5.10 -14.84 78.72
C TRP E 35 -4.19 -16.03 78.88
N VAL E 36 -4.79 -17.17 79.24
CA VAL E 36 -4.04 -18.40 79.44
C VAL E 36 -4.92 -19.63 79.57
N PRO E 37 -4.33 -20.81 79.36
CA PRO E 37 -4.97 -22.13 79.44
C PRO E 37 -5.94 -22.35 80.59
N SER E 38 -6.56 -23.53 80.59
CA SER E 38 -7.53 -23.96 81.60
C SER E 38 -8.13 -25.34 81.27
N GLU E 39 -8.49 -26.11 82.29
CA GLU E 39 -9.07 -27.43 82.07
C GLU E 39 -10.59 -27.37 82.19
N LYS E 40 -11.08 -26.42 82.99
CA LYS E 40 -12.51 -26.24 83.21
C LYS E 40 -13.07 -24.96 82.56
N HIS E 41 -12.20 -23.98 82.36
CA HIS E 41 -12.59 -22.71 81.76
C HIS E 41 -12.07 -22.54 80.35
N GLY E 42 -11.03 -23.30 80.02
CA GLY E 42 -10.44 -23.21 78.70
C GLY E 42 -9.49 -22.03 78.67
N PHE E 43 -10.01 -20.89 79.11
CA PHE E 43 -9.22 -19.66 79.15
C PHE E 43 -9.47 -18.90 80.43
N GLU E 44 -8.62 -17.90 80.66
CA GLU E 44 -8.72 -17.08 81.85
C GLU E 44 -7.66 -15.98 81.81
N ALA E 45 -7.96 -14.87 82.46
CA ALA E 45 -7.05 -13.73 82.54
C ALA E 45 -5.94 -14.01 83.54
N ALA E 46 -4.79 -13.38 83.34
CA ALA E 46 -3.67 -13.56 84.23
C ALA E 46 -2.62 -12.52 83.88
N SER E 47 -1.86 -12.05 84.86
CA SER E 47 -0.85 -11.05 84.57
C SER E 47 0.60 -11.52 84.70
N ILE E 48 1.39 -11.07 83.73
CA ILE E 48 2.81 -11.38 83.64
C ILE E 48 3.58 -10.79 84.82
N LYS E 49 4.19 -11.66 85.62
CA LYS E 49 4.95 -11.23 86.78
C LYS E 49 6.44 -11.16 86.41
N GLU E 50 6.84 -11.98 85.43
CA GLU E 50 8.22 -12.02 84.95
C GLU E 50 8.35 -12.74 83.61
N GLU E 51 8.79 -12.01 82.59
CA GLU E 51 8.97 -12.58 81.27
C GLU E 51 10.37 -13.17 81.25
N LYS E 52 10.45 -14.49 81.41
CA LYS E 52 11.74 -15.18 81.42
C LYS E 52 12.20 -15.55 80.01
N GLY E 53 11.82 -14.72 79.04
CA GLY E 53 12.21 -14.98 77.66
C GLY E 53 11.12 -15.76 76.96
N ASP E 54 11.49 -16.91 76.37
CA ASP E 54 10.54 -17.75 75.66
C ASP E 54 9.47 -18.32 76.58
N GLU E 55 9.68 -18.13 77.88
CA GLU E 55 8.76 -18.59 78.92
C GLU E 55 8.55 -17.45 79.89
N VAL E 56 7.29 -17.15 80.20
CA VAL E 56 6.97 -16.07 81.12
C VAL E 56 6.22 -16.57 82.35
N THR E 57 6.58 -16.03 83.51
CA THR E 57 5.95 -16.42 84.77
C THR E 57 4.68 -15.61 84.93
N VAL E 58 3.58 -16.29 85.20
CA VAL E 58 2.29 -15.61 85.35
C VAL E 58 1.45 -16.15 86.49
N GLU E 59 0.47 -15.37 86.92
CA GLU E 59 -0.43 -15.77 88.00
C GLU E 59 -1.87 -15.36 87.68
N LEU E 60 -2.74 -16.34 87.49
CA LEU E 60 -4.14 -16.04 87.15
C LEU E 60 -4.80 -15.14 88.20
N GLN E 61 -5.46 -14.08 87.72
CA GLN E 61 -6.14 -13.14 88.60
C GLN E 61 -7.45 -13.71 89.14
N GLU E 62 -7.47 -15.01 89.37
CA GLU E 62 -8.66 -15.69 89.88
C GLU E 62 -8.37 -16.37 91.21
N ASN E 63 -7.50 -17.36 91.18
CA ASN E 63 -7.13 -18.11 92.38
C ASN E 63 -5.76 -17.64 92.88
N GLY E 64 -5.33 -16.49 92.38
CA GLY E 64 -4.04 -15.95 92.78
C GLY E 64 -2.98 -17.00 92.52
N LYS E 65 -3.40 -18.06 91.85
CA LYS E 65 -2.52 -19.18 91.51
C LYS E 65 -1.43 -18.73 90.55
N LYS E 66 -0.19 -19.10 90.87
CA LYS E 66 0.96 -18.73 90.04
C LYS E 66 1.28 -19.82 89.01
N VAL E 67 0.53 -19.83 87.92
CA VAL E 67 0.72 -20.80 86.84
C VAL E 67 1.54 -20.12 85.74
N THR E 68 2.80 -20.52 85.63
CA THR E 68 3.70 -19.96 84.63
C THR E 68 3.66 -20.82 83.36
N LEU E 69 3.94 -20.19 82.23
CA LEU E 69 3.95 -20.89 80.94
C LEU E 69 4.88 -20.22 79.93
N SER E 70 4.98 -20.82 78.76
CA SER E 70 5.83 -20.31 77.68
C SER E 70 5.35 -18.92 77.25
N LYS E 71 6.23 -18.20 76.55
CA LYS E 71 5.93 -16.87 76.06
C LYS E 71 5.07 -17.03 74.81
N ASP E 72 4.48 -18.22 74.66
CA ASP E 72 3.63 -18.54 73.52
C ASP E 72 2.42 -19.38 73.93
N ASP E 73 2.03 -19.26 75.19
CA ASP E 73 0.89 -19.99 75.72
C ASP E 73 -0.13 -18.97 76.23
N ILE E 74 0.33 -17.73 76.29
CA ILE E 74 -0.50 -16.62 76.74
C ILE E 74 -1.38 -16.13 75.59
N GLN E 75 -2.09 -15.01 75.81
CA GLN E 75 -2.97 -14.46 74.78
C GLN E 75 -3.40 -13.04 75.09
N LYS E 76 -3.21 -12.17 74.11
CA LYS E 76 -3.54 -10.75 74.19
C LYS E 76 -5.00 -10.48 74.59
N MET E 77 -5.17 -9.78 75.71
CA MET E 77 -6.50 -9.43 76.21
C MET E 77 -6.99 -8.13 75.58
N ASN E 78 -8.29 -8.03 75.33
CA ASN E 78 -8.87 -6.84 74.72
C ASN E 78 -9.38 -5.89 75.80
N PRO E 79 -9.23 -4.56 75.59
CA PRO E 79 -9.69 -3.54 76.55
C PRO E 79 -11.09 -3.83 77.03
N PRO E 80 -11.41 -3.46 78.29
CA PRO E 80 -12.75 -3.70 78.83
C PRO E 80 -13.77 -2.80 78.12
N LYS E 81 -13.25 -2.04 77.15
CA LYS E 81 -14.04 -1.12 76.34
C LYS E 81 -14.85 -1.89 75.30
N PHE E 82 -14.62 -3.20 75.25
CA PHE E 82 -15.26 -4.10 74.29
C PHE E 82 -16.16 -5.15 74.89
N SER E 83 -16.17 -5.27 76.21
CA SER E 83 -16.99 -6.28 76.86
C SER E 83 -18.35 -6.41 76.19
N LYS E 84 -18.56 -7.59 75.64
CA LYS E 84 -19.79 -7.94 74.94
C LYS E 84 -19.98 -7.04 73.71
N VAL E 85 -18.91 -6.95 72.94
CA VAL E 85 -18.91 -6.18 71.70
C VAL E 85 -19.82 -6.89 70.71
N GLU E 86 -20.55 -6.08 69.96
CA GLU E 86 -21.53 -6.58 68.98
C GLU E 86 -20.86 -7.39 67.86
N ASP E 87 -19.96 -6.73 67.13
CA ASP E 87 -19.24 -7.34 66.00
C ASP E 87 -17.80 -7.66 66.38
N MET E 88 -17.54 -8.92 66.72
CA MET E 88 -16.22 -9.35 67.13
C MET E 88 -15.09 -9.00 66.17
N ALA E 89 -15.43 -8.50 64.99
CA ALA E 89 -14.40 -8.13 64.04
C ALA E 89 -13.73 -6.85 64.55
N GLU E 90 -14.43 -6.19 65.45
CA GLU E 90 -13.96 -4.95 66.05
C GLU E 90 -12.89 -5.16 67.12
N LEU E 91 -12.87 -6.32 67.75
CA LEU E 91 -11.86 -6.60 68.78
C LEU E 91 -10.49 -6.27 68.21
N THR E 92 -9.72 -5.46 68.93
CA THR E 92 -8.38 -5.09 68.46
C THR E 92 -7.40 -6.22 68.58
N CYS E 93 -7.69 -7.15 69.49
CA CYS E 93 -6.82 -8.30 69.69
C CYS E 93 -7.66 -9.55 69.41
N LEU E 94 -7.37 -10.25 68.32
CA LEU E 94 -8.11 -11.46 67.96
C LEU E 94 -7.42 -12.71 68.43
N ASN E 95 -8.07 -13.44 69.33
CA ASN E 95 -7.52 -14.67 69.86
C ASN E 95 -8.53 -15.79 69.97
N GLU E 96 -8.01 -17.00 70.18
CA GLU E 96 -8.84 -18.17 70.31
C GLU E 96 -9.55 -17.99 71.65
N ALA E 97 -8.90 -17.22 72.52
CA ALA E 97 -9.43 -16.94 73.85
C ALA E 97 -10.31 -15.69 73.85
N SER E 98 -9.82 -14.62 73.23
CA SER E 98 -10.58 -13.38 73.15
C SER E 98 -12.03 -13.67 72.77
N VAL E 99 -12.22 -14.20 71.56
CA VAL E 99 -13.57 -14.51 71.06
C VAL E 99 -14.34 -15.43 71.99
N LEU E 100 -13.64 -16.36 72.63
CA LEU E 100 -14.30 -17.28 73.56
C LEU E 100 -14.94 -16.46 74.68
N HIS E 101 -14.18 -15.49 75.16
CA HIS E 101 -14.65 -14.61 76.21
C HIS E 101 -15.94 -13.97 75.77
N ASN E 102 -15.84 -13.05 74.82
CA ASN E 102 -17.00 -12.33 74.29
C ASN E 102 -18.25 -13.18 74.30
N LEU E 103 -18.14 -14.35 73.66
CA LEU E 103 -19.24 -15.30 73.57
C LEU E 103 -19.64 -15.73 74.98
N ARG E 104 -18.66 -15.85 75.87
CA ARG E 104 -18.92 -16.24 77.25
C ARG E 104 -19.91 -15.22 77.84
N GLU E 105 -19.49 -13.96 77.80
CA GLU E 105 -20.27 -12.84 78.31
C GLU E 105 -21.69 -12.77 77.76
N ARG E 106 -21.84 -12.20 76.57
CA ARG E 106 -23.14 -12.07 75.92
C ARG E 106 -24.04 -13.31 76.07
N TYR E 107 -23.46 -14.51 76.03
CA TYR E 107 -24.31 -15.69 76.18
C TYR E 107 -24.93 -15.64 77.57
N PHE E 108 -24.06 -15.71 78.57
CA PHE E 108 -24.45 -15.68 79.97
C PHE E 108 -25.19 -14.41 80.36
N SER E 109 -25.29 -13.48 79.43
CA SER E 109 -25.97 -12.24 79.69
C SER E 109 -27.27 -12.13 78.93
N GLY E 110 -27.67 -13.23 78.28
CA GLY E 110 -28.92 -13.24 77.53
C GLY E 110 -28.82 -12.96 76.03
N LEU E 111 -27.65 -12.53 75.59
CA LEU E 111 -27.45 -12.25 74.17
C LEU E 111 -26.70 -13.43 73.55
N ILE E 112 -27.25 -14.01 72.50
CA ILE E 112 -26.58 -15.14 71.85
C ILE E 112 -26.08 -14.69 70.48
N TYR E 113 -27.00 -14.26 69.63
CA TYR E 113 -26.62 -13.80 68.31
C TYR E 113 -25.53 -12.73 68.33
N THR E 114 -24.30 -13.13 68.03
CA THR E 114 -23.18 -12.20 68.01
C THR E 114 -22.83 -12.02 66.53
N TYR E 115 -21.79 -11.25 66.24
CA TYR E 115 -21.40 -11.06 64.85
C TYR E 115 -19.92 -11.39 64.75
N SER E 116 -19.56 -12.12 63.70
CA SER E 116 -18.17 -12.52 63.47
C SER E 116 -17.92 -12.28 61.99
N GLY E 117 -17.26 -11.17 61.68
CA GLY E 117 -16.97 -10.85 60.30
C GLY E 117 -18.22 -10.76 59.44
N LEU E 118 -18.23 -11.50 58.34
CA LEU E 118 -19.38 -11.49 57.45
C LEU E 118 -20.48 -12.41 57.95
N PHE E 119 -20.07 -13.53 58.55
CA PHE E 119 -20.99 -14.52 59.12
C PHE E 119 -21.37 -14.10 60.54
N CYS E 120 -22.17 -14.88 61.24
CA CYS E 120 -22.55 -14.53 62.62
C CYS E 120 -22.64 -15.76 63.56
N VAL E 121 -22.05 -15.65 64.76
CA VAL E 121 -22.06 -16.74 65.78
C VAL E 121 -23.45 -16.74 66.43
N VAL E 122 -23.89 -17.87 67.00
CA VAL E 122 -25.22 -17.95 67.61
C VAL E 122 -25.40 -19.07 68.69
N ILE E 123 -24.55 -19.08 69.71
CA ILE E 123 -24.62 -20.08 70.79
C ILE E 123 -26.05 -20.42 71.16
N ASN E 124 -26.32 -21.66 71.55
CA ASN E 124 -27.67 -22.05 71.93
C ASN E 124 -27.98 -21.59 73.35
N PRO E 125 -29.14 -20.94 73.53
CA PRO E 125 -29.55 -20.46 74.86
C PRO E 125 -30.19 -21.60 75.65
N TYR E 126 -31.02 -22.37 74.95
CA TYR E 126 -31.73 -23.50 75.53
C TYR E 126 -32.80 -22.97 76.47
N LYS E 127 -33.01 -21.66 76.39
CA LYS E 127 -34.01 -21.00 77.23
C LYS E 127 -35.00 -20.29 76.34
N GLN E 128 -36.06 -19.78 76.93
CA GLN E 128 -37.10 -19.09 76.17
C GLN E 128 -37.00 -17.57 76.29
N LEU E 129 -36.01 -17.01 75.61
CA LEU E 129 -35.79 -15.57 75.62
C LEU E 129 -36.87 -14.83 74.87
N PRO E 130 -37.33 -13.70 75.43
CA PRO E 130 -38.37 -12.85 74.82
C PRO E 130 -37.76 -11.88 73.84
N ILE E 131 -37.21 -12.40 72.75
CA ILE E 131 -36.59 -11.57 71.74
C ILE E 131 -37.15 -11.85 70.36
N TYR E 132 -38.28 -12.54 70.32
CA TYR E 132 -38.94 -12.87 69.05
C TYR E 132 -40.39 -12.50 69.23
N SER E 133 -40.88 -11.55 68.43
CA SER E 133 -42.27 -11.15 68.53
C SER E 133 -42.64 -10.18 67.41
N GLU E 134 -43.92 -9.90 67.26
CA GLU E 134 -44.38 -8.98 66.24
C GLU E 134 -43.66 -7.64 66.39
N LYS E 135 -43.31 -7.31 67.63
CA LYS E 135 -42.62 -6.07 67.98
C LYS E 135 -41.20 -6.03 67.41
N ILE E 136 -40.36 -6.97 67.84
CA ILE E 136 -38.97 -7.07 67.39
C ILE E 136 -38.91 -7.15 65.87
N ILE E 137 -39.93 -7.77 65.28
CA ILE E 137 -39.99 -7.90 63.84
C ILE E 137 -40.03 -6.48 63.29
N ASP E 138 -40.86 -5.63 63.91
CA ASP E 138 -40.99 -4.24 63.50
C ASP E 138 -39.69 -3.48 63.69
N MET E 139 -39.18 -3.52 64.91
CA MET E 139 -37.95 -2.84 65.27
C MET E 139 -36.78 -3.03 64.30
N TYR E 140 -36.78 -4.13 63.55
CA TYR E 140 -35.70 -4.38 62.61
C TYR E 140 -36.00 -4.09 61.15
N LYS E 141 -37.28 -4.02 60.83
CA LYS E 141 -37.73 -3.75 59.46
C LYS E 141 -37.09 -2.49 58.89
N GLY E 142 -36.28 -2.65 57.84
CA GLY E 142 -35.63 -1.51 57.23
C GLY E 142 -34.38 -1.10 57.99
N LYS E 143 -34.28 -1.55 59.23
CA LYS E 143 -33.13 -1.20 60.05
C LYS E 143 -31.84 -1.80 59.50
N LYS E 144 -30.88 -0.93 59.18
CA LYS E 144 -29.58 -1.34 58.66
C LYS E 144 -28.90 -2.34 59.59
N ARG E 145 -27.64 -2.63 59.29
CA ARG E 145 -26.83 -3.56 60.07
C ARG E 145 -26.47 -3.03 61.46
N HIS E 146 -25.86 -1.84 61.49
CA HIS E 146 -25.46 -1.19 62.73
C HIS E 146 -26.61 -0.44 63.40
N GLU E 147 -27.61 -0.07 62.63
CA GLU E 147 -28.75 0.64 63.18
C GLU E 147 -29.56 -0.21 64.11
N MET E 148 -28.96 -1.29 64.62
CA MET E 148 -29.65 -2.21 65.51
C MET E 148 -28.72 -3.36 65.92
N PRO E 149 -29.09 -4.12 66.95
CA PRO E 149 -28.26 -5.24 67.39
C PRO E 149 -28.41 -6.57 66.63
N PRO E 150 -27.36 -7.39 66.69
CA PRO E 150 -27.32 -8.70 66.02
C PRO E 150 -28.50 -9.53 66.48
N HIS E 151 -29.25 -10.02 65.47
CA HIS E 151 -30.42 -10.87 65.68
C HIS E 151 -30.76 -11.60 64.39
N ILE E 152 -31.38 -12.76 64.53
CA ILE E 152 -31.78 -13.60 63.40
C ILE E 152 -32.64 -12.82 62.42
N TYR E 153 -33.54 -12.01 62.96
CA TYR E 153 -34.43 -11.17 62.16
C TYR E 153 -33.59 -10.17 61.36
N ALA E 154 -32.43 -9.88 61.94
CA ALA E 154 -31.46 -8.95 61.38
C ALA E 154 -30.87 -9.48 60.09
N ILE E 155 -30.43 -10.73 60.13
CA ILE E 155 -29.82 -11.40 58.98
C ILE E 155 -30.85 -11.57 57.86
N ALA E 156 -32.08 -11.86 58.27
CA ALA E 156 -33.19 -12.07 57.36
C ALA E 156 -33.43 -10.85 56.49
N ASP E 157 -33.44 -9.68 57.14
CA ASP E 157 -33.67 -8.42 56.46
C ASP E 157 -32.49 -7.99 55.61
N THR E 158 -31.30 -8.23 56.14
CA THR E 158 -30.06 -7.88 55.46
C THR E 158 -29.94 -8.65 54.14
N ALA E 159 -30.29 -9.94 54.21
CA ALA E 159 -30.25 -10.84 53.07
C ALA E 159 -31.30 -10.49 52.03
N TYR E 160 -32.49 -10.22 52.54
CA TYR E 160 -33.66 -9.87 51.73
C TYR E 160 -33.47 -8.59 50.92
N ARG E 161 -32.95 -7.53 51.56
CA ARG E 161 -32.74 -6.26 50.85
C ARG E 161 -31.54 -6.35 49.91
N SER E 162 -30.58 -7.18 50.28
CA SER E 162 -29.38 -7.39 49.47
C SER E 162 -29.80 -7.94 48.11
N MET E 163 -30.74 -8.88 48.17
CA MET E 163 -31.30 -9.56 47.00
C MET E 163 -32.03 -8.57 46.10
N LEU E 164 -32.89 -7.79 46.74
CA LEU E 164 -33.71 -6.78 46.06
C LEU E 164 -32.87 -5.66 45.46
N GLN E 165 -31.73 -5.42 46.09
CA GLN E 165 -30.81 -4.36 45.69
C GLN E 165 -29.93 -4.71 44.49
N ASP E 166 -29.02 -5.66 44.67
CA ASP E 166 -28.11 -6.09 43.61
C ASP E 166 -28.71 -7.16 42.70
N ARG E 167 -30.01 -7.36 42.81
CA ARG E 167 -30.69 -8.40 42.01
C ARG E 167 -29.76 -9.60 41.95
N GLU E 168 -29.82 -10.44 42.97
CA GLU E 168 -28.96 -11.62 43.05
C GLU E 168 -29.54 -12.54 44.11
N ASP E 169 -30.25 -13.58 43.70
CA ASP E 169 -30.86 -14.52 44.63
C ASP E 169 -29.95 -14.86 45.81
N GLN E 170 -30.54 -15.13 46.97
CA GLN E 170 -29.75 -15.42 48.16
C GLN E 170 -30.01 -16.72 48.91
N SER E 171 -29.11 -16.99 49.84
CA SER E 171 -29.16 -18.19 50.66
C SER E 171 -28.59 -17.99 52.06
N ILE E 172 -29.34 -18.43 53.06
CA ILE E 172 -28.95 -18.36 54.47
C ILE E 172 -28.80 -19.81 54.88
N LEU E 173 -27.58 -20.21 55.25
CA LEU E 173 -27.31 -21.59 55.67
C LEU E 173 -26.80 -21.67 57.11
N CYS E 174 -27.56 -22.35 57.97
CA CYS E 174 -27.19 -22.49 59.38
C CYS E 174 -26.31 -23.73 59.53
N THR E 175 -25.06 -23.52 59.96
CA THR E 175 -24.11 -24.62 60.15
C THR E 175 -24.28 -25.24 61.54
N GLY E 176 -23.19 -25.76 62.10
CA GLY E 176 -23.28 -26.35 63.42
C GLY E 176 -23.73 -27.80 63.46
N GLU E 177 -23.34 -28.48 64.55
CA GLU E 177 -23.67 -29.88 64.77
C GLU E 177 -25.07 -30.07 65.35
N SER E 178 -25.48 -31.33 65.34
CA SER E 178 -26.79 -31.75 65.81
C SER E 178 -27.03 -31.30 67.26
N GLY E 179 -28.09 -30.51 67.40
CA GLY E 179 -28.58 -30.01 68.69
C GLY E 179 -28.37 -28.48 68.88
N ALA E 180 -27.55 -27.89 68.02
CA ALA E 180 -27.13 -26.47 68.16
C ALA E 180 -28.21 -25.39 67.80
N GLY E 181 -29.27 -25.72 67.07
CA GLY E 181 -30.33 -24.69 66.80
C GLY E 181 -30.76 -24.57 65.32
N LYS E 182 -29.87 -24.91 64.43
CA LYS E 182 -30.10 -24.86 62.97
C LYS E 182 -31.53 -24.50 62.57
N THR E 183 -32.47 -25.35 63.00
CA THR E 183 -33.91 -25.21 62.71
C THR E 183 -34.53 -23.87 63.13
N GLU E 184 -34.68 -23.71 64.44
CA GLU E 184 -35.26 -22.51 65.06
C GLU E 184 -34.89 -21.23 64.34
N ASN E 185 -33.61 -21.12 64.02
CA ASN E 185 -33.07 -19.95 63.34
C ASN E 185 -33.70 -19.79 61.96
N THR E 186 -33.97 -20.91 61.33
CA THR E 186 -34.59 -20.96 60.00
C THR E 186 -36.04 -20.52 60.08
N LYS E 187 -36.70 -20.99 61.13
CA LYS E 187 -38.11 -20.69 61.40
C LYS E 187 -38.29 -19.20 61.63
N LYS E 188 -37.33 -18.62 62.34
CA LYS E 188 -37.33 -17.19 62.67
C LYS E 188 -37.19 -16.36 61.41
N VAL E 189 -36.33 -16.84 60.53
CA VAL E 189 -36.03 -16.20 59.25
C VAL E 189 -37.28 -16.19 58.37
N ILE E 190 -38.02 -17.29 58.42
CA ILE E 190 -39.25 -17.47 57.63
C ILE E 190 -40.41 -16.66 58.24
N GLN E 191 -40.50 -16.71 59.56
CA GLN E 191 -41.52 -16.01 60.33
C GLN E 191 -41.46 -14.51 60.05
N TYR E 192 -40.23 -14.04 59.97
CA TYR E 192 -39.89 -12.64 59.74
C TYR E 192 -40.23 -12.19 58.33
N LEU E 193 -39.84 -13.01 57.36
CA LEU E 193 -40.07 -12.74 55.95
C LEU E 193 -41.55 -12.83 55.59
N ALA E 194 -42.24 -13.69 56.33
CA ALA E 194 -43.67 -13.94 56.14
C ALA E 194 -44.49 -12.68 56.37
N VAL E 195 -43.95 -11.79 57.20
CA VAL E 195 -44.62 -10.54 57.55
C VAL E 195 -43.93 -9.30 57.01
N VAL E 196 -42.61 -9.42 56.85
CA VAL E 196 -41.78 -8.32 56.38
C VAL E 196 -41.77 -8.19 54.84
N ALA E 197 -42.46 -9.12 54.19
CA ALA E 197 -42.52 -9.14 52.72
C ALA E 197 -43.90 -9.56 52.22
N SER E 198 -44.84 -9.64 53.15
CA SER E 198 -46.21 -10.02 52.84
C SER E 198 -46.94 -8.88 52.13
N SER E 199 -48.12 -9.19 51.61
CA SER E 199 -48.95 -8.25 50.88
C SER E 199 -50.43 -8.53 51.15
N PRO E 212 -46.60 -11.49 67.57
CA PRO E 212 -47.40 -12.73 67.78
C PRO E 212 -48.63 -12.83 66.86
N SER E 213 -49.79 -12.42 67.35
CA SER E 213 -51.00 -12.49 66.54
C SER E 213 -51.00 -11.37 65.51
N PHE E 214 -51.22 -11.76 64.25
CA PHE E 214 -51.23 -10.84 63.12
C PHE E 214 -51.92 -11.46 61.90
N SER E 215 -52.50 -10.59 61.07
CA SER E 215 -53.25 -10.93 59.85
C SER E 215 -52.40 -10.97 58.57
N TYR E 216 -51.70 -12.08 58.33
CA TYR E 216 -50.85 -12.22 57.12
C TYR E 216 -51.68 -12.51 55.89
N GLY E 217 -51.00 -12.78 54.77
CA GLY E 217 -51.68 -13.09 53.54
C GLY E 217 -52.29 -14.47 53.69
N GLU E 218 -52.70 -15.06 52.57
CA GLU E 218 -53.30 -16.38 52.61
C GLU E 218 -52.29 -17.49 52.52
N LEU E 219 -51.29 -17.34 51.64
CA LEU E 219 -50.25 -18.35 51.48
C LEU E 219 -49.27 -18.27 52.64
N GLU E 220 -49.07 -17.07 53.15
CA GLU E 220 -48.17 -16.86 54.27
C GLU E 220 -48.75 -17.57 55.47
N LYS E 221 -50.08 -17.68 55.48
CA LYS E 221 -50.80 -18.36 56.56
C LYS E 221 -50.46 -19.85 56.55
N GLN E 222 -50.30 -20.39 55.35
CA GLN E 222 -49.96 -21.79 55.14
C GLN E 222 -48.46 -21.94 55.14
N LEU E 223 -47.77 -21.05 54.44
CA LEU E 223 -46.31 -21.07 54.37
C LEU E 223 -45.77 -21.18 55.80
N LEU E 224 -46.66 -20.90 56.75
CA LEU E 224 -46.38 -20.94 58.18
C LEU E 224 -46.63 -22.34 58.74
N GLN E 225 -47.55 -23.06 58.11
CA GLN E 225 -47.89 -24.41 58.54
C GLN E 225 -47.14 -25.45 57.71
N ALA E 226 -46.06 -25.04 57.06
CA ALA E 226 -45.27 -25.95 56.25
C ALA E 226 -44.40 -26.84 57.13
N ASN E 227 -43.55 -26.22 57.93
CA ASN E 227 -42.66 -26.97 58.81
C ASN E 227 -43.30 -27.65 60.00
N PRO E 228 -44.49 -27.19 60.45
CA PRO E 228 -45.10 -27.86 61.60
C PRO E 228 -45.66 -29.23 61.20
N ILE E 229 -45.61 -29.51 59.91
CA ILE E 229 -46.10 -30.77 59.34
C ILE E 229 -44.93 -31.71 59.10
N LEU E 230 -43.91 -31.25 58.36
CA LEU E 230 -42.73 -32.07 58.05
C LEU E 230 -41.96 -32.44 59.30
N GLU E 231 -42.23 -31.72 60.38
CA GLU E 231 -41.58 -31.98 61.65
C GLU E 231 -42.27 -33.17 62.30
N ALA E 232 -43.59 -33.26 62.09
CA ALA E 232 -44.38 -34.34 62.65
C ALA E 232 -43.71 -35.64 62.20
N PHE E 233 -44.13 -36.18 61.06
CA PHE E 233 -43.50 -37.40 60.59
C PHE E 233 -42.29 -37.03 59.75
N GLY E 234 -41.17 -36.86 60.42
CA GLY E 234 -39.93 -36.51 59.76
C GLY E 234 -38.97 -36.16 60.88
N ASN E 235 -39.49 -35.52 61.92
CA ASN E 235 -38.70 -35.11 63.08
C ASN E 235 -38.97 -36.07 64.23
N ALA E 236 -37.95 -36.39 65.01
CA ALA E 236 -38.11 -37.30 66.15
C ALA E 236 -37.02 -37.20 67.20
N LYS E 237 -37.39 -37.54 68.43
CA LYS E 237 -36.50 -37.50 69.60
C LYS E 237 -35.31 -38.47 69.59
N THR E 238 -34.11 -37.90 69.69
CA THR E 238 -32.89 -38.71 69.72
C THR E 238 -32.23 -38.38 71.04
N VAL E 239 -31.05 -38.95 71.28
CA VAL E 239 -30.33 -38.70 72.52
C VAL E 239 -29.48 -37.42 72.49
N LYS E 240 -29.90 -36.49 71.64
CA LYS E 240 -29.22 -35.21 71.47
C LYS E 240 -30.17 -34.24 70.80
N ASN E 241 -31.46 -34.48 70.94
CA ASN E 241 -32.49 -33.63 70.36
C ASN E 241 -33.87 -34.19 70.64
N ASP E 242 -34.58 -33.58 71.58
CA ASP E 242 -35.93 -34.02 71.93
C ASP E 242 -36.78 -34.03 70.67
N ASN E 243 -36.46 -33.11 69.76
CA ASN E 243 -37.18 -33.00 68.51
C ASN E 243 -36.15 -32.69 67.45
N SER E 244 -35.51 -33.74 66.97
CA SER E 244 -34.47 -33.64 65.96
C SER E 244 -34.98 -33.74 64.55
N SER E 245 -34.49 -32.83 63.71
CA SER E 245 -34.83 -32.78 62.29
C SER E 245 -34.16 -34.02 61.70
N ARG E 246 -34.96 -35.05 61.46
CA ARG E 246 -34.45 -36.31 60.94
C ARG E 246 -34.35 -36.39 59.42
N PHE E 247 -33.94 -35.28 58.81
CA PHE E 247 -33.77 -35.21 57.36
C PHE E 247 -33.29 -33.81 56.95
N GLY E 248 -32.90 -33.71 55.68
CA GLY E 248 -32.42 -32.46 55.10
C GLY E 248 -33.60 -31.62 54.62
N LYS E 249 -33.44 -30.30 54.63
CA LYS E 249 -34.49 -29.36 54.24
C LYS E 249 -33.95 -28.09 53.56
N PHE E 250 -34.57 -27.72 52.44
CA PHE E 250 -34.20 -26.54 51.66
C PHE E 250 -35.44 -25.74 51.17
N ILE E 251 -35.89 -24.75 51.96
CA ILE E 251 -37.06 -23.89 51.63
C ILE E 251 -36.61 -22.78 50.71
N ARG E 252 -37.34 -22.60 49.63
CA ARG E 252 -37.01 -21.57 48.67
C ARG E 252 -38.21 -20.68 48.49
N ILE E 253 -38.08 -19.41 48.89
CA ILE E 253 -39.17 -18.46 48.76
C ILE E 253 -38.96 -17.63 47.51
N ASN E 254 -40.02 -17.49 46.74
CA ASN E 254 -39.97 -16.75 45.50
C ASN E 254 -40.65 -15.38 45.56
N PHE E 255 -39.84 -14.32 45.43
CA PHE E 255 -40.34 -12.95 45.46
C PHE E 255 -40.62 -12.44 44.05
N ASP E 256 -41.46 -11.41 43.93
CA ASP E 256 -41.78 -10.84 42.62
C ASP E 256 -40.88 -9.65 42.37
N VAL E 257 -41.20 -8.86 41.36
CA VAL E 257 -40.39 -7.67 41.04
C VAL E 257 -40.60 -6.58 42.09
N THR E 258 -41.48 -6.84 43.04
CA THR E 258 -41.78 -5.90 44.11
C THR E 258 -41.46 -6.55 45.46
N GLY E 259 -40.44 -7.38 45.49
CA GLY E 259 -40.06 -8.04 46.73
C GLY E 259 -41.15 -8.68 47.57
N TYR E 260 -42.23 -9.15 46.94
CA TYR E 260 -43.31 -9.78 47.71
C TYR E 260 -43.30 -11.30 47.48
N ILE E 261 -43.67 -12.04 48.52
CA ILE E 261 -43.71 -13.50 48.45
C ILE E 261 -44.88 -13.94 47.58
N VAL E 262 -44.69 -15.02 46.82
CA VAL E 262 -45.74 -15.53 45.95
C VAL E 262 -45.73 -17.06 45.90
N GLY E 263 -44.56 -17.63 46.17
CA GLY E 263 -44.40 -19.07 46.14
C GLY E 263 -43.27 -19.51 47.06
N ALA E 264 -43.29 -20.78 47.47
CA ALA E 264 -42.27 -21.33 48.36
C ALA E 264 -42.17 -22.82 48.10
N ASN E 265 -40.94 -23.34 48.10
CA ASN E 265 -40.71 -24.76 47.86
C ASN E 265 -39.67 -25.34 48.79
N ILE E 266 -39.88 -26.61 49.13
CA ILE E 266 -39.01 -27.38 50.01
C ILE E 266 -38.56 -28.68 49.34
N GLU E 267 -37.25 -28.92 49.42
CA GLU E 267 -36.61 -30.11 48.86
C GLU E 267 -36.05 -30.94 50.03
N THR E 268 -36.84 -31.95 50.39
CA THR E 268 -36.56 -32.88 51.47
C THR E 268 -35.42 -33.85 51.12
N TYR E 269 -34.51 -34.08 52.07
CA TYR E 269 -33.35 -34.98 51.89
C TYR E 269 -33.14 -35.94 53.06
N LEU E 270 -32.74 -37.16 52.70
CA LEU E 270 -32.45 -38.27 53.60
C LEU E 270 -33.42 -38.46 54.75
N LEU E 271 -34.61 -38.93 54.44
CA LEU E 271 -35.62 -39.21 55.45
C LEU E 271 -35.18 -40.53 56.10
N GLU E 272 -34.51 -40.39 57.24
CA GLU E 272 -34.00 -41.53 58.01
C GLU E 272 -35.11 -42.37 58.60
N LYS E 273 -35.83 -43.05 57.70
CA LYS E 273 -36.94 -43.92 58.06
C LYS E 273 -36.43 -45.19 58.73
N SER E 274 -35.17 -45.50 58.42
CA SER E 274 -34.47 -46.68 58.92
C SER E 274 -34.65 -46.84 60.44
N ARG E 275 -35.26 -45.84 61.05
CA ARG E 275 -35.49 -45.85 62.51
C ARG E 275 -36.96 -46.17 62.81
N ALA E 276 -37.74 -46.21 61.75
CA ALA E 276 -39.18 -46.49 61.84
C ALA E 276 -39.43 -47.92 62.32
N ILE E 277 -38.48 -48.79 62.02
CA ILE E 277 -38.59 -50.22 62.37
C ILE E 277 -38.11 -50.47 63.82
N ARG E 278 -36.95 -49.93 64.15
CA ARG E 278 -36.37 -50.10 65.49
C ARG E 278 -35.50 -48.90 65.87
N GLN E 279 -36.09 -48.06 66.71
CA GLN E 279 -35.43 -46.86 67.23
C GLN E 279 -34.52 -47.24 68.40
N ALA E 280 -33.37 -46.58 68.43
CA ALA E 280 -32.32 -46.78 69.43
C ALA E 280 -32.76 -46.59 70.86
N LYS E 281 -31.77 -46.76 71.74
CA LYS E 281 -31.91 -46.62 73.19
C LYS E 281 -32.21 -45.18 73.58
N ASP E 282 -33.32 -45.04 74.30
CA ASP E 282 -33.80 -43.76 74.80
C ASP E 282 -34.18 -42.82 73.67
N GLU E 283 -34.86 -43.37 72.67
CA GLU E 283 -35.31 -42.62 71.50
C GLU E 283 -36.67 -43.10 71.04
N ARG E 284 -37.25 -42.34 70.12
CA ARG E 284 -38.57 -42.61 69.56
C ARG E 284 -38.57 -42.50 68.04
N THR E 285 -39.66 -42.94 67.44
CA THR E 285 -39.81 -42.88 66.00
C THR E 285 -40.35 -41.50 65.68
N PHE E 286 -40.80 -41.34 64.43
CA PHE E 286 -41.36 -40.08 63.95
C PHE E 286 -42.60 -39.66 64.73
N HIS E 287 -42.37 -38.73 65.65
CA HIS E 287 -43.39 -38.16 66.53
C HIS E 287 -44.84 -38.51 66.19
N ILE E 288 -45.24 -38.24 64.96
CA ILE E 288 -46.61 -38.51 64.50
C ILE E 288 -47.21 -39.84 64.99
N PHE E 289 -46.36 -40.86 65.14
CA PHE E 289 -46.81 -42.17 65.60
C PHE E 289 -47.50 -42.01 66.95
N TYR E 290 -46.79 -41.41 67.89
CA TYR E 290 -47.34 -41.19 69.22
C TYR E 290 -48.50 -40.15 69.24
N TYR E 291 -48.39 -39.09 68.44
CA TYR E 291 -49.43 -38.06 68.38
C TYR E 291 -50.76 -38.71 68.02
N LEU E 292 -50.70 -39.76 67.21
CA LEU E 292 -51.92 -40.47 66.80
C LEU E 292 -52.36 -41.43 67.88
N ILE E 293 -51.44 -42.29 68.31
CA ILE E 293 -51.74 -43.26 69.36
C ILE E 293 -52.37 -42.62 70.58
N ALA E 294 -52.11 -41.32 70.77
CA ALA E 294 -52.67 -40.61 71.92
C ALA E 294 -53.66 -39.52 71.52
N GLY E 295 -53.47 -38.95 70.33
CA GLY E 295 -54.35 -37.91 69.85
C GLY E 295 -55.60 -38.41 69.15
N ALA E 296 -55.60 -39.70 68.82
CA ALA E 296 -56.72 -40.31 68.14
C ALA E 296 -57.88 -40.42 69.11
N SER E 297 -59.08 -40.65 68.56
CA SER E 297 -60.28 -40.78 69.38
C SER E 297 -60.71 -42.24 69.46
N GLU E 298 -61.43 -42.59 70.53
CA GLU E 298 -61.92 -43.96 70.74
C GLU E 298 -62.56 -44.46 69.45
N GLN E 299 -63.30 -43.59 68.76
CA GLN E 299 -63.97 -43.97 67.52
C GLN E 299 -62.90 -44.08 66.45
N MET E 300 -62.31 -42.96 66.07
CA MET E 300 -61.28 -42.96 65.04
C MET E 300 -60.24 -44.04 65.34
N ARG E 301 -59.88 -44.19 66.60
CA ARG E 301 -58.89 -45.20 67.00
C ARG E 301 -59.38 -46.57 66.57
N ASN E 302 -60.69 -46.77 66.67
CA ASN E 302 -61.30 -48.04 66.30
C ASN E 302 -61.49 -48.10 64.78
N ASP E 303 -61.31 -46.97 64.11
CA ASP E 303 -61.48 -46.91 62.67
C ASP E 303 -60.20 -47.16 61.88
N LEU E 304 -59.07 -47.35 62.57
CA LEU E 304 -57.81 -47.61 61.89
C LEU E 304 -56.99 -48.68 62.57
N LEU E 305 -57.55 -49.33 63.59
CA LEU E 305 -56.87 -50.39 64.30
C LEU E 305 -55.56 -49.99 64.99
N LEU E 306 -55.69 -49.12 65.98
CA LEU E 306 -54.55 -48.64 66.73
C LEU E 306 -54.75 -49.04 68.19
N GLU E 307 -53.79 -49.78 68.74
CA GLU E 307 -53.85 -50.22 70.13
C GLU E 307 -53.00 -49.32 71.07
N GLY E 308 -52.51 -49.94 72.15
CA GLY E 308 -51.68 -49.31 73.19
C GLY E 308 -50.26 -48.95 72.74
N PHE E 309 -49.47 -48.36 73.63
CA PHE E 309 -48.08 -47.92 73.36
C PHE E 309 -46.99 -48.96 73.54
N ASN E 310 -47.20 -49.88 74.46
CA ASN E 310 -46.22 -50.94 74.73
C ASN E 310 -46.68 -52.23 74.07
N ASN E 311 -47.68 -52.08 73.20
CA ASN E 311 -48.30 -53.18 72.47
C ASN E 311 -47.61 -53.44 71.13
N TYR E 312 -47.12 -52.37 70.53
CA TYR E 312 -46.43 -52.44 69.24
C TYR E 312 -44.93 -52.68 69.47
N THR E 313 -44.39 -53.64 68.73
CA THR E 313 -42.97 -54.01 68.80
C THR E 313 -42.19 -53.07 67.90
N PHE E 314 -42.93 -52.18 67.24
CA PHE E 314 -42.37 -51.20 66.35
C PHE E 314 -41.91 -49.98 67.17
N LEU E 315 -42.39 -49.91 68.41
CA LEU E 315 -42.03 -48.81 69.32
C LEU E 315 -41.09 -49.33 70.37
N SER E 316 -39.79 -49.25 70.08
CA SER E 316 -38.76 -49.69 71.00
C SER E 316 -38.71 -48.75 72.19
N ASN E 317 -38.15 -49.20 73.30
CA ASN E 317 -38.09 -48.33 74.48
C ASN E 317 -39.54 -48.06 74.88
N GLY E 318 -40.45 -48.92 74.42
CA GLY E 318 -41.86 -48.79 74.72
C GLY E 318 -42.41 -47.44 74.34
N HIS E 319 -42.61 -46.58 75.33
CA HIS E 319 -43.12 -45.23 75.11
C HIS E 319 -42.23 -44.21 75.82
N VAL E 320 -41.74 -43.25 75.05
CA VAL E 320 -40.90 -42.22 75.61
C VAL E 320 -41.61 -40.88 75.67
N PRO E 321 -41.50 -40.19 76.82
CA PRO E 321 -42.14 -38.89 76.98
C PRO E 321 -41.18 -37.74 76.66
N ILE E 322 -41.68 -36.78 75.89
CA ILE E 322 -40.90 -35.62 75.50
C ILE E 322 -41.28 -34.43 76.37
N PRO E 323 -40.29 -33.87 77.08
CA PRO E 323 -40.50 -32.72 77.98
C PRO E 323 -41.21 -31.51 77.38
N ALA E 324 -42.07 -30.90 78.18
CA ALA E 324 -42.84 -29.71 77.78
C ALA E 324 -43.62 -29.95 76.50
N GLN E 325 -43.98 -31.20 76.25
CA GLN E 325 -44.74 -31.53 75.05
C GLN E 325 -45.76 -32.61 75.36
N GLN E 326 -46.99 -32.37 74.90
CA GLN E 326 -48.10 -33.31 75.11
C GLN E 326 -48.67 -33.72 73.76
N ASP E 327 -48.13 -34.82 73.26
CA ASP E 327 -48.53 -35.41 71.98
C ASP E 327 -50.04 -35.48 71.86
N ASP E 328 -50.70 -35.42 73.02
CA ASP E 328 -52.17 -35.46 73.09
C ASP E 328 -52.75 -34.24 72.41
N GLU E 329 -52.20 -33.08 72.80
CA GLU E 329 -52.59 -31.79 72.26
C GLU E 329 -51.77 -31.52 71.00
N MET E 330 -50.57 -32.10 71.00
CA MET E 330 -49.63 -31.98 69.90
C MET E 330 -50.28 -32.47 68.63
N PHE E 331 -51.05 -33.54 68.76
CA PHE E 331 -51.78 -34.16 67.65
C PHE E 331 -52.75 -33.15 67.05
N GLN E 332 -53.56 -32.57 67.92
CA GLN E 332 -54.55 -31.58 67.56
C GLN E 332 -53.91 -30.43 66.80
N GLU E 333 -52.74 -30.03 67.30
CA GLU E 333 -51.97 -28.96 66.73
C GLU E 333 -51.54 -29.26 65.30
N THR E 334 -50.97 -30.45 65.15
CA THR E 334 -50.48 -30.91 63.86
C THR E 334 -51.66 -31.10 62.88
N LEU E 335 -52.79 -31.50 63.45
CA LEU E 335 -54.02 -31.71 62.68
C LEU E 335 -54.50 -30.38 62.11
N GLU E 336 -54.45 -29.37 62.98
CA GLU E 336 -54.86 -28.01 62.67
C GLU E 336 -54.01 -27.43 61.53
N ALA E 337 -52.73 -27.79 61.55
CA ALA E 337 -51.76 -27.35 60.56
C ALA E 337 -52.13 -27.82 59.15
N MET E 338 -52.47 -29.11 59.05
CA MET E 338 -52.86 -29.74 57.79
C MET E 338 -54.01 -29.00 57.12
N THR E 339 -55.02 -28.74 57.95
CA THR E 339 -56.24 -28.07 57.53
C THR E 339 -55.92 -26.69 56.94
N ILE E 340 -55.15 -25.89 57.66
CA ILE E 340 -54.77 -24.55 57.21
C ILE E 340 -54.35 -24.65 55.75
N MET E 341 -53.59 -25.70 55.48
CA MET E 341 -53.08 -26.01 54.16
C MET E 341 -54.25 -26.34 53.23
N GLY E 342 -54.42 -27.63 52.95
CA GLY E 342 -55.49 -28.06 52.09
C GLY E 342 -55.89 -29.51 52.29
N PHE E 343 -55.28 -30.16 53.28
CA PHE E 343 -55.55 -31.57 53.60
C PHE E 343 -56.99 -31.72 54.11
N THR E 344 -57.88 -32.04 53.18
CA THR E 344 -59.30 -32.23 53.47
C THR E 344 -59.47 -33.13 54.69
N GLU E 345 -60.69 -33.13 55.21
CA GLU E 345 -61.05 -33.94 56.37
C GLU E 345 -60.60 -35.38 56.15
N GLU E 346 -61.04 -35.92 55.02
CA GLU E 346 -60.72 -37.29 54.62
C GLU E 346 -59.25 -37.39 54.26
N GLU E 347 -58.80 -36.44 53.45
CA GLU E 347 -57.42 -36.37 52.98
C GLU E 347 -56.42 -36.56 54.11
N GLN E 348 -56.87 -36.28 55.33
CA GLN E 348 -56.04 -36.42 56.53
C GLN E 348 -56.17 -37.80 57.13
N THR E 349 -57.42 -38.19 57.37
CA THR E 349 -57.76 -39.48 57.95
C THR E 349 -57.14 -40.63 57.16
N SER E 350 -57.09 -40.44 55.85
CA SER E 350 -56.54 -41.42 54.91
C SER E 350 -55.08 -41.71 55.22
N ILE E 351 -54.37 -40.66 55.59
CA ILE E 351 -52.95 -40.74 55.92
C ILE E 351 -52.77 -41.40 57.29
N LEU E 352 -53.69 -41.06 58.19
CA LEU E 352 -53.70 -41.56 59.57
C LEU E 352 -53.75 -43.08 59.64
N ARG E 353 -54.74 -43.66 58.97
CA ARG E 353 -54.94 -45.10 58.95
C ARG E 353 -53.65 -45.82 58.53
N VAL E 354 -52.98 -45.23 57.55
CA VAL E 354 -51.73 -45.76 57.01
C VAL E 354 -50.70 -45.95 58.12
N VAL E 355 -50.63 -44.96 59.01
CA VAL E 355 -49.71 -44.95 60.14
C VAL E 355 -49.94 -46.14 61.07
N SER E 356 -51.21 -46.35 61.42
CA SER E 356 -51.59 -47.44 62.32
C SER E 356 -51.33 -48.79 61.66
N SER E 357 -51.52 -48.83 60.35
CA SER E 357 -51.31 -50.04 59.56
C SER E 357 -49.83 -50.41 59.54
N VAL E 358 -48.99 -49.38 59.41
CA VAL E 358 -47.54 -49.54 59.37
C VAL E 358 -47.04 -50.04 60.72
N LEU E 359 -47.65 -49.53 61.79
CA LEU E 359 -47.29 -49.91 63.16
C LEU E 359 -47.63 -51.39 63.37
N GLN E 360 -48.75 -51.78 62.77
CA GLN E 360 -49.27 -53.14 62.85
C GLN E 360 -48.33 -54.16 62.20
N LEU E 361 -47.92 -53.86 60.97
CA LEU E 361 -47.01 -54.73 60.22
C LEU E 361 -45.86 -55.19 61.12
N GLY E 362 -45.69 -54.44 62.20
CA GLY E 362 -44.64 -54.69 63.18
C GLY E 362 -44.90 -55.90 64.06
N ASN E 363 -46.17 -56.25 64.20
CA ASN E 363 -46.60 -57.37 65.02
C ASN E 363 -46.56 -58.69 64.24
N ILE E 364 -46.43 -58.57 62.93
CA ILE E 364 -46.37 -59.72 62.03
C ILE E 364 -45.02 -60.41 62.17
N VAL E 365 -44.98 -61.44 63.02
CA VAL E 365 -43.76 -62.21 63.25
C VAL E 365 -43.96 -63.64 62.74
N PHE E 366 -42.90 -64.22 62.19
CA PHE E 366 -42.96 -65.55 61.65
C PHE E 366 -42.27 -66.59 62.49
N LYS E 367 -42.85 -67.79 62.40
CA LYS E 367 -42.41 -69.00 63.09
C LYS E 367 -41.70 -69.92 62.11
N LYS E 368 -40.42 -69.66 61.93
CA LYS E 368 -39.58 -70.45 61.05
C LYS E 368 -39.82 -71.94 61.28
N GLU E 369 -40.56 -72.52 60.36
CA GLU E 369 -40.89 -73.93 60.38
C GLU E 369 -39.60 -74.74 60.50
N ARG E 370 -39.56 -75.66 61.45
CA ARG E 370 -38.39 -76.51 61.64
C ARG E 370 -38.32 -77.51 60.51
N ASN E 371 -39.51 -77.94 60.10
CA ASN E 371 -39.73 -78.92 59.06
C ASN E 371 -39.27 -78.52 57.66
N THR E 372 -39.75 -77.36 57.20
CA THR E 372 -39.42 -76.88 55.86
C THR E 372 -38.58 -75.60 55.84
N ASP E 373 -38.44 -75.00 57.01
CA ASP E 373 -37.63 -73.77 57.17
C ASP E 373 -38.35 -72.53 56.65
N GLN E 374 -39.58 -72.75 56.19
CA GLN E 374 -40.41 -71.68 55.67
C GLN E 374 -41.25 -71.07 56.79
N ALA E 375 -41.17 -69.74 56.89
CA ALA E 375 -41.92 -69.00 57.90
C ALA E 375 -43.35 -69.51 57.95
N SER E 376 -44.04 -69.20 59.04
CA SER E 376 -45.42 -69.60 59.27
C SER E 376 -46.21 -68.49 59.92
N MET E 377 -47.49 -68.43 59.54
CA MET E 377 -48.44 -67.45 60.06
C MET E 377 -49.47 -68.17 60.93
N PRO E 378 -49.09 -68.56 62.14
CA PRO E 378 -50.02 -69.26 63.04
C PRO E 378 -51.28 -68.44 63.24
N ASP E 379 -51.14 -67.37 64.02
CA ASP E 379 -52.24 -66.45 64.32
C ASP E 379 -52.19 -65.31 63.30
N ASN E 380 -53.08 -65.39 62.32
CA ASN E 380 -53.19 -64.41 61.23
C ASN E 380 -53.79 -63.08 61.67
N THR E 381 -54.29 -63.06 62.89
CA THR E 381 -54.90 -61.86 63.48
C THR E 381 -54.19 -60.60 62.99
N ALA E 382 -52.86 -60.61 63.15
CA ALA E 382 -51.98 -59.51 62.77
C ALA E 382 -52.20 -59.02 61.34
N ALA E 383 -51.84 -59.91 60.41
CA ALA E 383 -51.93 -59.66 58.97
C ALA E 383 -53.33 -59.21 58.54
N GLN E 384 -54.33 -59.89 59.09
CA GLN E 384 -55.74 -59.62 58.79
C GLN E 384 -56.11 -58.16 59.04
N LYS E 385 -55.56 -57.64 60.13
CA LYS E 385 -55.80 -56.27 60.59
C LYS E 385 -55.01 -55.21 59.84
N VAL E 386 -54.01 -55.66 59.08
CA VAL E 386 -53.15 -54.75 58.32
C VAL E 386 -53.62 -54.59 56.89
N CYS E 387 -54.19 -55.66 56.36
CA CYS E 387 -54.70 -55.68 54.98
C CYS E 387 -55.90 -54.75 54.84
N HIS E 388 -56.77 -54.80 55.84
CA HIS E 388 -57.99 -53.97 55.88
C HIS E 388 -57.65 -52.49 55.94
N LEU E 389 -56.36 -52.22 56.10
CA LEU E 389 -55.85 -50.84 56.18
C LEU E 389 -55.15 -50.46 54.89
N MET E 390 -54.82 -51.50 54.11
CA MET E 390 -54.14 -51.36 52.83
C MET E 390 -55.12 -51.36 51.67
N GLY E 391 -56.18 -52.15 51.84
CA GLY E 391 -57.22 -52.27 50.82
C GLY E 391 -56.90 -53.41 49.87
N ILE E 392 -55.86 -54.17 50.23
CA ILE E 392 -55.41 -55.31 49.46
C ILE E 392 -56.08 -56.57 50.00
N ASN E 393 -55.90 -57.67 49.27
CA ASN E 393 -56.48 -58.96 49.64
C ASN E 393 -55.62 -59.68 50.67
N VAL E 394 -56.32 -60.22 51.66
CA VAL E 394 -55.72 -60.96 52.76
C VAL E 394 -54.86 -62.11 52.22
N THR E 395 -55.56 -63.18 51.87
CA THR E 395 -54.95 -64.40 51.34
C THR E 395 -53.82 -64.10 50.37
N ASP E 396 -54.08 -63.16 49.47
CA ASP E 396 -53.14 -62.72 48.44
C ASP E 396 -51.84 -62.20 49.04
N PHE E 397 -51.97 -61.18 49.88
CA PHE E 397 -50.82 -60.56 50.53
C PHE E 397 -50.06 -61.54 51.40
N THR E 398 -50.82 -62.41 52.07
CA THR E 398 -50.28 -63.42 52.96
C THR E 398 -49.32 -64.36 52.23
N ARG E 399 -49.78 -64.85 51.07
CA ARG E 399 -49.02 -65.77 50.24
C ARG E 399 -47.86 -65.09 49.54
N SER E 400 -48.10 -63.86 49.09
CA SER E 400 -47.12 -63.04 48.37
C SER E 400 -45.90 -62.71 49.24
N ILE E 401 -46.17 -62.28 50.47
CA ILE E 401 -45.09 -61.93 51.42
C ILE E 401 -44.45 -63.21 51.92
N LEU E 402 -45.25 -64.27 51.93
CA LEU E 402 -44.84 -65.59 52.38
C LEU E 402 -44.13 -66.34 51.25
N THR E 403 -44.93 -66.77 50.28
CA THR E 403 -44.47 -67.51 49.11
C THR E 403 -44.36 -66.60 47.88
N PRO E 404 -43.22 -65.93 47.71
CA PRO E 404 -43.03 -65.03 46.56
C PRO E 404 -43.18 -65.73 45.23
N ARG E 405 -44.22 -65.31 44.48
CA ARG E 405 -44.52 -65.83 43.14
C ARG E 405 -43.61 -65.07 42.16
N ILE E 406 -42.33 -65.01 42.53
CA ILE E 406 -41.29 -64.35 41.76
C ILE E 406 -41.44 -64.47 40.24
N LYS E 407 -40.80 -63.56 39.53
CA LYS E 407 -40.84 -63.54 38.08
C LYS E 407 -39.49 -63.07 37.58
N VAL E 408 -38.55 -64.00 37.43
CA VAL E 408 -37.22 -63.63 36.96
C VAL E 408 -37.25 -63.29 35.48
N GLY E 409 -38.47 -63.14 34.95
CA GLY E 409 -38.66 -62.79 33.54
C GLY E 409 -38.35 -63.94 32.61
N ARG E 410 -37.10 -64.38 32.63
CA ARG E 410 -36.63 -65.48 31.78
C ARG E 410 -37.29 -66.77 32.30
N ASP E 411 -38.09 -66.62 33.35
CA ASP E 411 -38.79 -67.74 33.97
C ASP E 411 -39.85 -67.23 34.97
N VAL E 412 -40.37 -68.14 35.78
CA VAL E 412 -41.38 -67.78 36.78
C VAL E 412 -41.11 -68.57 38.05
N VAL E 413 -39.86 -68.52 38.49
CA VAL E 413 -39.43 -69.23 39.69
C VAL E 413 -40.16 -68.80 40.95
N GLN E 414 -41.11 -69.62 41.39
CA GLN E 414 -41.85 -69.31 42.61
C GLN E 414 -40.99 -69.88 43.74
N LYS E 415 -40.65 -69.04 44.72
CA LYS E 415 -39.84 -69.48 45.83
C LYS E 415 -40.51 -69.14 47.15
N ALA E 416 -39.80 -69.44 48.23
CA ALA E 416 -40.27 -69.17 49.58
C ALA E 416 -39.05 -68.79 50.39
N GLN E 417 -39.20 -67.82 51.28
CA GLN E 417 -38.10 -67.39 52.11
C GLN E 417 -38.32 -67.84 53.55
N THR E 418 -37.24 -67.90 54.30
CA THR E 418 -37.28 -68.31 55.70
C THR E 418 -38.25 -67.39 56.44
N LYS E 419 -38.19 -67.41 57.77
CA LYS E 419 -39.06 -66.54 58.53
C LYS E 419 -38.32 -65.21 58.49
N GLU E 420 -36.99 -65.32 58.54
CA GLU E 420 -36.09 -64.18 58.51
C GLU E 420 -36.33 -63.31 57.30
N GLN E 421 -35.86 -63.77 56.15
CA GLN E 421 -36.04 -63.03 54.91
C GLN E 421 -37.51 -62.69 54.74
N ALA E 422 -38.36 -63.43 55.44
CA ALA E 422 -39.80 -63.20 55.39
C ALA E 422 -40.03 -61.94 56.19
N ASP E 423 -39.31 -61.84 57.30
CA ASP E 423 -39.42 -60.68 58.18
C ASP E 423 -38.69 -59.50 57.53
N PHE E 424 -37.44 -59.71 57.14
CA PHE E 424 -36.64 -58.66 56.50
C PHE E 424 -37.37 -58.01 55.33
N ALA E 425 -38.36 -58.70 54.78
CA ALA E 425 -39.10 -58.17 53.65
C ALA E 425 -40.32 -57.34 54.05
N ILE E 426 -40.98 -57.72 55.13
CA ILE E 426 -42.16 -57.00 55.62
C ILE E 426 -41.68 -55.75 56.35
N GLU E 427 -40.44 -55.81 56.80
CA GLU E 427 -39.78 -54.72 57.52
C GLU E 427 -39.42 -53.64 56.53
N ALA E 428 -38.81 -54.05 55.42
CA ALA E 428 -38.42 -53.11 54.41
C ALA E 428 -39.63 -52.73 53.57
N LEU E 429 -40.80 -53.16 54.01
CA LEU E 429 -42.04 -52.87 53.30
C LEU E 429 -42.71 -51.73 54.08
N ALA E 430 -42.91 -51.97 55.37
CA ALA E 430 -43.52 -50.97 56.22
C ALA E 430 -42.61 -49.74 56.18
N LYS E 431 -41.34 -49.95 56.51
CA LYS E 431 -40.36 -48.87 56.53
C LYS E 431 -40.29 -48.03 55.24
N ALA E 432 -40.69 -48.59 54.10
CA ALA E 432 -40.65 -47.82 52.86
C ALA E 432 -42.05 -47.37 52.45
N LYS E 433 -43.07 -47.96 53.09
CA LYS E 433 -44.44 -47.60 52.78
C LYS E 433 -44.73 -46.29 53.49
N PHE E 434 -43.84 -45.96 54.41
CA PHE E 434 -43.97 -44.73 55.19
C PHE E 434 -43.30 -43.60 54.41
N GLU E 435 -42.08 -43.86 53.96
CA GLU E 435 -41.33 -42.88 53.19
C GLU E 435 -42.09 -42.66 51.89
N ARG E 436 -42.86 -43.67 51.49
CA ARG E 436 -43.67 -43.60 50.28
C ARG E 436 -44.65 -42.47 50.57
N LEU E 437 -44.95 -42.32 51.86
CA LEU E 437 -45.87 -41.31 52.34
C LEU E 437 -45.23 -39.95 52.64
N PHE E 438 -44.07 -39.96 53.30
CA PHE E 438 -43.40 -38.71 53.64
C PHE E 438 -43.35 -37.83 52.41
N ARG E 439 -42.78 -38.34 51.33
CA ARG E 439 -42.68 -37.58 50.11
C ARG E 439 -44.06 -37.26 49.48
N TRP E 440 -45.10 -37.98 49.90
CA TRP E 440 -46.46 -37.75 49.38
C TRP E 440 -46.87 -36.38 49.88
N ILE E 441 -46.78 -36.22 51.19
CA ILE E 441 -47.12 -34.98 51.89
C ILE E 441 -46.28 -33.84 51.37
N LEU E 442 -44.97 -33.94 51.53
CA LEU E 442 -44.07 -32.90 51.06
C LEU E 442 -44.43 -32.32 49.69
N THR E 443 -44.97 -33.14 48.80
CA THR E 443 -45.34 -32.66 47.48
C THR E 443 -46.82 -32.29 47.44
N ARG E 444 -47.50 -32.52 48.56
CA ARG E 444 -48.91 -32.20 48.69
C ARG E 444 -48.87 -30.77 49.21
N VAL E 445 -47.93 -30.54 50.11
CA VAL E 445 -47.74 -29.24 50.71
C VAL E 445 -47.12 -28.34 49.65
N ASN E 446 -45.91 -28.68 49.19
CA ASN E 446 -45.23 -27.87 48.18
C ASN E 446 -46.09 -27.43 47.01
N LYS E 447 -47.28 -28.02 46.89
CA LYS E 447 -48.20 -27.65 45.81
C LYS E 447 -48.95 -26.37 46.18
N ALA E 448 -49.25 -26.22 47.47
CA ALA E 448 -49.96 -25.04 47.95
C ALA E 448 -49.05 -23.86 48.22
N LEU E 449 -47.92 -24.09 48.89
CA LEU E 449 -46.99 -23.00 49.18
C LEU E 449 -46.32 -22.52 47.88
N ASP E 450 -46.89 -22.89 46.73
CA ASP E 450 -46.40 -22.54 45.37
C ASP E 450 -47.69 -22.67 44.61
N ALA E 457 -39.21 -13.87 39.51
CA ALA E 457 -37.77 -13.55 39.27
C ALA E 457 -36.82 -13.90 40.42
N SER E 458 -37.14 -13.46 41.63
CA SER E 458 -36.29 -13.69 42.80
C SER E 458 -36.72 -14.84 43.69
N PHE E 459 -35.78 -15.28 44.54
CA PHE E 459 -35.97 -16.37 45.50
C PHE E 459 -34.86 -16.41 46.55
N LEU E 460 -35.28 -16.60 47.80
CA LEU E 460 -34.41 -16.69 48.98
C LEU E 460 -34.35 -18.17 49.40
N GLY E 461 -33.14 -18.63 49.72
CA GLY E 461 -32.96 -20.03 50.09
C GLY E 461 -32.58 -20.26 51.53
N ILE E 462 -33.33 -21.15 52.18
CA ILE E 462 -33.12 -21.49 53.59
C ILE E 462 -32.75 -22.95 53.76
N LEU E 463 -31.47 -23.25 53.95
CA LEU E 463 -31.00 -24.64 54.10
C LEU E 463 -30.93 -25.25 55.50
N ASP E 464 -31.90 -26.09 55.82
CA ASP E 464 -31.97 -26.76 57.11
C ASP E 464 -31.51 -28.21 56.88
N ILE E 465 -30.20 -28.42 56.76
CA ILE E 465 -29.64 -29.75 56.55
C ILE E 465 -29.57 -30.44 57.91
N ALA E 466 -28.88 -31.55 58.01
CA ALA E 466 -28.80 -32.21 59.31
C ALA E 466 -27.39 -32.06 59.85
N GLY E 467 -27.30 -32.07 61.18
CA GLY E 467 -26.03 -31.92 61.88
C GLY E 467 -25.23 -33.14 62.24
N PHE E 468 -23.92 -32.92 62.22
CA PHE E 468 -22.91 -33.90 62.52
C PHE E 468 -23.15 -34.73 63.78
N GLU E 469 -23.84 -35.85 63.62
CA GLU E 469 -24.13 -36.74 64.74
C GLU E 469 -23.15 -37.91 64.73
N ILE E 470 -22.78 -38.38 65.92
CA ILE E 470 -21.85 -39.49 66.08
C ILE E 470 -22.15 -40.23 67.40
N PHE E 471 -22.64 -41.48 67.29
CA PHE E 471 -22.99 -42.28 68.46
C PHE E 471 -22.03 -43.44 68.80
N GLU E 472 -22.61 -44.59 69.13
CA GLU E 472 -21.85 -45.79 69.49
C GLU E 472 -21.94 -46.78 68.33
N ILE E 473 -22.97 -46.61 67.52
CA ILE E 473 -23.22 -47.45 66.35
C ILE E 473 -23.47 -46.48 65.20
N ASN E 474 -22.48 -46.32 64.33
CA ASN E 474 -22.61 -45.41 63.21
C ASN E 474 -23.06 -46.01 61.89
N SER E 475 -24.37 -46.27 61.80
CA SER E 475 -25.00 -46.85 60.62
C SER E 475 -24.67 -46.05 59.35
N PHE E 476 -25.11 -46.56 58.21
CA PHE E 476 -24.88 -45.93 56.90
C PHE E 476 -25.46 -44.52 56.86
N GLU E 477 -26.72 -44.42 57.24
CA GLU E 477 -27.44 -43.15 57.25
C GLU E 477 -26.58 -42.04 57.85
N GLN E 478 -26.11 -42.31 59.07
CA GLN E 478 -25.27 -41.37 59.83
C GLN E 478 -24.02 -40.96 59.08
N LEU E 479 -23.69 -41.73 58.04
CA LEU E 479 -22.50 -41.48 57.22
C LEU E 479 -22.73 -40.35 56.21
N CYS E 480 -23.81 -40.46 55.46
CA CYS E 480 -24.17 -39.45 54.45
C CYS E 480 -24.62 -38.17 55.15
N ILE E 481 -25.04 -38.36 56.39
CA ILE E 481 -25.50 -37.25 57.23
C ILE E 481 -24.31 -36.35 57.51
N ASN E 482 -23.31 -36.92 58.19
CA ASN E 482 -22.09 -36.20 58.52
C ASN E 482 -21.37 -35.82 57.23
N TYR E 483 -21.59 -36.65 56.21
CA TYR E 483 -21.00 -36.46 54.87
C TYR E 483 -21.41 -35.12 54.30
N THR E 484 -22.70 -34.82 54.45
CA THR E 484 -23.30 -33.58 53.97
C THR E 484 -22.73 -32.40 54.71
N ASN E 485 -22.52 -32.60 56.02
CA ASN E 485 -21.97 -31.59 56.91
C ASN E 485 -20.61 -31.12 56.38
N GLU E 486 -19.75 -32.10 56.14
CA GLU E 486 -18.39 -31.84 55.65
C GLU E 486 -18.44 -31.07 54.34
N LYS E 487 -19.46 -31.39 53.54
CA LYS E 487 -19.67 -30.75 52.25
C LYS E 487 -19.97 -29.26 52.43
N LEU E 488 -20.89 -28.97 53.33
CA LEU E 488 -21.27 -27.59 53.61
C LEU E 488 -20.12 -26.83 54.24
N GLN E 489 -19.36 -27.55 55.07
CA GLN E 489 -18.20 -26.99 55.75
C GLN E 489 -17.17 -26.53 54.74
N GLN E 490 -16.96 -27.37 53.73
CA GLN E 490 -15.99 -27.08 52.67
C GLN E 490 -16.41 -25.84 51.91
N LEU E 491 -17.71 -25.78 51.64
CA LEU E 491 -18.35 -24.68 50.93
C LEU E 491 -18.00 -23.34 51.60
N PHE E 492 -18.11 -23.33 52.92
CA PHE E 492 -17.83 -22.15 53.73
C PHE E 492 -16.41 -21.64 53.56
N ASN E 493 -15.49 -22.57 53.79
CA ASN E 493 -14.06 -22.30 53.69
C ASN E 493 -13.74 -21.74 52.30
N HIS E 494 -14.33 -22.39 51.30
CA HIS E 494 -14.15 -22.04 49.90
C HIS E 494 -14.59 -20.62 49.58
N THR E 495 -15.88 -20.36 49.77
CA THR E 495 -16.47 -19.06 49.49
C THR E 495 -15.84 -17.97 50.35
N MET E 496 -15.31 -18.37 51.50
CA MET E 496 -14.69 -17.45 52.44
C MET E 496 -13.27 -17.08 52.03
N PHE E 497 -12.32 -17.92 52.42
CA PHE E 497 -10.90 -17.71 52.14
C PHE E 497 -10.52 -17.93 50.67
N ILE E 498 -10.79 -19.14 50.19
CA ILE E 498 -10.48 -19.52 48.81
C ILE E 498 -10.99 -18.49 47.79
N LEU E 499 -12.19 -18.78 47.28
CA LEU E 499 -12.90 -17.96 46.28
C LEU E 499 -12.56 -16.47 46.31
N GLU E 500 -12.96 -15.82 47.40
CA GLU E 500 -12.75 -14.38 47.58
C GLU E 500 -11.38 -13.92 47.12
N GLN E 501 -10.34 -14.56 47.64
CA GLN E 501 -8.97 -14.22 47.29
C GLN E 501 -8.83 -14.15 45.77
N GLU E 502 -9.48 -15.10 45.10
CA GLU E 502 -9.47 -15.19 43.65
C GLU E 502 -9.84 -13.84 43.01
N GLU E 503 -10.92 -13.22 43.48
CA GLU E 503 -11.34 -11.94 42.90
C GLU E 503 -10.29 -10.87 43.12
N TYR E 504 -9.45 -11.07 44.14
CA TYR E 504 -8.39 -10.10 44.42
C TYR E 504 -7.34 -10.23 43.31
N GLN E 505 -6.98 -11.48 43.02
CA GLN E 505 -5.99 -11.82 42.00
C GLN E 505 -6.47 -11.41 40.61
N ARG E 506 -7.72 -11.76 40.33
CA ARG E 506 -8.37 -11.48 39.05
C ARG E 506 -8.37 -9.99 38.68
N GLU E 507 -8.81 -9.17 39.63
CA GLU E 507 -8.89 -7.72 39.43
C GLU E 507 -7.49 -7.09 39.44
N GLY E 508 -6.59 -7.74 40.16
CA GLY E 508 -5.21 -7.29 40.24
C GLY E 508 -4.89 -6.47 41.46
N ILE E 509 -5.91 -6.05 42.19
CA ILE E 509 -5.68 -5.24 43.39
C ILE E 509 -4.41 -5.72 44.13
N GLU E 510 -3.69 -4.78 44.73
CA GLU E 510 -2.47 -5.09 45.47
C GLU E 510 -2.77 -6.02 46.63
N TRP E 511 -2.93 -7.30 46.32
CA TRP E 511 -3.24 -8.30 47.32
C TRP E 511 -2.11 -9.31 47.40
N ASN E 512 -2.31 -10.34 48.21
CA ASN E 512 -1.36 -11.43 48.42
C ASN E 512 -2.14 -12.57 49.03
N PHE E 513 -1.86 -13.80 48.62
CA PHE E 513 -2.57 -14.94 49.17
C PHE E 513 -2.18 -15.30 50.60
N ILE E 514 -3.14 -15.85 51.33
CA ILE E 514 -2.96 -16.26 52.71
C ILE E 514 -3.70 -17.57 52.91
N ASP E 515 -2.97 -18.64 53.23
CA ASP E 515 -3.61 -19.94 53.43
C ASP E 515 -4.14 -20.15 54.84
N PHE E 516 -5.46 -20.18 54.94
CA PHE E 516 -6.14 -20.36 56.21
C PHE E 516 -6.21 -21.80 56.71
N GLY E 517 -5.52 -22.71 56.04
CA GLY E 517 -5.53 -24.09 56.48
C GLY E 517 -6.93 -24.63 56.69
N LEU E 518 -7.76 -24.56 55.66
CA LEU E 518 -9.10 -25.06 55.79
C LEU E 518 -9.60 -25.65 54.48
N ASP E 519 -9.52 -26.98 54.41
CA ASP E 519 -9.94 -27.72 53.24
C ASP E 519 -10.22 -29.17 53.63
N LEU E 520 -11.39 -29.66 53.24
CA LEU E 520 -11.81 -31.02 53.55
C LEU E 520 -12.02 -31.81 52.26
N GLN E 521 -11.60 -31.25 51.15
CA GLN E 521 -11.73 -31.92 49.87
C GLN E 521 -11.33 -33.39 50.05
N PRO E 522 -10.15 -33.63 50.64
CA PRO E 522 -9.68 -35.00 50.86
C PRO E 522 -10.71 -35.88 51.57
N CYS E 523 -11.04 -35.53 52.80
CA CYS E 523 -12.00 -36.31 53.56
C CYS E 523 -13.31 -36.46 52.80
N ILE E 524 -13.47 -35.75 51.69
CA ILE E 524 -14.68 -35.86 50.89
C ILE E 524 -14.42 -36.94 49.84
N GLU E 525 -13.37 -36.76 49.04
CA GLU E 525 -13.04 -37.75 48.02
C GLU E 525 -12.98 -39.14 48.63
N LEU E 526 -12.43 -39.24 49.85
CA LEU E 526 -12.32 -40.51 50.56
C LEU E 526 -13.68 -41.18 50.63
N ILE E 527 -14.71 -40.40 50.30
CA ILE E 527 -16.06 -40.89 50.32
C ILE E 527 -16.82 -40.34 49.11
N GLU E 528 -16.12 -39.61 48.24
CA GLU E 528 -16.77 -39.02 47.06
C GLU E 528 -16.35 -39.58 45.70
N ARG E 529 -15.18 -39.17 45.23
CA ARG E 529 -14.66 -39.62 43.93
C ARG E 529 -14.85 -41.10 43.64
N PRO E 530 -15.53 -41.41 42.53
CA PRO E 530 -15.82 -42.77 42.05
C PRO E 530 -14.67 -43.25 41.17
N THR E 531 -14.45 -42.52 40.08
CA THR E 531 -13.38 -42.84 39.15
C THR E 531 -12.10 -42.54 39.92
N ASN E 532 -10.98 -43.02 39.41
CA ASN E 532 -9.70 -42.80 40.07
C ASN E 532 -9.90 -43.43 41.44
N PRO E 533 -8.99 -43.20 42.40
CA PRO E 533 -9.24 -43.84 43.69
C PRO E 533 -10.73 -43.77 44.05
N PRO E 534 -11.36 -44.93 44.31
CA PRO E 534 -12.78 -44.95 44.66
C PRO E 534 -13.03 -44.53 46.11
N GLY E 535 -14.26 -44.09 46.40
CA GLY E 535 -14.56 -43.67 47.76
C GLY E 535 -15.41 -44.65 48.52
N VAL E 536 -15.30 -44.60 49.85
CA VAL E 536 -16.05 -45.48 50.73
C VAL E 536 -17.44 -45.89 50.22
N LEU E 537 -18.13 -44.96 49.56
CA LEU E 537 -19.47 -45.26 49.03
C LEU E 537 -19.36 -45.90 47.65
N ALA E 538 -18.47 -45.36 46.81
CA ALA E 538 -18.24 -45.87 45.46
C ALA E 538 -18.04 -47.38 45.54
N LEU E 539 -17.11 -47.77 46.39
CA LEU E 539 -16.79 -49.17 46.60
C LEU E 539 -18.04 -49.96 46.99
N LEU E 540 -18.66 -49.60 48.10
CA LEU E 540 -19.87 -50.31 48.54
C LEU E 540 -20.83 -50.50 47.37
N ASP E 541 -21.04 -49.42 46.62
CA ASP E 541 -21.93 -49.40 45.48
C ASP E 541 -22.00 -50.70 44.68
N GLU E 542 -21.01 -50.93 43.82
CA GLU E 542 -20.98 -52.12 42.99
C GLU E 542 -20.72 -53.40 43.77
N GLU E 543 -19.76 -53.33 44.70
CA GLU E 543 -19.40 -54.48 45.52
C GLU E 543 -20.66 -55.13 46.08
N CYS E 544 -21.74 -54.36 46.14
CA CYS E 544 -23.01 -54.85 46.66
C CYS E 544 -23.80 -55.58 45.59
N TRP E 545 -23.52 -55.29 44.32
CA TRP E 545 -24.22 -55.93 43.23
C TRP E 545 -23.80 -57.40 43.15
N PHE E 546 -22.66 -57.71 43.77
CA PHE E 546 -22.06 -59.05 43.80
C PHE E 546 -22.78 -60.12 44.65
N PRO E 547 -22.80 -61.38 44.16
CA PRO E 547 -23.44 -62.50 44.87
C PRO E 547 -22.78 -62.83 46.21
N LYS E 548 -21.47 -63.06 46.19
CA LYS E 548 -20.72 -63.37 47.41
C LYS E 548 -20.25 -62.06 48.03
N ALA E 549 -21.16 -61.10 48.07
CA ALA E 549 -20.87 -59.79 48.64
C ALA E 549 -21.44 -59.71 50.04
N THR E 550 -20.67 -59.16 50.97
CA THR E 550 -21.14 -59.02 52.34
C THR E 550 -20.65 -57.75 53.00
N ASP E 551 -21.33 -57.40 54.09
CA ASP E 551 -20.99 -56.23 54.85
C ASP E 551 -19.47 -56.27 54.97
N THR E 552 -18.99 -57.41 55.46
CA THR E 552 -17.57 -57.66 55.65
C THR E 552 -16.78 -57.35 54.39
N SER E 553 -16.72 -58.34 53.50
CA SER E 553 -16.02 -58.24 52.23
C SER E 553 -15.76 -56.80 51.82
N PHE E 554 -16.82 -55.99 51.90
CA PHE E 554 -16.78 -54.58 51.56
C PHE E 554 -15.63 -53.88 52.27
N VAL E 555 -15.72 -53.85 53.59
CA VAL E 555 -14.72 -53.21 54.44
C VAL E 555 -13.28 -53.41 54.00
N GLU E 556 -12.94 -54.67 53.72
CA GLU E 556 -11.61 -55.05 53.29
C GLU E 556 -11.24 -54.41 51.96
N LYS E 557 -12.22 -54.30 51.07
CA LYS E 557 -12.03 -53.70 49.77
C LYS E 557 -11.57 -52.26 50.01
N LEU E 558 -12.27 -51.61 50.92
CA LEU E 558 -12.02 -50.22 51.32
C LEU E 558 -10.57 -49.95 51.66
N ILE E 559 -9.97 -50.86 52.41
CA ILE E 559 -8.58 -50.74 52.83
C ILE E 559 -7.71 -51.16 51.66
N GLN E 560 -8.23 -52.08 50.86
CA GLN E 560 -7.52 -52.59 49.70
C GLN E 560 -7.06 -51.47 48.77
N GLU E 561 -7.54 -50.25 49.01
CA GLU E 561 -7.17 -49.12 48.16
C GLU E 561 -6.98 -47.79 48.91
N GLN E 562 -7.82 -47.56 49.92
CA GLN E 562 -7.75 -46.33 50.70
C GLN E 562 -6.93 -46.45 51.97
N GLY E 563 -6.47 -47.66 52.27
CA GLY E 563 -5.68 -47.89 53.47
C GLY E 563 -4.55 -46.89 53.68
N ASN E 564 -4.29 -46.06 52.67
CA ASN E 564 -3.23 -45.07 52.76
C ASN E 564 -3.74 -43.63 52.75
N HIS E 565 -4.88 -43.39 53.39
CA HIS E 565 -5.46 -42.06 53.45
C HIS E 565 -5.47 -41.51 54.87
N ALA E 566 -4.92 -40.31 55.03
CA ALA E 566 -4.87 -39.67 56.34
C ALA E 566 -6.25 -39.67 56.98
N LYS E 567 -7.20 -39.03 56.31
CA LYS E 567 -8.57 -38.96 56.82
C LYS E 567 -9.19 -40.32 57.00
N PHE E 568 -8.43 -41.36 56.67
CA PHE E 568 -8.89 -42.74 56.81
C PHE E 568 -8.11 -43.43 57.92
N GLN E 569 -8.75 -44.35 58.63
CA GLN E 569 -8.08 -45.06 59.71
C GLN E 569 -8.67 -46.44 60.00
N LYS E 570 -7.77 -47.40 60.19
CA LYS E 570 -8.13 -48.80 60.46
C LYS E 570 -8.76 -48.98 61.85
N SER E 571 -9.98 -49.52 61.85
CA SER E 571 -10.71 -49.75 63.09
C SER E 571 -9.76 -50.27 64.17
N LYS E 572 -9.92 -49.76 65.38
CA LYS E 572 -9.09 -50.16 66.50
C LYS E 572 -9.60 -51.49 67.06
N GLN E 573 -10.91 -51.56 67.24
CA GLN E 573 -11.54 -52.76 67.78
C GLN E 573 -12.40 -53.52 66.78
N LEU E 574 -12.10 -54.81 66.63
CA LEU E 574 -12.87 -55.64 65.74
C LEU E 574 -13.53 -56.66 66.64
N LYS E 575 -13.96 -56.16 67.80
CA LYS E 575 -14.63 -56.94 68.83
C LYS E 575 -15.07 -58.30 68.32
N ASP E 576 -16.01 -58.27 67.38
CA ASP E 576 -16.56 -59.47 66.76
C ASP E 576 -16.85 -59.16 65.30
N LYS E 577 -17.35 -57.95 65.06
CA LYS E 577 -17.70 -57.50 63.72
C LYS E 577 -16.63 -56.64 63.07
N THR E 578 -17.01 -55.93 62.01
CA THR E 578 -16.10 -55.06 61.28
C THR E 578 -16.61 -53.63 61.19
N GLU E 579 -15.71 -52.69 61.42
CA GLU E 579 -16.04 -51.27 61.38
C GLU E 579 -14.81 -50.48 60.94
N PHE E 580 -14.99 -49.16 60.79
CA PHE E 580 -13.92 -48.27 60.37
C PHE E 580 -14.28 -46.85 60.78
N CYS E 581 -13.26 -46.02 60.98
CA CYS E 581 -13.48 -44.63 61.38
C CYS E 581 -12.84 -43.65 60.42
N ILE E 582 -13.47 -42.48 60.27
CA ILE E 582 -12.96 -41.45 59.37
C ILE E 582 -12.58 -40.20 60.19
N LEU E 583 -11.55 -39.50 59.71
CA LEU E 583 -11.02 -38.29 60.34
C LEU E 583 -11.68 -37.02 59.80
N HIS E 584 -12.98 -36.90 60.06
CA HIS E 584 -13.81 -35.77 59.63
C HIS E 584 -13.24 -34.46 60.16
N TYR E 585 -13.91 -33.40 59.73
CA TYR E 585 -13.59 -32.03 60.12
C TYR E 585 -14.17 -31.79 61.51
N ALA E 586 -15.24 -32.53 61.80
CA ALA E 586 -15.97 -32.46 63.07
C ALA E 586 -15.51 -33.49 64.08
N GLY E 587 -14.64 -34.40 63.63
CA GLY E 587 -14.11 -35.45 64.48
C GLY E 587 -13.90 -36.75 63.72
N LYS E 588 -13.85 -37.84 64.48
CA LYS E 588 -13.67 -39.20 63.95
C LYS E 588 -14.86 -40.06 64.39
N VAL E 589 -15.33 -40.90 63.48
CA VAL E 589 -16.48 -41.75 63.77
C VAL E 589 -16.29 -43.20 63.29
N THR E 590 -16.42 -44.15 64.21
CA THR E 590 -16.27 -45.56 63.88
C THR E 590 -17.55 -46.22 63.37
N TYR E 591 -17.81 -46.09 62.07
CA TYR E 591 -18.99 -46.67 61.46
C TYR E 591 -18.90 -48.18 61.42
N ASN E 592 -20.06 -48.83 61.47
CA ASN E 592 -20.15 -50.28 61.43
C ASN E 592 -20.78 -50.64 60.09
N ALA E 593 -19.93 -51.01 59.13
CA ALA E 593 -20.37 -51.36 57.78
C ALA E 593 -21.41 -52.47 57.68
N SER E 594 -21.76 -53.08 58.81
CA SER E 594 -22.75 -54.15 58.84
C SER E 594 -24.10 -53.79 58.22
N ALA E 595 -24.50 -54.60 57.25
CA ALA E 595 -25.78 -54.42 56.55
C ALA E 595 -25.78 -53.16 55.72
N TRP E 596 -24.60 -52.69 55.32
CA TRP E 596 -24.53 -51.48 54.52
C TRP E 596 -25.04 -51.73 53.10
N LEU E 597 -24.36 -52.63 52.41
CA LEU E 597 -24.73 -52.99 51.05
C LEU E 597 -26.13 -53.58 51.09
N THR E 598 -26.55 -53.94 52.29
CA THR E 598 -27.86 -54.52 52.51
C THR E 598 -28.99 -53.51 52.28
N LYS E 599 -28.65 -52.22 52.35
CA LYS E 599 -29.66 -51.18 52.14
C LYS E 599 -29.34 -50.29 50.95
N ASN E 600 -28.06 -50.24 50.57
CA ASN E 600 -27.60 -49.42 49.45
C ASN E 600 -28.35 -49.77 48.18
N MET E 601 -28.95 -50.96 48.16
CA MET E 601 -29.71 -51.44 47.00
C MET E 601 -31.22 -51.35 47.19
N ASP E 602 -31.63 -51.24 48.45
CA ASP E 602 -33.05 -51.15 48.80
C ASP E 602 -33.85 -52.39 48.43
N PRO E 603 -33.40 -53.55 48.88
CA PRO E 603 -34.09 -54.82 48.59
C PRO E 603 -35.53 -54.80 49.10
N LEU E 604 -36.44 -55.51 48.44
CA LEU E 604 -37.84 -55.53 48.88
C LEU E 604 -38.84 -56.39 48.12
N ASN E 605 -39.68 -57.10 48.87
CA ASN E 605 -40.71 -57.99 48.32
C ASN E 605 -41.69 -57.28 47.40
N ASP E 606 -41.35 -57.21 46.11
CA ASP E 606 -42.20 -56.56 45.13
C ASP E 606 -43.47 -57.37 44.88
N ASN E 607 -43.52 -58.58 45.44
CA ASN E 607 -44.67 -59.46 45.27
C ASN E 607 -45.92 -58.72 45.77
N VAL E 608 -45.85 -58.28 47.02
CA VAL E 608 -46.95 -57.57 47.64
C VAL E 608 -47.02 -56.16 47.05
N THR E 609 -45.85 -55.62 46.72
CA THR E 609 -45.72 -54.30 46.14
C THR E 609 -46.76 -54.01 45.03
N SER E 610 -46.78 -54.83 43.99
CA SER E 610 -47.73 -54.65 42.88
C SER E 610 -49.13 -55.10 43.29
N LEU E 611 -49.19 -55.79 44.42
CA LEU E 611 -50.46 -56.27 44.95
C LEU E 611 -51.10 -55.04 45.57
N LEU E 612 -50.24 -54.09 45.93
CA LEU E 612 -50.66 -52.83 46.54
C LEU E 612 -50.99 -51.88 45.39
N ASN E 613 -50.09 -51.85 44.41
CA ASN E 613 -50.24 -51.02 43.23
C ASN E 613 -51.67 -51.09 42.71
N GLN E 614 -52.32 -52.22 42.95
CA GLN E 614 -53.69 -52.44 42.53
C GLN E 614 -54.54 -52.78 43.75
N SER E 615 -54.40 -51.97 44.79
CA SER E 615 -55.15 -52.18 46.02
C SER E 615 -56.40 -51.30 45.94
N SER E 616 -57.39 -51.61 46.78
CA SER E 616 -58.63 -50.85 46.80
C SER E 616 -58.38 -49.46 47.43
N ASP E 617 -57.46 -49.39 48.40
CA ASP E 617 -57.15 -48.13 49.08
C ASP E 617 -56.50 -47.15 48.11
N LYS E 618 -57.34 -46.45 47.35
CA LYS E 618 -56.84 -45.50 46.37
C LYS E 618 -55.65 -44.74 46.91
N PHE E 619 -55.83 -44.18 48.10
CA PHE E 619 -54.77 -43.42 48.74
C PHE E 619 -53.45 -44.21 48.72
N VAL E 620 -53.53 -45.47 49.13
CA VAL E 620 -52.35 -46.35 49.18
C VAL E 620 -52.03 -46.84 47.77
N ALA E 621 -53.04 -46.75 46.90
CA ALA E 621 -52.93 -47.15 45.51
C ALA E 621 -52.14 -46.06 44.79
N ASP E 622 -52.50 -44.82 45.12
CA ASP E 622 -51.88 -43.61 44.58
C ASP E 622 -50.48 -43.45 45.16
N LEU E 623 -50.28 -44.06 46.33
CA LEU E 623 -49.02 -44.04 47.05
C LEU E 623 -47.95 -44.80 46.26
N TRP E 624 -48.30 -46.02 45.86
CA TRP E 624 -47.42 -46.94 45.10
C TRP E 624 -47.85 -47.05 43.63
N LYS E 625 -48.69 -46.11 43.19
CA LYS E 625 -49.23 -46.10 41.83
C LYS E 625 -48.17 -46.25 40.74
N ASP E 626 -47.01 -45.62 40.96
CA ASP E 626 -45.88 -45.68 40.02
C ASP E 626 -44.80 -46.56 40.66
N VAL E 627 -44.89 -47.87 40.44
CA VAL E 627 -43.97 -48.83 41.03
C VAL E 627 -43.16 -49.59 40.01
N ASP E 628 -42.51 -48.86 39.11
CA ASP E 628 -41.71 -49.50 38.08
C ASP E 628 -40.21 -49.44 38.41
N ARG E 629 -39.88 -49.22 39.67
CA ARG E 629 -38.46 -49.18 40.10
C ARG E 629 -38.15 -50.17 41.24
N ILE E 630 -39.20 -50.83 41.76
CA ILE E 630 -39.06 -51.81 42.86
C ILE E 630 -38.09 -52.95 42.51
N VAL E 631 -37.59 -53.63 43.54
CA VAL E 631 -36.64 -54.74 43.37
C VAL E 631 -37.38 -56.08 43.43
N GLY E 632 -37.16 -56.90 42.39
CA GLY E 632 -37.77 -58.20 42.29
C GLY E 632 -36.70 -59.25 42.03
N LEU E 633 -35.53 -58.75 41.62
CA LEU E 633 -34.38 -59.58 41.32
C LEU E 633 -33.69 -60.11 42.59
N PHE E 655 -31.62 -50.47 39.46
CA PHE E 655 -31.30 -49.28 38.62
C PHE E 655 -30.15 -48.47 39.22
N ARG E 656 -30.47 -47.56 40.13
CA ARG E 656 -29.45 -46.74 40.77
C ARG E 656 -29.28 -47.04 42.25
N THR E 657 -28.03 -46.86 42.67
CA THR E 657 -27.59 -47.06 44.06
C THR E 657 -27.95 -45.84 44.89
N VAL E 658 -28.44 -46.11 46.08
CA VAL E 658 -28.83 -45.05 47.03
C VAL E 658 -27.75 -43.95 47.02
N GLY E 659 -26.54 -44.42 47.26
CA GLY E 659 -25.33 -43.58 47.35
C GLY E 659 -25.27 -42.50 46.25
N GLN E 660 -25.22 -42.96 45.01
CA GLN E 660 -25.14 -42.06 43.84
C GLN E 660 -26.46 -41.36 43.62
N LEU E 661 -27.56 -42.02 43.94
CA LEU E 661 -28.87 -41.41 43.79
C LEU E 661 -28.84 -40.11 44.64
N TYR E 662 -28.19 -40.21 45.79
CA TYR E 662 -28.05 -39.09 46.72
C TYR E 662 -27.08 -38.04 46.18
N LYS E 663 -25.80 -38.40 46.13
CA LYS E 663 -24.77 -37.51 45.63
C LYS E 663 -25.15 -36.96 44.25
N GLU E 664 -26.23 -37.47 43.67
CA GLU E 664 -26.70 -37.04 42.36
C GLU E 664 -27.70 -35.92 42.55
N GLN E 665 -28.22 -35.79 43.76
CA GLN E 665 -29.18 -34.76 44.10
C GLN E 665 -28.51 -33.77 45.04
N LEU E 666 -27.60 -34.30 45.87
CA LEU E 666 -26.85 -33.48 46.81
C LEU E 666 -25.76 -32.77 46.02
N THR E 667 -25.83 -32.92 44.69
CA THR E 667 -24.89 -32.29 43.77
C THR E 667 -25.71 -31.19 43.14
N LYS E 668 -27.01 -31.43 43.06
CA LYS E 668 -27.93 -30.47 42.49
C LYS E 668 -27.82 -29.28 43.45
N LEU E 669 -28.03 -29.57 44.72
CA LEU E 669 -27.95 -28.56 45.78
C LEU E 669 -26.78 -27.59 45.56
N MET E 670 -25.57 -28.06 45.87
CA MET E 670 -24.35 -27.27 45.74
C MET E 670 -24.15 -26.59 44.39
N THR E 671 -25.02 -26.88 43.43
CA THR E 671 -24.91 -26.29 42.10
C THR E 671 -25.66 -24.97 42.12
N THR E 672 -26.82 -24.95 42.77
CA THR E 672 -27.63 -23.75 42.85
C THR E 672 -27.06 -22.84 43.94
N LEU E 673 -26.60 -23.43 45.04
CA LEU E 673 -26.02 -22.64 46.13
C LEU E 673 -24.90 -21.75 45.61
N ARG E 674 -23.93 -22.36 44.93
CA ARG E 674 -22.81 -21.61 44.38
C ARG E 674 -23.32 -20.58 43.38
N ASN E 675 -24.60 -20.68 43.03
CA ASN E 675 -25.23 -19.76 42.09
C ASN E 675 -26.07 -18.69 42.79
N THR E 676 -26.04 -18.71 44.13
CA THR E 676 -26.78 -17.75 44.96
C THR E 676 -25.76 -17.09 45.88
N ASN E 677 -26.24 -16.29 46.83
CA ASN E 677 -25.34 -15.63 47.75
C ASN E 677 -25.45 -16.25 49.15
N PRO E 678 -24.37 -16.89 49.61
CA PRO E 678 -24.41 -17.50 50.93
C PRO E 678 -24.51 -16.50 52.07
N ASN E 679 -25.21 -16.92 53.13
CA ASN E 679 -25.42 -16.11 54.34
C ASN E 679 -25.45 -17.11 55.50
N PHE E 680 -24.29 -17.26 56.12
CA PHE E 680 -24.12 -18.20 57.21
C PHE E 680 -24.57 -17.73 58.57
N VAL E 681 -25.27 -18.66 59.21
CA VAL E 681 -25.80 -18.53 60.56
C VAL E 681 -25.21 -19.71 61.33
N ARG E 682 -23.98 -19.49 61.81
CA ARG E 682 -23.20 -20.47 62.54
C ARG E 682 -23.71 -20.73 63.95
N CYS E 683 -24.71 -21.60 64.03
CA CYS E 683 -25.32 -21.99 65.30
C CYS E 683 -24.32 -22.90 66.02
N ILE E 684 -24.08 -22.58 67.28
CA ILE E 684 -23.14 -23.31 68.12
C ILE E 684 -23.81 -23.87 69.38
N ILE E 685 -23.68 -25.18 69.55
CA ILE E 685 -24.21 -25.88 70.72
C ILE E 685 -23.40 -25.42 71.94
N PRO E 686 -24.09 -25.23 73.08
CA PRO E 686 -23.48 -24.77 74.34
C PRO E 686 -22.92 -25.86 75.24
N ASN E 687 -23.68 -26.93 75.41
CA ASN E 687 -23.24 -28.05 76.26
C ASN E 687 -24.01 -29.33 75.92
N HIS E 688 -23.45 -30.45 76.33
CA HIS E 688 -24.05 -31.75 76.09
C HIS E 688 -24.95 -32.23 77.21
N GLU E 689 -25.22 -31.34 78.16
CA GLU E 689 -26.07 -31.70 79.29
C GLU E 689 -27.54 -31.42 78.97
N LYS E 690 -27.77 -30.78 77.83
CA LYS E 690 -29.12 -30.43 77.42
C LYS E 690 -29.68 -29.47 78.47
N ARG E 691 -28.78 -28.89 79.26
CA ARG E 691 -29.13 -27.95 80.32
C ARG E 691 -28.74 -26.54 79.89
N ALA E 692 -29.65 -25.60 80.11
CA ALA E 692 -29.41 -24.21 79.77
C ALA E 692 -28.58 -23.54 80.87
N GLY E 693 -28.12 -22.32 80.62
CA GLY E 693 -27.33 -21.62 81.62
C GLY E 693 -25.92 -22.16 81.73
N LYS E 694 -25.69 -23.33 81.13
CA LYS E 694 -24.37 -23.95 81.17
C LYS E 694 -23.74 -23.76 79.81
N LEU E 695 -22.45 -23.41 79.81
CA LEU E 695 -21.71 -23.18 78.59
C LEU E 695 -20.36 -23.86 78.66
N ASP E 696 -20.27 -25.00 77.97
CA ASP E 696 -19.05 -25.79 77.90
C ASP E 696 -17.95 -24.95 77.30
N ALA E 697 -16.82 -24.93 78.00
CA ALA E 697 -15.64 -24.17 77.62
C ALA E 697 -15.10 -24.60 76.27
N HIS E 698 -14.17 -25.55 76.33
CA HIS E 698 -13.49 -26.11 75.17
C HIS E 698 -14.45 -26.49 74.05
N LEU E 699 -15.45 -27.30 74.39
CA LEU E 699 -16.45 -27.74 73.42
C LEU E 699 -16.85 -26.60 72.50
N VAL E 700 -17.27 -25.51 73.14
CA VAL E 700 -17.71 -24.29 72.46
C VAL E 700 -16.54 -23.67 71.72
N LEU E 701 -15.37 -23.79 72.34
CA LEU E 701 -14.10 -23.29 71.85
C LEU E 701 -13.63 -24.00 70.58
N GLU E 702 -13.74 -25.33 70.59
CA GLU E 702 -13.33 -26.17 69.47
C GLU E 702 -14.27 -26.05 68.29
N GLN E 703 -15.56 -25.98 68.60
CA GLN E 703 -16.60 -25.84 67.58
C GLN E 703 -16.27 -24.63 66.72
N LEU E 704 -15.78 -23.60 67.41
CA LEU E 704 -15.38 -22.33 66.82
C LEU E 704 -14.20 -22.52 65.87
N ARG E 705 -13.33 -23.46 66.25
CA ARG E 705 -12.13 -23.79 65.49
C ARG E 705 -12.45 -24.67 64.29
N CYS E 706 -13.31 -25.66 64.52
CA CYS E 706 -13.73 -26.61 63.49
C CYS E 706 -14.89 -26.05 62.68
N ASN E 707 -15.03 -24.73 62.73
CA ASN E 707 -16.07 -24.00 62.00
C ASN E 707 -15.43 -22.83 61.27
N GLY E 708 -14.10 -22.79 61.40
CA GLY E 708 -13.25 -21.76 60.80
C GLY E 708 -13.76 -20.36 61.06
N VAL E 709 -13.99 -20.09 62.34
CA VAL E 709 -14.50 -18.79 62.79
C VAL E 709 -13.41 -17.73 62.71
N LEU E 710 -12.43 -17.89 63.60
CA LEU E 710 -11.29 -16.99 63.72
C LEU E 710 -10.72 -16.59 62.36
N GLU E 711 -10.54 -17.59 61.50
CA GLU E 711 -9.99 -17.38 60.15
C GLU E 711 -10.94 -16.52 59.32
N GLY E 712 -12.24 -16.73 59.56
CA GLY E 712 -13.29 -16.01 58.87
C GLY E 712 -13.21 -14.52 59.15
N ILE E 713 -12.98 -14.21 60.42
CA ILE E 713 -12.86 -12.84 60.91
C ILE E 713 -11.58 -12.20 60.37
N ARG E 714 -10.59 -13.07 60.18
CA ARG E 714 -9.27 -12.67 59.67
C ARG E 714 -9.39 -12.06 58.28
N ILE E 715 -10.06 -12.80 57.39
CA ILE E 715 -10.27 -12.37 56.00
C ILE E 715 -11.10 -11.09 55.95
N CYS E 716 -12.09 -11.04 56.83
CA CYS E 716 -13.00 -9.92 56.92
C CYS E 716 -12.27 -8.61 57.22
N ARG E 717 -11.34 -8.68 58.16
CA ARG E 717 -10.57 -7.52 58.58
C ARG E 717 -9.22 -7.43 57.88
N GLN E 718 -8.77 -8.56 57.33
CA GLN E 718 -7.49 -8.65 56.63
C GLN E 718 -7.56 -8.06 55.21
N GLY E 719 -8.57 -8.52 54.46
CA GLY E 719 -8.77 -8.08 53.09
C GLY E 719 -9.82 -6.98 52.99
N PHE E 720 -10.32 -6.80 51.76
CA PHE E 720 -11.34 -5.78 51.43
C PHE E 720 -12.63 -6.53 51.09
N PRO E 721 -13.31 -7.06 52.11
CA PRO E 721 -14.57 -7.79 51.93
C PRO E 721 -15.68 -7.04 51.22
N ASN E 722 -15.33 -5.97 50.51
CA ASN E 722 -16.34 -5.19 49.78
C ASN E 722 -15.80 -4.73 48.43
N ARG E 723 -16.68 -4.70 47.43
CA ARG E 723 -16.31 -4.31 46.09
C ARG E 723 -17.48 -3.65 45.37
N ILE E 724 -17.16 -2.86 44.35
CA ILE E 724 -18.17 -2.17 43.57
C ILE E 724 -17.60 -1.67 42.27
N VAL E 725 -18.30 -2.04 41.20
CA VAL E 725 -17.93 -1.63 39.85
C VAL E 725 -18.02 -0.11 39.81
N PHE E 726 -17.05 0.48 39.10
CA PHE E 726 -16.95 1.92 38.95
C PHE E 726 -18.31 2.58 38.77
N GLN E 727 -18.81 2.47 37.54
CA GLN E 727 -20.10 3.04 37.13
C GLN E 727 -21.06 3.33 38.29
N GLU E 728 -21.42 2.27 39.00
CA GLU E 728 -22.37 2.35 40.12
C GLU E 728 -21.85 3.18 41.29
N PHE E 729 -20.58 3.01 41.61
CA PHE E 729 -19.96 3.74 42.72
C PHE E 729 -20.05 5.24 42.51
N ARG E 730 -19.71 5.65 41.29
CA ARG E 730 -19.72 7.04 40.87
C ARG E 730 -21.15 7.51 40.66
N GLN E 731 -22.02 6.55 40.35
CA GLN E 731 -23.43 6.79 40.10
C GLN E 731 -24.17 7.21 41.37
N ARG E 732 -23.73 6.63 42.48
CA ARG E 732 -24.33 6.90 43.79
C ARG E 732 -23.63 8.04 44.54
N TYR E 733 -22.38 7.77 44.91
CA TYR E 733 -21.57 8.73 45.66
C TYR E 733 -20.89 9.77 44.78
N GLU E 734 -21.69 10.71 44.32
CA GLU E 734 -21.23 11.81 43.48
C GLU E 734 -21.78 13.10 44.08
N ILE E 735 -22.99 12.98 44.61
CA ILE E 735 -23.72 14.06 45.25
C ILE E 735 -22.91 14.49 46.47
N LEU E 736 -22.00 13.60 46.85
CA LEU E 736 -21.09 13.78 47.99
C LEU E 736 -19.76 14.32 47.48
N ALA E 737 -19.65 14.34 46.15
CA ALA E 737 -18.47 14.83 45.43
C ALA E 737 -18.91 15.39 44.09
N ALA E 738 -19.52 16.57 44.16
CA ALA E 738 -20.05 17.29 43.00
C ALA E 738 -18.93 17.89 42.14
N ASN E 739 -18.07 18.65 42.80
CA ASN E 739 -16.95 19.33 42.17
C ASN E 739 -15.71 18.44 42.15
N ALA E 740 -15.74 17.42 41.29
CA ALA E 740 -14.65 16.47 41.15
C ALA E 740 -14.40 16.14 39.69
N ILE E 741 -15.39 15.49 39.10
CA ILE E 741 -15.35 15.05 37.71
C ILE E 741 -15.70 16.19 36.74
N PRO E 742 -14.88 16.41 35.71
CA PRO E 742 -15.16 17.48 34.76
C PRO E 742 -16.54 17.19 34.17
N LYS E 743 -16.85 17.88 33.07
CA LYS E 743 -18.14 17.75 32.39
C LYS E 743 -18.17 16.64 31.36
N GLY E 744 -16.99 16.25 30.89
CA GLY E 744 -16.84 15.22 29.88
C GLY E 744 -17.05 13.80 30.41
N PHE E 745 -17.42 12.93 29.47
CA PHE E 745 -17.65 11.49 29.70
C PHE E 745 -16.30 10.77 29.63
N MET E 746 -15.69 10.54 30.78
CA MET E 746 -14.39 9.89 30.87
C MET E 746 -14.45 8.54 31.56
N ASP E 747 -13.28 7.90 31.54
CA ASP E 747 -13.03 6.59 32.13
C ASP E 747 -13.60 6.48 33.52
N GLY E 748 -14.43 5.46 33.71
CA GLY E 748 -15.08 5.18 34.98
C GLY E 748 -14.08 4.99 36.09
N LYS E 749 -12.86 4.64 35.70
CA LYS E 749 -11.76 4.41 36.64
C LYS E 749 -11.20 5.73 37.17
N GLN E 750 -10.82 6.60 36.25
CA GLN E 750 -10.25 7.90 36.57
C GLN E 750 -11.28 8.85 37.18
N ALA E 751 -12.54 8.64 36.82
CA ALA E 751 -13.64 9.46 37.31
C ALA E 751 -13.89 9.14 38.77
N CYS E 752 -13.88 7.84 39.05
CA CYS E 752 -14.09 7.29 40.39
C CYS E 752 -12.91 7.63 41.29
N ILE E 753 -11.73 7.69 40.68
CA ILE E 753 -10.49 8.01 41.38
C ILE E 753 -10.56 9.44 41.92
N LEU E 754 -11.08 10.32 41.08
CA LEU E 754 -11.23 11.74 41.38
C LEU E 754 -12.20 11.95 42.52
N MET E 755 -13.22 11.09 42.56
CA MET E 755 -14.26 11.15 43.59
C MET E 755 -13.67 10.79 44.95
N ILE E 756 -13.01 9.63 44.97
CA ILE E 756 -12.38 9.06 46.16
C ILE E 756 -11.34 10.01 46.73
N LYS E 757 -10.61 10.66 45.82
CA LYS E 757 -9.55 11.60 46.16
C LYS E 757 -10.10 12.85 46.83
N ALA E 758 -11.29 13.25 46.38
CA ALA E 758 -11.98 14.43 46.89
C ALA E 758 -12.37 14.26 48.36
N LEU E 759 -12.87 13.07 48.68
CA LEU E 759 -13.28 12.75 50.07
C LEU E 759 -12.07 12.28 50.85
N GLU E 760 -10.90 12.52 50.28
CA GLU E 760 -9.62 12.16 50.87
C GLU E 760 -9.66 10.80 51.56
N LEU E 761 -10.17 9.81 50.84
CA LEU E 761 -10.25 8.44 51.36
C LEU E 761 -8.83 7.93 51.59
N ASP E 762 -8.60 7.34 52.76
CA ASP E 762 -7.28 6.80 53.09
C ASP E 762 -6.94 5.62 52.22
N PRO E 763 -5.87 5.74 51.44
CA PRO E 763 -5.41 4.70 50.54
C PRO E 763 -5.21 3.33 51.20
N ASN E 764 -5.90 3.09 52.31
CA ASN E 764 -5.72 1.79 52.94
C ASN E 764 -6.99 1.14 53.35
N LEU E 765 -8.06 1.87 53.19
CA LEU E 765 -9.37 1.26 53.45
C LEU E 765 -9.91 0.54 52.20
N TYR E 766 -9.54 1.20 51.06
CA TYR E 766 -9.95 0.71 49.76
C TYR E 766 -8.75 0.28 48.93
N ARG E 767 -9.02 -0.59 47.92
CA ARG E 767 -8.01 -1.11 47.01
C ARG E 767 -8.57 -0.99 45.58
N ILE E 768 -7.89 -0.25 44.70
CA ILE E 768 -8.36 -0.07 43.32
C ILE E 768 -8.04 -1.23 42.33
N GLY E 769 -8.98 -1.49 41.43
CA GLY E 769 -8.81 -2.56 40.46
C GLY E 769 -9.13 -2.19 39.02
N GLN E 770 -9.33 -3.21 38.19
CA GLN E 770 -9.62 -3.05 36.77
C GLN E 770 -10.89 -2.26 36.51
N SER E 771 -12.01 -2.80 37.00
CA SER E 771 -13.31 -2.18 36.86
C SER E 771 -14.10 -2.57 38.09
N LYS E 772 -13.76 -1.96 39.22
CA LYS E 772 -14.42 -2.27 40.47
C LYS E 772 -13.51 -1.78 41.62
N ILE E 773 -14.11 -1.40 42.75
CA ILE E 773 -13.34 -0.94 43.90
C ILE E 773 -13.49 -1.89 45.09
N PHE E 774 -12.40 -2.11 45.82
CA PHE E 774 -12.44 -3.00 46.96
C PHE E 774 -12.27 -2.22 48.25
N PHE E 775 -13.37 -1.66 48.73
CA PHE E 775 -13.39 -0.89 49.96
C PHE E 775 -13.29 -1.79 51.20
N ARG E 776 -12.86 -1.23 52.32
CA ARG E 776 -12.73 -1.96 53.56
C ARG E 776 -14.14 -2.01 54.16
N THR E 777 -14.30 -2.70 55.28
CA THR E 777 -15.60 -2.81 55.92
C THR E 777 -16.11 -1.46 56.43
N GLY E 778 -17.42 -1.27 56.29
CA GLY E 778 -18.10 -0.06 56.72
C GLY E 778 -17.59 1.20 56.05
N VAL E 779 -16.52 1.07 55.27
CA VAL E 779 -15.95 2.20 54.55
C VAL E 779 -16.96 2.68 53.51
N LEU E 780 -17.97 1.82 53.28
CA LEU E 780 -19.03 2.07 52.32
C LEU E 780 -20.29 2.57 53.02
N ALA E 781 -20.46 2.10 54.25
CA ALA E 781 -21.60 2.48 55.08
C ALA E 781 -21.55 3.98 55.35
N HIS E 782 -20.33 4.48 55.54
CA HIS E 782 -20.10 5.89 55.81
C HIS E 782 -20.55 6.73 54.61
N LEU E 783 -20.11 6.31 53.43
CA LEU E 783 -20.44 6.97 52.17
C LEU E 783 -21.96 6.97 51.95
N GLU E 784 -22.54 5.84 52.32
CA GLU E 784 -23.98 5.57 52.20
C GLU E 784 -24.81 6.51 53.09
N GLU E 785 -24.34 6.66 54.33
CA GLU E 785 -25.01 7.50 55.32
C GLU E 785 -24.88 8.98 55.00
N GLU E 786 -23.69 9.35 54.54
CA GLU E 786 -23.39 10.74 54.18
C GLU E 786 -24.27 11.18 53.02
N ARG E 787 -24.41 10.27 52.06
CA ARG E 787 -25.22 10.49 50.86
C ARG E 787 -26.70 10.63 51.20
N ASP E 788 -27.14 9.80 52.14
CA ASP E 788 -28.54 9.77 52.60
C ASP E 788 -28.90 11.09 53.29
N LEU E 789 -27.92 11.58 54.05
CA LEU E 789 -28.03 12.82 54.81
C LEU E 789 -28.22 14.03 53.89
N LYS E 790 -27.46 14.00 52.80
CA LYS E 790 -27.44 15.06 51.78
C LYS E 790 -28.66 15.05 50.87
N ILE E 791 -29.75 14.43 51.32
CA ILE E 791 -30.97 14.36 50.51
C ILE E 791 -32.24 14.27 51.38
N THR E 792 -32.06 13.99 52.65
CA THR E 792 -33.18 13.85 53.59
C THR E 792 -34.21 14.96 53.35
N ASP E 793 -33.79 16.19 53.58
CA ASP E 793 -34.63 17.38 53.41
C ASP E 793 -35.50 17.24 52.18
N VAL E 794 -34.83 17.13 51.04
CA VAL E 794 -35.47 16.99 49.74
C VAL E 794 -36.51 15.87 49.82
N ILE E 795 -36.13 14.80 50.52
CA ILE E 795 -36.97 13.62 50.71
C ILE E 795 -38.16 13.99 51.61
N ILE E 796 -37.90 14.89 52.55
CA ILE E 796 -38.91 15.36 53.49
C ILE E 796 -39.87 16.32 52.78
N ALA E 797 -39.27 17.16 51.94
CA ALA E 797 -40.01 18.15 51.16
C ALA E 797 -40.99 17.46 50.22
N PHE E 798 -40.45 16.51 49.45
CA PHE E 798 -41.23 15.74 48.49
C PHE E 798 -42.20 14.81 49.21
N GLN E 799 -41.76 14.32 50.36
CA GLN E 799 -42.56 13.43 51.19
C GLN E 799 -43.86 14.13 51.57
N ALA E 800 -43.72 15.42 51.88
CA ALA E 800 -44.82 16.29 52.27
C ALA E 800 -45.75 16.53 51.09
N GLN E 801 -45.14 16.65 49.91
CA GLN E 801 -45.86 16.88 48.66
C GLN E 801 -46.69 15.67 48.31
N CYS E 802 -46.10 14.51 48.55
CA CYS E 802 -46.73 13.21 48.28
C CYS E 802 -47.91 13.00 49.23
N ARG E 803 -47.73 13.46 50.47
CA ARG E 803 -48.75 13.38 51.51
C ARG E 803 -49.97 14.19 51.11
N GLY E 804 -49.67 15.40 50.63
CA GLY E 804 -50.69 16.35 50.19
C GLY E 804 -51.54 15.73 49.11
N TYR E 805 -50.88 15.10 48.15
CA TYR E 805 -51.52 14.42 47.03
C TYR E 805 -52.43 13.31 47.55
N LEU E 806 -51.87 12.55 48.48
CA LEU E 806 -52.55 11.42 49.11
C LEU E 806 -53.78 11.86 49.89
N ALA E 807 -53.57 12.90 50.70
CA ALA E 807 -54.61 13.49 51.55
C ALA E 807 -55.79 14.01 50.75
N ARG E 808 -55.49 14.82 49.74
CA ARG E 808 -56.50 15.43 48.89
C ARG E 808 -57.18 14.43 47.96
N LYS E 809 -56.49 13.33 47.70
CA LYS E 809 -56.98 12.29 46.81
C LYS E 809 -57.98 11.33 47.45
N ALA E 810 -57.67 10.90 48.67
CA ALA E 810 -58.55 9.97 49.40
C ALA E 810 -59.85 10.63 49.81
N PHE E 811 -59.70 11.88 50.26
CA PHE E 811 -60.80 12.70 50.72
C PHE E 811 -61.80 13.01 49.61
N ALA E 812 -61.32 12.94 48.37
CA ALA E 812 -62.14 13.21 47.19
C ALA E 812 -63.06 12.04 46.87
N LYS E 813 -62.58 10.85 47.23
CA LYS E 813 -63.30 9.60 46.99
C LYS E 813 -64.42 9.37 48.02
N ARG E 814 -64.14 9.73 49.27
CA ARG E 814 -65.12 9.57 50.35
C ARG E 814 -66.28 10.54 50.13
N GLN E 815 -65.94 11.71 49.62
CA GLN E 815 -66.90 12.78 49.32
C GLN E 815 -67.92 12.29 48.30
N GLN E 816 -67.45 11.43 47.42
CA GLN E 816 -68.24 10.86 46.34
C GLN E 816 -69.27 9.84 46.83
N GLN E 817 -68.89 9.10 47.86
CA GLN E 817 -69.78 8.06 48.44
C GLN E 817 -71.03 8.69 49.03
N LEU E 818 -70.81 9.74 49.80
CA LEU E 818 -71.88 10.48 50.47
C LEU E 818 -72.93 10.95 49.47
N GLY E 819 -72.44 11.51 48.37
CA GLY E 819 -73.31 12.04 47.33
C GLY E 819 -74.13 10.98 46.63
N SER E 820 -73.56 9.77 46.56
CA SER E 820 -74.18 8.61 45.90
C SER E 820 -75.47 8.12 46.52
N PHE F 3 -56.26 35.88 52.29
CA PHE F 3 -57.18 35.06 51.44
C PHE F 3 -58.42 35.87 51.08
N SER F 4 -58.93 35.67 49.85
CA SER F 4 -60.11 36.37 49.39
C SER F 4 -61.37 35.86 50.09
N GLU F 5 -62.39 36.73 50.08
CA GLU F 5 -63.69 36.48 50.71
C GLU F 5 -64.47 35.37 50.04
N GLU F 6 -64.37 35.30 48.72
CA GLU F 6 -65.05 34.31 47.92
C GLU F 6 -64.43 32.93 48.12
N GLN F 7 -63.10 32.92 48.15
CA GLN F 7 -62.30 31.72 48.33
C GLN F 7 -62.25 31.33 49.80
N THR F 8 -62.32 32.35 50.66
CA THR F 8 -62.27 32.19 52.11
C THR F 8 -63.55 31.53 52.61
N ALA F 9 -64.63 31.78 51.89
CA ALA F 9 -65.95 31.22 52.20
C ALA F 9 -65.94 29.73 51.90
N GLU F 10 -65.35 29.41 50.75
CA GLU F 10 -65.21 28.04 50.27
C GLU F 10 -64.26 27.30 51.21
N PHE F 11 -63.33 28.08 51.77
CA PHE F 11 -62.33 27.59 52.71
C PHE F 11 -63.03 26.98 53.91
N LYS F 12 -64.04 27.70 54.39
CA LYS F 12 -64.85 27.30 55.53
C LYS F 12 -65.57 25.99 55.25
N GLU F 13 -66.15 25.92 54.06
CA GLU F 13 -66.88 24.72 53.61
C GLU F 13 -66.00 23.50 53.74
N ALA F 14 -64.86 23.58 53.07
CA ALA F 14 -63.85 22.53 53.01
C ALA F 14 -63.39 22.14 54.41
N PHE F 15 -63.42 23.11 55.32
CA PHE F 15 -62.99 22.91 56.69
C PHE F 15 -64.01 22.12 57.50
N GLN F 16 -65.27 22.53 57.40
CA GLN F 16 -66.39 21.91 58.12
C GLN F 16 -66.74 20.56 57.51
N LEU F 17 -66.19 20.31 56.33
CA LEU F 17 -66.40 19.08 55.59
C LEU F 17 -65.49 18.02 56.22
N PHE F 18 -64.62 18.53 57.10
CA PHE F 18 -63.63 17.77 57.85
C PHE F 18 -64.04 17.70 59.32
N ASP F 19 -65.00 16.82 59.61
CA ASP F 19 -65.50 16.63 60.96
C ASP F 19 -66.67 15.63 60.96
N ARG F 20 -66.57 14.58 61.76
CA ARG F 20 -67.63 13.58 61.82
C ARG F 20 -68.94 14.17 62.37
N THR F 21 -68.99 14.36 63.69
CA THR F 21 -70.18 14.91 64.36
C THR F 21 -70.47 16.32 63.81
N GLY F 22 -70.12 17.38 64.56
CA GLY F 22 -70.37 18.74 64.03
C GLY F 22 -69.97 19.92 64.94
N ASP F 23 -69.12 19.72 65.94
CA ASP F 23 -68.69 20.85 66.81
C ASP F 23 -68.05 21.93 65.95
N GLY F 24 -67.85 21.63 64.67
CA GLY F 24 -67.25 22.58 63.77
C GLY F 24 -65.80 22.78 64.18
N LYS F 25 -65.24 21.74 64.79
CA LYS F 25 -63.86 21.77 65.25
C LYS F 25 -63.00 20.74 64.54
N ILE F 26 -61.86 21.19 64.04
CA ILE F 26 -60.93 20.32 63.34
C ILE F 26 -60.02 19.72 64.42
N LEU F 27 -60.01 18.39 64.52
CA LEU F 27 -59.17 17.74 65.51
C LEU F 27 -57.75 18.28 65.35
N TYR F 28 -56.98 18.27 66.43
CA TYR F 28 -55.63 18.78 66.34
C TYR F 28 -54.80 18.01 65.33
N SER F 29 -54.97 16.69 65.30
CA SER F 29 -54.24 15.85 64.36
C SER F 29 -54.87 16.03 62.98
N GLN F 30 -56.19 16.11 62.97
CA GLN F 30 -56.99 16.27 61.75
C GLN F 30 -56.92 17.70 61.23
N CYS F 31 -55.70 18.21 61.07
CA CYS F 31 -55.48 19.58 60.59
C CYS F 31 -54.65 19.58 59.31
N GLY F 32 -53.64 18.72 59.31
CA GLY F 32 -52.72 18.58 58.19
C GLY F 32 -53.43 18.39 56.86
N ASP F 33 -54.26 17.35 56.81
CA ASP F 33 -55.03 17.00 55.62
C ASP F 33 -55.99 18.10 55.18
N VAL F 34 -56.52 18.81 56.18
CA VAL F 34 -57.46 19.90 55.94
C VAL F 34 -56.77 21.03 55.17
N MET F 35 -55.54 21.32 55.59
CA MET F 35 -54.71 22.36 54.98
C MET F 35 -54.30 21.98 53.57
N ARG F 36 -53.86 20.72 53.44
CA ARG F 36 -53.42 20.15 52.17
C ARG F 36 -54.56 20.15 51.17
N ALA F 37 -55.72 19.74 51.66
CA ALA F 37 -56.95 19.65 50.87
C ALA F 37 -57.24 21.00 50.22
N LEU F 38 -56.85 22.05 50.93
CA LEU F 38 -57.03 23.43 50.49
C LEU F 38 -55.93 23.79 49.48
N GLY F 39 -55.26 22.73 49.03
CA GLY F 39 -54.19 22.82 48.06
C GLY F 39 -52.87 23.26 48.66
N GLN F 40 -52.62 22.87 49.90
CA GLN F 40 -51.37 23.24 50.56
C GLN F 40 -50.51 22.02 50.83
N ASN F 41 -49.21 22.22 50.67
CA ASN F 41 -48.22 21.17 50.86
C ASN F 41 -47.31 21.45 52.07
N PRO F 42 -47.87 21.85 53.19
CA PRO F 42 -47.06 22.13 54.38
C PRO F 42 -46.35 20.87 54.82
N THR F 43 -45.09 21.03 55.21
CA THR F 43 -44.27 19.91 55.68
C THR F 43 -44.83 19.42 57.01
N ASN F 44 -44.42 18.23 57.42
CA ASN F 44 -44.87 17.62 58.67
C ASN F 44 -44.17 18.25 59.87
N ALA F 45 -43.62 19.44 59.62
CA ALA F 45 -42.90 20.22 60.63
C ALA F 45 -43.62 21.52 60.93
N GLU F 46 -43.79 22.31 59.86
CA GLU F 46 -44.46 23.61 59.92
C GLU F 46 -45.74 23.53 60.73
N VAL F 47 -46.57 22.57 60.35
CA VAL F 47 -47.86 22.33 60.98
C VAL F 47 -47.70 22.21 62.49
N MET F 48 -46.73 21.39 62.88
CA MET F 48 -46.40 21.14 64.29
C MET F 48 -45.94 22.42 64.98
N LYS F 49 -45.13 23.17 64.24
CA LYS F 49 -44.56 24.43 64.72
C LYS F 49 -45.66 25.43 65.08
N VAL F 50 -46.67 25.46 64.23
CA VAL F 50 -47.83 26.35 64.37
C VAL F 50 -48.83 25.81 65.40
N LEU F 51 -48.62 24.55 65.77
CA LEU F 51 -49.49 23.85 66.73
C LEU F 51 -48.96 23.93 68.16
N GLY F 52 -47.93 24.77 68.34
CA GLY F 52 -47.30 24.92 69.64
C GLY F 52 -46.54 23.66 69.98
N ASN F 53 -46.68 22.69 69.08
CA ASN F 53 -46.04 21.38 69.17
C ASN F 53 -46.77 20.47 70.18
N PRO F 54 -48.07 20.31 70.04
CA PRO F 54 -48.83 19.46 70.96
C PRO F 54 -48.29 18.06 70.90
N LYS F 55 -48.78 17.23 71.82
CA LYS F 55 -48.38 15.82 71.94
C LYS F 55 -49.46 14.92 71.33
N SER F 56 -48.99 13.81 70.76
CA SER F 56 -49.83 12.81 70.11
C SER F 56 -51.11 12.54 70.89
N ASP F 57 -50.96 12.48 72.21
CA ASP F 57 -52.07 12.22 73.12
C ASP F 57 -53.12 13.32 73.06
N GLU F 58 -52.64 14.55 73.21
CA GLU F 58 -53.48 15.75 73.18
C GLU F 58 -53.95 16.07 71.78
N MET F 59 -53.20 15.57 70.81
CA MET F 59 -53.48 15.77 69.39
C MET F 59 -54.79 15.12 68.97
N ASN F 60 -55.07 13.99 69.60
CA ASN F 60 -56.27 13.20 69.32
C ASN F 60 -57.49 13.69 70.11
N LEU F 61 -57.25 14.62 71.03
CA LEU F 61 -58.31 15.16 71.88
C LEU F 61 -58.29 16.69 71.96
N LYS F 62 -57.76 17.31 70.91
CA LYS F 62 -57.70 18.78 70.83
C LYS F 62 -58.68 19.24 69.76
N THR F 63 -59.10 20.50 69.86
CA THR F 63 -60.06 21.07 68.93
C THR F 63 -59.49 22.25 68.17
N LEU F 64 -60.22 22.66 67.13
CA LEU F 64 -59.84 23.77 66.27
C LEU F 64 -61.01 24.22 65.40
N LYS F 65 -61.51 25.41 65.71
CA LYS F 65 -62.63 26.02 64.99
C LYS F 65 -62.12 26.62 63.68
N PHE F 66 -62.96 26.57 62.66
CA PHE F 66 -62.60 27.12 61.34
C PHE F 66 -62.00 28.51 61.50
N GLU F 67 -62.64 29.27 62.37
CA GLU F 67 -62.24 30.64 62.69
C GLU F 67 -60.85 30.65 63.32
N GLN F 68 -60.60 29.63 64.12
CA GLN F 68 -59.33 29.45 64.82
C GLN F 68 -58.23 28.98 63.87
N PHE F 69 -58.68 28.25 62.86
CA PHE F 69 -57.87 27.64 61.81
C PHE F 69 -57.35 28.66 60.79
N LEU F 70 -58.18 29.66 60.54
CA LEU F 70 -57.88 30.72 59.57
C LEU F 70 -56.49 31.35 59.68
N PRO F 71 -56.09 31.81 60.86
CA PRO F 71 -54.77 32.43 61.01
C PRO F 71 -53.63 31.53 60.60
N MET F 72 -53.78 30.25 60.94
CA MET F 72 -52.80 29.21 60.66
C MET F 72 -52.66 28.94 59.17
N MET F 73 -53.80 28.93 58.49
CA MET F 73 -53.87 28.67 57.05
C MET F 73 -53.01 29.62 56.23
N GLN F 74 -53.24 30.91 56.43
CA GLN F 74 -52.52 31.97 55.73
C GLN F 74 -51.03 31.96 56.05
N THR F 75 -50.75 31.94 57.35
CA THR F 75 -49.38 31.94 57.86
C THR F 75 -48.57 30.85 57.16
N ILE F 76 -49.17 29.66 57.13
CA ILE F 76 -48.58 28.47 56.51
C ILE F 76 -48.51 28.67 55.01
N ALA F 77 -49.58 29.27 54.46
CA ALA F 77 -49.71 29.56 53.04
C ALA F 77 -48.58 30.46 52.57
N LYS F 78 -48.03 31.20 53.52
CA LYS F 78 -46.93 32.13 53.28
C LYS F 78 -45.66 31.66 53.97
N ASN F 79 -44.71 31.24 53.14
CA ASN F 79 -43.40 30.75 53.58
C ASN F 79 -42.32 31.26 52.61
N LYS F 80 -41.21 30.54 52.51
CA LYS F 80 -40.13 30.97 51.62
C LYS F 80 -39.74 30.02 50.49
N ASP F 81 -39.48 28.75 50.80
CA ASP F 81 -39.08 27.80 49.76
C ASP F 81 -40.01 26.61 49.53
N GLN F 82 -39.86 26.00 48.36
CA GLN F 82 -40.66 24.84 47.95
C GLN F 82 -39.89 24.04 46.89
N GLY F 83 -39.58 22.79 47.20
CA GLY F 83 -38.86 21.90 46.30
C GLY F 83 -39.48 21.84 44.91
N CYS F 84 -38.70 21.33 43.94
CA CYS F 84 -39.13 21.20 42.55
C CYS F 84 -38.27 20.21 41.78
N PHE F 85 -38.85 19.73 40.69
CA PHE F 85 -38.18 18.80 39.78
C PHE F 85 -36.70 19.03 39.93
N GLU F 86 -36.38 20.27 39.65
CA GLU F 86 -35.05 20.78 39.73
C GLU F 86 -34.28 20.04 40.81
N ASP F 87 -34.86 20.02 42.01
CA ASP F 87 -34.21 19.40 43.17
C ASP F 87 -34.94 18.13 43.63
N TYR F 88 -36.25 18.20 43.67
CA TYR F 88 -37.09 17.06 44.11
C TYR F 88 -36.55 15.75 43.54
N VAL F 89 -36.70 15.62 42.22
CA VAL F 89 -36.25 14.46 41.47
C VAL F 89 -34.74 14.26 41.66
N GLU F 90 -34.02 15.37 41.54
CA GLU F 90 -32.57 15.40 41.68
C GLU F 90 -32.12 14.30 42.63
N GLY F 91 -32.77 14.27 43.79
CA GLY F 91 -32.48 13.29 44.83
C GLY F 91 -32.96 11.91 44.43
N LEU F 92 -34.05 11.89 43.67
CA LEU F 92 -34.69 10.67 43.18
C LEU F 92 -33.80 9.98 42.15
N ARG F 93 -33.03 10.81 41.45
CA ARG F 93 -32.11 10.37 40.40
C ARG F 93 -30.95 9.58 40.98
N VAL F 94 -30.50 10.04 42.14
CA VAL F 94 -29.37 9.46 42.89
C VAL F 94 -29.53 7.96 43.14
N PHE F 95 -30.76 7.49 43.07
CA PHE F 95 -31.08 6.09 43.31
C PHE F 95 -31.12 5.26 42.05
N ASP F 96 -30.94 5.96 40.93
CA ASP F 96 -30.94 5.37 39.60
C ASP F 96 -29.96 4.21 39.52
N LYS F 97 -30.50 3.01 39.35
CA LYS F 97 -29.72 1.79 39.25
C LYS F 97 -28.39 2.07 38.56
N GLU F 98 -28.47 2.45 37.29
CA GLU F 98 -27.30 2.76 36.47
C GLU F 98 -27.61 3.90 35.48
N GLY F 99 -28.50 4.79 35.90
CA GLY F 99 -28.91 5.95 35.09
C GLY F 99 -30.04 5.60 34.14
N ASN F 100 -30.89 4.68 34.59
CA ASN F 100 -32.05 4.20 33.83
C ASN F 100 -33.11 5.27 33.69
N GLY F 101 -32.84 6.43 34.31
CA GLY F 101 -33.75 7.55 34.28
C GLY F 101 -35.08 7.14 34.91
N THR F 102 -35.02 5.98 35.57
CA THR F 102 -36.15 5.38 36.25
C THR F 102 -35.64 4.50 37.39
N VAL F 103 -36.26 4.60 38.56
CA VAL F 103 -35.86 3.81 39.71
C VAL F 103 -36.85 2.67 39.84
N MET F 104 -36.66 1.84 40.86
CA MET F 104 -37.53 0.71 41.09
C MET F 104 -38.63 1.06 42.09
N GLY F 105 -39.45 0.04 42.36
CA GLY F 105 -40.59 0.15 43.27
C GLY F 105 -40.19 -0.03 44.74
N ALA F 106 -39.05 -0.67 44.94
CA ALA F 106 -38.52 -0.93 46.29
C ALA F 106 -37.58 0.20 46.70
N GLU F 107 -36.68 0.54 45.80
CA GLU F 107 -35.70 1.60 46.02
C GLU F 107 -36.45 2.84 46.48
N ILE F 108 -37.56 3.10 45.80
CA ILE F 108 -38.43 4.25 46.06
C ILE F 108 -39.20 4.08 47.36
N ARG F 109 -39.91 2.96 47.47
CA ARG F 109 -40.71 2.64 48.64
C ARG F 109 -39.87 2.71 49.92
N HIS F 110 -38.74 2.02 49.89
CA HIS F 110 -37.81 1.96 51.01
C HIS F 110 -37.39 3.35 51.48
N VAL F 111 -36.93 4.13 50.51
CA VAL F 111 -36.45 5.50 50.74
C VAL F 111 -37.52 6.36 51.41
N LEU F 112 -38.65 6.48 50.72
CA LEU F 112 -39.80 7.27 51.17
C LEU F 112 -40.36 6.81 52.51
N VAL F 113 -39.73 5.79 53.08
CA VAL F 113 -40.19 5.23 54.36
C VAL F 113 -39.04 4.83 55.28
N THR F 114 -37.95 5.58 55.20
CA THR F 114 -36.76 5.32 56.02
C THR F 114 -35.92 6.59 56.12
N LEU F 115 -36.38 7.61 55.39
CA LEU F 115 -35.73 8.91 55.35
C LEU F 115 -36.72 10.01 55.71
N GLY F 116 -36.33 10.77 56.72
CA GLY F 116 -37.13 11.88 57.21
C GLY F 116 -38.52 11.46 57.61
N GLU F 117 -39.47 12.30 57.21
CA GLU F 117 -40.91 12.11 57.46
C GLU F 117 -41.41 10.89 56.73
N LYS F 118 -41.11 9.74 57.32
CA LYS F 118 -41.46 8.43 56.82
C LYS F 118 -42.96 8.23 56.63
N MET F 119 -43.32 7.94 55.38
CA MET F 119 -44.69 7.66 54.97
C MET F 119 -44.92 6.14 55.19
N THR F 120 -46.07 5.80 55.75
CA THR F 120 -46.42 4.42 56.04
C THR F 120 -46.44 3.56 54.78
N GLU F 121 -46.14 2.28 54.97
CA GLU F 121 -46.09 1.27 53.92
C GLU F 121 -47.16 1.57 52.87
N GLU F 122 -48.35 1.90 53.37
CA GLU F 122 -49.49 2.23 52.53
C GLU F 122 -49.14 3.38 51.60
N GLU F 123 -49.01 4.55 52.23
CA GLU F 123 -48.68 5.81 51.57
C GLU F 123 -47.79 5.61 50.36
N VAL F 124 -46.71 4.88 50.57
CA VAL F 124 -45.71 4.60 49.53
C VAL F 124 -46.24 3.66 48.45
N GLU F 125 -46.87 2.58 48.90
CA GLU F 125 -47.43 1.56 48.02
C GLU F 125 -48.52 2.11 47.10
N GLN F 126 -49.56 2.66 47.72
CA GLN F 126 -50.70 3.23 46.99
C GLN F 126 -50.35 4.51 46.26
N LEU F 127 -49.23 5.12 46.66
CA LEU F 127 -48.78 6.38 46.05
C LEU F 127 -48.24 6.18 44.64
N VAL F 128 -47.41 5.15 44.50
CA VAL F 128 -46.78 4.83 43.22
C VAL F 128 -47.52 3.68 42.54
N ALA F 129 -48.38 3.03 43.31
CA ALA F 129 -49.18 1.91 42.85
C ALA F 129 -49.78 2.16 41.48
N GLY F 130 -49.09 1.70 40.44
CA GLY F 130 -49.53 1.84 39.07
C GLY F 130 -48.46 2.41 38.14
N HIS F 131 -47.38 2.89 38.74
CA HIS F 131 -46.26 3.49 38.01
C HIS F 131 -45.19 2.45 37.73
N GLU F 132 -45.16 1.41 38.54
CA GLU F 132 -44.20 0.34 38.38
C GLU F 132 -44.70 -0.55 37.24
N ASP F 133 -43.86 -0.78 36.24
CA ASP F 133 -44.24 -1.61 35.10
C ASP F 133 -44.04 -3.11 35.29
N SER F 134 -43.76 -3.78 34.18
CA SER F 134 -43.53 -5.22 34.18
C SER F 134 -42.31 -5.53 35.02
N ASN F 135 -41.21 -4.87 34.72
CA ASN F 135 -39.97 -5.07 35.45
C ASN F 135 -40.13 -4.35 36.79
N GLY F 136 -41.26 -3.67 36.94
CA GLY F 136 -41.56 -2.94 38.17
C GLY F 136 -40.71 -1.70 38.37
N CYS F 137 -40.67 -0.84 37.36
CA CYS F 137 -39.89 0.38 37.44
C CYS F 137 -40.82 1.57 37.44
N ILE F 138 -40.47 2.60 38.19
CA ILE F 138 -41.29 3.82 38.28
C ILE F 138 -40.44 5.01 37.86
N ASN F 139 -40.71 5.59 36.70
CA ASN F 139 -39.95 6.76 36.24
C ASN F 139 -40.24 7.94 37.18
N TYR F 140 -39.19 8.41 37.85
CA TYR F 140 -39.32 9.52 38.78
C TYR F 140 -39.61 10.82 38.05
N GLU F 141 -38.89 11.05 36.96
CA GLU F 141 -39.05 12.25 36.14
C GLU F 141 -40.48 12.33 35.61
N GLU F 142 -41.38 11.60 36.26
CA GLU F 142 -42.78 11.54 35.88
C GLU F 142 -43.67 11.22 37.08
N LEU F 143 -43.08 10.61 38.09
CA LEU F 143 -43.80 10.23 39.32
C LEU F 143 -44.07 11.46 40.17
N VAL F 144 -42.99 12.23 40.37
CA VAL F 144 -43.01 13.45 41.16
C VAL F 144 -44.05 14.42 40.60
N ARG F 145 -44.05 14.50 39.26
CA ARG F 145 -44.94 15.36 38.50
C ARG F 145 -46.40 15.01 38.74
N MET F 146 -46.66 13.72 38.88
CA MET F 146 -48.00 13.18 39.11
C MET F 146 -48.56 13.62 40.45
N VAL F 147 -47.65 13.91 41.37
CA VAL F 147 -48.00 14.34 42.71
C VAL F 147 -48.00 15.86 42.85
N LEU F 148 -47.06 16.48 42.12
CA LEU F 148 -46.89 17.92 42.12
C LEU F 148 -47.95 18.61 41.28
N SER F 149 -47.82 18.45 39.96
CA SER F 149 -48.74 19.03 38.99
C SER F 149 -50.15 18.47 39.21
N GLY F 150 -50.18 17.26 39.77
CA GLY F 150 -51.41 16.57 40.08
C GLY F 150 -52.08 17.26 41.26
N ALA G 1 10.27 11.47 -73.65
CA ALA G 1 9.79 10.07 -73.51
C ALA G 1 8.55 10.02 -72.61
N GLN G 2 8.01 11.20 -72.30
CA GLN G 2 6.83 11.31 -71.45
C GLN G 2 5.55 11.82 -72.09
N LYS G 3 4.49 11.82 -71.29
CA LYS G 3 3.15 12.26 -71.69
C LYS G 3 3.14 13.55 -72.52
N PRO G 4 1.99 13.85 -73.16
CA PRO G 4 1.78 15.03 -73.99
C PRO G 4 0.97 16.06 -73.19
N LEU G 5 1.32 17.34 -73.28
CA LEU G 5 0.59 18.33 -72.52
C LEU G 5 0.03 19.49 -73.33
N SER G 6 -1.29 19.65 -73.23
CA SER G 6 -2.03 20.70 -73.93
C SER G 6 -1.39 22.06 -73.85
N ASP G 7 -1.95 22.99 -74.63
CA ASP G 7 -1.47 24.36 -74.68
C ASP G 7 -1.46 24.98 -73.28
N ASP G 8 -2.37 24.52 -72.44
CA ASP G 8 -2.49 25.00 -71.07
C ASP G 8 -1.42 24.43 -70.16
N GLU G 9 -1.14 23.13 -70.29
CA GLU G 9 -0.12 22.51 -69.46
C GLU G 9 1.21 23.01 -69.95
N LYS G 10 1.19 23.69 -71.09
CA LYS G 10 2.43 24.22 -71.65
C LYS G 10 2.74 25.52 -70.93
N PHE G 11 2.14 25.69 -69.74
CA PHE G 11 2.31 26.87 -68.91
C PHE G 11 2.76 26.48 -67.51
N LEU G 12 2.61 25.20 -67.20
CA LEU G 12 3.00 24.68 -65.90
C LEU G 12 4.27 23.87 -66.16
N PHE G 13 4.16 22.85 -67.02
CA PHE G 13 5.29 21.98 -67.35
C PHE G 13 6.07 22.53 -68.55
N VAL G 14 7.08 21.79 -68.96
CA VAL G 14 7.90 22.20 -70.09
C VAL G 14 7.80 21.22 -71.26
N ASP G 15 8.43 21.56 -72.38
CA ASP G 15 8.40 20.69 -73.56
C ASP G 15 9.73 19.99 -73.70
N LYS G 16 9.79 18.77 -73.16
CA LYS G 16 10.99 17.96 -73.18
C LYS G 16 10.94 16.88 -74.25
N ASN G 17 9.76 16.32 -74.49
CA ASN G 17 9.59 15.26 -75.51
C ASN G 17 9.98 15.77 -76.91
N PHE G 18 11.28 15.79 -77.18
CA PHE G 18 11.82 16.24 -78.46
C PHE G 18 12.90 15.30 -78.98
N VAL G 19 13.39 15.62 -80.17
CA VAL G 19 14.43 14.83 -80.84
C VAL G 19 15.77 15.01 -80.12
N ASN G 20 16.51 13.91 -79.98
CA ASN G 20 17.81 13.93 -79.33
C ASN G 20 18.79 14.64 -80.25
N ASN G 21 18.34 15.76 -80.79
CA ASN G 21 19.10 16.58 -81.71
C ASN G 21 20.59 16.67 -81.34
N PRO G 22 21.47 16.33 -82.29
CA PRO G 22 22.91 16.36 -82.09
C PRO G 22 23.46 17.72 -82.50
N LEU G 23 22.56 18.62 -82.89
CA LEU G 23 22.93 19.97 -83.30
C LEU G 23 23.45 20.77 -82.11
N ALA G 24 22.58 20.99 -81.13
CA ALA G 24 22.91 21.74 -79.92
C ALA G 24 24.02 21.02 -79.15
N GLN G 25 24.03 19.70 -79.25
CA GLN G 25 25.01 18.86 -78.57
C GLN G 25 26.34 18.83 -79.31
N ALA G 26 26.29 18.90 -80.64
CA ALA G 26 27.51 18.89 -81.45
C ALA G 26 28.34 20.11 -81.10
N ASP G 27 27.72 21.29 -81.25
CA ASP G 27 28.37 22.55 -80.97
C ASP G 27 29.08 22.52 -79.61
N TRP G 28 28.73 21.56 -78.76
CA TRP G 28 29.33 21.42 -77.44
C TRP G 28 30.85 21.55 -77.49
N SER G 29 31.42 21.18 -78.65
CA SER G 29 32.86 21.24 -78.85
C SER G 29 33.36 22.66 -78.60
N ALA G 30 32.68 23.65 -79.17
CA ALA G 30 33.07 25.04 -78.99
C ALA G 30 32.69 25.49 -77.58
N LYS G 31 33.01 24.66 -76.60
CA LYS G 31 32.70 24.96 -75.20
C LYS G 31 33.20 26.35 -74.85
N LYS G 32 33.97 26.94 -75.78
CA LYS G 32 34.53 28.27 -75.61
C LYS G 32 33.44 29.32 -75.75
N LEU G 33 32.19 28.85 -75.83
CA LEU G 33 31.05 29.73 -75.95
C LEU G 33 30.75 30.14 -74.53
N VAL G 34 30.82 31.45 -74.29
CA VAL G 34 30.57 31.99 -72.96
C VAL G 34 29.59 33.14 -73.04
N TRP G 35 29.54 33.92 -71.97
CA TRP G 35 28.64 35.06 -71.89
C TRP G 35 29.43 36.35 -71.93
N VAL G 36 28.73 37.46 -72.16
CA VAL G 36 29.36 38.76 -72.22
C VAL G 36 28.37 39.92 -72.21
N PRO G 37 28.85 41.11 -71.89
CA PRO G 37 28.09 42.37 -71.82
C PRO G 37 27.09 42.63 -72.94
N SER G 38 26.37 43.73 -72.79
CA SER G 38 25.35 44.19 -73.75
C SER G 38 24.62 45.46 -73.26
N GLU G 39 24.18 46.29 -74.19
CA GLU G 39 23.48 47.52 -73.83
C GLU G 39 21.96 47.32 -73.94
N LYS G 40 21.55 46.43 -74.83
CA LYS G 40 20.14 46.14 -75.06
C LYS G 40 19.71 44.76 -74.54
N HIS G 41 20.67 43.84 -74.46
CA HIS G 41 20.41 42.49 -73.99
C HIS G 41 20.97 42.22 -72.62
N GLY G 42 21.94 43.04 -72.21
CA GLY G 42 22.57 42.86 -70.92
C GLY G 42 23.61 41.78 -71.03
N PHE G 43 23.19 40.64 -71.58
CA PHE G 43 24.08 39.51 -71.75
C PHE G 43 23.90 38.88 -73.10
N GLU G 44 24.81 37.98 -73.45
CA GLU G 44 24.78 37.27 -74.72
C GLU G 44 25.93 36.28 -74.82
N ALA G 45 25.72 35.22 -75.58
CA ALA G 45 26.73 34.19 -75.78
C ALA G 45 27.77 34.68 -76.76
N ALA G 46 28.99 34.14 -76.64
CA ALA G 46 30.08 34.53 -77.52
C ALA G 46 31.22 33.54 -77.28
N SER G 47 32.00 33.26 -78.33
CA SER G 47 33.11 32.33 -78.15
C SER G 47 34.50 32.94 -78.24
N ILE G 48 35.35 32.47 -77.34
CA ILE G 48 36.74 32.90 -77.22
C ILE G 48 37.54 32.51 -78.47
N LYS G 49 38.04 33.51 -79.17
CA LYS G 49 38.82 33.28 -80.39
C LYS G 49 40.32 33.31 -80.04
N GLU G 50 40.66 34.05 -78.97
CA GLU G 50 42.04 34.16 -78.51
C GLU G 50 42.12 34.75 -77.11
N GLU G 51 42.65 33.95 -76.18
CA GLU G 51 42.81 34.40 -74.79
C GLU G 51 44.15 35.11 -74.73
N LYS G 52 44.11 36.44 -74.75
CA LYS G 52 45.33 37.24 -74.69
C LYS G 52 45.78 37.50 -73.26
N GLY G 53 45.49 36.54 -72.38
CA GLY G 53 45.88 36.68 -70.99
C GLY G 53 44.74 37.29 -70.19
N ASP G 54 45.01 38.39 -69.49
CA ASP G 54 44.01 39.07 -68.68
C ASP G 54 42.88 39.63 -69.53
N GLU G 55 43.07 39.60 -70.85
CA GLU G 55 42.10 40.08 -71.80
C GLU G 55 41.98 39.03 -72.89
N VAL G 56 40.75 38.65 -73.22
CA VAL G 56 40.50 37.65 -74.25
C VAL G 56 39.69 38.21 -75.42
N THR G 57 40.08 37.84 -76.63
CA THR G 57 39.38 38.30 -77.83
C THR G 57 38.19 37.39 -78.08
N VAL G 58 37.02 38.00 -78.26
CA VAL G 58 35.81 37.22 -78.47
C VAL G 58 34.90 37.81 -79.54
N GLU G 59 33.97 36.98 -80.03
CA GLU G 59 33.03 37.41 -81.06
C GLU G 59 31.64 36.84 -80.76
N LEU G 60 30.68 37.70 -80.46
CA LEU G 60 29.33 37.24 -80.16
C LEU G 60 28.73 36.40 -81.28
N GLN G 61 28.18 35.24 -80.92
CA GLN G 61 27.57 34.33 -81.88
C GLN G 61 26.19 34.83 -82.35
N GLU G 62 26.06 36.15 -82.43
CA GLU G 62 24.80 36.76 -82.86
C GLU G 62 25.01 37.60 -84.10
N ASN G 63 25.78 38.68 -83.97
CA ASN G 63 26.06 39.57 -85.10
C ASN G 63 27.45 39.29 -85.65
N GLY G 64 28.00 38.13 -85.29
CA GLY G 64 29.33 37.76 -85.75
C GLY G 64 30.29 38.86 -85.40
N LYS G 65 29.79 39.81 -84.60
CA LYS G 65 30.56 40.96 -84.16
C LYS G 65 31.72 40.52 -83.27
N LYS G 66 32.91 41.02 -83.56
CA LYS G 66 34.10 40.68 -82.78
C LYS G 66 34.34 41.68 -81.65
N VAL G 67 33.62 41.50 -80.55
CA VAL G 67 33.74 42.36 -79.37
C VAL G 67 34.64 41.66 -78.36
N THR G 68 35.86 42.16 -78.22
CA THR G 68 36.82 41.58 -77.29
C THR G 68 36.72 42.28 -75.94
N LEU G 69 37.09 41.57 -74.88
CA LEU G 69 37.06 42.14 -73.53
C LEU G 69 38.07 41.44 -72.61
N SER G 70 38.14 41.92 -71.38
CA SER G 70 39.04 41.38 -70.37
C SER G 70 38.71 39.91 -70.08
N LYS G 71 39.67 39.22 -69.48
CA LYS G 71 39.49 37.81 -69.13
C LYS G 71 38.65 37.76 -67.86
N ASP G 72 37.94 38.86 -67.59
CA ASP G 72 37.10 38.98 -66.40
C ASP G 72 35.81 39.75 -66.70
N ASP G 73 35.40 39.72 -67.96
CA ASP G 73 34.19 40.40 -68.40
C ASP G 73 33.26 39.36 -69.02
N ILE G 74 33.83 38.17 -69.21
CA ILE G 74 33.10 37.05 -69.78
C ILE G 74 32.28 36.35 -68.68
N GLN G 75 31.68 35.21 -69.00
CA GLN G 75 30.88 34.47 -68.04
C GLN G 75 30.57 33.05 -68.50
N LYS G 76 30.85 32.10 -67.61
CA LYS G 76 30.65 30.69 -67.83
C LYS G 76 29.22 30.31 -68.26
N MET G 77 29.09 29.73 -69.44
CA MET G 77 27.78 29.32 -69.96
C MET G 77 27.43 27.92 -69.46
N ASN G 78 26.14 27.68 -69.22
CA ASN G 78 25.69 26.37 -68.73
C ASN G 78 25.25 25.50 -69.91
N PRO G 79 25.52 24.17 -69.84
CA PRO G 79 25.14 23.23 -70.91
C PRO G 79 23.69 23.43 -71.34
N PRO G 80 23.39 23.18 -72.62
CA PRO G 80 22.03 23.33 -73.13
C PRO G 80 21.11 22.28 -72.51
N LYS G 81 21.71 21.48 -71.63
CA LYS G 81 21.03 20.41 -70.92
C LYS G 81 20.18 20.99 -69.79
N PHE G 82 20.29 22.30 -69.60
CA PHE G 82 19.58 23.02 -68.54
C PHE G 82 18.58 24.05 -69.02
N SER G 83 18.54 24.30 -70.32
CA SER G 83 17.61 25.30 -70.85
C SER G 83 16.24 25.22 -70.16
N LYS G 84 15.92 26.32 -69.48
CA LYS G 84 14.65 26.49 -68.75
C LYS G 84 14.47 25.44 -67.66
N VAL G 85 15.36 25.47 -66.71
CA VAL G 85 15.34 24.53 -65.58
C VAL G 85 14.37 25.04 -64.52
N GLU G 86 13.71 24.09 -63.87
CA GLU G 86 12.71 24.36 -62.83
C GLU G 86 13.36 25.03 -61.61
N ASP G 87 14.31 24.33 -61.02
CA ASP G 87 15.03 24.82 -59.81
C ASP G 87 16.43 25.28 -60.19
N MET G 88 16.60 26.58 -60.34
CA MET G 88 17.88 27.17 -60.70
C MET G 88 19.05 26.77 -59.85
N ALA G 89 18.79 26.07 -58.75
CA ALA G 89 19.88 25.65 -57.88
C ALA G 89 20.61 24.50 -58.60
N GLU G 90 19.92 23.93 -59.58
CA GLU G 90 20.45 22.83 -60.36
C GLU G 90 21.47 23.27 -61.41
N LEU G 91 21.40 24.52 -61.86
CA LEU G 91 22.34 25.01 -62.86
C LEU G 91 23.75 24.70 -62.39
N THR G 92 24.55 24.06 -63.24
CA THR G 92 25.91 23.71 -62.87
C THR G 92 26.81 24.93 -62.85
N CYS G 93 26.43 25.96 -63.58
CA CYS G 93 27.21 27.17 -63.62
C CYS G 93 26.30 28.30 -63.16
N LEU G 94 26.59 28.86 -61.98
CA LEU G 94 25.78 29.95 -61.41
C LEU G 94 26.38 31.30 -61.71
N ASN G 95 25.65 32.11 -62.47
CA ASN G 95 26.10 33.44 -62.83
C ASN G 95 25.02 34.49 -62.73
N GLU G 96 25.45 35.74 -62.77
CA GLU G 96 24.53 36.86 -62.71
C GLU G 96 23.80 36.83 -64.04
N ALA G 97 24.46 36.25 -65.04
CA ALA G 97 23.91 36.13 -66.38
C ALA G 97 23.11 34.85 -66.54
N SER G 98 23.69 33.73 -66.11
CA SER G 98 23.02 32.44 -66.21
C SER G 98 21.56 32.56 -65.74
N VAL G 99 21.38 32.89 -64.46
CA VAL G 99 20.05 33.04 -63.88
C VAL G 99 19.17 34.03 -64.64
N LEU G 100 19.78 35.09 -65.15
CA LEU G 100 19.04 36.09 -65.92
C LEU G 100 18.41 35.40 -67.12
N HIS G 101 19.21 34.57 -67.77
CA HIS G 101 18.77 33.83 -68.92
C HIS G 101 17.54 33.04 -68.56
N ASN G 102 17.73 32.00 -67.76
CA ASN G 102 16.64 31.12 -67.32
C ASN G 102 15.34 31.88 -67.16
N LEU G 103 15.40 32.94 -66.36
CA LEU G 103 14.24 33.78 -66.11
C LEU G 103 13.75 34.39 -67.42
N ARG G 104 14.70 34.71 -68.30
CA ARG G 104 14.36 35.29 -69.60
C ARG G 104 13.42 34.30 -70.31
N GLU G 105 13.92 33.07 -70.48
CA GLU G 105 13.20 31.99 -71.13
C GLU G 105 11.81 31.75 -70.55
N ARG G 106 11.74 31.00 -69.46
CA ARG G 106 10.47 30.68 -68.81
C ARG G 106 9.49 31.86 -68.74
N TYR G 107 9.99 33.07 -68.54
CA TYR G 107 9.06 34.21 -68.49
C TYR G 107 8.39 34.32 -69.85
N PHE G 108 9.22 34.60 -70.85
CA PHE G 108 8.78 34.75 -72.23
C PHE G 108 8.12 33.50 -72.80
N SER G 109 8.11 32.45 -72.00
CA SER G 109 7.51 31.20 -72.44
C SER G 109 6.24 30.90 -71.66
N GLY G 110 5.80 31.87 -70.85
CA GLY G 110 4.58 31.66 -70.08
C GLY G 110 4.75 31.18 -68.65
N LEU G 111 5.96 30.77 -68.30
CA LEU G 111 6.22 30.30 -66.95
C LEU G 111 6.93 31.42 -66.18
N ILE G 112 6.37 31.80 -65.03
CA ILE G 112 6.99 32.85 -64.24
C ILE G 112 7.57 32.24 -62.97
N TYR G 113 6.71 31.62 -62.16
CA TYR G 113 7.16 31.00 -60.94
C TYR G 113 8.32 30.04 -61.15
N THR G 114 9.53 30.47 -60.83
CA THR G 114 10.71 29.63 -60.96
C THR G 114 11.12 29.25 -59.55
N TYR G 115 12.22 28.52 -59.40
CA TYR G 115 12.67 28.16 -58.07
C TYR G 115 14.13 28.57 -57.95
N SER G 116 14.48 29.17 -56.82
CA SER G 116 15.84 29.61 -56.56
C SER G 116 16.16 29.18 -55.14
N GLY G 117 16.91 28.09 -55.02
CA GLY G 117 17.27 27.58 -53.71
C GLY G 117 16.06 27.28 -52.85
N LEU G 118 16.04 27.84 -51.64
CA LEU G 118 14.92 27.62 -50.73
C LEU G 118 13.75 28.54 -51.06
N PHE G 119 14.06 29.75 -51.51
CA PHE G 119 13.05 30.75 -51.89
C PHE G 119 12.66 30.51 -53.36
N CYS G 120 11.78 31.34 -53.90
CA CYS G 120 11.37 31.16 -55.30
C CYS G 120 11.18 32.51 -56.05
N VAL G 121 11.73 32.63 -57.26
CA VAL G 121 11.62 33.85 -58.11
C VAL G 121 10.21 33.85 -58.72
N VAL G 122 9.66 35.01 -59.09
CA VAL G 122 8.31 35.09 -59.67
C VAL G 122 8.02 36.35 -60.55
N ILE G 123 8.83 36.57 -61.57
CA ILE G 123 8.66 37.71 -62.49
C ILE G 123 7.20 38.00 -62.77
N ASN G 124 6.84 39.26 -62.97
CA ASN G 124 5.45 39.60 -63.24
C ASN G 124 5.11 39.34 -64.71
N PRO G 125 4.00 38.66 -64.96
CA PRO G 125 3.57 38.35 -66.33
C PRO G 125 2.84 39.54 -66.92
N TYR G 126 1.98 40.14 -66.09
CA TYR G 126 1.18 41.30 -66.47
C TYR G 126 0.12 40.84 -67.46
N LYS G 127 -0.02 39.53 -67.57
CA LYS G 127 -0.99 38.91 -68.48
C LYS G 127 -1.90 38.02 -67.68
N GLN G 128 -2.96 37.52 -68.32
CA GLN G 128 -3.91 36.66 -67.64
C GLN G 128 -3.73 35.19 -67.99
N LEU G 129 -2.67 34.61 -67.43
CA LEU G 129 -2.35 33.20 -67.67
C LEU G 129 -3.36 32.28 -67.02
N PRO G 130 -3.75 31.21 -67.72
CA PRO G 130 -4.72 30.22 -67.22
C PRO G 130 -4.00 29.14 -66.40
N ILE G 131 -3.46 29.54 -65.27
CA ILE G 131 -2.75 28.61 -64.41
C ILE G 131 -3.29 28.64 -63.00
N TYR G 132 -4.46 29.25 -62.81
CA TYR G 132 -5.08 29.33 -61.51
C TYR G 132 -6.52 28.90 -61.70
N SER G 133 -6.92 27.81 -61.04
CA SER G 133 -8.28 27.32 -61.16
C SER G 133 -8.53 26.18 -60.19
N GLU G 134 -9.79 25.79 -60.06
CA GLU G 134 -10.16 24.70 -59.17
C GLU G 134 -9.35 23.46 -59.53
N LYS G 135 -9.03 23.33 -60.82
CA LYS G 135 -8.27 22.21 -61.38
C LYS G 135 -6.83 22.18 -60.85
N ILE G 136 -6.08 23.24 -61.16
CA ILE G 136 -4.68 23.36 -60.72
C ILE G 136 -4.57 23.22 -59.22
N ILE G 137 -5.60 23.67 -58.52
CA ILE G 137 -5.61 23.58 -57.07
C ILE G 137 -5.54 22.09 -56.74
N ASP G 138 -6.34 21.30 -57.46
CA ASP G 138 -6.38 19.85 -57.27
C ASP G 138 -5.02 19.21 -57.60
N MET G 139 -4.56 19.47 -58.81
CA MET G 139 -3.30 18.95 -59.31
C MET G 139 -2.13 19.08 -58.34
N TYR G 140 -2.17 20.05 -57.44
CA TYR G 140 -1.06 20.23 -56.50
C TYR G 140 -1.30 19.70 -55.09
N LYS G 141 -2.56 19.50 -54.74
CA LYS G 141 -2.94 19.00 -53.43
C LYS G 141 -2.20 17.71 -53.07
N GLY G 142 -1.37 17.77 -52.03
CA GLY G 142 -0.62 16.60 -51.61
C GLY G 142 0.62 16.39 -52.46
N LYS G 143 0.65 17.03 -53.63
CA LYS G 143 1.79 16.89 -54.52
C LYS G 143 3.07 17.49 -53.91
N LYS G 144 4.09 16.65 -53.76
CA LYS G 144 5.37 17.07 -53.21
C LYS G 144 5.95 18.25 -53.99
N ARG G 145 7.20 18.57 -53.68
CA ARG G 145 7.91 19.66 -54.33
C ARG G 145 8.26 19.37 -55.80
N HIS G 146 8.94 18.25 -56.02
CA HIS G 146 9.35 17.82 -57.36
C HIS G 146 8.24 17.10 -58.10
N GLU G 147 7.28 16.54 -57.38
CA GLU G 147 6.18 15.84 -58.00
C GLU G 147 5.27 16.78 -58.77
N MET G 148 5.78 17.96 -59.11
CA MET G 148 5.01 18.95 -59.86
C MET G 148 5.84 20.20 -60.09
N PRO G 149 5.39 21.09 -61.00
CA PRO G 149 6.12 22.31 -61.29
C PRO G 149 5.92 23.50 -60.33
N PRO G 150 6.90 24.39 -60.29
CA PRO G 150 6.88 25.59 -59.43
C PRO G 150 5.63 26.39 -59.72
N HIS G 151 4.90 26.68 -58.65
CA HIS G 151 3.66 27.45 -58.68
C HIS G 151 3.33 27.97 -57.29
N ILE G 152 2.61 29.08 -57.25
CA ILE G 152 2.21 29.72 -55.99
C ILE G 152 1.44 28.75 -55.11
N TYR G 153 0.57 27.96 -55.75
CA TYR G 153 -0.23 26.95 -55.06
C TYR G 153 0.70 25.91 -54.45
N ALA G 154 1.85 25.78 -55.09
CA ALA G 154 2.90 24.85 -54.70
C ALA G 154 3.50 25.22 -53.35
N ILE G 155 3.86 26.49 -53.23
CA ILE G 155 4.45 27.03 -52.01
C ILE G 155 3.47 26.96 -50.84
N ALA G 156 2.21 27.22 -51.17
CA ALA G 156 1.10 27.21 -50.21
C ALA G 156 0.98 25.85 -49.53
N ASP G 157 1.02 24.81 -50.35
CA ASP G 157 0.90 23.43 -49.86
C ASP G 157 2.15 22.98 -49.11
N THR G 158 3.30 23.37 -49.64
CA THR G 158 4.58 23.02 -49.05
C THR G 158 4.70 23.58 -47.63
N ALA G 159 4.26 24.83 -47.50
CA ALA G 159 4.29 25.57 -46.23
C ALA G 159 3.30 24.98 -45.23
N TYR G 160 2.10 24.71 -45.74
CA TYR G 160 0.99 24.17 -44.97
C TYR G 160 1.30 22.79 -44.37
N ARG G 161 1.86 21.89 -45.17
CA ARG G 161 2.18 20.55 -44.67
C ARG G 161 3.40 20.58 -43.76
N SER G 162 4.29 21.52 -44.02
CA SER G 162 5.50 21.68 -43.22
C SER G 162 5.10 21.99 -41.78
N MET G 163 4.09 22.87 -41.67
CA MET G 163 3.54 23.32 -40.40
C MET G 163 2.90 22.16 -39.64
N LEU G 164 2.07 21.42 -40.37
CA LEU G 164 1.34 20.28 -39.83
C LEU G 164 2.28 19.14 -39.43
N GLN G 165 3.41 19.07 -40.12
CA GLN G 165 4.41 18.03 -39.91
C GLN G 165 5.31 18.26 -38.68
N ASP G 166 6.14 19.29 -38.76
CA ASP G 166 7.06 19.62 -37.65
C ASP G 166 6.43 20.50 -36.58
N ARG G 167 5.11 20.62 -36.63
CA ARG G 167 4.40 21.48 -35.67
C ARG G 167 5.25 22.71 -35.45
N GLU G 168 5.10 23.70 -36.32
CA GLU G 168 5.86 24.94 -36.24
C GLU G 168 5.19 25.95 -37.15
N ASP G 169 4.43 26.87 -36.56
CA ASP G 169 3.73 27.90 -37.32
C ASP G 169 4.58 28.47 -38.46
N GLN G 170 3.93 28.86 -39.55
CA GLN G 170 4.65 29.39 -40.70
C GLN G 170 4.28 30.75 -41.25
N SER G 171 5.13 31.23 -42.15
CA SER G 171 4.96 32.53 -42.78
C SER G 171 5.50 32.58 -44.21
N ILE G 172 4.69 33.12 -45.10
CA ILE G 172 5.04 33.27 -46.51
C ILE G 172 5.08 34.79 -46.71
N LEU G 173 6.24 35.32 -47.04
CA LEU G 173 6.42 36.76 -47.25
C LEU G 173 6.86 37.09 -48.67
N CYS G 174 6.03 37.83 -49.41
CA CYS G 174 6.34 38.21 -50.79
C CYS G 174 7.13 39.51 -50.78
N THR G 175 8.37 39.47 -51.25
CA THR G 175 9.26 40.64 -51.31
C THR G 175 8.98 41.45 -52.58
N GLY G 176 10.02 42.12 -53.08
CA GLY G 176 9.85 42.90 -54.29
C GLY G 176 9.30 44.29 -54.10
N GLU G 177 9.60 45.15 -55.08
CA GLU G 177 9.18 46.55 -55.08
C GLU G 177 7.75 46.79 -55.56
N SER G 178 7.25 48.00 -55.36
CA SER G 178 5.91 48.35 -55.76
C SER G 178 5.67 48.10 -57.26
N GLY G 179 4.65 47.27 -57.47
CA GLY G 179 4.14 46.92 -58.82
C GLY G 179 4.45 45.46 -59.25
N ALA G 180 5.33 44.80 -58.50
CA ALA G 180 5.84 43.45 -58.86
C ALA G 180 4.86 42.26 -58.64
N GLY G 181 3.83 42.34 -57.81
CA GLY G 181 2.92 41.17 -57.70
C GLY G 181 2.49 40.83 -56.27
N LYS G 182 3.38 41.13 -55.32
CA LYS G 182 3.16 40.88 -53.90
C LYS G 182 1.76 40.36 -53.53
N THR G 183 0.76 41.20 -53.80
CA THR G 183 -0.66 40.91 -53.50
C THR G 183 -1.20 39.61 -54.10
N GLU G 184 -1.38 39.64 -55.42
CA GLU G 184 -1.91 38.52 -56.19
C GLU G 184 -1.43 37.16 -55.69
N ASN G 185 -0.13 37.10 -55.42
CA ASN G 185 0.51 35.88 -54.93
C ASN G 185 -0.07 35.46 -53.58
N THR G 186 -0.39 36.47 -52.77
CA THR G 186 -0.95 36.28 -51.44
C THR G 186 -2.38 35.75 -51.55
N LYS G 187 -3.10 36.32 -52.50
CA LYS G 187 -4.50 35.97 -52.78
C LYS G 187 -4.60 34.52 -53.23
N LYS G 188 -3.62 34.12 -54.05
CA LYS G 188 -3.54 32.76 -54.59
C LYS G 188 -3.30 31.76 -53.47
N VAL G 189 -2.44 32.17 -52.55
CA VAL G 189 -2.06 31.36 -51.39
C VAL G 189 -3.27 31.13 -50.48
N ILE G 190 -4.08 32.17 -50.35
CA ILE G 190 -5.30 32.15 -49.52
C ILE G 190 -6.41 31.37 -50.20
N GLN G 191 -6.55 31.61 -51.50
CA GLN G 191 -7.56 30.95 -52.34
C GLN G 191 -7.39 29.44 -52.30
N TYR G 192 -6.12 29.04 -52.32
CA TYR G 192 -5.69 27.66 -52.32
C TYR G 192 -5.94 26.97 -50.97
N LEU G 193 -5.58 27.68 -49.91
CA LEU G 193 -5.74 27.17 -48.54
C LEU G 193 -7.20 27.11 -48.14
N ALA G 194 -7.97 28.02 -48.71
CA ALA G 194 -9.41 28.14 -48.46
C ALA G 194 -10.15 26.87 -48.86
N VAL G 195 -9.59 26.15 -49.82
CA VAL G 195 -10.19 24.93 -50.35
C VAL G 195 -9.39 23.67 -50.02
N VAL G 196 -8.09 23.86 -49.87
CA VAL G 196 -7.16 22.76 -49.59
C VAL G 196 -7.10 22.41 -48.10
N ALA G 197 -7.82 23.18 -47.28
CA ALA G 197 -7.83 22.97 -45.83
C ALA G 197 -9.21 23.22 -45.24
N SER G 198 -10.20 23.35 -46.12
CA SER G 198 -11.58 23.60 -45.73
C SER G 198 -12.19 22.31 -45.17
N SER G 199 -13.38 22.47 -44.59
CA SER G 199 -14.12 21.36 -43.99
C SER G 199 -15.62 21.58 -44.18
N PRO G 212 -12.59 27.21 -60.05
CA PRO G 212 -13.47 28.40 -60.05
C PRO G 212 -14.66 28.29 -59.10
N SER G 213 -15.82 27.88 -59.61
CA SER G 213 -17.00 27.74 -58.77
C SER G 213 -16.89 26.48 -57.91
N PHE G 214 -17.09 26.67 -56.62
CA PHE G 214 -16.99 25.59 -55.63
C PHE G 214 -17.69 25.97 -54.32
N SER G 215 -18.18 24.95 -53.62
CA SER G 215 -18.90 25.05 -52.34
C SER G 215 -18.01 24.95 -51.09
N TYR G 216 -17.37 26.06 -50.70
CA TYR G 216 -16.49 26.08 -49.51
C TYR G 216 -17.30 26.13 -48.22
N GLY G 217 -16.59 26.27 -47.11
CA GLY G 217 -17.25 26.35 -45.82
C GLY G 217 -17.96 27.68 -45.74
N GLU G 218 -18.37 28.08 -44.54
CA GLU G 218 -19.06 29.33 -44.36
C GLU G 218 -18.11 30.50 -44.12
N LEU G 219 -17.08 30.28 -43.31
CA LEU G 219 -16.10 31.33 -43.02
C LEU G 219 -15.16 31.50 -44.21
N GLU G 220 -14.90 30.39 -44.90
CA GLU G 220 -14.03 30.42 -46.05
C GLU G 220 -14.70 31.25 -47.12
N LYS G 221 -16.02 31.28 -47.08
CA LYS G 221 -16.82 32.05 -48.02
C LYS G 221 -16.58 33.54 -47.81
N GLN G 222 -16.42 33.91 -46.53
CA GLN G 222 -16.18 35.29 -46.13
C GLN G 222 -14.68 35.55 -46.15
N LEU G 223 -13.91 34.61 -45.61
CA LEU G 223 -12.45 34.72 -45.57
C LEU G 223 -11.97 35.08 -46.98
N LEU G 224 -12.89 34.88 -47.93
CA LEU G 224 -12.66 35.15 -49.35
C LEU G 224 -13.01 36.59 -49.69
N GLN G 225 -13.96 37.15 -48.93
CA GLN G 225 -14.40 38.52 -49.14
C GLN G 225 -13.70 39.48 -48.19
N ALA G 226 -12.56 39.05 -47.64
CA ALA G 226 -11.80 39.89 -46.71
C ALA G 226 -11.03 40.96 -47.47
N ASN G 227 -10.16 40.53 -48.37
CA ASN G 227 -9.36 41.45 -49.16
C ASN G 227 -10.09 42.26 -50.22
N PRO G 228 -11.25 41.79 -50.70
CA PRO G 228 -11.96 42.58 -51.72
C PRO G 228 -12.58 43.83 -51.11
N ILE G 229 -12.51 43.92 -49.78
CA ILE G 229 -13.05 45.04 -49.03
C ILE G 229 -11.94 46.01 -48.67
N LEU G 230 -10.87 45.53 -48.03
CA LEU G 230 -9.73 46.36 -47.63
C LEU G 230 -9.04 46.97 -48.83
N GLU G 231 -9.30 46.40 -50.00
CA GLU G 231 -8.70 46.90 -51.23
C GLU G 231 -9.50 48.12 -51.68
N ALA G 232 -10.81 48.08 -51.43
CA ALA G 232 -11.70 49.18 -51.79
C ALA G 232 -11.09 50.44 -51.17
N PHE G 233 -11.50 50.77 -49.96
CA PHE G 233 -10.94 51.94 -49.32
C PHE G 233 -9.69 51.54 -48.57
N GLY G 234 -8.58 51.56 -49.29
CA GLY G 234 -7.30 51.21 -48.73
C GLY G 234 -6.35 51.09 -49.90
N ASN G 235 -6.87 50.57 -51.02
CA ASN G 235 -6.09 50.41 -52.24
C ASN G 235 -6.47 51.50 -53.23
N ALA G 236 -5.49 52.00 -53.98
CA ALA G 236 -5.77 53.06 -54.95
C ALA G 236 -4.71 53.19 -56.04
N LYS G 237 -5.14 53.68 -57.20
CA LYS G 237 -4.29 53.88 -58.38
C LYS G 237 -3.17 54.91 -58.25
N THR G 238 -1.94 54.46 -58.46
CA THR G 238 -0.78 55.34 -58.41
C THR G 238 -0.14 55.27 -59.78
N VAL G 239 1.00 55.94 -59.96
CA VAL G 239 1.69 55.93 -61.25
C VAL G 239 2.61 54.73 -61.42
N LYS G 240 2.29 53.65 -60.72
CA LYS G 240 3.05 52.42 -60.77
C LYS G 240 2.21 51.28 -60.23
N ASN G 241 0.88 51.46 -60.30
CA ASN G 241 -0.06 50.45 -59.82
C ASN G 241 -1.49 50.95 -59.98
N ASP G 242 -2.19 50.43 -60.99
CA ASP G 242 -3.57 50.84 -61.23
C ASP G 242 -4.38 50.60 -59.96
N ASN G 243 -3.97 49.59 -59.21
CA ASN G 243 -4.63 49.23 -57.97
C ASN G 243 -3.55 48.84 -56.99
N SER G 244 -2.96 49.85 -56.38
CA SER G 244 -1.88 49.68 -55.43
C SER G 244 -2.35 49.53 -54.00
N SER G 245 -1.78 48.53 -53.33
CA SER G 245 -2.05 48.26 -51.91
C SER G 245 -1.44 49.42 -51.16
N ARG G 246 -2.30 50.36 -50.75
CA ARG G 246 -1.85 51.56 -50.06
C ARG G 246 -1.72 51.42 -48.56
N PHE G 247 -1.21 50.27 -48.13
CA PHE G 247 -0.98 50.00 -46.70
C PHE G 247 -0.40 48.59 -46.52
N GLY G 248 0.05 48.31 -45.28
CA GLY G 248 0.63 47.03 -44.92
C GLY G 248 -0.48 46.05 -44.54
N LYS G 249 -0.23 44.76 -44.76
CA LYS G 249 -1.21 43.71 -44.48
C LYS G 249 -0.56 42.39 -44.02
N PHE G 250 -1.11 41.82 -42.95
CA PHE G 250 -0.64 40.56 -42.36
C PHE G 250 -1.80 39.61 -41.98
N ILE G 251 -2.20 38.72 -42.89
CA ILE G 251 -3.31 37.75 -42.67
C ILE G 251 -2.76 36.54 -41.94
N ARG G 252 -3.44 36.15 -40.88
CA ARG G 252 -3.01 35.02 -40.10
C ARG G 252 -4.15 34.02 -40.02
N ILE G 253 -3.94 32.85 -40.60
CA ILE G 253 -4.96 31.81 -40.60
C ILE G 253 -4.64 30.82 -39.50
N ASN G 254 -5.67 30.50 -38.73
CA ASN G 254 -5.54 29.58 -37.62
C ASN G 254 -6.12 28.19 -37.87
N PHE G 255 -5.25 27.19 -37.92
CA PHE G 255 -5.65 25.80 -38.14
C PHE G 255 -5.84 25.07 -36.82
N ASP G 256 -6.61 23.98 -36.83
CA ASP G 256 -6.85 23.20 -35.62
C ASP G 256 -5.86 22.06 -35.57
N VAL G 257 -6.10 21.09 -34.69
CA VAL G 257 -5.21 19.94 -34.57
C VAL G 257 -5.37 18.99 -35.77
N THR G 258 -6.31 19.34 -36.65
CA THR G 258 -6.58 18.55 -37.84
C THR G 258 -6.35 19.40 -39.08
N GLY G 259 -5.38 20.32 -39.00
CA GLY G 259 -5.09 21.17 -40.14
C GLY G 259 -6.26 21.84 -40.85
N TYR G 260 -7.33 22.14 -40.14
CA TYR G 260 -8.48 22.80 -40.76
C TYR G 260 -8.57 24.26 -40.31
N ILE G 261 -9.03 25.13 -41.21
CA ILE G 261 -9.15 26.56 -40.92
C ILE G 261 -10.31 26.77 -39.98
N VAL G 262 -10.17 27.74 -39.07
CA VAL G 262 -11.22 28.04 -38.10
C VAL G 262 -11.31 29.54 -37.82
N GLY G 263 -10.18 30.23 -38.02
CA GLY G 263 -10.12 31.66 -37.79
C GLY G 263 -9.06 32.31 -38.65
N ALA G 264 -9.18 33.62 -38.86
CA ALA G 264 -8.23 34.36 -39.69
C ALA G 264 -8.21 35.81 -39.22
N ASN G 265 -7.03 36.40 -39.17
CA ASN G 265 -6.88 37.77 -38.72
C ASN G 265 -5.91 38.57 -39.58
N ILE G 266 -6.21 39.86 -39.72
CA ILE G 266 -5.43 40.81 -40.50
C ILE G 266 -5.04 42.02 -39.66
N GLU G 267 -3.76 42.36 -39.72
CA GLU G 267 -3.17 43.49 -39.00
C GLU G 267 -2.72 44.52 -40.04
N THR G 268 -3.58 45.52 -40.23
CA THR G 268 -3.41 46.63 -41.16
C THR G 268 -2.31 47.60 -40.70
N TYR G 269 -1.45 48.04 -41.63
CA TYR G 269 -0.36 49.00 -41.34
C TYR G 269 -0.26 50.12 -42.36
N LEU G 270 0.09 51.29 -41.82
CA LEU G 270 0.27 52.55 -42.56
C LEU G 270 -0.75 52.83 -43.65
N LEU G 271 -1.95 53.17 -43.23
CA LEU G 271 -3.02 53.52 -44.16
C LEU G 271 -2.70 54.95 -44.62
N GLU G 272 -2.06 55.03 -45.79
CA GLU G 272 -1.66 56.31 -46.38
C GLU G 272 -2.85 57.14 -46.81
N LYS G 273 -3.56 57.64 -45.81
CA LYS G 273 -4.74 58.47 -46.01
C LYS G 273 -4.33 59.86 -46.48
N SER G 274 -3.09 60.19 -46.17
CA SER G 274 -2.49 61.49 -46.50
C SER G 274 -2.73 61.88 -47.96
N ARG G 275 -3.29 60.93 -48.70
CA ARG G 275 -3.57 61.13 -50.14
C ARG G 275 -5.08 61.39 -50.36
N ALA G 276 -5.81 61.23 -49.28
CA ALA G 276 -7.27 61.40 -49.29
C ALA G 276 -7.64 62.87 -49.54
N ILE G 277 -6.74 63.76 -49.14
CA ILE G 277 -6.95 65.21 -49.27
C ILE G 277 -6.54 65.70 -50.66
N ARG G 278 -5.36 65.29 -51.11
CA ARG G 278 -4.84 65.71 -52.43
C ARG G 278 -3.91 64.64 -53.00
N GLN G 279 -4.47 63.91 -53.95
CA GLN G 279 -3.75 62.84 -54.66
C GLN G 279 -2.91 63.45 -55.78
N ALA G 280 -1.72 62.88 -55.94
CA ALA G 280 -0.72 63.30 -56.93
C ALA G 280 -1.21 63.29 -58.35
N LYS G 281 -0.26 63.66 -59.23
CA LYS G 281 -0.44 63.73 -60.67
C LYS G 281 -0.66 62.35 -61.28
N ASP G 282 -1.79 62.24 -61.97
CA ASP G 282 -2.19 61.02 -62.65
C ASP G 282 -2.47 59.89 -61.66
N GLU G 283 -3.15 60.25 -60.57
CA GLU G 283 -3.50 59.30 -59.51
C GLU G 283 -4.89 59.60 -58.96
N ARG G 284 -5.37 58.68 -58.13
CA ARG G 284 -6.70 58.77 -57.52
C ARG G 284 -6.63 58.44 -56.04
N THR G 285 -7.73 58.70 -55.35
CA THR G 285 -7.81 58.43 -53.93
C THR G 285 -8.25 56.98 -53.80
N PHE G 286 -8.65 56.60 -52.59
CA PHE G 286 -9.10 55.24 -52.29
C PHE G 286 -10.33 54.85 -53.09
N HIS G 287 -10.08 54.09 -54.15
CA HIS G 287 -11.10 53.60 -55.08
C HIS G 287 -12.55 53.78 -54.65
N ILE G 288 -12.90 53.31 -53.46
CA ILE G 288 -14.26 53.41 -52.94
C ILE G 288 -14.96 54.74 -53.20
N PHE G 289 -14.19 55.83 -53.23
CA PHE G 289 -14.74 57.17 -53.47
C PHE G 289 -15.46 57.17 -54.81
N TYR G 290 -14.75 56.75 -55.85
CA TYR G 290 -15.33 56.70 -57.18
C TYR G 290 -16.42 55.61 -57.33
N TYR G 291 -16.21 54.45 -56.69
CA TYR G 291 -17.18 53.35 -56.77
C TYR G 291 -18.54 53.84 -56.28
N LEU G 292 -18.53 54.76 -55.31
CA LEU G 292 -19.76 55.32 -54.78
C LEU G 292 -20.30 56.39 -55.70
N ILE G 293 -19.46 57.37 -56.01
CA ILE G 293 -19.86 58.46 -56.89
C ILE G 293 -20.49 57.96 -58.18
N ALA G 294 -20.15 56.73 -58.57
CA ALA G 294 -20.70 56.16 -59.80
C ALA G 294 -21.61 54.96 -59.54
N GLY G 295 -21.33 54.23 -58.46
CA GLY G 295 -22.13 53.07 -58.12
C GLY G 295 -23.38 53.37 -57.33
N ALA G 296 -23.45 54.58 -56.79
CA ALA G 296 -24.59 55.01 -56.01
C ALA G 296 -25.80 55.19 -56.91
N SER G 297 -26.97 55.24 -56.31
CA SER G 297 -28.21 55.41 -57.07
C SER G 297 -28.75 56.84 -56.91
N GLU G 298 -29.52 57.29 -57.90
CA GLU G 298 -30.10 58.62 -57.89
C GLU G 298 -30.74 58.90 -56.52
N GLN G 299 -31.39 57.88 -55.97
CA GLN G 299 -32.03 58.01 -54.66
C GLN G 299 -30.94 58.05 -53.61
N MET G 300 -30.26 56.93 -53.42
CA MET G 300 -29.19 56.85 -52.42
C MET G 300 -28.24 58.03 -52.59
N ARG G 301 -27.93 58.39 -53.83
CA ARG G 301 -27.03 59.51 -54.09
C ARG G 301 -27.60 60.76 -53.44
N ASN G 302 -28.91 60.89 -53.48
CA ASN G 302 -29.59 62.04 -52.90
C ASN G 302 -29.73 61.87 -51.39
N ASP G 303 -29.46 60.67 -50.91
CA ASP G 303 -29.57 60.38 -49.49
C ASP G 303 -28.28 60.60 -48.70
N LEU G 304 -27.20 60.96 -49.38
CA LEU G 304 -25.93 61.20 -48.70
C LEU G 304 -25.20 62.43 -49.23
N LEU G 305 -25.85 63.17 -50.12
CA LEU G 305 -25.26 64.38 -50.69
C LEU G 305 -23.95 64.17 -51.46
N LEU G 306 -24.07 63.45 -52.57
CA LEU G 306 -22.92 63.18 -53.41
C LEU G 306 -23.20 63.77 -54.79
N GLU G 307 -22.31 64.65 -55.25
CA GLU G 307 -22.45 65.29 -56.55
C GLU G 307 -21.58 64.60 -57.63
N GLY G 308 -21.17 65.41 -58.63
CA GLY G 308 -20.34 65.00 -59.77
C GLY G 308 -18.88 64.68 -59.40
N PHE G 309 -18.08 64.28 -60.41
CA PHE G 309 -16.66 63.90 -60.24
C PHE G 309 -15.64 65.04 -60.28
N ASN G 310 -15.95 66.08 -61.05
CA ASN G 310 -15.05 67.22 -61.18
C ASN G 310 -15.57 68.36 -60.31
N ASN G 311 -16.53 68.02 -59.46
CA ASN G 311 -17.19 68.94 -58.55
C ASN G 311 -16.47 69.05 -57.21
N TYR G 312 -15.89 67.94 -56.79
CA TYR G 312 -15.15 67.87 -55.53
C TYR G 312 -13.69 68.24 -55.74
N THR G 313 -13.19 69.12 -54.89
CA THR G 313 -11.80 69.59 -54.95
C THR G 313 -10.93 68.58 -54.21
N PHE G 314 -11.59 67.56 -53.68
CA PHE G 314 -10.92 66.50 -52.95
C PHE G 314 -10.42 65.46 -53.96
N LEU G 315 -10.93 65.53 -55.19
CA LEU G 315 -10.55 64.61 -56.26
C LEU G 315 -9.67 65.34 -57.25
N SER G 316 -8.36 65.30 -57.00
CA SER G 316 -7.39 65.97 -57.87
C SER G 316 -7.32 65.20 -59.19
N ASN G 317 -6.84 65.85 -60.23
CA ASN G 317 -6.76 65.19 -61.53
C ASN G 317 -8.21 64.88 -61.93
N GLY G 318 -9.15 65.59 -61.32
CA GLY G 318 -10.56 65.40 -61.61
C GLY G 318 -11.00 63.97 -61.41
N HIS G 319 -11.19 63.26 -62.53
CA HIS G 319 -11.60 61.86 -62.49
C HIS G 319 -10.67 61.03 -63.37
N VAL G 320 -10.09 59.99 -62.77
CA VAL G 320 -9.20 59.13 -63.50
C VAL G 320 -9.83 57.76 -63.74
N PRO G 321 -9.71 57.26 -64.98
CA PRO G 321 -10.27 55.96 -65.33
C PRO G 321 -9.22 54.84 -65.21
N ILE G 322 -9.64 53.75 -64.58
CA ILE G 322 -8.76 52.60 -64.39
C ILE G 322 -9.09 51.53 -65.42
N PRO G 323 -8.10 51.15 -66.23
CA PRO G 323 -8.26 50.14 -67.28
C PRO G 323 -8.87 48.80 -66.86
N ALA G 324 -9.72 48.25 -67.73
CA ALA G 324 -10.39 46.97 -67.48
C ALA G 324 -11.14 46.96 -66.16
N GLN G 325 -11.57 48.13 -65.72
CA GLN G 325 -12.31 48.23 -64.46
C GLN G 325 -13.42 49.26 -64.58
N GLN G 326 -14.61 48.89 -64.13
CA GLN G 326 -15.78 49.75 -64.17
C GLN G 326 -16.32 49.92 -62.76
N ASP G 327 -15.84 50.98 -62.11
CA ASP G 327 -16.23 51.32 -60.75
C ASP G 327 -17.74 51.27 -60.59
N ASP G 328 -18.44 51.33 -61.71
CA ASP G 328 -19.90 51.29 -61.74
C ASP G 328 -20.37 49.94 -61.24
N GLU G 329 -19.77 48.90 -61.81
CA GLU G 329 -20.06 47.52 -61.46
C GLU G 329 -19.17 47.12 -60.29
N MET G 330 -18.02 47.78 -60.23
CA MET G 330 -17.03 47.56 -59.19
C MET G 330 -17.66 47.81 -57.83
N PHE G 331 -18.52 48.83 -57.78
CA PHE G 331 -19.24 49.23 -56.58
C PHE G 331 -20.11 48.08 -56.10
N GLN G 332 -20.92 47.58 -57.03
CA GLN G 332 -21.83 46.46 -56.80
C GLN G 332 -21.09 45.27 -56.24
N GLU G 333 -19.92 45.04 -56.82
CA GLU G 333 -19.04 43.94 -56.45
C GLU G 333 -18.59 44.05 -55.00
N THR G 334 -18.09 45.24 -54.68
CA THR G 334 -17.59 45.54 -53.35
C THR G 334 -18.75 45.51 -52.33
N LEU G 335 -19.92 45.90 -52.80
CA LEU G 335 -21.14 45.91 -51.98
C LEU G 335 -21.51 44.48 -51.61
N GLU G 336 -21.42 43.62 -52.62
CA GLU G 336 -21.73 42.19 -52.50
C GLU G 336 -20.80 41.53 -51.49
N ALA G 337 -19.56 41.97 -51.49
CA ALA G 337 -18.52 41.45 -50.60
C ALA G 337 -18.87 41.68 -49.13
N MET G 338 -19.29 42.90 -48.82
CA MET G 338 -19.67 43.31 -47.47
C MET G 338 -20.74 42.40 -46.90
N THR G 339 -21.77 42.21 -47.72
CA THR G 339 -22.93 41.40 -47.39
C THR G 339 -22.50 39.97 -47.01
N ILE G 340 -21.70 39.35 -47.87
CA ILE G 340 -21.22 37.98 -47.63
C ILE G 340 -20.75 37.89 -46.19
N MET G 341 -20.05 38.94 -45.78
CA MET G 341 -19.52 39.08 -44.44
C MET G 341 -20.67 39.19 -43.45
N GLY G 342 -20.92 40.40 -42.98
CA GLY G 342 -22.00 40.63 -42.02
C GLY G 342 -22.49 42.06 -41.99
N PHE G 343 -21.96 42.90 -42.89
CA PHE G 343 -22.33 44.31 -42.99
C PHE G 343 -23.78 44.44 -43.43
N THR G 344 -24.66 44.55 -42.44
CA THR G 344 -26.10 44.68 -42.67
C THR G 344 -26.38 45.74 -43.73
N GLU G 345 -27.61 45.73 -44.22
CA GLU G 345 -28.06 46.67 -45.23
C GLU G 345 -27.71 48.09 -44.81
N GLU G 346 -28.14 48.43 -43.59
CA GLU G 346 -27.90 49.74 -43.00
C GLU G 346 -26.43 49.90 -42.67
N GLU G 347 -25.88 48.86 -42.02
CA GLU G 347 -24.48 48.81 -41.60
C GLU G 347 -23.54 49.25 -42.72
N GLN G 348 -24.02 49.12 -43.95
CA GLN G 348 -23.24 49.49 -45.15
C GLN G 348 -23.48 50.95 -45.52
N THR G 349 -24.76 51.28 -45.67
CA THR G 349 -25.21 52.61 -46.04
C THR G 349 -24.64 53.66 -45.10
N SER G 350 -24.53 53.28 -43.83
CA SER G 350 -24.01 54.14 -42.77
C SER G 350 -22.59 54.59 -43.07
N ILE G 351 -21.82 53.65 -43.61
CA ILE G 351 -20.42 53.88 -43.96
C ILE G 351 -20.33 54.75 -45.22
N LEU G 352 -21.26 54.49 -46.13
CA LEU G 352 -21.35 55.18 -47.42
C LEU G 352 -21.51 56.69 -47.27
N ARG G 353 -22.50 57.09 -46.49
CA ARG G 353 -22.79 58.51 -46.25
C ARG G 353 -21.54 59.23 -45.75
N VAL G 354 -20.81 58.54 -44.89
CA VAL G 354 -19.57 59.08 -44.30
C VAL G 354 -18.60 59.51 -45.41
N VAL G 355 -18.50 58.67 -46.43
CA VAL G 355 -17.61 58.90 -47.58
C VAL G 355 -17.96 60.19 -48.31
N SER G 356 -19.25 60.36 -48.59
CA SER G 356 -19.73 61.54 -49.31
C SER G 356 -19.54 62.80 -48.45
N SER G 357 -19.68 62.62 -47.15
CA SER G 357 -19.52 63.71 -46.19
C SER G 357 -18.08 64.18 -46.16
N VAL G 358 -17.17 63.21 -46.20
CA VAL G 358 -15.73 63.46 -46.18
C VAL G 358 -15.30 64.19 -47.45
N LEU G 359 -15.92 63.80 -48.56
CA LEU G 359 -15.65 64.40 -49.87
C LEU G 359 -16.08 65.87 -49.85
N GLN G 360 -17.20 66.09 -49.16
CA GLN G 360 -17.81 67.41 -49.02
C GLN G 360 -16.92 68.38 -48.27
N LEU G 361 -16.45 67.94 -47.09
CA LEU G 361 -15.56 68.75 -46.24
C LEU G 361 -14.49 69.41 -47.09
N GLY G 362 -14.30 68.85 -48.28
CA GLY G 362 -13.31 69.30 -49.24
C GLY G 362 -13.67 70.62 -49.92
N ASN G 363 -14.97 70.89 -49.97
CA ASN G 363 -15.50 72.09 -50.60
C ASN G 363 -15.52 73.27 -49.64
N ILE G 364 -15.34 72.98 -48.36
CA ILE G 364 -15.33 73.99 -47.31
C ILE G 364 -14.03 74.78 -47.37
N VAL G 365 -14.08 75.91 -48.04
CA VAL G 365 -12.93 76.80 -48.21
C VAL G 365 -13.20 78.12 -47.47
N PHE G 366 -12.16 78.67 -46.86
CA PHE G 366 -12.30 79.91 -46.13
C PHE G 366 -11.70 81.11 -46.82
N LYS G 367 -12.36 82.24 -46.53
CA LYS G 367 -12.02 83.56 -47.05
C LYS G 367 -11.34 84.37 -45.96
N LYS G 368 -10.04 84.19 -45.86
CA LYS G 368 -9.23 84.90 -44.88
C LYS G 368 -9.56 86.37 -44.88
N GLU G 369 -10.31 86.76 -43.87
CA GLU G 369 -10.73 88.14 -43.66
C GLU G 369 -9.50 89.05 -43.69
N ARG G 370 -9.56 90.09 -44.49
CA ARG G 370 -8.45 91.04 -44.59
C ARG G 370 -8.40 91.86 -43.31
N ASN G 371 -9.61 92.14 -42.81
CA ASN G 371 -9.85 92.95 -41.63
C ASN G 371 -9.33 92.36 -40.33
N THR G 372 -9.70 91.12 -40.03
CA THR G 372 -9.30 90.47 -38.78
C THR G 372 -8.38 89.27 -38.98
N ASP G 373 -8.23 88.85 -40.23
CA ASP G 373 -7.36 87.73 -40.60
C ASP G 373 -7.98 86.38 -40.25
N GLN G 374 -9.20 86.44 -39.73
CA GLN G 374 -9.94 85.25 -39.36
C GLN G 374 -10.77 84.75 -40.54
N ALA G 375 -10.62 83.46 -40.84
CA ALA G 375 -11.35 82.83 -41.93
C ALA G 375 -12.82 83.24 -41.87
N SER G 376 -13.51 83.04 -42.98
CA SER G 376 -14.92 83.38 -43.10
C SER G 376 -15.67 82.32 -43.90
N MET G 377 -16.93 82.12 -43.49
CA MET G 377 -17.82 81.16 -44.13
C MET G 377 -18.93 81.93 -44.86
N PRO G 378 -18.62 82.52 -46.01
CA PRO G 378 -19.62 83.28 -46.76
C PRO G 378 -20.83 82.41 -47.05
N ASP G 379 -20.64 81.48 -47.98
CA ASP G 379 -21.69 80.54 -48.39
C ASP G 379 -21.53 79.26 -47.56
N ASN G 380 -22.39 79.14 -46.55
CA ASN G 380 -22.40 78.01 -45.62
C ASN G 380 -22.92 76.72 -46.25
N THR G 381 -23.46 76.84 -47.45
CA THR G 381 -24.01 75.71 -48.19
C THR G 381 -23.21 74.44 -47.93
N ALA G 382 -21.89 74.57 -48.10
CA ALA G 382 -20.93 73.48 -47.92
C ALA G 382 -21.07 72.78 -46.58
N ALA G 383 -20.73 73.54 -45.53
CA ALA G 383 -20.77 73.07 -44.14
C ALA G 383 -22.11 72.47 -43.75
N GLN G 384 -23.17 73.15 -44.16
CA GLN G 384 -24.54 72.73 -43.88
C GLN G 384 -24.83 71.31 -44.33
N LYS G 385 -24.29 71.00 -45.50
CA LYS G 385 -24.44 69.70 -46.17
C LYS G 385 -23.57 68.60 -45.59
N VAL G 386 -22.57 68.99 -44.81
CA VAL G 386 -21.62 68.05 -44.21
C VAL G 386 -22.03 67.64 -42.80
N CYS G 387 -22.65 68.57 -42.11
CA CYS G 387 -23.11 68.36 -40.74
C CYS G 387 -24.24 67.33 -40.70
N HIS G 388 -25.15 67.47 -41.67
CA HIS G 388 -26.31 66.57 -41.79
C HIS G 388 -25.88 65.14 -42.09
N LEU G 389 -24.59 64.99 -42.32
CA LEU G 389 -23.99 63.69 -42.63
C LEU G 389 -23.22 63.17 -41.41
N MET G 390 -22.93 64.09 -40.50
CA MET G 390 -22.19 63.81 -39.27
C MET G 390 -23.13 63.57 -38.11
N GLY G 391 -24.25 64.29 -38.12
CA GLY G 391 -25.25 64.20 -37.08
C GLY G 391 -24.97 65.20 -35.98
N ILE G 392 -24.00 66.08 -36.25
CA ILE G 392 -23.61 67.12 -35.31
C ILE G 392 -24.37 68.40 -35.64
N ASN G 393 -24.24 69.39 -34.75
CA ASN G 393 -24.90 70.68 -34.92
C ASN G 393 -24.14 71.60 -35.85
N VAL G 394 -24.90 72.23 -36.72
CA VAL G 394 -24.39 73.16 -37.71
C VAL G 394 -23.59 74.27 -37.04
N THR G 395 -24.34 75.23 -36.51
CA THR G 395 -23.80 76.40 -35.81
C THR G 395 -22.62 76.04 -34.92
N ASP G 396 -22.80 74.96 -34.18
CA ASP G 396 -21.79 74.45 -33.25
C ASP G 396 -20.48 74.10 -33.94
N PHE G 397 -20.57 73.22 -34.93
CA PHE G 397 -19.40 72.78 -35.70
C PHE G 397 -18.74 73.93 -36.43
N THR G 398 -19.58 74.83 -36.93
CA THR G 398 -19.13 76.01 -37.68
C THR G 398 -18.23 76.89 -36.83
N ARG G 399 -18.67 77.16 -35.61
CA ARG G 399 -17.94 78.00 -34.67
C ARG G 399 -16.71 77.31 -34.11
N SER G 400 -16.87 76.00 -33.84
CA SER G 400 -15.80 75.16 -33.29
C SER G 400 -14.60 75.06 -34.21
N ILE G 401 -14.88 74.80 -35.49
CA ILE G 401 -13.82 74.67 -36.51
C ILE G 401 -13.27 76.05 -36.83
N LEU G 402 -14.14 77.04 -36.65
CA LEU G 402 -13.84 78.44 -36.90
C LEU G 402 -13.15 79.06 -35.70
N THR G 403 -13.93 79.28 -34.65
CA THR G 403 -13.48 79.87 -33.40
C THR G 403 -13.27 78.78 -32.33
N PRO G 404 -12.08 78.19 -32.29
CA PRO G 404 -11.80 77.15 -31.30
C PRO G 404 -11.94 77.63 -29.87
N ARG G 405 -12.92 77.03 -29.16
CA ARG G 405 -13.21 77.32 -27.75
C ARG G 405 -12.22 76.49 -26.93
N ILE G 406 -10.95 76.58 -27.33
CA ILE G 406 -9.84 75.87 -26.70
C ILE G 406 -9.95 75.77 -25.18
N LYS G 407 -9.22 74.80 -24.63
CA LYS G 407 -9.21 74.57 -23.20
C LYS G 407 -7.81 74.13 -22.80
N VAL G 408 -6.93 75.08 -22.55
CA VAL G 408 -5.56 74.74 -22.17
C VAL G 408 -5.52 74.18 -20.75
N GLY G 409 -6.70 73.86 -20.22
CA GLY G 409 -6.83 73.31 -18.88
C GLY G 409 -6.56 74.32 -17.78
N ARG G 410 -5.34 74.84 -17.77
CA ARG G 410 -4.92 75.84 -16.79
C ARG G 410 -5.67 77.14 -17.08
N ASP G 411 -6.50 77.09 -18.13
CA ASP G 411 -7.30 78.24 -18.56
C ASP G 411 -8.35 77.81 -19.59
N VAL G 412 -8.96 78.79 -20.24
CA VAL G 412 -9.98 78.52 -21.25
C VAL G 412 -9.80 79.52 -22.39
N VAL G 413 -8.57 79.60 -22.87
CA VAL G 413 -8.23 80.51 -23.96
C VAL G 413 -8.97 80.23 -25.26
N GLN G 414 -9.99 81.04 -25.54
CA GLN G 414 -10.75 80.86 -26.77
C GLN G 414 -9.97 81.65 -27.83
N LYS G 415 -9.61 80.99 -28.92
CA LYS G 415 -8.87 81.65 -29.98
C LYS G 415 -9.57 81.46 -31.32
N ALA G 416 -8.92 81.97 -32.36
CA ALA G 416 -9.42 81.87 -33.72
C ALA G 416 -8.20 81.71 -34.62
N GLN G 417 -8.33 80.87 -35.63
CA GLN G 417 -7.22 80.64 -36.55
C GLN G 417 -7.52 81.29 -37.89
N THR G 418 -6.47 81.53 -38.66
CA THR G 418 -6.59 82.15 -39.97
C THR G 418 -7.53 81.28 -40.82
N LYS G 419 -7.52 81.50 -42.12
CA LYS G 419 -8.36 80.69 -43.00
C LYS G 419 -7.53 79.43 -43.18
N GLU G 420 -6.22 79.64 -43.24
CA GLU G 420 -5.24 78.57 -43.41
C GLU G 420 -5.39 77.51 -42.33
N GLN G 421 -4.90 77.84 -41.14
CA GLN G 421 -4.98 76.92 -40.02
C GLN G 421 -6.42 76.44 -39.88
N ALA G 422 -7.35 77.22 -40.43
CA ALA G 422 -8.77 76.87 -40.38
C ALA G 422 -8.94 75.74 -41.35
N ASP G 423 -8.27 75.86 -42.48
CA ASP G 423 -8.32 74.84 -43.52
C ASP G 423 -7.49 73.63 -43.07
N PHE G 424 -6.24 73.87 -42.69
CA PHE G 424 -5.35 72.79 -42.23
C PHE G 424 -5.99 71.93 -41.15
N ALA G 425 -7.01 72.46 -40.49
CA ALA G 425 -7.68 71.71 -39.44
C ALA G 425 -8.84 70.86 -39.93
N ILE G 426 -9.57 71.36 -40.92
CA ILE G 426 -10.71 70.64 -41.48
C ILE G 426 -10.18 69.55 -42.41
N GLU G 427 -8.96 69.76 -42.88
CA GLU G 427 -8.27 68.84 -43.77
C GLU G 427 -7.79 67.65 -42.95
N ALA G 428 -7.18 67.94 -41.81
CA ALA G 428 -6.68 66.87 -40.97
C ALA G 428 -7.84 66.30 -40.16
N LEU G 429 -9.05 66.71 -40.50
CA LEU G 429 -10.25 66.23 -39.82
C LEU G 429 -10.87 65.18 -40.74
N ALA G 430 -11.12 65.58 -41.97
CA ALA G 430 -11.69 64.68 -42.95
C ALA G 430 -10.71 63.53 -43.12
N LYS G 431 -9.47 63.87 -43.45
CA LYS G 431 -8.42 62.88 -43.66
C LYS G 431 -8.25 61.86 -42.51
N ALA G 432 -8.65 62.22 -41.29
CA ALA G 432 -8.52 61.27 -40.18
C ALA G 432 -9.86 60.68 -39.82
N LYS G 433 -10.94 61.28 -40.32
CA LYS G 433 -12.28 60.78 -40.03
C LYS G 433 -12.50 59.58 -40.93
N PHE G 434 -11.63 59.45 -41.92
CA PHE G 434 -11.69 58.34 -42.86
C PHE G 434 -10.93 57.16 -42.28
N GLU G 435 -9.72 57.44 -41.82
CA GLU G 435 -8.88 56.41 -41.23
C GLU G 435 -9.58 55.94 -39.97
N ARG G 436 -10.39 56.82 -39.40
CA ARG G 436 -11.16 56.52 -38.19
C ARG G 436 -12.06 55.38 -38.63
N LEU G 437 -12.40 55.40 -39.91
CA LEU G 437 -13.27 54.41 -40.52
C LEU G 437 -12.55 53.16 -41.03
N PHE G 438 -11.42 53.36 -41.71
CA PHE G 438 -10.69 52.22 -42.25
C PHE G 438 -10.53 51.17 -41.17
N ARG G 439 -9.96 51.56 -40.04
CA ARG G 439 -9.77 50.62 -38.95
C ARG G 439 -11.09 50.12 -38.36
N TRP G 440 -12.20 50.82 -38.61
CA TRP G 440 -13.52 50.42 -38.11
C TRP G 440 -13.85 49.11 -38.80
N ILE G 441 -13.80 49.15 -40.13
CA ILE G 441 -14.08 48.01 -41.00
C ILE G 441 -13.16 46.86 -40.67
N LEU G 442 -11.85 47.08 -40.85
CA LEU G 442 -10.88 46.04 -40.57
C LEU G 442 -11.15 45.25 -39.30
N THR G 443 -11.70 45.89 -38.27
CA THR G 443 -12.00 45.19 -37.03
C THR G 443 -13.45 44.72 -37.02
N ARG G 444 -14.18 45.07 -38.07
CA ARG G 444 -15.57 44.67 -38.20
C ARG G 444 -15.47 43.33 -38.93
N VAL G 445 -14.55 43.31 -39.89
CA VAL G 445 -14.28 42.13 -40.68
C VAL G 445 -13.57 41.13 -39.78
N ASN G 446 -12.37 41.48 -39.31
CA ASN G 446 -11.60 40.59 -38.44
C ASN G 446 -12.40 39.91 -37.34
N LYS G 447 -13.61 40.39 -37.10
CA LYS G 447 -14.46 39.81 -36.07
C LYS G 447 -15.14 38.54 -36.61
N ALA G 448 -15.47 38.56 -37.90
CA ALA G 448 -16.12 37.42 -38.53
C ALA G 448 -15.15 36.36 -39.00
N LEU G 449 -14.06 36.77 -39.65
CA LEU G 449 -13.09 35.80 -40.12
C LEU G 449 -12.33 35.18 -38.93
N ASP G 450 -12.88 35.33 -37.72
CA ASP G 450 -12.32 34.82 -36.45
C ASP G 450 -13.59 34.75 -35.64
N ALA G 457 -4.37 25.90 -32.15
CA ALA G 457 -2.90 25.65 -32.00
C ALA G 457 -2.01 26.24 -33.10
N SER G 458 -2.36 25.96 -34.35
CA SER G 458 -1.55 26.42 -35.51
C SER G 458 -2.09 27.66 -36.20
N PHE G 459 -1.22 28.28 -36.99
CA PHE G 459 -1.52 29.49 -37.77
C PHE G 459 -0.44 29.77 -38.83
N LEU G 460 -0.93 30.10 -40.02
CA LEU G 460 -0.11 30.44 -41.21
C LEU G 460 -0.16 31.96 -41.40
N GLY G 461 1.00 32.55 -41.67
CA GLY G 461 1.08 33.99 -41.83
C GLY G 461 1.39 34.47 -43.23
N ILE G 462 0.56 35.38 -43.72
CA ILE G 462 0.70 35.94 -45.07
C ILE G 462 0.96 37.44 -45.02
N LEU G 463 2.22 37.85 -45.20
CA LEU G 463 2.59 39.27 -45.16
C LEU G 463 2.57 40.09 -46.45
N ASP G 464 1.53 40.90 -46.61
CA ASP G 464 1.39 41.75 -47.77
C ASP G 464 1.75 43.17 -47.35
N ILE G 465 3.05 43.45 -47.23
CA ILE G 465 3.51 44.78 -46.83
C ILE G 465 3.49 45.65 -48.08
N ALA G 466 4.12 46.82 -48.02
CA ALA G 466 4.11 47.67 -49.21
C ALA G 466 5.50 47.71 -49.80
N GLY G 467 5.54 47.92 -51.11
CA GLY G 467 6.78 47.97 -51.86
C GLY G 467 7.50 49.28 -52.05
N PHE G 468 8.81 49.15 -52.11
CA PHE G 468 9.75 50.23 -52.27
C PHE G 468 9.41 51.21 -53.39
N GLU G 469 8.65 52.25 -53.04
CA GLU G 469 8.28 53.27 -54.01
C GLU G 469 9.17 54.50 -53.85
N ILE G 470 9.46 55.17 -54.96
CA ILE G 470 10.32 56.35 -54.98
C ILE G 470 9.92 57.26 -56.16
N PHE G 471 9.35 58.43 -55.85
CA PHE G 471 8.90 59.37 -56.88
C PHE G 471 9.78 60.63 -57.07
N GLU G 472 9.12 61.78 -57.20
CA GLU G 472 9.77 63.07 -57.39
C GLU G 472 9.67 63.88 -56.10
N ILE G 473 8.68 63.50 -55.29
CA ILE G 473 8.41 64.15 -54.01
C ILE G 473 8.27 63.01 -53.01
N ASN G 474 9.30 62.78 -52.20
CA ASN G 474 9.27 61.71 -51.23
C ASN G 474 8.83 62.08 -49.82
N SER G 475 7.51 62.22 -49.66
CA SER G 475 6.89 62.58 -48.39
C SER G 475 7.31 61.63 -47.27
N PHE G 476 6.87 61.92 -46.04
CA PHE G 476 7.20 61.12 -44.87
C PHE G 476 6.71 59.68 -45.01
N GLU G 477 5.44 59.56 -45.37
CA GLU G 477 4.81 58.26 -45.56
C GLU G 477 5.71 57.31 -46.35
N GLN G 478 6.14 57.79 -47.52
CA GLN G 478 7.00 57.04 -48.43
C GLN G 478 8.31 56.60 -47.78
N LEU G 479 8.61 57.23 -46.64
CA LEU G 479 9.84 56.95 -45.90
C LEU G 479 9.74 55.68 -45.08
N CYS G 480 8.67 55.59 -44.29
CA CYS G 480 8.42 54.42 -43.43
C CYS G 480 8.03 53.23 -44.30
N ILE G 481 7.55 53.56 -45.49
CA ILE G 481 7.13 52.57 -46.48
C ILE G 481 8.38 51.80 -46.92
N ASN G 482 9.31 52.53 -47.53
CA ASN G 482 10.56 51.96 -48.00
C ASN G 482 11.35 51.44 -46.80
N TYR G 483 11.11 52.09 -45.66
CA TYR G 483 11.76 51.76 -44.39
C TYR G 483 11.45 50.31 -44.01
N THR G 484 10.18 49.96 -44.16
CA THR G 484 9.68 48.62 -43.86
C THR G 484 10.32 47.60 -44.80
N ASN G 485 10.46 48.01 -46.05
CA ASN G 485 11.03 47.18 -47.10
C ASN G 485 12.44 46.74 -46.69
N GLU G 486 13.25 47.72 -46.33
CA GLU G 486 14.63 47.49 -45.91
C GLU G 486 14.68 46.53 -44.74
N LYS G 487 13.68 46.66 -43.87
CA LYS G 487 13.56 45.82 -42.68
C LYS G 487 13.35 44.37 -43.08
N LEU G 488 12.42 44.14 -43.99
CA LEU G 488 12.11 42.79 -44.46
C LEU G 488 13.30 42.23 -45.23
N GLN G 489 13.97 43.11 -45.96
CA GLN G 489 15.13 42.74 -46.75
C GLN G 489 16.24 42.21 -45.85
N GLN G 490 16.43 42.91 -44.72
CA GLN G 490 17.45 42.53 -43.75
C GLN G 490 17.14 41.15 -43.18
N LEU G 491 15.86 40.96 -42.88
CA LEU G 491 15.31 39.73 -42.33
C LEU G 491 15.72 38.53 -43.20
N PHE G 492 15.57 38.71 -44.50
CA PHE G 492 15.90 37.69 -45.50
C PHE G 492 17.35 37.26 -45.43
N ASN G 493 18.21 38.27 -45.55
CA ASN G 493 19.65 38.09 -45.52
C ASN G 493 20.06 37.36 -44.25
N HIS G 494 19.45 37.81 -43.15
CA HIS G 494 19.71 37.27 -41.82
C HIS G 494 19.38 35.79 -41.71
N THR G 495 18.11 35.48 -41.89
CA THR G 495 17.61 34.10 -41.81
C THR G 495 18.28 33.20 -42.84
N MET G 496 18.73 33.81 -43.92
CA MET G 496 19.38 33.08 -45.01
C MET G 496 20.84 32.75 -44.69
N PHE G 497 21.72 33.70 -44.98
CA PHE G 497 23.16 33.55 -44.76
C PHE G 497 23.56 33.58 -43.29
N ILE G 498 23.24 34.69 -42.63
CA ILE G 498 23.58 34.88 -41.21
C ILE G 498 23.17 33.69 -40.34
N LEU G 499 21.97 33.80 -39.77
CA LEU G 499 21.36 32.80 -38.89
C LEU G 499 21.79 31.35 -39.15
N GLU G 500 21.39 30.85 -40.32
CA GLU G 500 21.69 29.46 -40.72
C GLU G 500 23.10 29.04 -40.36
N GLN G 501 24.08 29.83 -40.81
CA GLN G 501 25.48 29.53 -40.55
C GLN G 501 25.69 29.26 -39.06
N GLU G 502 24.99 30.03 -38.24
CA GLU G 502 25.06 29.91 -36.79
C GLU G 502 24.80 28.46 -36.35
N GLU G 503 23.74 27.85 -36.89
CA GLU G 503 23.43 26.47 -36.50
C GLU G 503 24.54 25.52 -36.91
N TYR G 504 25.32 25.92 -37.90
CA TYR G 504 26.43 25.09 -38.34
C TYR G 504 27.52 25.12 -37.27
N GLN G 505 27.81 26.33 -36.79
CA GLN G 505 28.80 26.58 -35.76
C GLN G 505 28.40 25.93 -34.43
N ARG G 506 27.14 26.15 -34.07
CA ARG G 506 26.56 25.64 -32.83
C ARG G 506 26.66 24.12 -32.70
N GLU G 507 26.26 23.42 -33.74
CA GLU G 507 26.28 21.95 -33.76
C GLU G 507 27.71 21.43 -33.91
N GLY G 508 28.54 22.25 -34.54
CA GLY G 508 29.94 21.91 -34.73
C GLY G 508 30.27 21.30 -36.06
N ILE G 509 29.26 20.93 -36.83
CA ILE G 509 29.50 20.33 -38.14
C ILE G 509 30.70 20.99 -38.82
N GLU G 510 31.46 20.21 -39.59
CA GLU G 510 32.64 20.71 -40.30
C GLU G 510 32.22 21.77 -41.29
N TRP G 511 32.00 22.98 -40.79
CA TRP G 511 31.58 24.09 -41.62
C TRP G 511 32.65 25.18 -41.57
N ASN G 512 32.35 26.31 -42.22
CA ASN G 512 33.22 27.48 -42.28
C ASN G 512 32.34 28.64 -42.70
N PHE G 513 32.56 29.82 -42.11
CA PHE G 513 31.74 30.97 -42.46
C PHE G 513 32.07 31.57 -43.82
N ILE G 514 31.04 32.14 -44.45
CA ILE G 514 31.16 32.77 -45.76
C ILE G 514 30.32 34.05 -45.73
N ASP G 515 30.96 35.20 -45.90
CA ASP G 515 30.23 36.46 -45.88
C ASP G 515 29.64 36.84 -47.24
N PHE G 516 28.32 36.81 -47.30
CA PHE G 516 27.59 37.12 -48.51
C PHE G 516 27.41 38.61 -48.79
N GLY G 517 28.06 39.44 -48.01
CA GLY G 517 27.94 40.88 -48.23
C GLY G 517 26.50 41.35 -48.32
N LEU G 518 25.71 41.06 -47.29
CA LEU G 518 24.33 41.48 -47.30
C LEU G 518 23.85 41.83 -45.92
N ASP G 519 23.86 43.13 -45.64
CA ASP G 519 23.42 43.66 -44.36
C ASP G 519 23.03 45.13 -44.53
N LEU G 520 21.85 45.48 -44.04
CA LEU G 520 21.33 46.84 -44.13
C LEU G 520 21.11 47.42 -42.74
N GLN G 521 21.61 46.72 -41.73
CA GLN G 521 21.48 47.17 -40.36
C GLN G 521 21.78 48.68 -40.33
N PRO G 522 22.92 49.10 -40.91
CA PRO G 522 23.28 50.51 -40.92
C PRO G 522 22.17 51.42 -41.45
N CYS G 523 21.83 51.23 -42.72
CA CYS G 523 20.79 52.04 -43.34
C CYS G 523 19.49 51.99 -42.53
N ILE G 524 19.43 51.11 -41.54
CA ILE G 524 18.24 51.01 -40.71
C ILE G 524 18.47 51.95 -39.51
N GLU G 525 19.55 51.73 -38.77
CA GLU G 525 19.86 52.55 -37.62
C GLU G 525 19.80 54.03 -38.01
N LEU G 526 20.30 54.34 -39.21
CA LEU G 526 20.31 55.72 -39.73
C LEU G 526 18.90 56.29 -39.67
N ILE G 527 17.94 55.40 -39.43
CA ILE G 527 16.55 55.79 -39.34
C ILE G 527 15.87 55.01 -38.21
N GLU G 528 16.65 54.21 -37.48
CA GLU G 528 16.09 53.41 -36.39
C GLU G 528 16.52 53.80 -34.97
N ARG G 529 17.73 53.41 -34.59
CA ARG G 529 18.26 53.68 -33.26
C ARG G 529 17.99 55.08 -32.74
N PRO G 530 17.33 55.18 -31.57
CA PRO G 530 16.96 56.43 -30.89
C PRO G 530 18.12 56.86 -29.97
N THR G 531 18.43 55.98 -29.02
CA THR G 531 19.49 56.23 -28.07
C THR G 531 20.76 56.14 -28.91
N ASN G 532 21.87 56.62 -28.35
CA ASN G 532 23.13 56.59 -29.09
C ASN G 532 22.84 57.40 -30.34
N PRO G 533 23.73 57.38 -31.34
CA PRO G 533 23.40 58.19 -32.51
C PRO G 533 21.91 58.07 -32.84
N PRO G 534 21.19 59.21 -32.91
CA PRO G 534 19.75 59.18 -33.22
C PRO G 534 19.49 58.97 -34.70
N GLY G 535 18.28 58.50 -35.03
CA GLY G 535 17.96 58.25 -36.42
C GLY G 535 17.02 59.27 -37.01
N VAL G 536 17.09 59.44 -38.33
CA VAL G 536 16.25 60.38 -39.05
C VAL G 536 14.86 60.61 -38.45
N LEU G 537 14.24 59.55 -37.92
CA LEU G 537 12.92 59.67 -37.31
C LEU G 537 13.03 60.10 -35.85
N ALA G 538 13.99 59.51 -35.14
CA ALA G 538 14.22 59.83 -33.73
C ALA G 538 14.33 61.34 -33.59
N LEU G 539 15.20 61.92 -34.39
CA LEU G 539 15.42 63.35 -34.40
C LEU G 539 14.10 64.10 -34.62
N LEU G 540 13.47 63.87 -35.76
CA LEU G 540 12.20 64.54 -36.06
C LEU G 540 11.29 64.49 -34.85
N ASP G 541 11.16 63.31 -34.28
CA ASP G 541 10.32 63.05 -33.11
C ASP G 541 10.19 64.21 -32.13
N GLU G 542 11.18 64.37 -31.26
CA GLU G 542 11.17 65.43 -30.27
C GLU G 542 11.33 66.82 -30.87
N GLU G 543 12.25 66.95 -31.81
CA GLU G 543 12.50 68.24 -32.45
C GLU G 543 11.18 68.88 -32.88
N CYS G 544 10.15 68.05 -33.03
CA CYS G 544 8.84 68.53 -33.44
C CYS G 544 8.04 69.03 -32.25
N TRP G 545 8.39 68.56 -31.05
CA TRP G 545 7.68 69.01 -29.85
C TRP G 545 8.01 70.46 -29.56
N PHE G 546 9.10 70.94 -30.16
CA PHE G 546 9.60 72.31 -29.99
C PHE G 546 8.80 73.44 -30.66
N PRO G 547 8.71 74.61 -29.99
CA PRO G 547 7.97 75.77 -30.50
C PRO G 547 8.56 76.34 -31.80
N LYS G 548 9.86 76.66 -31.77
CA LYS G 548 10.54 77.21 -32.95
C LYS G 548 11.07 76.04 -33.77
N ALA G 549 10.22 75.03 -33.94
CA ALA G 549 10.58 73.85 -34.70
C ALA G 549 9.96 73.93 -36.09
N THR G 550 10.73 73.58 -37.10
CA THR G 550 10.23 73.63 -38.47
C THR G 550 10.77 72.50 -39.32
N ASP G 551 10.09 72.26 -40.43
CA ASP G 551 10.47 71.24 -41.38
C ASP G 551 11.97 71.41 -41.53
N THR G 552 12.37 72.65 -41.85
CA THR G 552 13.76 73.02 -42.03
C THR G 552 14.61 72.58 -40.85
N SER G 553 14.65 73.43 -39.83
CA SER G 553 15.39 73.19 -38.61
C SER G 553 15.75 71.73 -38.43
N PHE G 554 14.74 70.88 -38.60
CA PHE G 554 14.89 69.43 -38.48
C PHE G 554 16.06 68.92 -39.32
N VAL G 555 15.93 69.08 -40.63
CA VAL G 555 16.94 68.65 -41.59
C VAL G 555 18.38 68.88 -41.15
N GLU G 556 18.64 70.11 -40.69
CA GLU G 556 19.95 70.51 -40.24
C GLU G 556 20.42 69.71 -39.03
N LYS G 557 19.47 69.40 -38.16
CA LYS G 557 19.76 68.63 -36.96
C LYS G 557 20.30 67.28 -37.43
N LEU G 558 19.61 66.72 -38.41
CA LEU G 558 19.94 65.43 -39.01
C LEU G 558 21.39 65.31 -39.43
N ILE G 559 21.90 66.36 -40.06
CA ILE G 559 23.27 66.41 -40.52
C ILE G 559 24.16 66.70 -39.32
N GLN G 560 23.62 67.46 -38.38
CA GLN G 560 24.33 67.84 -37.18
C GLN G 560 24.89 66.63 -36.44
N GLU G 561 24.49 65.43 -36.84
CA GLU G 561 24.96 64.21 -36.19
C GLU G 561 25.20 63.03 -37.13
N GLN G 562 24.36 62.89 -38.15
CA GLN G 562 24.47 61.80 -39.10
C GLN G 562 25.24 62.17 -40.36
N GLY G 563 25.61 63.43 -40.49
CA GLY G 563 26.33 63.89 -41.65
C GLY G 563 27.52 63.02 -42.04
N ASN G 564 27.86 62.07 -41.18
CA ASN G 564 28.99 61.17 -41.44
C ASN G 564 28.58 59.73 -41.64
N HIS G 565 27.43 59.51 -42.27
CA HIS G 565 26.94 58.15 -42.51
C HIS G 565 26.92 57.82 -44.01
N ALA G 566 27.53 56.70 -44.37
CA ALA G 566 27.58 56.27 -45.76
C ALA G 566 26.19 56.27 -46.35
N LYS G 567 25.31 55.47 -45.76
CA LYS G 567 23.92 55.37 -46.24
C LYS G 567 23.20 56.71 -46.20
N PHE G 568 23.90 57.73 -45.74
CA PHE G 568 23.35 59.09 -45.65
C PHE G 568 24.04 59.98 -46.67
N GLN G 569 23.32 60.96 -47.21
CA GLN G 569 23.90 61.87 -48.19
C GLN G 569 23.22 63.22 -48.26
N LYS G 570 24.05 64.27 -48.32
CA LYS G 570 23.58 65.66 -48.37
C LYS G 570 22.90 66.00 -49.69
N SER G 571 21.65 66.45 -49.59
CA SER G 571 20.87 66.81 -50.76
C SER G 571 21.73 67.54 -51.77
N LYS G 572 21.55 67.21 -53.04
CA LYS G 572 22.33 67.84 -54.11
C LYS G 572 21.71 69.19 -54.45
N GLN G 573 20.39 69.20 -54.57
CA GLN G 573 19.67 70.42 -54.92
C GLN G 573 18.80 70.96 -53.79
N LEU G 574 19.01 72.22 -53.46
CA LEU G 574 18.22 72.86 -52.42
C LEU G 574 17.46 73.95 -53.15
N LYS G 575 17.02 73.60 -54.36
CA LYS G 575 16.27 74.49 -55.25
C LYS G 575 15.76 75.71 -54.51
N ASP G 576 14.86 75.47 -53.57
CA ASP G 576 14.26 76.53 -52.76
C ASP G 576 14.04 75.98 -51.36
N LYS G 577 13.62 74.72 -51.29
CA LYS G 577 13.35 74.05 -50.03
C LYS G 577 14.51 73.18 -49.55
N THR G 578 14.21 72.30 -48.59
CA THR G 578 15.20 71.40 -48.03
C THR G 578 14.78 69.94 -48.14
N GLU G 579 15.73 69.11 -48.53
CA GLU G 579 15.51 67.68 -48.71
C GLU G 579 16.80 66.91 -48.42
N PHE G 580 16.71 65.59 -48.46
CA PHE G 580 17.85 64.72 -48.21
C PHE G 580 17.57 63.35 -48.82
N CYS G 581 18.63 62.63 -49.17
CA CYS G 581 18.48 61.31 -49.77
C CYS G 581 19.23 60.25 -48.98
N ILE G 582 18.69 59.03 -49.00
CA ILE G 582 19.29 57.91 -48.28
C ILE G 582 19.72 56.83 -49.28
N LEU G 583 20.81 56.14 -48.93
CA LEU G 583 21.40 55.07 -49.76
C LEU G 583 20.85 53.69 -49.39
N HIS G 584 19.54 53.53 -49.64
CA HIS G 584 18.81 52.29 -49.37
C HIS G 584 19.43 51.11 -50.10
N TYR G 585 18.85 49.95 -49.82
CA TYR G 585 19.25 48.68 -50.43
C TYR G 585 18.65 48.61 -51.82
N ALA G 586 17.52 49.31 -51.97
CA ALA G 586 16.74 49.38 -53.20
C ALA G 586 17.09 50.58 -54.07
N GLY G 587 17.91 51.47 -53.51
CA GLY G 587 18.35 52.67 -54.20
C GLY G 587 18.50 53.85 -53.25
N LYS G 588 18.45 55.05 -53.84
CA LYS G 588 18.57 56.32 -53.13
C LYS G 588 17.31 57.15 -53.40
N VAL G 589 16.82 57.82 -52.36
CA VAL G 589 15.60 58.62 -52.49
C VAL G 589 15.72 59.98 -51.80
N THR G 590 15.49 61.05 -52.56
CA THR G 590 15.56 62.41 -52.03
C THR G 590 14.26 62.89 -51.39
N TYR G 591 14.05 62.54 -50.12
CA TYR G 591 12.84 62.94 -49.41
C TYR G 591 12.85 64.43 -49.14
N ASN G 592 11.65 65.01 -49.06
CA ASN G 592 11.47 66.42 -48.79
C ASN G 592 10.87 66.54 -47.40
N ALA G 593 11.72 66.81 -46.42
CA ALA G 593 11.31 66.93 -45.01
C ALA G 593 10.19 67.94 -44.73
N SER G 594 9.77 68.68 -45.75
CA SER G 594 8.71 69.67 -45.58
C SER G 594 7.42 69.13 -44.99
N ALA G 595 6.99 69.75 -43.91
CA ALA G 595 5.76 69.38 -43.20
C ALA G 595 5.87 68.01 -42.57
N TRP G 596 7.09 67.58 -42.28
CA TRP G 596 7.26 66.26 -41.67
C TRP G 596 6.79 66.26 -40.22
N LEU G 597 7.43 67.10 -39.41
CA LEU G 597 7.10 67.22 -38.01
C LEU G 597 5.66 67.71 -37.92
N THR G 598 5.17 68.22 -39.05
CA THR G 598 3.81 68.73 -39.15
C THR G 598 2.78 67.62 -39.04
N LYS G 599 3.18 66.38 -39.30
CA LYS G 599 2.25 65.26 -39.24
C LYS G 599 2.69 64.22 -38.21
N ASN G 600 3.97 64.22 -37.87
CA ASN G 600 4.52 63.26 -36.91
C ASN G 600 3.79 63.36 -35.57
N MET G 601 3.11 64.49 -35.35
CA MET G 601 2.37 64.75 -34.11
C MET G 601 0.86 64.58 -34.28
N ASP G 602 0.41 64.63 -35.53
CA ASP G 602 -1.00 64.50 -35.85
C ASP G 602 -1.88 65.60 -35.28
N PRO G 603 -1.52 66.85 -35.56
CA PRO G 603 -2.27 68.01 -35.07
C PRO G 603 -3.73 67.96 -35.54
N LEU G 604 -4.67 68.49 -34.75
CA LEU G 604 -6.08 68.48 -35.17
C LEU G 604 -7.10 69.16 -34.24
N ASN G 605 -8.02 69.90 -34.86
CA ASN G 605 -9.08 70.62 -34.15
C ASN G 605 -9.97 69.72 -33.33
N ASP G 606 -9.58 69.47 -32.08
CA ASP G 606 -10.36 68.64 -31.19
C ASP G 606 -11.66 69.32 -30.77
N ASN G 607 -11.81 70.57 -31.15
CA ASN G 607 -13.01 71.34 -30.82
C ASN G 607 -14.22 70.60 -31.40
N VAL G 608 -14.18 70.37 -32.70
CA VAL G 608 -15.25 69.67 -33.39
C VAL G 608 -15.20 68.18 -33.02
N THR G 609 -13.99 67.69 -32.80
CA THR G 609 -13.75 66.31 -32.43
C THR G 609 -14.72 65.78 -31.35
N SER G 610 -14.78 66.43 -30.19
CA SER G 610 -15.66 66.02 -29.11
C SER G 610 -17.09 66.43 -29.41
N LEU G 611 -17.25 67.28 -30.41
CA LEU G 611 -18.57 67.75 -30.84
C LEU G 611 -19.15 66.58 -31.63
N LEU G 612 -18.24 65.75 -32.14
CA LEU G 612 -18.59 64.56 -32.92
C LEU G 612 -18.82 63.45 -31.92
N ASN G 613 -17.89 63.33 -30.98
CA ASN G 613 -17.94 62.32 -29.94
C ASN G 613 -19.36 62.21 -29.38
N GLN G 614 -20.09 63.33 -29.43
CA GLN G 614 -21.46 63.37 -28.95
C GLN G 614 -22.36 63.84 -30.07
N SER G 615 -22.21 63.21 -31.23
CA SER G 615 -23.02 63.54 -32.39
C SER G 615 -24.21 62.58 -32.42
N SER G 616 -25.23 62.94 -33.17
CA SER G 616 -26.42 62.10 -33.28
C SER G 616 -26.11 60.85 -34.12
N ASP G 617 -25.22 60.98 -35.10
CA ASP G 617 -24.85 59.87 -35.97
C ASP G 617 -24.10 58.80 -35.18
N LYS G 618 -24.86 57.93 -34.52
CA LYS G 618 -24.27 56.88 -33.71
C LYS G 618 -23.06 56.30 -34.39
N PHE G 619 -23.24 55.91 -35.64
CA PHE G 619 -22.14 55.33 -36.41
C PHE G 619 -20.89 56.20 -36.31
N VAL G 620 -21.06 57.50 -36.52
CA VAL G 620 -19.95 58.45 -36.47
C VAL G 620 -19.62 58.75 -35.01
N ALA G 621 -20.59 58.47 -34.14
CA ALA G 621 -20.45 58.66 -32.70
C ALA G 621 -19.57 57.52 -32.18
N ASP G 622 -19.85 56.33 -32.69
CA ASP G 622 -19.14 55.10 -32.35
C ASP G 622 -17.75 55.13 -32.98
N LEU G 623 -17.64 55.91 -34.05
CA LEU G 623 -16.40 56.09 -34.79
C LEU G 623 -15.35 56.80 -33.93
N TRP G 624 -15.77 57.92 -33.33
CA TRP G 624 -14.93 58.77 -32.47
C TRP G 624 -15.31 58.64 -30.99
N LYS G 625 -16.08 57.60 -30.68
CA LYS G 625 -16.56 57.33 -29.32
C LYS G 625 -15.47 57.40 -28.24
N ASP G 626 -14.29 56.89 -28.59
CA ASP G 626 -13.12 56.89 -27.68
C ASP G 626 -12.13 57.92 -28.21
N VAL G 627 -12.31 59.17 -27.79
CA VAL G 627 -11.47 60.27 -28.25
C VAL G 627 -10.67 60.94 -27.15
N ASP G 628 -9.95 60.13 -26.38
CA ASP G 628 -9.16 60.66 -25.30
C ASP G 628 -7.67 60.75 -25.66
N ARG G 629 -7.36 60.75 -26.96
CA ARG G 629 -5.96 60.87 -27.42
C ARG G 629 -5.76 62.04 -28.40
N ILE G 630 -6.86 62.69 -28.79
CA ILE G 630 -6.83 63.82 -29.74
C ILE G 630 -5.93 64.96 -29.24
N VAL G 631 -5.51 65.83 -30.17
CA VAL G 631 -4.64 66.97 -29.85
C VAL G 631 -5.45 68.25 -29.69
N GLY G 632 -5.25 68.91 -28.55
CA GLY G 632 -5.94 70.15 -28.24
C GLY G 632 -4.93 71.21 -27.85
N LEU G 633 -3.73 70.75 -27.55
CA LEU G 633 -2.61 71.60 -27.16
C LEU G 633 -2.00 72.36 -28.34
N PHE G 655 0.81 62.53 -26.76
CA PHE G 655 1.22 61.24 -26.12
C PHE G 655 2.40 60.63 -26.87
N ARG G 656 2.11 59.85 -27.90
CA ARG G 656 3.16 59.20 -28.68
C ARG G 656 3.26 59.73 -30.10
N THR G 657 4.50 59.69 -30.58
CA THR G 657 4.87 60.14 -31.93
C THR G 657 4.57 59.03 -32.93
N VAL G 658 4.03 59.43 -34.05
CA VAL G 658 3.67 58.50 -35.13
C VAL G 658 4.81 57.49 -35.32
N GLY G 659 5.98 58.07 -35.53
CA GLY G 659 7.25 57.34 -35.77
C GLY G 659 7.42 56.13 -34.84
N GLN G 660 7.47 56.40 -33.55
CA GLN G 660 7.66 55.35 -32.54
C GLN G 660 6.39 54.52 -32.39
N LEU G 661 5.24 55.15 -32.58
CA LEU G 661 3.98 54.42 -32.48
C LEU G 661 4.06 53.28 -33.52
N TYR G 662 4.67 53.59 -34.66
CA TYR G 662 4.84 52.63 -35.75
C TYR G 662 5.90 51.59 -35.40
N LYS G 663 7.16 52.03 -35.33
CA LYS G 663 8.26 51.14 -34.99
C LYS G 663 7.97 50.37 -33.70
N GLU G 664 6.88 50.73 -33.03
CA GLU G 664 6.48 50.07 -31.79
C GLU G 664 5.55 48.91 -32.11
N GLN G 665 4.99 48.93 -33.31
CA GLN G 665 4.09 47.89 -33.79
C GLN G 665 4.80 47.11 -34.89
N LEU G 666 5.64 47.80 -35.64
CA LEU G 666 6.41 47.20 -36.73
C LEU G 666 7.57 46.46 -36.06
N THR G 667 7.53 46.40 -34.73
CA THR G 667 8.54 45.70 -33.95
C THR G 667 7.83 44.47 -33.46
N LYS G 668 6.51 44.61 -33.32
CA LYS G 668 5.68 43.51 -32.88
C LYS G 668 5.84 42.50 -34.00
N LEU G 669 5.56 42.95 -35.22
CA LEU G 669 5.67 42.12 -36.41
C LEU G 669 6.91 41.21 -36.38
N MET G 670 8.07 41.80 -36.64
CA MET G 670 9.35 41.08 -36.66
C MET G 670 9.65 40.24 -35.42
N THR G 671 8.78 40.31 -34.42
CA THR G 671 8.98 39.54 -33.19
C THR G 671 8.32 38.19 -33.39
N THR G 672 7.14 38.20 -34.01
CA THR G 672 6.41 36.95 -34.26
C THR G 672 7.00 36.26 -35.48
N LEU G 673 7.39 37.04 -36.49
CA LEU G 673 7.96 36.47 -37.70
C LEU G 673 9.16 35.58 -37.35
N ARG G 674 10.12 36.16 -36.62
CA ARG G 674 11.30 35.42 -36.21
C ARG G 674 10.91 34.21 -35.36
N ASN G 675 9.63 34.17 -34.97
CA ASN G 675 9.09 33.08 -34.16
C ASN G 675 8.29 32.07 -35.00
N THR G 676 8.28 32.28 -36.31
CA THR G 676 7.57 31.41 -37.26
C THR G 676 8.59 30.97 -38.29
N ASN G 677 8.14 30.30 -39.34
CA ASN G 677 9.05 29.84 -40.38
C ASN G 677 8.86 30.65 -41.66
N PRO G 678 9.87 31.43 -42.05
CA PRO G 678 9.74 32.22 -43.26
C PRO G 678 9.66 31.40 -44.54
N ASN G 679 8.90 31.92 -45.50
CA ASN G 679 8.70 31.30 -46.82
C ASN G 679 8.58 32.44 -47.80
N PHE G 680 9.70 32.78 -48.42
CA PHE G 680 9.76 33.88 -49.37
C PHE G 680 9.30 33.58 -50.77
N VAL G 681 8.52 34.55 -51.25
CA VAL G 681 7.94 34.58 -52.60
C VAL G 681 8.43 35.90 -53.18
N ARG G 682 9.65 35.84 -53.72
CA ARG G 682 10.34 36.98 -54.31
C ARG G 682 9.77 37.39 -55.66
N CYS G 683 8.71 38.20 -55.58
CA CYS G 683 8.04 38.74 -56.76
C CYS G 683 8.93 39.81 -57.37
N ILE G 684 9.14 39.70 -58.67
CA ILE G 684 10.01 40.60 -59.41
C ILE G 684 9.26 41.29 -60.55
N ILE G 685 9.31 42.63 -60.52
CA ILE G 685 8.69 43.46 -61.55
C ILE G 685 9.48 43.23 -62.86
N PRO G 686 8.78 43.16 -63.99
CA PRO G 686 9.36 42.94 -65.32
C PRO G 686 9.82 44.20 -66.06
N ASN G 687 8.98 45.22 -66.05
CA ASN G 687 9.30 46.48 -66.72
C ASN G 687 8.47 47.63 -66.18
N HIS G 688 8.94 48.84 -66.44
CA HIS G 688 8.26 50.05 -65.97
C HIS G 688 7.30 50.63 -67.00
N GLU G 689 7.06 49.87 -68.06
CA GLU G 689 6.14 50.34 -69.10
C GLU G 689 4.72 49.90 -68.79
N LYS G 690 4.56 49.09 -67.75
CA LYS G 690 3.25 48.59 -67.37
C LYS G 690 2.72 47.76 -68.53
N ARG G 691 3.62 47.37 -69.42
CA ARG G 691 3.31 46.58 -70.60
C ARG G 691 3.80 45.15 -70.41
N ALA G 692 2.95 44.19 -70.75
CA ALA G 692 3.30 42.78 -70.62
C ALA G 692 4.12 42.35 -71.83
N GLY G 693 4.67 41.13 -71.78
CA GLY G 693 5.47 40.66 -72.88
C GLY G 693 6.84 41.30 -72.95
N LYS G 694 7.00 42.38 -72.20
CA LYS G 694 8.28 43.10 -72.17
C LYS G 694 8.98 42.74 -70.86
N LEU G 695 10.28 42.48 -70.97
CA LEU G 695 11.08 42.14 -69.81
C LEU G 695 12.38 42.91 -69.80
N ASP G 696 12.41 43.94 -68.96
CA ASP G 696 13.58 44.80 -68.79
C ASP G 696 14.76 43.95 -68.36
N ALA G 697 15.86 44.11 -69.09
CA ALA G 697 17.10 43.40 -68.85
C ALA G 697 17.66 43.65 -67.47
N HIS G 698 18.53 44.67 -67.41
CA HIS G 698 19.20 45.09 -66.19
C HIS G 698 18.27 45.24 -65.01
N LEU G 699 17.20 46.01 -65.20
CA LEU G 699 16.21 46.24 -64.14
C LEU G 699 15.93 44.94 -63.40
N VAL G 700 15.55 43.93 -64.18
CA VAL G 700 15.22 42.60 -63.69
C VAL G 700 16.45 41.95 -63.07
N LEU G 701 17.58 42.26 -63.70
CA LEU G 701 18.91 41.78 -63.32
C LEU G 701 19.37 42.32 -61.97
N GLU G 702 19.17 43.62 -61.78
CA GLU G 702 19.57 44.31 -60.56
C GLU G 702 18.67 43.96 -59.38
N GLN G 703 17.38 43.84 -59.67
CA GLN G 703 16.39 43.47 -58.65
C GLN G 703 16.84 42.18 -58.00
N LEU G 704 17.36 41.30 -58.85
CA LEU G 704 17.86 39.99 -58.47
C LEU G 704 19.06 40.13 -57.53
N ARG G 705 19.85 41.16 -57.79
CA ARG G 705 21.06 41.45 -57.02
C ARG G 705 20.72 42.12 -55.68
N CYS G 706 19.79 43.06 -55.75
CA CYS G 706 19.35 43.83 -54.57
C CYS G 706 18.26 43.07 -53.82
N ASN G 707 18.20 41.77 -54.07
CA ASN G 707 17.24 40.87 -53.44
C ASN G 707 17.99 39.65 -52.90
N GLY G 708 19.31 39.72 -53.07
CA GLY G 708 20.23 38.68 -52.65
C GLY G 708 19.81 37.30 -53.11
N VAL G 709 19.55 37.20 -54.41
CA VAL G 709 19.12 35.96 -55.04
C VAL G 709 20.29 34.98 -55.15
N LEU G 710 21.22 35.33 -56.03
CA LEU G 710 22.40 34.54 -56.31
C LEU G 710 23.05 34.00 -55.04
N GLU G 711 23.19 34.86 -54.04
CA GLU G 711 23.79 34.49 -52.76
C GLU G 711 22.94 33.46 -52.04
N GLY G 712 21.63 33.60 -52.22
CA GLY G 712 20.65 32.71 -51.61
C GLY G 712 20.82 31.30 -52.12
N ILE G 713 21.02 31.19 -53.42
CA ILE G 713 21.21 29.92 -54.12
C ILE G 713 22.55 29.31 -53.73
N ARG G 714 23.49 30.20 -53.42
CA ARG G 714 24.84 29.82 -53.01
C ARG G 714 24.81 29.01 -51.72
N ILE G 715 24.13 29.55 -50.72
CA ILE G 715 24.00 28.91 -49.41
C ILE G 715 23.27 27.58 -49.53
N CYS G 716 22.25 27.60 -50.38
CA CYS G 716 21.40 26.43 -50.62
C CYS G 716 22.21 25.25 -51.12
N ARG G 717 23.09 25.52 -52.08
CA ARG G 717 23.93 24.49 -52.68
C ARG G 717 25.31 24.39 -52.04
N GLN G 718 25.69 25.46 -51.34
CA GLN G 718 27.00 25.53 -50.66
C GLN G 718 27.01 24.74 -49.35
N GLY G 719 26.01 25.01 -48.51
CA GLY G 719 25.88 24.36 -47.21
C GLY G 719 24.92 23.18 -47.25
N PHE G 720 24.47 22.79 -46.06
CA PHE G 720 23.52 21.66 -45.85
C PHE G 720 22.20 22.25 -45.37
N PRO G 721 21.45 22.87 -46.28
CA PRO G 721 20.15 23.48 -45.97
C PRO G 721 19.12 22.57 -45.35
N ASN G 722 19.57 21.42 -44.82
CA ASN G 722 18.64 20.47 -44.18
C ASN G 722 19.26 19.85 -42.94
N ARG G 723 18.42 19.62 -41.94
CA ARG G 723 18.86 19.06 -40.68
C ARG G 723 17.76 18.23 -40.04
N ILE G 724 18.17 17.32 -39.16
CA ILE G 724 17.24 16.44 -38.47
C ILE G 724 17.87 15.80 -37.27
N VAL G 725 17.20 15.95 -36.13
CA VAL G 725 17.63 15.37 -34.88
C VAL G 725 17.66 13.86 -35.06
N PHE G 726 18.69 13.25 -34.47
CA PHE G 726 18.88 11.81 -34.55
C PHE G 726 17.58 11.04 -34.43
N GLN G 727 17.11 10.92 -33.19
CA GLN G 727 15.88 10.21 -32.84
C GLN G 727 14.90 10.03 -33.99
N GLU G 728 14.44 11.16 -34.54
CA GLU G 728 13.47 11.17 -35.63
C GLU G 728 13.99 10.56 -36.93
N PHE G 729 15.25 10.87 -37.26
CA PHE G 729 15.87 10.37 -38.47
C PHE G 729 15.88 8.84 -38.48
N ARG G 730 16.29 8.29 -37.35
CA ARG G 730 16.38 6.85 -37.15
C ARG G 730 15.00 6.25 -36.98
N GLN G 731 14.09 7.09 -36.51
CA GLN G 731 12.70 6.72 -36.25
C GLN G 731 11.95 6.45 -37.55
N ARG G 732 12.31 7.21 -38.57
CA ARG G 732 11.68 7.10 -39.89
C ARG G 732 12.42 6.14 -40.82
N TYR G 733 13.64 6.53 -41.18
CA TYR G 733 14.49 5.77 -42.08
C TYR G 733 15.26 4.66 -41.39
N GLU G 734 14.55 3.60 -41.05
CA GLU G 734 15.11 2.42 -40.40
C GLU G 734 14.62 1.20 -41.17
N ILE G 735 13.39 1.33 -41.65
CA ILE G 735 12.71 0.30 -42.44
C ILE G 735 13.49 0.12 -43.73
N LEU G 736 14.34 1.11 -43.98
CA LEU G 736 15.21 1.17 -45.15
C LEU G 736 16.59 0.65 -44.78
N ALA G 737 16.75 0.44 -43.47
CA ALA G 737 17.99 -0.06 -42.86
C ALA G 737 17.63 -0.85 -41.61
N ALA G 738 17.10 -2.04 -41.84
CA ALA G 738 16.66 -2.96 -40.78
C ALA G 738 17.84 -3.61 -40.06
N ASN G 739 18.73 -4.20 -40.85
CA ASN G 739 19.92 -4.88 -40.35
C ASN G 739 21.09 -3.92 -40.24
N ALA G 740 21.02 -3.05 -39.24
CA ALA G 740 22.05 -2.05 -38.98
C ALA G 740 22.34 -1.92 -37.49
N ILE G 741 21.33 -1.44 -36.78
CA ILE G 741 21.39 -1.22 -35.34
C ILE G 741 21.15 -2.51 -34.55
N PRO G 742 22.02 -2.82 -33.58
CA PRO G 742 21.84 -4.04 -32.80
C PRO G 742 20.46 -3.94 -32.14
N LYS G 743 20.24 -4.80 -31.16
CA LYS G 743 18.97 -4.87 -30.43
C LYS G 743 18.90 -3.92 -29.23
N GLY G 744 20.08 -3.53 -28.75
CA GLY G 744 20.19 -2.65 -27.60
C GLY G 744 19.87 -1.20 -27.89
N PHE G 745 19.48 -0.49 -26.82
CA PHE G 745 19.14 0.93 -26.84
C PHE G 745 20.44 1.73 -26.68
N MET G 746 20.99 2.17 -27.81
CA MET G 746 22.24 2.92 -27.83
C MET G 746 22.08 4.34 -28.30
N ASP G 747 23.21 5.07 -28.23
CA ASP G 747 23.35 6.47 -28.61
C ASP G 747 22.71 6.74 -29.96
N GLY G 748 21.82 7.72 -29.96
CA GLY G 748 21.10 8.14 -31.15
C GLY G 748 22.05 8.55 -32.26
N LYS G 749 23.26 8.93 -31.84
CA LYS G 749 24.31 9.37 -32.76
C LYS G 749 24.93 8.20 -33.51
N GLN G 750 25.39 7.22 -32.73
CA GLN G 750 26.04 6.03 -33.27
C GLN G 750 25.06 5.11 -33.99
N ALA G 751 23.80 5.17 -33.56
CA ALA G 751 22.74 4.36 -34.14
C ALA G 751 22.41 4.88 -35.54
N CYS G 752 22.33 6.20 -35.62
CA CYS G 752 22.03 6.93 -36.84
C CYS G 752 23.20 6.81 -37.82
N ILE G 753 24.40 6.74 -37.26
CA ILE G 753 25.64 6.61 -38.03
C ILE G 753 25.64 5.29 -38.78
N LEU G 754 25.22 4.26 -38.06
CA LEU G 754 25.16 2.89 -38.58
C LEU G 754 24.15 2.78 -39.71
N MET G 755 23.08 3.55 -39.60
CA MET G 755 22.01 3.58 -40.60
C MET G 755 22.52 4.19 -41.89
N ILE G 756 23.10 5.38 -41.76
CA ILE G 756 23.65 6.15 -42.86
C ILE G 756 24.73 5.37 -43.60
N LYS G 757 25.53 4.66 -42.81
CA LYS G 757 26.65 3.86 -43.32
C LYS G 757 26.15 2.67 -44.16
N ALA G 758 25.01 2.14 -43.74
CA ALA G 758 24.38 0.99 -44.41
C ALA G 758 23.94 1.36 -45.82
N LEU G 759 23.34 2.55 -45.96
CA LEU G 759 22.86 3.05 -47.25
C LEU G 759 24.01 3.71 -48.00
N GLU G 760 25.21 3.46 -47.49
CA GLU G 760 26.45 4.00 -48.06
C GLU G 760 26.29 5.43 -48.53
N LEU G 761 25.74 6.28 -47.66
CA LEU G 761 25.55 7.69 -47.96
C LEU G 761 26.92 8.34 -48.15
N ASP G 762 27.07 9.12 -49.22
CA ASP G 762 28.34 9.78 -49.50
C ASP G 762 28.63 10.84 -48.47
N PRO G 763 29.73 10.68 -47.75
CA PRO G 763 30.17 11.60 -46.70
C PRO G 763 30.25 13.06 -47.17
N ASN G 764 29.51 13.43 -48.20
CA ASN G 764 29.58 14.80 -48.64
C ASN G 764 28.25 15.42 -48.92
N LEU G 765 27.24 14.60 -48.83
CA LEU G 765 25.89 15.15 -48.96
C LEU G 765 25.33 15.64 -47.62
N TYR G 766 25.79 14.84 -46.59
CA TYR G 766 25.40 15.10 -45.22
C TYR G 766 26.59 15.49 -44.36
N ARG G 767 26.30 16.18 -43.24
CA ARG G 767 27.30 16.63 -42.27
C ARG G 767 26.81 16.26 -40.87
N ILE G 768 27.57 15.44 -40.13
CA ILE G 768 27.17 15.03 -38.78
C ILE G 768 27.45 16.04 -37.64
N GLY G 769 26.51 16.11 -36.69
CA GLY G 769 26.65 17.02 -35.57
C GLY G 769 26.41 16.42 -34.18
N GLN G 770 26.18 17.29 -33.21
CA GLN G 770 25.94 16.89 -31.83
C GLN G 770 24.73 16.00 -31.66
N SER G 771 23.58 16.53 -32.04
CA SER G 771 22.31 15.79 -31.95
C SER G 771 21.46 16.31 -33.09
N LYS G 772 21.81 15.90 -34.30
CA LYS G 772 21.08 16.34 -35.47
C LYS G 772 21.97 16.09 -36.71
N ILE G 773 21.36 15.85 -37.87
CA ILE G 773 22.12 15.61 -39.10
C ILE G 773 21.87 16.72 -40.12
N PHE G 774 22.90 17.12 -40.84
CA PHE G 774 22.78 18.16 -41.84
C PHE G 774 22.95 17.60 -43.22
N PHE G 775 21.87 17.06 -43.77
CA PHE G 775 21.86 16.48 -45.10
C PHE G 775 21.85 17.56 -46.18
N ARG G 776 22.28 17.18 -47.39
CA ARG G 776 22.32 18.11 -48.51
C ARG G 776 20.88 18.14 -49.05
N THR G 777 20.64 18.98 -50.04
CA THR G 777 19.31 19.10 -50.64
C THR G 777 18.88 17.81 -51.33
N GLY G 778 17.59 17.50 -51.18
CA GLY G 778 16.98 16.33 -51.78
C GLY G 778 17.59 15.02 -51.31
N VAL G 779 18.67 15.11 -50.56
CA VAL G 779 19.34 13.93 -50.03
C VAL G 779 18.41 13.23 -49.04
N LEU G 780 17.36 13.98 -48.67
CA LEU G 780 16.34 13.51 -47.73
C LEU G 780 15.09 13.03 -48.46
N ALA G 781 14.85 13.66 -49.61
CA ALA G 781 13.71 13.33 -50.45
C ALA G 781 13.85 11.90 -50.95
N HIS G 782 15.09 11.52 -51.24
CA HIS G 782 15.41 10.18 -51.73
C HIS G 782 15.06 9.14 -50.66
N LEU G 783 15.50 9.42 -49.43
CA LEU G 783 15.26 8.55 -48.28
C LEU G 783 13.77 8.41 -48.03
N GLU G 784 13.08 9.54 -48.20
CA GLU G 784 11.64 9.69 -48.01
C GLU G 784 10.85 8.84 -49.01
N GLU G 785 11.28 8.90 -50.27
CA GLU G 785 10.63 8.17 -51.36
C GLU G 785 10.87 6.67 -51.27
N GLU G 786 12.10 6.32 -50.91
CA GLU G 786 12.50 4.92 -50.77
C GLU G 786 11.69 4.26 -49.66
N ARG G 787 11.52 5.00 -48.58
CA ARG G 787 10.78 4.55 -47.40
C ARG G 787 9.30 4.36 -47.72
N ASP G 788 8.77 5.29 -48.52
CA ASP G 788 7.36 5.28 -48.92
C ASP G 788 7.06 4.07 -49.80
N LEU G 789 8.03 3.75 -50.65
CA LEU G 789 7.99 2.63 -51.58
C LEU G 789 7.92 1.30 -50.85
N LYS G 790 8.71 1.22 -49.79
CA LYS G 790 8.83 0.03 -48.95
C LYS G 790 7.65 -0.19 -48.02
N ILE G 791 6.50 0.41 -48.34
CA ILE G 791 5.31 0.28 -47.50
C ILE G 791 4.00 0.40 -48.29
N THR G 792 4.12 0.89 -49.53
CA THR G 792 2.96 1.08 -50.41
C THR G 792 2.01 -0.12 -50.31
N ASP G 793 2.51 -1.27 -50.74
CA ASP G 793 1.76 -2.53 -50.73
C ASP G 793 0.92 -2.64 -49.46
N VAL G 794 1.63 -2.65 -48.34
CA VAL G 794 1.01 -2.74 -47.01
C VAL G 794 -0.09 -1.69 -46.89
N ILE G 795 0.20 -0.52 -47.43
CA ILE G 795 -0.73 0.62 -47.43
C ILE G 795 -1.92 0.30 -48.34
N ILE G 796 -1.64 -0.43 -49.42
CA ILE G 796 -2.65 -0.83 -50.40
C ILE G 796 -3.52 -1.94 -49.81
N ALA G 797 -2.85 -2.86 -49.13
CA ALA G 797 -3.48 -4.00 -48.48
C ALA G 797 -4.46 -3.53 -47.42
N PHE G 798 -3.97 -2.67 -46.53
CA PHE G 798 -4.76 -2.10 -45.45
C PHE G 798 -5.81 -1.15 -45.98
N GLN G 799 -5.45 -0.47 -47.07
CA GLN G 799 -6.34 0.48 -47.74
C GLN G 799 -7.60 -0.24 -48.18
N ALA G 800 -7.38 -1.46 -48.68
CA ALA G 800 -8.44 -2.35 -49.17
C ALA G 800 -9.31 -2.81 -48.01
N GLN G 801 -8.65 -3.08 -46.89
CA GLN G 801 -9.31 -3.54 -45.66
C GLN G 801 -10.21 -2.45 -45.11
N CYS G 802 -9.70 -1.22 -45.19
CA CYS G 802 -10.40 -0.02 -44.72
C CYS G 802 -11.63 0.23 -45.59
N ARG G 803 -11.46 -0.03 -46.89
CA ARG G 803 -12.52 0.14 -47.89
C ARG G 803 -13.66 -0.80 -47.58
N GLY G 804 -13.28 -2.05 -47.29
CA GLY G 804 -14.21 -3.11 -46.98
C GLY G 804 -15.08 -2.72 -45.80
N TYR G 805 -14.41 -2.20 -44.77
CA TYR G 805 -15.05 -1.75 -43.54
C TYR G 805 -16.05 -0.64 -43.85
N LEU G 806 -15.58 0.30 -44.67
CA LEU G 806 -16.35 1.45 -45.12
C LEU G 806 -17.58 1.04 -45.92
N ALA G 807 -17.33 0.15 -46.88
CA ALA G 807 -18.36 -0.37 -47.78
C ALA G 807 -19.48 -1.09 -47.04
N ARG G 808 -19.08 -2.02 -46.18
CA ARG G 808 -20.03 -2.82 -45.40
C ARG G 808 -20.73 -2.01 -44.32
N LYS G 809 -20.10 -0.92 -43.91
CA LYS G 809 -20.62 -0.06 -42.86
C LYS G 809 -21.72 0.91 -43.33
N ALA G 810 -21.48 1.54 -44.47
CA ALA G 810 -22.44 2.50 -45.04
C ALA G 810 -23.71 1.82 -45.50
N PHE G 811 -23.50 0.67 -46.13
CA PHE G 811 -24.55 -0.16 -46.69
C PHE G 811 -25.50 -0.70 -45.61
N ALA G 812 -24.98 -0.78 -44.40
CA ALA G 812 -25.73 -1.28 -43.24
C ALA G 812 -26.71 -0.23 -42.73
N LYS G 813 -26.33 1.03 -42.92
CA LYS G 813 -27.11 2.18 -42.47
C LYS G 813 -28.28 2.47 -43.42
N ARG G 814 -28.03 2.32 -44.72
CA ARG G 814 -29.05 2.57 -45.75
C ARG G 814 -30.15 1.51 -45.64
N GLN G 815 -29.70 0.30 -45.33
CA GLN G 815 -30.58 -0.87 -45.17
C GLN G 815 -31.59 -0.62 -44.06
N GLN G 816 -31.15 0.14 -43.06
CA GLN G 816 -31.94 0.49 -41.89
C GLN G 816 -33.06 1.49 -42.21
N GLN G 817 -32.77 2.42 -43.11
CA GLN G 817 -33.72 3.45 -43.51
C GLN G 817 -34.96 2.84 -44.15
N LEU G 818 -34.70 1.92 -45.09
CA LEU G 818 -35.74 1.21 -45.83
C LEU G 818 -36.72 0.54 -44.89
N GLY G 819 -36.17 -0.15 -43.90
CA GLY G 819 -36.95 -0.89 -42.93
C GLY G 819 -37.82 0.00 -42.05
N SER G 820 -37.33 1.22 -41.82
CA SER G 820 -37.99 2.23 -40.98
C SER G 820 -39.34 2.71 -41.48
N PHE H 3 -20.16 -20.04 -56.29
CA PHE H 3 -21.10 -19.55 -55.25
C PHE H 3 -22.34 -20.44 -55.16
N SER H 4 -22.86 -20.62 -53.94
CA SER H 4 -24.03 -21.45 -53.71
C SER H 4 -25.29 -20.77 -54.25
N GLU H 5 -26.29 -21.61 -54.52
CA GLU H 5 -27.60 -21.20 -55.07
C GLU H 5 -28.40 -20.35 -54.10
N GLU H 6 -28.31 -20.70 -52.82
CA GLU H 6 -29.02 -20.00 -51.76
C GLU H 6 -28.42 -18.62 -51.54
N GLN H 7 -27.09 -18.57 -51.53
CA GLN H 7 -26.31 -17.37 -51.34
C GLN H 7 -26.26 -16.55 -52.62
N THR H 8 -26.29 -17.27 -53.74
CA THR H 8 -26.24 -16.67 -55.08
C THR H 8 -27.52 -15.90 -55.37
N ALA H 9 -28.61 -16.38 -54.78
CA ALA H 9 -29.93 -15.78 -54.92
C ALA H 9 -29.96 -14.45 -54.18
N GLU H 10 -29.38 -14.48 -53.00
CA GLU H 10 -29.26 -13.31 -52.12
C GLU H 10 -28.32 -12.32 -52.77
N PHE H 11 -27.37 -12.87 -53.52
CA PHE H 11 -26.37 -12.12 -54.26
C PHE H 11 -27.08 -11.17 -55.23
N LYS H 12 -28.07 -11.73 -55.92
CA LYS H 12 -28.88 -11.02 -56.91
C LYS H 12 -29.62 -9.87 -56.25
N GLU H 13 -30.21 -10.15 -55.09
CA GLU H 13 -30.96 -9.17 -54.32
C GLU H 13 -30.11 -7.95 -54.06
N ALA H 14 -28.97 -8.21 -53.42
CA ALA H 14 -27.98 -7.22 -53.05
C ALA H 14 -27.52 -6.41 -54.25
N PHE H 15 -27.52 -7.07 -55.41
CA PHE H 15 -27.09 -6.46 -56.66
C PHE H 15 -28.11 -5.48 -57.21
N GLN H 16 -29.36 -5.91 -57.25
CA GLN H 16 -30.48 -5.11 -57.75
C GLN H 16 -30.87 -4.01 -56.77
N LEU H 17 -30.33 -4.14 -55.56
CA LEU H 17 -30.57 -3.19 -54.50
C LEU H 17 -29.67 -1.98 -54.76
N PHE H 18 -28.79 -2.19 -55.74
CA PHE H 18 -27.81 -1.22 -56.21
C PHE H 18 -28.20 -0.71 -57.60
N ASP H 19 -29.17 0.20 -57.62
CA ASP H 19 -29.67 0.79 -58.86
C ASP H 19 -30.85 1.71 -58.58
N ARG H 20 -30.76 2.97 -59.02
CA ARG H 20 -31.84 3.93 -58.79
C ARG H 20 -33.14 3.54 -59.49
N THR H 21 -33.18 3.72 -60.80
CA THR H 21 -34.37 3.39 -61.59
C THR H 21 -34.62 1.89 -61.55
N GLY H 22 -34.25 1.16 -62.61
CA GLY H 22 -34.47 -0.28 -62.59
C GLY H 22 -34.02 -1.19 -63.72
N ASP H 23 -33.21 -0.70 -64.64
CA ASP H 23 -32.74 -1.51 -65.75
C ASP H 23 -32.09 -2.80 -65.25
N GLY H 24 -31.90 -2.89 -63.94
CA GLY H 24 -31.29 -4.07 -63.37
C GLY H 24 -29.83 -4.11 -63.79
N LYS H 25 -29.29 -2.92 -64.05
CA LYS H 25 -27.91 -2.79 -64.48
C LYS H 25 -27.07 -2.01 -63.49
N ILE H 26 -25.92 -2.58 -63.13
CA ILE H 26 -25.01 -1.95 -62.18
C ILE H 26 -24.10 -1.05 -63.02
N LEU H 27 -24.11 0.24 -62.72
CA LEU H 27 -23.28 1.20 -63.45
C LEU H 27 -21.87 0.65 -63.45
N TYR H 28 -21.08 0.99 -64.46
CA TYR H 28 -19.71 0.50 -64.51
C TYR H 28 -18.90 0.94 -63.30
N SER H 29 -19.11 2.19 -62.88
CA SER H 29 -18.39 2.71 -61.72
C SER H 29 -19.03 2.12 -60.46
N GLN H 30 -20.35 2.03 -60.49
CA GLN H 30 -21.16 1.49 -59.39
C GLN H 30 -21.07 -0.04 -59.32
N CYS H 31 -19.84 -0.55 -59.32
CA CYS H 31 -19.59 -1.99 -59.26
C CYS H 31 -18.79 -2.37 -58.03
N GLY H 32 -17.78 -1.53 -57.76
CA GLY H 32 -16.88 -1.73 -56.65
C GLY H 32 -17.60 -1.96 -55.33
N ASP H 33 -18.45 -1.00 -54.98
CA ASP H 33 -19.23 -1.03 -53.74
C ASP H 33 -20.17 -2.22 -53.69
N VAL H 34 -20.69 -2.61 -54.84
CA VAL H 34 -21.61 -3.74 -54.97
C VAL H 34 -20.91 -5.04 -54.54
N MET H 35 -19.67 -5.18 -55.02
CA MET H 35 -18.83 -6.33 -54.75
C MET H 35 -18.44 -6.38 -53.29
N ARG H 36 -18.02 -5.23 -52.78
CA ARG H 36 -17.60 -5.06 -51.39
C ARG H 36 -18.75 -5.37 -50.45
N ALA H 37 -19.91 -4.85 -50.80
CA ALA H 37 -21.15 -5.03 -50.04
C ALA H 37 -21.42 -6.51 -49.83
N LEU H 38 -21.00 -7.29 -50.83
CA LEU H 38 -21.16 -8.74 -50.82
C LEU H 38 -20.07 -9.37 -49.96
N GLY H 39 -19.42 -8.49 -49.19
CA GLY H 39 -18.35 -8.87 -48.28
C GLY H 39 -17.03 -9.08 -48.98
N GLN H 40 -16.77 -8.32 -50.03
CA GLN H 40 -15.51 -8.46 -50.76
C GLN H 40 -14.68 -7.20 -50.63
N ASN H 41 -13.37 -7.42 -50.53
CA ASN H 41 -12.39 -6.35 -50.39
C ASN H 41 -11.46 -6.24 -51.60
N PRO H 42 -12.02 -6.29 -52.81
CA PRO H 42 -11.20 -6.19 -54.02
C PRO H 42 -10.50 -4.84 -54.03
N THR H 43 -9.23 -4.85 -54.44
CA THR H 43 -8.42 -3.64 -54.54
C THR H 43 -8.98 -2.77 -55.67
N ASN H 44 -8.59 -1.50 -55.69
CA ASN H 44 -9.05 -0.56 -56.72
C ASN H 44 -8.33 -0.80 -58.04
N ALA H 45 -7.75 -1.99 -58.15
CA ALA H 45 -7.02 -2.42 -59.34
C ALA H 45 -7.71 -3.58 -60.02
N GLU H 46 -7.87 -4.66 -59.25
CA GLU H 46 -8.52 -5.89 -59.72
C GLU H 46 -9.80 -5.59 -60.47
N VAL H 47 -10.65 -4.79 -59.83
CA VAL H 47 -11.93 -4.39 -60.38
C VAL H 47 -11.76 -3.82 -61.79
N MET H 48 -10.80 -2.91 -61.90
CA MET H 48 -10.47 -2.24 -63.15
C MET H 48 -9.98 -3.23 -64.19
N LYS H 49 -9.16 -4.17 -63.70
CA LYS H 49 -8.57 -5.22 -64.53
C LYS H 49 -9.64 -6.08 -65.19
N VAL H 50 -10.66 -6.37 -64.40
CA VAL H 50 -11.80 -7.21 -64.82
C VAL H 50 -12.80 -6.39 -65.65
N LEU H 51 -12.62 -5.07 -65.63
CA LEU H 51 -13.48 -4.13 -66.34
C LEU H 51 -12.94 -3.77 -67.72
N GLY H 52 -11.91 -4.50 -68.12
CA GLY H 52 -11.26 -4.24 -69.40
C GLY H 52 -10.52 -2.92 -69.34
N ASN H 53 -10.69 -2.27 -68.19
CA ASN H 53 -10.07 -0.98 -67.88
C ASN H 53 -10.80 0.16 -68.57
N PRO H 54 -12.11 0.27 -68.40
CA PRO H 54 -12.88 1.34 -69.03
C PRO H 54 -12.36 2.67 -68.55
N LYS H 55 -12.85 3.74 -69.18
CA LYS H 55 -12.48 5.12 -68.86
C LYS H 55 -13.57 5.77 -68.01
N SER H 56 -13.13 6.67 -67.14
CA SER H 56 -13.99 7.41 -66.22
C SER H 56 -15.27 7.89 -66.90
N ASP H 57 -15.11 8.36 -68.14
CA ASP H 57 -16.22 8.85 -68.95
C ASP H 57 -17.25 7.77 -69.24
N GLU H 58 -16.75 6.65 -69.74
CA GLU H 58 -17.57 5.49 -70.09
C GLU H 58 -18.05 4.75 -68.86
N MET H 59 -17.31 4.94 -67.77
CA MET H 59 -17.60 4.31 -66.48
C MET H 59 -18.92 4.79 -65.89
N ASN H 60 -19.22 6.05 -66.17
CA ASN H 60 -20.44 6.72 -65.68
C ASN H 60 -21.63 6.47 -66.60
N LEU H 61 -21.37 5.86 -67.75
CA LEU H 61 -22.42 5.58 -68.73
C LEU H 61 -22.38 4.16 -69.27
N LYS H 62 -21.84 3.25 -68.46
CA LYS H 62 -21.76 1.83 -68.82
C LYS H 62 -22.73 1.04 -67.95
N THR H 63 -23.13 -0.12 -68.43
CA THR H 63 -24.09 -0.97 -67.72
C THR H 63 -23.51 -2.32 -67.35
N LEU H 64 -24.23 -3.02 -66.49
CA LEU H 64 -23.84 -4.34 -66.00
C LEU H 64 -25.02 -5.04 -65.32
N LYS H 65 -25.49 -6.09 -65.98
CA LYS H 65 -26.60 -6.91 -65.49
C LYS H 65 -26.09 -7.87 -64.43
N PHE H 66 -26.94 -8.15 -63.44
CA PHE H 66 -26.59 -9.05 -62.35
C PHE H 66 -25.96 -10.32 -62.92
N GLU H 67 -26.59 -10.80 -63.99
CA GLU H 67 -26.16 -12.00 -64.70
C GLU H 67 -24.76 -11.81 -65.28
N GLN H 68 -24.52 -10.58 -65.73
CA GLN H 68 -23.25 -10.18 -66.33
C GLN H 68 -22.17 -10.00 -65.27
N PHE H 69 -22.64 -9.62 -64.09
CA PHE H 69 -21.83 -9.35 -62.89
C PHE H 69 -21.31 -10.61 -62.23
N LEU H 70 -22.12 -11.66 -62.30
CA LEU H 70 -21.81 -12.95 -61.70
C LEU H 70 -20.41 -13.50 -61.97
N PRO H 71 -20.00 -13.58 -63.24
CA PRO H 71 -18.67 -14.10 -63.56
C PRO H 71 -17.55 -13.36 -62.86
N MET H 72 -17.73 -12.05 -62.81
CA MET H 72 -16.76 -11.12 -62.21
C MET H 72 -16.62 -11.30 -60.70
N MET H 73 -17.77 -11.52 -60.07
CA MET H 73 -17.86 -11.70 -58.62
C MET H 73 -16.99 -12.85 -58.12
N GLN H 74 -17.20 -14.03 -58.70
CA GLN H 74 -16.47 -15.24 -58.34
C GLN H 74 -14.97 -15.10 -58.63
N THR H 75 -14.68 -14.70 -59.86
CA THR H 75 -13.31 -14.52 -60.32
C THR H 75 -12.52 -13.68 -59.32
N ILE H 76 -13.14 -12.56 -58.93
CA ILE H 76 -12.58 -11.61 -57.98
C ILE H 76 -12.51 -12.25 -56.60
N ALA H 77 -13.57 -12.99 -56.28
CA ALA H 77 -13.73 -13.71 -55.02
C ALA H 77 -12.58 -14.69 -54.83
N LYS H 78 -12.00 -15.10 -55.95
CA LYS H 78 -10.89 -16.05 -55.99
C LYS H 78 -9.63 -15.38 -56.48
N ASN H 79 -8.69 -15.21 -55.55
CA ASN H 79 -7.40 -14.59 -55.80
C ASN H 79 -6.31 -15.36 -55.03
N LYS H 80 -5.21 -14.69 -54.70
CA LYS H 80 -4.12 -15.35 -53.97
C LYS H 80 -3.76 -14.78 -52.59
N ASP H 81 -3.52 -13.48 -52.50
CA ASP H 81 -3.15 -12.88 -51.22
C ASP H 81 -4.09 -11.82 -50.66
N GLN H 82 -3.97 -11.59 -49.35
CA GLN H 82 -4.79 -10.63 -48.62
C GLN H 82 -4.05 -10.17 -47.35
N GLY H 83 -3.76 -8.87 -47.28
CA GLY H 83 -3.05 -8.29 -46.13
C GLY H 83 -3.68 -8.66 -44.80
N CYS H 84 -2.93 -8.46 -43.72
CA CYS H 84 -3.37 -8.76 -42.35
C CYS H 84 -2.46 -7.99 -41.34
N PHE H 85 -2.86 -8.06 -40.07
CA PHE H 85 -2.19 -7.38 -38.91
C PHE H 85 -0.64 -7.28 -39.00
N GLU H 86 0.00 -7.88 -37.99
CA GLU H 86 1.49 -7.97 -37.80
C GLU H 86 2.30 -6.98 -38.66
N ASP H 87 1.92 -6.88 -39.92
CA ASP H 87 2.62 -6.04 -40.90
C ASP H 87 1.83 -4.75 -41.18
N TYR H 88 0.53 -4.88 -41.17
CA TYR H 88 -0.39 -3.77 -41.42
C TYR H 88 0.09 -2.52 -40.67
N VAL H 89 -0.02 -2.61 -39.35
CA VAL H 89 0.38 -1.54 -38.44
C VAL H 89 1.86 -1.21 -38.64
N GLU H 90 2.65 -2.27 -38.69
CA GLU H 90 4.10 -2.18 -38.89
C GLU H 90 4.45 -0.92 -39.66
N GLY H 91 3.75 -0.76 -40.79
CA GLY H 91 3.94 0.38 -41.67
C GLY H 91 3.38 1.65 -41.06
N LEU H 92 2.30 1.48 -40.29
CA LEU H 92 1.62 2.57 -39.59
C LEU H 92 2.50 3.15 -38.49
N ARG H 93 3.34 2.28 -37.96
CA ARG H 93 4.27 2.62 -36.87
C ARG H 93 5.36 3.57 -37.36
N VAL H 94 5.79 3.32 -38.58
CA VAL H 94 6.86 4.08 -39.26
C VAL H 94 6.59 5.59 -39.28
N PHE H 95 5.33 5.96 -39.11
CA PHE H 95 4.91 7.36 -39.13
C PHE H 95 4.86 7.98 -37.76
N ASP H 96 5.12 7.13 -36.76
CA ASP H 96 5.13 7.53 -35.35
C ASP H 96 6.05 8.73 -35.12
N LYS H 97 5.43 9.84 -34.76
CA LYS H 97 6.14 11.09 -34.50
C LYS H 97 7.51 10.79 -33.90
N GLU H 98 7.49 10.23 -32.70
CA GLU H 98 8.71 9.87 -31.95
C GLU H 98 8.51 8.60 -31.15
N GLY H 99 7.66 7.71 -31.67
CA GLY H 99 7.36 6.43 -31.04
C GLY H 99 6.24 6.54 -30.01
N ASN H 100 5.32 7.45 -30.30
CA ASN H 100 4.16 7.74 -29.46
C ASN H 100 3.18 6.58 -29.45
N GLY H 101 3.50 5.55 -30.24
CA GLY H 101 2.66 4.38 -30.35
C GLY H 101 1.30 4.79 -30.89
N THR H 102 1.26 6.03 -31.37
CA THR H 102 0.06 6.64 -31.92
C THR H 102 0.48 7.72 -32.91
N VAL H 103 -0.18 7.75 -34.07
CA VAL H 103 0.12 8.73 -35.10
C VAL H 103 -0.94 9.81 -35.03
N MET H 104 -0.84 10.79 -35.91
CA MET H 104 -1.79 11.87 -35.95
C MET H 104 -2.90 11.61 -36.97
N GLY H 105 -3.81 12.59 -37.06
CA GLY H 105 -4.95 12.54 -37.96
C GLY H 105 -4.63 12.96 -39.38
N ALA H 106 -3.54 13.70 -39.52
CA ALA H 106 -3.07 14.20 -40.82
C ALA H 106 -2.08 13.21 -41.42
N GLU H 107 -1.12 12.81 -40.60
CA GLU H 107 -0.10 11.86 -41.01
C GLU H 107 -0.77 10.64 -41.63
N ILE H 108 -1.84 10.22 -40.97
CA ILE H 108 -2.64 9.06 -41.37
C ILE H 108 -3.47 9.36 -42.63
N ARG H 109 -4.24 10.44 -42.54
CA ARG H 109 -5.11 10.87 -43.63
C ARG H 109 -4.31 11.05 -44.93
N HIS H 110 -3.23 11.81 -44.82
CA HIS H 110 -2.35 12.10 -45.94
C HIS H 110 -1.86 10.83 -46.62
N VAL H 111 -1.31 9.94 -45.80
CA VAL H 111 -0.75 8.66 -46.24
C VAL H 111 -1.78 7.84 -47.01
N LEU H 112 -2.87 7.53 -46.31
CA LEU H 112 -3.98 6.74 -46.85
C LEU H 112 -4.62 7.36 -48.09
N VAL H 113 -4.08 8.49 -48.52
CA VAL H 113 -4.63 9.20 -49.69
C VAL H 113 -3.52 9.82 -50.56
N THR H 114 -2.39 9.13 -50.63
CA THR H 114 -1.26 9.60 -51.43
C THR H 114 -0.34 8.43 -51.75
N LEU H 115 -0.70 7.29 -51.17
CA LEU H 115 0.03 6.04 -51.33
C LEU H 115 -0.90 4.94 -51.82
N GLY H 116 -0.50 4.36 -52.96
CA GLY H 116 -1.23 3.29 -53.59
C GLY H 116 -2.66 3.66 -53.88
N GLU H 117 -3.55 2.72 -53.58
CA GLU H 117 -4.99 2.82 -53.77
C GLU H 117 -5.55 3.89 -52.85
N LYS H 118 -5.35 5.14 -53.27
CA LYS H 118 -5.78 6.33 -52.56
C LYS H 118 -7.27 6.39 -52.30
N MET H 119 -7.60 6.47 -51.02
CA MET H 119 -8.98 6.59 -50.53
C MET H 119 -9.31 8.09 -50.52
N THR H 120 -10.50 8.44 -51.00
CA THR H 120 -10.95 9.82 -51.06
C THR H 120 -10.98 10.48 -49.69
N GLU H 121 -10.77 11.79 -49.69
CA GLU H 121 -10.76 12.64 -48.50
C GLU H 121 -11.76 12.10 -47.49
N GLU H 122 -12.94 11.77 -48.00
CA GLU H 122 -14.03 11.24 -47.19
C GLU H 122 -13.57 9.99 -46.46
N GLU H 123 -13.40 8.94 -47.26
CA GLU H 123 -12.95 7.62 -46.81
C GLU H 123 -12.04 7.70 -45.59
N VAL H 124 -11.01 8.52 -45.72
CA VAL H 124 -10.00 8.72 -44.69
C VAL H 124 -10.54 9.44 -43.46
N GLU H 125 -11.26 10.54 -43.72
CA GLU H 125 -11.86 11.37 -42.68
C GLU H 125 -12.87 10.61 -41.82
N GLN H 126 -13.89 10.09 -42.50
CA GLN H 126 -14.98 9.34 -41.84
C GLN H 126 -14.51 7.99 -41.32
N LEU H 127 -13.37 7.53 -41.83
CA LEU H 127 -12.81 6.24 -41.44
C LEU H 127 -12.23 6.26 -40.03
N VAL H 128 -11.47 7.31 -39.75
CA VAL H 128 -10.83 7.48 -38.45
C VAL H 128 -11.61 8.46 -37.58
N ALA H 129 -12.54 9.16 -38.23
CA ALA H 129 -13.40 10.15 -37.58
C ALA H 129 -13.93 9.63 -36.24
N GLY H 130 -13.23 10.00 -35.17
CA GLY H 130 -13.62 9.62 -33.82
C GLY H 130 -12.48 8.99 -33.02
N HIS H 131 -11.38 8.68 -33.72
CA HIS H 131 -10.21 8.06 -33.11
C HIS H 131 -9.20 9.11 -32.70
N GLU H 132 -9.27 10.27 -33.35
CA GLU H 132 -8.37 11.37 -33.05
C GLU H 132 -8.89 12.05 -31.78
N ASP H 133 -8.03 12.17 -30.78
CA ASP H 133 -8.43 12.80 -29.52
C ASP H 133 -8.33 14.31 -29.49
N SER H 134 -8.05 14.83 -28.29
CA SER H 134 -7.92 16.27 -28.08
C SER H 134 -6.76 16.80 -28.90
N ASN H 135 -5.60 16.16 -28.73
CA ASN H 135 -4.41 16.55 -29.46
C ASN H 135 -4.56 16.04 -30.88
N GLY H 136 -5.66 15.32 -31.10
CA GLY H 136 -5.95 14.76 -32.41
C GLY H 136 -5.03 13.64 -32.82
N CYS H 137 -4.89 12.63 -31.96
CA CYS H 137 -4.03 11.49 -32.24
C CYS H 137 -4.89 10.24 -32.40
N ILE H 138 -4.50 9.37 -33.31
CA ILE H 138 -5.24 8.13 -33.56
C ILE H 138 -4.30 6.94 -33.35
N ASN H 139 -4.49 6.19 -32.27
CA ASN H 139 -3.64 5.02 -32.02
C ASN H 139 -3.89 3.97 -33.11
N TYR H 140 -2.83 3.68 -33.87
CA TYR H 140 -2.91 2.71 -34.96
C TYR H 140 -3.10 1.29 -34.43
N GLU H 141 -2.32 0.96 -33.40
CA GLU H 141 -2.38 -0.35 -32.77
C GLU H 141 -3.77 -0.61 -32.22
N GLU H 142 -4.74 0.15 -32.73
CA GLU H 142 -6.13 0.04 -32.31
C GLU H 142 -7.09 0.48 -33.42
N LEU H 143 -6.56 1.27 -34.36
CA LEU H 143 -7.35 1.78 -35.48
C LEU H 143 -7.57 0.67 -36.51
N VAL H 144 -6.46 0.03 -36.85
CA VAL H 144 -6.42 -1.07 -37.81
C VAL H 144 -7.37 -2.18 -37.37
N ARG H 145 -7.32 -2.46 -36.07
CA ARG H 145 -8.13 -3.49 -35.42
C ARG H 145 -9.62 -3.20 -35.57
N MET H 146 -9.96 -1.93 -35.50
CA MET H 146 -11.34 -1.46 -35.61
C MET H 146 -11.92 -1.73 -37.00
N VAL H 147 -11.03 -1.82 -37.97
CA VAL H 147 -11.40 -2.06 -39.36
C VAL H 147 -11.30 -3.55 -39.72
N LEU H 148 -10.31 -4.19 -39.11
CA LEU H 148 -10.03 -5.61 -39.33
C LEU H 148 -11.02 -6.48 -38.58
N SER H 149 -10.85 -6.51 -37.26
CA SER H 149 -11.70 -7.29 -36.36
C SER H 149 -13.14 -6.80 -36.46
N GLY H 150 -13.27 -5.53 -36.84
CA GLY H 150 -14.56 -4.89 -37.01
C GLY H 150 -15.22 -5.44 -38.25
#